data_2L9S
#
_entry.id   2L9S
#
_cell.length_a   1.000
_cell.length_b   1.000
_cell.length_c   1.000
_cell.angle_alpha   90.00
_cell.angle_beta   90.00
_cell.angle_gamma   90.00
#
_symmetry.space_group_name_H-M   'P 1'
#
loop_
_entity.id
_entity.type
_entity.pdbx_description
1 polymer 'PHD finger protein 12'
2 polymer 'Paired amphipathic helix protein Sin3a'
#
loop_
_entity_poly.entity_id
_entity_poly.type
_entity_poly.pdbx_seq_one_letter_code
_entity_poly.pdbx_strand_id
1 'polypeptide(L)' SNADYVQPQLRRPFELLIAAAMERNPTQFQLPNELTCTTALPGSS A
2 'polypeptide(L)'
;SNASLQNNQPVEFNHAINYVNKIKNRFQGQPDIYKAFLEILHTYQKEQRNAKEAGGNYTPALTEQEVYAQVARLFKNQED
LLSEFGQFLPDANS
;
B
#
# COMPACT_ATOMS: atom_id res chain seq x y z
N SER A 1 -20.24 -1.14 24.95
CA SER A 1 -19.39 -2.06 24.18
C SER A 1 -18.21 -2.51 25.03
N ASN A 2 -17.33 -3.32 24.47
CA ASN A 2 -16.13 -3.76 25.17
C ASN A 2 -15.13 -2.61 25.25
N ALA A 3 -15.16 -1.76 24.22
CA ALA A 3 -14.37 -0.55 24.18
C ALA A 3 -15.16 0.55 23.51
N ASP A 4 -15.84 1.37 24.30
CA ASP A 4 -16.65 2.45 23.76
C ASP A 4 -15.79 3.65 23.42
N TYR A 5 -14.55 3.62 23.87
CA TYR A 5 -13.59 4.65 23.55
C TYR A 5 -13.14 4.51 22.09
N VAL A 6 -13.72 5.33 21.24
CA VAL A 6 -13.37 5.33 19.82
C VAL A 6 -12.14 6.19 19.57
N GLN A 7 -11.24 5.70 18.74
CA GLN A 7 -10.00 6.39 18.45
C GLN A 7 -9.63 6.21 16.98
N PRO A 8 -9.41 7.32 16.28
CA PRO A 8 -8.99 7.30 14.87
C PRO A 8 -7.67 6.55 14.70
N GLN A 9 -7.52 5.92 13.55
CA GLN A 9 -6.35 5.11 13.29
C GLN A 9 -5.57 5.68 12.11
N LEU A 10 -4.83 6.74 12.37
CA LEU A 10 -4.03 7.38 11.33
C LEU A 10 -2.77 6.58 11.09
N ARG A 11 -2.41 5.81 12.10
CA ARG A 11 -1.23 4.96 12.05
C ARG A 11 -1.52 3.68 11.24
N ARG A 12 -1.67 3.85 9.94
CA ARG A 12 -1.85 2.73 9.02
C ARG A 12 -0.73 2.71 8.00
N PRO A 13 0.33 1.93 8.25
CA PRO A 13 1.53 1.93 7.41
C PRO A 13 1.25 1.56 5.96
N PHE A 14 0.45 0.52 5.77
CA PHE A 14 0.12 0.07 4.43
C PHE A 14 -0.72 1.09 3.68
N GLU A 15 -1.48 1.89 4.40
CA GLU A 15 -2.42 2.80 3.79
C GLU A 15 -1.70 3.86 2.95
N LEU A 16 -0.69 4.52 3.51
CA LEU A 16 0.02 5.55 2.75
C LEU A 16 0.89 4.93 1.66
N LEU A 17 1.30 3.67 1.85
CA LEU A 17 2.08 2.97 0.85
C LEU A 17 1.21 2.66 -0.37
N ILE A 18 0.08 2.01 -0.11
CA ILE A 18 -0.84 1.63 -1.17
C ILE A 18 -1.47 2.85 -1.81
N ALA A 19 -1.69 3.89 -1.02
CA ALA A 19 -2.19 5.16 -1.56
C ALA A 19 -1.15 5.79 -2.47
N ALA A 20 0.12 5.72 -2.08
CA ALA A 20 1.20 6.22 -2.90
C ALA A 20 1.30 5.42 -4.20
N ALA A 21 1.14 4.11 -4.08
CA ALA A 21 1.08 3.24 -5.26
C ALA A 21 -0.09 3.62 -6.14
N MET A 22 -1.18 4.01 -5.51
CA MET A 22 -2.40 4.38 -6.21
C MET A 22 -2.24 5.72 -6.94
N GLU A 23 -1.43 6.60 -6.36
CA GLU A 23 -1.17 7.92 -6.94
C GLU A 23 -0.10 7.86 -8.03
N ARG A 24 0.97 7.11 -7.78
CA ARG A 24 2.08 7.03 -8.73
C ARG A 24 1.85 5.99 -9.81
N ASN A 25 0.70 5.35 -9.77
CA ASN A 25 0.27 4.47 -10.84
C ASN A 25 -1.07 4.95 -11.35
N PRO A 26 -1.52 4.46 -12.51
CA PRO A 26 -2.86 4.77 -13.03
C PRO A 26 -3.96 4.07 -12.24
N THR A 27 -3.65 3.77 -10.97
CA THR A 27 -4.53 3.02 -10.06
C THR A 27 -5.38 1.97 -10.78
N GLN A 28 -4.73 0.84 -11.06
CA GLN A 28 -5.36 -0.25 -11.81
C GLN A 28 -5.80 -1.37 -10.86
N PHE A 29 -6.13 -1.00 -9.63
CA PHE A 29 -6.46 -1.96 -8.59
C PHE A 29 -7.87 -2.55 -8.78
N GLN A 30 -8.33 -2.59 -10.04
CA GLN A 30 -9.69 -3.01 -10.37
C GLN A 30 -10.69 -2.22 -9.55
N LEU A 31 -10.33 -0.98 -9.26
CA LEU A 31 -11.13 -0.09 -8.47
C LEU A 31 -11.66 1.03 -9.35
N PRO A 32 -12.99 1.10 -9.52
CA PRO A 32 -13.64 2.18 -10.26
C PRO A 32 -13.19 3.56 -9.78
N ASN A 33 -12.32 4.18 -10.56
CA ASN A 33 -11.75 5.47 -10.22
C ASN A 33 -12.74 6.59 -10.55
N GLU A 34 -12.84 6.88 -11.85
CA GLU A 34 -13.78 7.87 -12.36
C GLU A 34 -13.72 7.89 -13.88
N LEU A 35 -14.87 7.70 -14.52
CA LEU A 35 -14.96 7.62 -15.97
C LEU A 35 -14.03 6.52 -16.50
N THR A 36 -13.81 5.51 -15.67
CA THR A 36 -12.85 4.47 -15.99
C THR A 36 -13.55 3.15 -16.29
N CYS A 37 -13.93 2.96 -17.54
CA CYS A 37 -14.53 1.70 -17.97
C CYS A 37 -13.71 1.09 -19.11
N THR A 38 -13.33 1.94 -20.06
CA THR A 38 -12.54 1.50 -21.20
C THR A 38 -11.44 2.51 -21.52
N THR A 39 -11.25 3.47 -20.62
CA THR A 39 -10.32 4.56 -20.83
C THR A 39 -8.86 4.11 -20.79
N ALA A 40 -8.54 3.25 -19.83
CA ALA A 40 -7.16 2.80 -19.65
C ALA A 40 -7.04 1.30 -19.81
N LEU A 41 -6.34 0.87 -20.85
CA LEU A 41 -6.04 -0.54 -21.06
C LEU A 41 -4.63 -0.88 -20.54
N PRO A 42 -3.57 -0.21 -21.04
CA PRO A 42 -2.21 -0.41 -20.55
C PRO A 42 -1.84 0.59 -19.46
N GLY A 43 -2.69 1.57 -19.25
CA GLY A 43 -2.43 2.60 -18.26
C GLY A 43 -2.03 3.92 -18.91
N SER A 44 -1.79 4.93 -18.08
CA SER A 44 -1.39 6.23 -18.56
C SER A 44 0.12 6.41 -18.46
N SER A 45 0.60 7.62 -18.73
CA SER A 45 2.02 7.90 -18.68
C SER A 45 2.33 8.79 -17.47
N SER B 1 -12.51 25.39 15.89
CA SER B 1 -12.59 23.96 16.26
C SER B 1 -12.28 23.08 15.04
N ASN B 2 -11.17 22.37 15.11
CA ASN B 2 -10.77 21.50 14.02
C ASN B 2 -10.99 20.05 14.39
N ALA B 3 -10.05 19.48 15.15
CA ALA B 3 -10.12 18.08 15.60
C ALA B 3 -10.19 17.10 14.44
N SER B 4 -9.91 17.57 13.22
CA SER B 4 -10.01 16.75 12.03
C SER B 4 -8.63 16.30 11.57
N LEU B 5 -7.62 16.55 12.40
CA LEU B 5 -6.23 16.23 12.08
C LEU B 5 -5.71 17.12 10.96
N GLN B 6 -5.04 18.20 11.35
CA GLN B 6 -4.46 19.12 10.38
C GLN B 6 -3.09 18.62 9.98
N ASN B 7 -2.47 17.84 10.86
CA ASN B 7 -1.20 17.21 10.57
C ASN B 7 -1.42 15.75 10.19
N ASN B 8 -1.54 15.51 8.90
CA ASN B 8 -1.72 14.16 8.38
C ASN B 8 -0.37 13.43 8.35
N GLN B 9 -0.31 12.26 7.73
CA GLN B 9 0.95 11.54 7.56
C GLN B 9 1.71 12.09 6.36
N PRO B 10 2.72 12.94 6.60
CA PRO B 10 3.46 13.61 5.54
C PRO B 10 4.73 12.86 5.13
N VAL B 11 5.59 12.59 6.11
CA VAL B 11 6.92 12.07 5.84
C VAL B 11 6.89 10.64 5.32
N GLU B 12 6.05 9.79 5.91
CA GLU B 12 5.96 8.41 5.49
C GLU B 12 5.22 8.29 4.16
N PHE B 13 4.30 9.22 3.92
CA PHE B 13 3.60 9.25 2.66
C PHE B 13 4.55 9.71 1.55
N ASN B 14 5.33 10.74 1.83
CA ASN B 14 6.32 11.24 0.87
C ASN B 14 7.40 10.19 0.64
N HIS B 15 7.75 9.46 1.70
CA HIS B 15 8.67 8.34 1.59
C HIS B 15 8.08 7.26 0.70
N ALA B 16 6.78 7.03 0.83
CA ALA B 16 6.08 6.04 0.03
C ALA B 16 6.07 6.46 -1.44
N ILE B 17 5.79 7.73 -1.70
CA ILE B 17 5.82 8.27 -3.06
C ILE B 17 7.17 8.00 -3.71
N ASN B 18 8.24 8.35 -2.98
CA ASN B 18 9.60 8.14 -3.47
C ASN B 18 9.91 6.66 -3.58
N TYR B 19 9.39 5.87 -2.66
CA TYR B 19 9.63 4.43 -2.66
C TYR B 19 9.01 3.78 -3.89
N VAL B 20 7.76 4.10 -4.20
CA VAL B 20 7.09 3.54 -5.37
C VAL B 20 7.83 3.95 -6.64
N ASN B 21 8.28 5.19 -6.68
CA ASN B 21 9.11 5.69 -7.77
C ASN B 21 10.41 4.89 -7.83
N LYS B 22 10.98 4.64 -6.66
CA LYS B 22 12.23 3.89 -6.55
C LYS B 22 12.04 2.44 -7.00
N ILE B 23 10.87 1.87 -6.68
CA ILE B 23 10.55 0.51 -7.14
C ILE B 23 10.59 0.44 -8.65
N LYS B 24 9.93 1.39 -9.31
CA LYS B 24 9.94 1.47 -10.77
C LYS B 24 11.38 1.59 -11.27
N ASN B 25 12.12 2.55 -10.71
CA ASN B 25 13.49 2.83 -11.15
C ASN B 25 14.41 1.64 -10.89
N ARG B 26 14.13 0.90 -9.82
CA ARG B 26 14.96 -0.23 -9.42
C ARG B 26 14.89 -1.37 -10.43
N PHE B 27 13.69 -1.67 -10.90
CA PHE B 27 13.48 -2.81 -11.81
C PHE B 27 12.85 -2.36 -13.13
N GLN B 28 13.21 -1.15 -13.55
CA GLN B 28 12.70 -0.59 -14.80
C GLN B 28 13.06 -1.47 -15.98
N GLY B 29 12.04 -2.07 -16.59
CA GLY B 29 12.26 -2.96 -17.71
C GLY B 29 11.63 -4.32 -17.48
N GLN B 30 11.33 -4.61 -16.23
CA GLN B 30 10.69 -5.86 -15.87
C GLN B 30 9.34 -5.58 -15.22
N PRO B 31 8.26 -5.61 -16.03
CA PRO B 31 6.91 -5.25 -15.58
C PRO B 31 6.34 -6.26 -14.60
N ASP B 32 6.63 -7.53 -14.86
CA ASP B 32 6.09 -8.64 -14.07
C ASP B 32 6.41 -8.47 -12.59
N ILE B 33 7.64 -8.07 -12.30
CA ILE B 33 8.09 -7.90 -10.92
C ILE B 33 7.27 -6.81 -10.22
N TYR B 34 7.20 -5.65 -10.85
CA TYR B 34 6.49 -4.50 -10.27
C TYR B 34 4.99 -4.78 -10.20
N LYS B 35 4.46 -5.39 -11.25
CA LYS B 35 3.04 -5.74 -11.28
C LYS B 35 2.71 -6.75 -10.19
N ALA B 36 3.57 -7.73 -10.01
CA ALA B 36 3.35 -8.75 -8.98
C ALA B 36 3.26 -8.10 -7.61
N PHE B 37 4.16 -7.16 -7.33
CA PHE B 37 4.12 -6.42 -6.08
C PHE B 37 2.83 -5.60 -5.97
N LEU B 38 2.44 -5.00 -7.08
CA LEU B 38 1.22 -4.21 -7.12
C LEU B 38 0.00 -5.08 -6.85
N GLU B 39 0.03 -6.31 -7.35
CA GLU B 39 -1.04 -7.26 -7.10
C GLU B 39 -1.04 -7.70 -5.64
N ILE B 40 0.14 -7.71 -5.02
CA ILE B 40 0.25 -7.98 -3.58
C ILE B 40 -0.54 -6.93 -2.80
N LEU B 41 -0.30 -5.66 -3.13
CA LEU B 41 -1.02 -4.56 -2.51
C LEU B 41 -2.52 -4.67 -2.81
N HIS B 42 -2.82 -4.97 -4.08
CA HIS B 42 -4.18 -5.18 -4.53
C HIS B 42 -4.86 -6.28 -3.69
N THR B 43 -4.14 -7.36 -3.45
CA THR B 43 -4.67 -8.48 -2.69
C THR B 43 -4.90 -8.10 -1.23
N TYR B 44 -3.96 -7.36 -0.64
CA TYR B 44 -4.08 -6.96 0.76
C TYR B 44 -5.22 -5.99 0.96
N GLN B 45 -5.37 -5.05 0.03
CA GLN B 45 -6.48 -4.11 0.07
C GLN B 45 -7.81 -4.86 0.00
N LYS B 46 -7.86 -5.89 -0.85
CA LYS B 46 -9.04 -6.74 -0.94
C LYS B 46 -9.33 -7.41 0.39
N GLU B 47 -8.31 -8.02 0.98
CA GLU B 47 -8.45 -8.73 2.24
C GLU B 47 -8.87 -7.79 3.37
N GLN B 48 -8.25 -6.61 3.42
CA GLN B 48 -8.56 -5.61 4.43
C GLN B 48 -10.01 -5.14 4.30
N ARG B 49 -10.44 -4.92 3.06
CA ARG B 49 -11.81 -4.52 2.78
C ARG B 49 -12.79 -5.57 3.29
N ASN B 50 -12.50 -6.83 2.95
CA ASN B 50 -13.35 -7.95 3.32
C ASN B 50 -13.40 -8.14 4.83
N ALA B 51 -12.28 -7.89 5.49
CA ALA B 51 -12.21 -8.01 6.94
C ALA B 51 -13.07 -6.95 7.64
N LYS B 52 -12.89 -5.70 7.23
CA LYS B 52 -13.65 -4.59 7.82
C LYS B 52 -15.11 -4.63 7.41
N GLU B 53 -15.41 -5.38 6.36
CA GLU B 53 -16.80 -5.60 5.94
C GLU B 53 -17.56 -6.36 7.01
N ALA B 54 -16.85 -7.23 7.72
CA ALA B 54 -17.42 -7.96 8.84
C ALA B 54 -17.10 -7.24 10.15
N GLY B 55 -16.79 -5.96 10.04
CA GLY B 55 -16.50 -5.15 11.22
C GLY B 55 -15.02 -5.17 11.58
N GLY B 56 -14.38 -6.30 11.31
CA GLY B 56 -13.01 -6.49 11.70
C GLY B 56 -12.82 -7.72 12.55
N ASN B 57 -13.94 -8.33 12.93
CA ASN B 57 -13.93 -9.55 13.72
C ASN B 57 -13.38 -10.71 12.88
N TYR B 58 -13.74 -10.70 11.61
CA TYR B 58 -13.24 -11.67 10.66
C TYR B 58 -11.84 -11.29 10.19
N THR B 59 -10.88 -12.17 10.44
CA THR B 59 -9.51 -11.93 10.04
C THR B 59 -9.29 -12.36 8.59
N PRO B 60 -8.51 -11.58 7.83
CA PRO B 60 -8.20 -11.90 6.43
C PRO B 60 -7.24 -13.07 6.32
N ALA B 61 -7.01 -13.54 5.09
CA ALA B 61 -6.11 -14.64 4.85
C ALA B 61 -4.69 -14.14 4.63
N LEU B 62 -4.58 -12.86 4.33
CA LEU B 62 -3.29 -12.25 4.09
C LEU B 62 -2.85 -11.43 5.30
N THR B 63 -1.85 -11.94 6.00
CA THR B 63 -1.33 -11.28 7.20
C THR B 63 -0.13 -10.40 6.85
N GLU B 64 0.20 -9.45 7.72
CA GLU B 64 1.35 -8.56 7.50
C GLU B 64 2.63 -9.38 7.29
N GLN B 65 2.83 -10.39 8.15
CA GLN B 65 3.97 -11.28 8.02
C GLN B 65 3.97 -11.95 6.65
N GLU B 66 2.81 -12.45 6.26
CA GLU B 66 2.63 -13.08 4.96
C GLU B 66 3.04 -12.12 3.84
N VAL B 67 2.51 -10.91 3.90
CA VAL B 67 2.80 -9.88 2.90
C VAL B 67 4.30 -9.63 2.80
N TYR B 68 4.92 -9.33 3.93
CA TYR B 68 6.34 -9.00 3.96
C TYR B 68 7.18 -10.14 3.40
N ALA B 69 6.86 -11.37 3.80
CA ALA B 69 7.57 -12.53 3.31
C ALA B 69 7.38 -12.70 1.81
N GLN B 70 6.19 -12.36 1.32
CA GLN B 70 5.90 -12.40 -0.11
C GLN B 70 6.71 -11.35 -0.84
N VAL B 71 6.84 -10.16 -0.25
CA VAL B 71 7.60 -9.08 -0.87
C VAL B 71 9.08 -9.42 -0.93
N ALA B 72 9.59 -10.02 0.14
CA ALA B 72 10.99 -10.40 0.20
C ALA B 72 11.30 -11.49 -0.82
N ARG B 73 10.36 -12.40 -1.01
CA ARG B 73 10.49 -13.45 -2.01
C ARG B 73 10.27 -12.87 -3.42
N LEU B 74 9.52 -11.77 -3.48
CA LEU B 74 9.21 -11.11 -4.74
C LEU B 74 10.45 -10.39 -5.27
N PHE B 75 10.96 -9.45 -4.48
CA PHE B 75 12.13 -8.68 -4.88
C PHE B 75 13.40 -9.37 -4.40
N LYS B 76 14.06 -10.05 -5.31
CA LYS B 76 15.31 -10.71 -5.01
C LYS B 76 16.47 -9.95 -5.61
N ASN B 77 17.70 -10.37 -5.29
CA ASN B 77 18.92 -9.76 -5.81
C ASN B 77 19.18 -8.40 -5.16
N GLN B 78 18.20 -7.50 -5.28
CA GLN B 78 18.29 -6.17 -4.70
C GLN B 78 17.51 -6.09 -3.41
N GLU B 79 18.21 -6.24 -2.29
CA GLU B 79 17.58 -6.15 -0.98
C GLU B 79 17.42 -4.69 -0.56
N ASP B 80 18.04 -3.80 -1.32
CA ASP B 80 18.02 -2.37 -1.00
C ASP B 80 16.60 -1.84 -1.05
N LEU B 81 15.80 -2.37 -1.96
CA LEU B 81 14.40 -2.00 -2.07
C LEU B 81 13.64 -2.46 -0.83
N LEU B 82 13.89 -3.71 -0.41
CA LEU B 82 13.31 -4.25 0.81
C LEU B 82 13.78 -3.46 2.03
N SER B 83 14.99 -2.94 1.97
CA SER B 83 15.53 -2.12 3.03
C SER B 83 14.71 -0.85 3.18
N GLU B 84 14.33 -0.27 2.04
CA GLU B 84 13.44 0.88 2.03
C GLU B 84 12.06 0.48 2.53
N PHE B 85 11.61 -0.70 2.13
CA PHE B 85 10.29 -1.22 2.48
C PHE B 85 10.15 -1.39 3.99
N GLY B 86 11.27 -1.66 4.65
CA GLY B 86 11.27 -1.88 6.09
C GLY B 86 10.73 -0.70 6.88
N GLN B 87 10.73 0.48 6.28
CA GLN B 87 10.25 1.68 6.96
C GLN B 87 8.73 1.73 6.99
N PHE B 88 8.10 0.90 6.18
CA PHE B 88 6.65 0.89 6.09
C PHE B 88 6.08 -0.16 7.03
N LEU B 89 6.96 -0.78 7.80
CA LEU B 89 6.60 -1.66 8.89
C LEU B 89 7.83 -1.95 9.76
N PRO B 90 8.33 -0.90 10.45
CA PRO B 90 9.56 -0.99 11.23
C PRO B 90 9.40 -1.82 12.49
N ASP B 91 10.30 -2.78 12.66
CA ASP B 91 10.33 -3.67 13.82
C ASP B 91 10.45 -2.88 15.12
N ALA B 92 11.04 -1.69 15.01
CA ALA B 92 11.23 -0.81 16.16
C ALA B 92 9.90 -0.28 16.70
N ASN B 93 8.86 -0.36 15.88
CA ASN B 93 7.55 0.12 16.28
C ASN B 93 6.67 -1.04 16.71
N SER B 94 5.97 -0.86 17.81
CA SER B 94 5.09 -1.89 18.33
C SER B 94 3.63 -1.46 18.17
N SER A 1 -16.33 22.23 -5.14
CA SER A 1 -15.47 21.05 -4.97
C SER A 1 -16.31 19.78 -5.00
N ASN A 2 -15.67 18.66 -5.36
CA ASN A 2 -16.34 17.37 -5.42
C ASN A 2 -15.58 16.37 -4.56
N ALA A 3 -16.26 15.81 -3.56
CA ALA A 3 -15.65 14.86 -2.63
C ALA A 3 -14.49 15.51 -1.87
N ASP A 4 -14.82 16.14 -0.76
CA ASP A 4 -13.82 16.88 0.01
C ASP A 4 -13.22 16.06 1.13
N TYR A 5 -12.01 16.46 1.52
CA TYR A 5 -11.32 15.93 2.69
C TYR A 5 -11.01 14.44 2.57
N VAL A 6 -9.83 14.14 2.05
CA VAL A 6 -9.33 12.78 2.05
C VAL A 6 -8.61 12.51 3.37
N GLN A 7 -8.82 11.35 3.96
CA GLN A 7 -8.27 11.07 5.28
C GLN A 7 -7.98 9.59 5.47
N PRO A 8 -6.72 9.18 5.23
CA PRO A 8 -6.26 7.83 5.57
C PRO A 8 -6.08 7.67 7.08
N GLN A 9 -5.58 6.54 7.53
CA GLN A 9 -5.37 6.31 8.95
C GLN A 9 -3.97 6.70 9.35
N LEU A 10 -3.01 6.42 8.46
CA LEU A 10 -1.60 6.74 8.68
C LEU A 10 -1.01 5.88 9.80
N ARG A 11 -1.78 4.90 10.23
CA ARG A 11 -1.36 4.03 11.31
C ARG A 11 -0.25 3.09 10.84
N ARG A 12 -0.25 2.82 9.56
CA ARG A 12 0.74 1.91 8.97
C ARG A 12 1.44 2.58 7.80
N PRO A 13 2.78 2.57 7.80
CA PRO A 13 3.57 3.03 6.65
C PRO A 13 3.26 2.19 5.40
N PHE A 14 2.83 0.95 5.63
CA PHE A 14 2.40 0.08 4.54
C PHE A 14 1.13 0.64 3.89
N GLU A 15 0.26 1.20 4.72
CA GLU A 15 -1.01 1.75 4.26
C GLU A 15 -0.77 2.94 3.33
N LEU A 16 0.06 3.88 3.78
CA LEU A 16 0.33 5.08 3.00
C LEU A 16 1.09 4.74 1.72
N LEU A 17 1.79 3.60 1.72
CA LEU A 17 2.46 3.13 0.51
C LEU A 17 1.43 2.66 -0.49
N ILE A 18 0.42 1.94 -0.01
CA ILE A 18 -0.69 1.49 -0.86
C ILE A 18 -1.39 2.70 -1.47
N ALA A 19 -1.61 3.72 -0.67
CA ALA A 19 -2.20 4.96 -1.14
C ALA A 19 -1.31 5.62 -2.18
N ALA A 20 0.00 5.62 -1.90
CA ALA A 20 0.99 6.15 -2.83
C ALA A 20 0.93 5.44 -4.17
N ALA A 21 0.94 4.10 -4.12
CA ALA A 21 0.88 3.29 -5.32
C ALA A 21 -0.43 3.51 -6.07
N MET A 22 -1.54 3.56 -5.33
CA MET A 22 -2.87 3.75 -5.91
C MET A 22 -2.96 5.09 -6.64
N GLU A 23 -2.37 6.12 -6.05
CA GLU A 23 -2.47 7.47 -6.59
C GLU A 23 -1.49 7.69 -7.75
N ARG A 24 -0.27 7.18 -7.61
CA ARG A 24 0.76 7.43 -8.61
C ARG A 24 0.59 6.52 -9.83
N ASN A 25 -0.33 5.58 -9.75
CA ASN A 25 -0.61 4.69 -10.86
C ASN A 25 -2.04 4.89 -11.33
N PRO A 26 -2.38 4.44 -12.55
CA PRO A 26 -3.74 4.55 -13.10
C PRO A 26 -4.76 3.70 -12.34
N THR A 27 -4.28 2.98 -11.32
CA THR A 27 -5.09 2.08 -10.49
C THR A 27 -6.17 1.34 -11.29
N GLN A 28 -5.80 0.19 -11.85
CA GLN A 28 -6.71 -0.59 -12.68
C GLN A 28 -7.66 -1.42 -11.80
N PHE A 29 -8.11 -0.82 -10.72
CA PHE A 29 -9.06 -1.45 -9.81
C PHE A 29 -10.37 -0.68 -9.82
N GLN A 30 -10.26 0.64 -9.91
CA GLN A 30 -11.42 1.50 -10.10
C GLN A 30 -11.57 1.85 -11.57
N LEU A 31 -12.28 1.00 -12.30
CA LEU A 31 -12.48 1.18 -13.72
C LEU A 31 -13.97 1.31 -14.04
N PRO A 32 -14.44 2.55 -14.25
CA PRO A 32 -15.84 2.83 -14.57
C PRO A 32 -16.16 2.59 -16.05
N ASN A 33 -15.68 1.49 -16.60
CA ASN A 33 -15.82 1.20 -18.02
C ASN A 33 -17.25 0.78 -18.37
N GLU A 34 -18.04 0.43 -17.36
CA GLU A 34 -19.46 0.13 -17.56
C GLU A 34 -20.16 1.38 -18.05
N LEU A 35 -19.77 2.50 -17.46
CA LEU A 35 -20.39 3.78 -17.74
C LEU A 35 -19.81 4.38 -19.01
N THR A 36 -18.48 4.28 -19.14
CA THR A 36 -17.75 4.82 -20.30
C THR A 36 -18.07 6.29 -20.54
N CYS A 37 -18.34 7.02 -19.45
CA CYS A 37 -18.62 8.44 -19.53
C CYS A 37 -17.42 9.22 -19.03
N THR A 38 -16.67 8.58 -18.15
CA THR A 38 -15.51 9.19 -17.55
C THR A 38 -14.28 9.08 -18.44
N THR A 39 -14.32 8.13 -19.37
CA THR A 39 -13.23 7.92 -20.30
C THR A 39 -13.71 7.20 -21.56
N ALA A 40 -13.98 7.98 -22.59
CA ALA A 40 -14.34 7.44 -23.89
C ALA A 40 -13.40 8.04 -24.94
N LEU A 41 -12.89 7.19 -25.83
CA LEU A 41 -11.89 7.64 -26.79
C LEU A 41 -12.54 8.50 -27.90
N PRO A 42 -13.43 7.94 -28.75
CA PRO A 42 -14.05 8.71 -29.83
C PRO A 42 -15.39 9.31 -29.43
N GLY A 43 -15.75 9.14 -28.17
CA GLY A 43 -17.04 9.60 -27.69
C GLY A 43 -18.00 8.45 -27.46
N SER A 44 -17.70 7.32 -28.07
CA SER A 44 -18.49 6.11 -27.87
C SER A 44 -17.87 5.26 -26.77
N SER A 45 -16.72 4.65 -27.09
CA SER A 45 -16.00 3.84 -26.14
C SER A 45 -14.52 3.86 -26.50
N SER B 1 18.01 16.31 22.09
CA SER B 1 18.12 15.30 21.03
C SER B 1 17.27 15.70 19.83
N ASN B 2 16.11 16.30 20.09
CA ASN B 2 15.19 16.77 19.04
C ASN B 2 14.64 15.60 18.23
N ALA B 3 13.50 15.09 18.64
CA ALA B 3 12.83 14.04 17.91
C ALA B 3 11.86 14.64 16.90
N SER B 4 12.08 14.34 15.63
CA SER B 4 11.27 14.91 14.56
C SER B 4 9.94 14.18 14.47
N LEU B 5 8.84 14.94 14.56
CA LEU B 5 7.48 14.40 14.51
C LEU B 5 7.24 13.48 15.70
N GLN B 6 6.18 12.68 15.64
CA GLN B 6 5.87 11.79 16.75
C GLN B 6 5.12 10.55 16.27
N ASN B 7 3.80 10.56 16.37
CA ASN B 7 3.00 9.39 16.01
C ASN B 7 2.51 9.49 14.58
N ASN B 8 2.38 10.73 14.10
CA ASN B 8 1.92 10.97 12.75
C ASN B 8 3.04 11.62 11.95
N GLN B 9 3.36 11.04 10.80
CA GLN B 9 4.44 11.55 9.96
C GLN B 9 3.96 11.76 8.54
N PRO B 10 3.67 13.01 8.15
CA PRO B 10 3.26 13.34 6.78
C PRO B 10 4.37 13.08 5.76
N VAL B 11 5.60 13.08 6.25
CA VAL B 11 6.77 12.90 5.39
C VAL B 11 6.83 11.48 4.83
N GLU B 12 6.21 10.52 5.53
CA GLU B 12 6.25 9.14 5.11
C GLU B 12 5.43 8.90 3.84
N PHE B 13 4.45 9.77 3.60
CA PHE B 13 3.68 9.68 2.37
C PHE B 13 4.58 9.98 1.18
N ASN B 14 5.36 11.05 1.30
CA ASN B 14 6.34 11.40 0.28
C ASN B 14 7.44 10.35 0.22
N HIS B 15 7.80 9.82 1.38
CA HIS B 15 8.74 8.70 1.48
C HIS B 15 8.22 7.53 0.66
N ALA B 16 6.92 7.28 0.74
CA ALA B 16 6.28 6.24 -0.04
C ALA B 16 6.28 6.58 -1.53
N ILE B 17 5.88 7.81 -1.84
CA ILE B 17 5.85 8.29 -3.22
C ILE B 17 7.18 8.02 -3.92
N ASN B 18 8.27 8.40 -3.26
CA ASN B 18 9.60 8.19 -3.80
C ASN B 18 9.96 6.71 -3.84
N TYR B 19 9.52 5.95 -2.84
CA TYR B 19 9.82 4.53 -2.78
C TYR B 19 9.11 3.77 -3.90
N VAL B 20 7.84 4.10 -4.13
CA VAL B 20 7.08 3.48 -5.22
C VAL B 20 7.74 3.79 -6.55
N ASN B 21 8.19 5.04 -6.69
CA ASN B 21 8.95 5.46 -7.86
C ASN B 21 10.23 4.63 -7.98
N LYS B 22 10.89 4.40 -6.85
CA LYS B 22 12.13 3.63 -6.83
C LYS B 22 11.88 2.19 -7.26
N ILE B 23 10.78 1.58 -6.80
CA ILE B 23 10.43 0.22 -7.21
C ILE B 23 10.19 0.18 -8.72
N LYS B 24 9.41 1.17 -9.18
CA LYS B 24 9.07 1.30 -10.60
C LYS B 24 10.33 1.42 -11.45
N ASN B 25 11.29 2.21 -10.98
CA ASN B 25 12.52 2.46 -11.71
C ASN B 25 13.50 1.30 -11.56
N ARG B 26 13.53 0.70 -10.38
CA ARG B 26 14.43 -0.41 -10.08
C ARG B 26 14.20 -1.58 -11.04
N PHE B 27 12.94 -1.86 -11.31
CA PHE B 27 12.58 -2.94 -12.20
C PHE B 27 11.86 -2.39 -13.43
N GLN B 28 12.41 -1.30 -13.96
CA GLN B 28 11.85 -0.61 -15.11
C GLN B 28 11.70 -1.54 -16.32
N GLY B 29 12.59 -2.51 -16.44
CA GLY B 29 12.56 -3.41 -17.56
C GLY B 29 11.58 -4.55 -17.38
N GLN B 30 11.16 -4.80 -16.14
CA GLN B 30 10.27 -5.92 -15.85
C GLN B 30 9.15 -5.49 -14.91
N PRO B 31 8.02 -5.03 -15.48
CA PRO B 31 6.86 -4.60 -14.70
C PRO B 31 6.18 -5.76 -13.97
N ASP B 32 6.55 -6.97 -14.38
CA ASP B 32 6.04 -8.21 -13.77
C ASP B 32 6.27 -8.19 -12.27
N ILE B 33 7.48 -7.85 -11.88
CA ILE B 33 7.87 -7.79 -10.47
C ILE B 33 7.04 -6.75 -9.72
N TYR B 34 6.86 -5.59 -10.35
CA TYR B 34 6.07 -4.52 -9.76
C TYR B 34 4.61 -4.94 -9.63
N LYS B 35 4.10 -5.65 -10.65
CA LYS B 35 2.71 -6.08 -10.64
C LYS B 35 2.49 -7.13 -9.55
N ALA B 36 3.49 -7.97 -9.33
CA ALA B 36 3.42 -8.95 -8.25
C ALA B 36 3.26 -8.24 -6.91
N PHE B 37 4.08 -7.21 -6.70
CA PHE B 37 3.99 -6.38 -5.51
C PHE B 37 2.64 -5.66 -5.48
N LEU B 38 2.18 -5.23 -6.64
CA LEU B 38 0.90 -4.55 -6.77
C LEU B 38 -0.24 -5.48 -6.38
N GLU B 39 -0.13 -6.75 -6.77
CA GLU B 39 -1.17 -7.74 -6.52
C GLU B 39 -1.25 -8.11 -5.05
N ILE B 40 -0.13 -8.16 -4.36
CA ILE B 40 -0.16 -8.45 -2.94
C ILE B 40 -0.74 -7.25 -2.16
N LEU B 41 -0.48 -6.05 -2.66
CA LEU B 41 -1.16 -4.86 -2.12
C LEU B 41 -2.66 -4.98 -2.39
N HIS B 42 -2.97 -5.36 -3.62
CA HIS B 42 -4.34 -5.59 -4.07
C HIS B 42 -5.05 -6.62 -3.20
N THR B 43 -4.38 -7.72 -2.90
CA THR B 43 -4.95 -8.78 -2.11
C THR B 43 -5.16 -8.36 -0.65
N TYR B 44 -4.17 -7.64 -0.11
CA TYR B 44 -4.27 -7.14 1.26
C TYR B 44 -5.47 -6.21 1.41
N GLN B 45 -5.59 -5.25 0.50
CA GLN B 45 -6.69 -4.30 0.51
C GLN B 45 -8.03 -5.00 0.30
N LYS B 46 -8.01 -6.07 -0.48
CA LYS B 46 -9.22 -6.84 -0.74
C LYS B 46 -9.76 -7.43 0.55
N GLU B 47 -8.88 -8.08 1.29
CA GLU B 47 -9.27 -8.72 2.54
C GLU B 47 -9.48 -7.69 3.65
N GLN B 48 -8.78 -6.56 3.55
CA GLN B 48 -8.94 -5.47 4.50
C GLN B 48 -10.33 -4.87 4.37
N ARG B 49 -10.73 -4.60 3.12
CA ARG B 49 -12.06 -4.08 2.84
C ARG B 49 -13.11 -5.11 3.21
N ASN B 50 -12.85 -6.36 2.84
CA ASN B 50 -13.76 -7.46 3.15
C ASN B 50 -13.91 -7.63 4.66
N ALA B 51 -12.82 -7.37 5.39
CA ALA B 51 -12.83 -7.42 6.84
C ALA B 51 -13.80 -6.41 7.42
N LYS B 52 -13.67 -5.16 7.01
CA LYS B 52 -14.55 -4.10 7.48
C LYS B 52 -15.97 -4.30 6.95
N GLU B 53 -16.07 -4.85 5.75
CA GLU B 53 -17.37 -5.13 5.15
C GLU B 53 -18.12 -6.19 5.95
N ALA B 54 -17.37 -7.08 6.60
CA ALA B 54 -17.95 -8.12 7.43
C ALA B 54 -18.09 -7.66 8.88
N GLY B 55 -17.86 -6.38 9.11
CA GLY B 55 -18.01 -5.82 10.45
C GLY B 55 -16.81 -6.07 11.33
N GLY B 56 -15.70 -6.49 10.72
CA GLY B 56 -14.49 -6.76 11.48
C GLY B 56 -14.40 -8.21 11.91
N ASN B 57 -15.35 -9.02 11.46
CA ASN B 57 -15.37 -10.43 11.80
C ASN B 57 -14.38 -11.22 10.94
N TYR B 58 -14.25 -10.82 9.69
CA TYR B 58 -13.34 -11.49 8.77
C TYR B 58 -11.91 -10.99 8.99
N THR B 59 -10.98 -11.92 9.12
CA THR B 59 -9.58 -11.56 9.27
C THR B 59 -8.81 -11.88 7.99
N PRO B 60 -8.03 -10.91 7.49
CA PRO B 60 -7.25 -11.07 6.26
C PRO B 60 -6.21 -12.18 6.36
N ALA B 61 -6.25 -13.10 5.40
CA ALA B 61 -5.30 -14.19 5.34
C ALA B 61 -3.94 -13.67 4.94
N LEU B 62 -3.92 -12.79 3.94
CA LEU B 62 -2.68 -12.16 3.53
C LEU B 62 -2.36 -11.00 4.46
N THR B 63 -1.84 -11.31 5.62
CA THR B 63 -1.51 -10.32 6.61
C THR B 63 -0.23 -9.59 6.22
N GLU B 64 0.00 -8.41 6.81
CA GLU B 64 1.18 -7.60 6.52
C GLU B 64 2.48 -8.40 6.69
N GLN B 65 2.49 -9.33 7.65
CA GLN B 65 3.65 -10.17 7.88
C GLN B 65 3.90 -11.10 6.69
N GLU B 66 2.81 -11.66 6.17
CA GLU B 66 2.86 -12.51 4.99
C GLU B 66 3.40 -11.71 3.80
N VAL B 67 2.90 -10.48 3.67
CA VAL B 67 3.35 -9.58 2.63
C VAL B 67 4.86 -9.39 2.71
N TYR B 68 5.35 -8.99 3.88
CA TYR B 68 6.77 -8.72 4.08
C TYR B 68 7.62 -9.93 3.70
N ALA B 69 7.17 -11.12 4.09
CA ALA B 69 7.89 -12.35 3.78
C ALA B 69 7.96 -12.58 2.27
N GLN B 70 6.81 -12.48 1.61
CA GLN B 70 6.74 -12.65 0.16
C GLN B 70 7.52 -11.55 -0.54
N VAL B 71 7.44 -10.35 0.02
CA VAL B 71 8.17 -9.19 -0.51
C VAL B 71 9.68 -9.41 -0.40
N ALA B 72 10.11 -10.00 0.70
CA ALA B 72 11.53 -10.30 0.89
C ALA B 72 12.03 -11.29 -0.17
N ARG B 73 11.22 -12.29 -0.46
CA ARG B 73 11.55 -13.26 -1.49
C ARG B 73 11.39 -12.67 -2.89
N LEU B 74 10.53 -11.66 -2.99
CA LEU B 74 10.21 -11.04 -4.26
C LEU B 74 11.29 -10.02 -4.63
N PHE B 75 11.63 -9.14 -3.69
CA PHE B 75 12.68 -8.17 -3.90
C PHE B 75 14.03 -8.73 -3.45
N LYS B 76 14.57 -9.62 -4.27
CA LYS B 76 15.86 -10.22 -4.01
C LYS B 76 16.92 -9.61 -4.90
N ASN B 77 18.19 -9.78 -4.51
CA ASN B 77 19.34 -9.19 -5.21
C ASN B 77 19.44 -7.70 -4.91
N GLN B 78 18.37 -6.98 -5.16
CA GLN B 78 18.31 -5.57 -4.84
C GLN B 78 17.91 -5.39 -3.38
N GLU B 79 18.80 -5.83 -2.49
CA GLU B 79 18.53 -5.84 -1.05
C GLU B 79 18.22 -4.45 -0.52
N ASP B 80 18.80 -3.44 -1.14
CA ASP B 80 18.61 -2.05 -0.73
C ASP B 80 17.14 -1.64 -0.82
N LEU B 81 16.44 -2.21 -1.80
CA LEU B 81 15.02 -1.90 -1.99
C LEU B 81 14.21 -2.42 -0.80
N LEU B 82 14.41 -3.68 -0.45
CA LEU B 82 13.72 -4.29 0.68
C LEU B 82 14.16 -3.65 2.00
N SER B 83 15.42 -3.23 2.06
CA SER B 83 15.94 -2.56 3.24
C SER B 83 15.19 -1.24 3.46
N GLU B 84 14.87 -0.56 2.36
CA GLU B 84 14.08 0.66 2.41
C GLU B 84 12.64 0.34 2.79
N PHE B 85 12.18 -0.83 2.33
CA PHE B 85 10.84 -1.32 2.64
C PHE B 85 10.70 -1.60 4.14
N GLY B 86 11.82 -1.90 4.78
CA GLY B 86 11.84 -2.20 6.21
C GLY B 86 11.02 -1.23 7.05
N GLN B 87 11.23 0.07 6.86
CA GLN B 87 10.51 1.08 7.63
C GLN B 87 9.05 1.23 7.18
N PHE B 88 8.67 0.56 6.11
CA PHE B 88 7.28 0.55 5.69
C PHE B 88 6.55 -0.62 6.35
N LEU B 89 7.32 -1.60 6.79
CA LEU B 89 6.79 -2.76 7.48
C LEU B 89 7.62 -3.03 8.75
N PRO B 90 7.62 -2.10 9.70
CA PRO B 90 8.46 -2.19 10.90
C PRO B 90 7.93 -3.21 11.90
N ASP B 91 8.69 -4.27 12.12
CA ASP B 91 8.31 -5.31 13.07
C ASP B 91 8.69 -4.90 14.49
N ALA B 92 9.89 -4.32 14.63
CA ALA B 92 10.37 -3.87 15.92
C ALA B 92 10.28 -2.35 16.03
N ASN B 93 9.86 -1.72 14.94
CA ASN B 93 9.73 -0.27 14.85
C ASN B 93 11.04 0.44 15.21
N SER B 94 11.90 0.58 14.21
CA SER B 94 13.18 1.25 14.39
C SER B 94 13.63 1.85 13.06
N SER A 1 -11.64 15.91 28.83
CA SER A 1 -10.24 16.14 28.41
C SER A 1 -9.51 14.82 28.20
N ASN A 2 -10.27 13.72 28.17
CA ASN A 2 -9.67 12.41 27.99
C ASN A 2 -9.50 12.09 26.51
N ALA A 3 -8.26 12.19 26.04
CA ALA A 3 -7.91 11.87 24.65
C ALA A 3 -8.48 12.88 23.67
N ASP A 4 -8.03 12.80 22.43
CA ASP A 4 -8.51 13.67 21.36
C ASP A 4 -8.47 12.92 20.04
N TYR A 5 -9.28 13.35 19.09
CA TYR A 5 -9.30 12.73 17.79
C TYR A 5 -8.49 13.55 16.80
N VAL A 6 -7.36 13.02 16.38
CA VAL A 6 -6.52 13.69 15.38
C VAL A 6 -6.95 13.27 13.99
N GLN A 7 -7.18 14.25 13.12
CA GLN A 7 -7.54 13.99 11.73
C GLN A 7 -6.48 13.15 11.05
N PRO A 8 -6.87 11.96 10.59
CA PRO A 8 -5.98 11.00 9.94
C PRO A 8 -5.29 11.58 8.71
N GLN A 9 -4.07 11.14 8.51
CA GLN A 9 -3.25 11.60 7.38
C GLN A 9 -2.55 10.41 6.74
N LEU A 10 -2.32 9.37 7.54
CA LEU A 10 -1.77 8.12 7.05
C LEU A 10 -2.04 7.00 8.04
N ARG A 11 -1.88 7.32 9.32
CA ARG A 11 -2.08 6.39 10.43
C ARG A 11 -1.03 5.27 10.40
N ARG A 12 -1.20 4.37 9.46
CA ARG A 12 -0.32 3.23 9.31
C ARG A 12 0.63 3.46 8.14
N PRO A 13 1.94 3.35 8.37
CA PRO A 13 2.96 3.52 7.33
C PRO A 13 2.84 2.49 6.21
N PHE A 14 1.97 1.52 6.39
CA PHE A 14 1.73 0.53 5.34
C PHE A 14 0.55 0.98 4.48
N GLU A 15 -0.42 1.64 5.09
CA GLU A 15 -1.62 2.03 4.40
C GLU A 15 -1.38 3.22 3.47
N LEU A 16 -0.49 4.14 3.87
CA LEU A 16 -0.17 5.26 3.01
C LEU A 16 0.68 4.76 1.84
N LEU A 17 1.36 3.63 2.04
CA LEU A 17 2.10 3.00 0.98
C LEU A 17 1.13 2.44 -0.05
N ILE A 18 0.06 1.83 0.44
CA ILE A 18 -1.01 1.35 -0.43
C ILE A 18 -1.57 2.52 -1.23
N ALA A 19 -1.85 3.62 -0.54
CA ALA A 19 -2.34 4.83 -1.19
C ALA A 19 -1.31 5.38 -2.17
N ALA A 20 -0.05 5.34 -1.77
CA ALA A 20 1.05 5.83 -2.59
C ALA A 20 1.16 5.05 -3.89
N ALA A 21 1.06 3.72 -3.79
CA ALA A 21 1.14 2.86 -4.98
C ALA A 21 0.02 3.16 -5.95
N MET A 22 -1.22 3.16 -5.45
CA MET A 22 -2.40 3.44 -6.27
C MET A 22 -2.38 4.86 -6.82
N GLU A 23 -1.79 5.79 -6.09
CA GLU A 23 -1.76 7.19 -6.52
C GLU A 23 -0.63 7.44 -7.52
N ARG A 24 0.58 6.99 -7.19
CA ARG A 24 1.75 7.28 -8.01
C ARG A 24 1.69 6.52 -9.33
N ASN A 25 0.97 5.41 -9.33
CA ASN A 25 0.71 4.69 -10.57
C ASN A 25 -0.71 5.00 -11.04
N PRO A 26 -1.03 4.77 -12.30
CA PRO A 26 -2.40 4.81 -12.74
C PRO A 26 -3.18 3.63 -12.15
N THR A 27 -4.02 3.93 -11.18
CA THR A 27 -4.79 2.91 -10.49
C THR A 27 -5.89 2.38 -11.41
N GLN A 28 -5.51 1.50 -12.31
CA GLN A 28 -6.42 0.92 -13.27
C GLN A 28 -7.20 -0.21 -12.60
N PHE A 29 -6.52 -1.34 -12.41
CA PHE A 29 -7.12 -2.57 -11.86
C PHE A 29 -8.25 -3.11 -12.75
N GLN A 30 -9.22 -2.28 -13.08
CA GLN A 30 -10.31 -2.67 -13.95
C GLN A 30 -9.86 -2.61 -15.40
N LEU A 31 -9.29 -3.70 -15.88
CA LEU A 31 -8.92 -3.82 -17.28
C LEU A 31 -9.88 -4.77 -17.99
N PRO A 32 -10.79 -4.21 -18.78
CA PRO A 32 -11.70 -5.00 -19.60
C PRO A 32 -10.94 -5.84 -20.61
N ASN A 33 -11.02 -7.16 -20.46
CA ASN A 33 -10.23 -8.09 -21.28
C ASN A 33 -10.66 -8.00 -22.75
N GLU A 34 -11.90 -7.55 -22.97
CA GLU A 34 -12.39 -7.30 -24.31
C GLU A 34 -11.52 -6.27 -25.01
N LEU A 35 -11.28 -5.17 -24.32
CA LEU A 35 -10.50 -4.07 -24.87
C LEU A 35 -9.01 -4.39 -24.76
N THR A 36 -8.63 -5.02 -23.65
CA THR A 36 -7.24 -5.37 -23.39
C THR A 36 -6.86 -6.66 -24.12
N CYS A 37 -7.38 -6.79 -25.34
CA CYS A 37 -7.04 -7.90 -26.21
C CYS A 37 -6.22 -7.35 -27.37
N THR A 38 -6.42 -6.07 -27.65
CA THR A 38 -5.65 -5.37 -28.66
C THR A 38 -4.63 -4.47 -27.97
N THR A 39 -5.13 -3.49 -27.24
CA THR A 39 -4.28 -2.58 -26.49
C THR A 39 -5.08 -1.92 -25.36
N ALA A 40 -4.40 -1.60 -24.27
CA ALA A 40 -5.03 -0.93 -23.15
C ALA A 40 -4.59 0.52 -23.11
N LEU A 41 -5.49 1.42 -23.47
CA LEU A 41 -5.16 2.83 -23.57
C LEU A 41 -5.32 3.55 -22.24
N PRO A 42 -4.24 4.22 -21.81
CA PRO A 42 -4.27 5.11 -20.65
C PRO A 42 -5.13 6.33 -20.93
N GLY A 43 -5.11 6.75 -22.19
CA GLY A 43 -5.87 7.91 -22.62
C GLY A 43 -5.51 8.28 -24.04
N SER A 44 -6.51 8.61 -24.84
CA SER A 44 -6.28 8.95 -26.23
C SER A 44 -7.01 10.24 -26.57
N SER A 45 -6.26 11.26 -26.95
CA SER A 45 -6.84 12.55 -27.28
C SER A 45 -5.99 13.27 -28.32
N SER B 1 5.82 24.22 27.07
CA SER B 1 4.86 23.52 26.21
C SER B 1 5.57 22.39 25.45
N ASN B 2 4.88 21.27 25.30
CA ASN B 2 5.41 20.14 24.56
C ASN B 2 4.68 20.01 23.22
N ALA B 3 5.45 19.83 22.16
CA ALA B 3 4.87 19.64 20.83
C ALA B 3 4.26 18.25 20.70
N SER B 4 3.07 18.10 21.25
CA SER B 4 2.38 16.81 21.22
C SER B 4 1.58 16.66 19.94
N LEU B 5 2.30 16.51 18.83
CA LEU B 5 1.71 16.31 17.50
C LEU B 5 0.73 17.42 17.15
N GLN B 6 1.27 18.56 16.74
CA GLN B 6 0.46 19.67 16.30
C GLN B 6 0.58 19.82 14.79
N ASN B 7 1.27 18.88 14.18
CA ASN B 7 1.49 18.87 12.75
C ASN B 7 1.43 17.44 12.22
N ASN B 8 1.57 17.28 10.92
CA ASN B 8 1.54 15.95 10.32
C ASN B 8 2.94 15.54 9.90
N GLN B 9 3.06 14.29 9.44
CA GLN B 9 4.33 13.79 8.96
C GLN B 9 4.25 13.50 7.46
N PRO B 10 4.51 14.52 6.62
CA PRO B 10 4.45 14.39 5.16
C PRO B 10 5.66 13.61 4.64
N VAL B 11 6.70 13.54 5.46
CA VAL B 11 7.92 12.84 5.09
C VAL B 11 7.64 11.37 4.82
N GLU B 12 6.72 10.79 5.60
CA GLU B 12 6.38 9.38 5.46
C GLU B 12 5.77 9.13 4.09
N PHE B 13 4.85 9.99 3.68
CA PHE B 13 4.13 9.84 2.42
C PHE B 13 5.06 10.12 1.25
N ASN B 14 5.90 11.15 1.38
CA ASN B 14 6.84 11.50 0.33
C ASN B 14 7.89 10.41 0.17
N HIS B 15 8.30 9.81 1.28
CA HIS B 15 9.24 8.68 1.24
C HIS B 15 8.57 7.49 0.57
N ALA B 16 7.27 7.35 0.80
CA ALA B 16 6.48 6.31 0.16
C ALA B 16 6.42 6.53 -1.35
N ILE B 17 6.15 7.77 -1.74
CA ILE B 17 6.12 8.13 -3.16
C ILE B 17 7.46 7.83 -3.82
N ASN B 18 8.53 8.29 -3.18
CA ASN B 18 9.89 8.06 -3.68
C ASN B 18 10.20 6.57 -3.73
N TYR B 19 9.71 5.83 -2.75
CA TYR B 19 9.94 4.40 -2.70
C TYR B 19 9.22 3.69 -3.84
N VAL B 20 7.99 4.08 -4.09
CA VAL B 20 7.21 3.52 -5.20
C VAL B 20 7.91 3.80 -6.53
N ASN B 21 8.47 4.99 -6.66
CA ASN B 21 9.23 5.35 -7.85
C ASN B 21 10.56 4.63 -7.89
N LYS B 22 11.05 4.25 -6.72
CA LYS B 22 12.31 3.52 -6.61
C LYS B 22 12.13 2.09 -7.10
N ILE B 23 11.01 1.47 -6.73
CA ILE B 23 10.67 0.14 -7.25
C ILE B 23 10.41 0.23 -8.75
N LYS B 24 9.73 1.31 -9.13
CA LYS B 24 9.43 1.59 -10.53
C LYS B 24 10.72 1.66 -11.36
N ASN B 25 11.77 2.22 -10.76
CA ASN B 25 13.07 2.30 -11.42
C ASN B 25 13.81 0.97 -11.37
N ARG B 26 13.86 0.37 -10.18
CA ARG B 26 14.58 -0.88 -9.98
C ARG B 26 14.09 -1.96 -10.96
N PHE B 27 12.79 -1.98 -11.20
CA PHE B 27 12.20 -2.94 -12.12
C PHE B 27 11.48 -2.20 -13.25
N GLN B 28 12.14 -1.16 -13.78
CA GLN B 28 11.58 -0.34 -14.85
C GLN B 28 11.27 -1.17 -16.08
N GLY B 29 12.16 -2.09 -16.42
CA GLY B 29 11.95 -2.92 -17.59
C GLY B 29 11.27 -4.23 -17.25
N GLN B 30 10.70 -4.30 -16.05
CA GLN B 30 10.05 -5.52 -15.59
C GLN B 30 8.61 -5.24 -15.16
N PRO B 31 7.68 -5.18 -16.13
CA PRO B 31 6.28 -4.86 -15.86
C PRO B 31 5.59 -5.92 -15.02
N ASP B 32 5.80 -7.19 -15.36
CA ASP B 32 5.14 -8.29 -14.67
C ASP B 32 5.56 -8.37 -13.21
N ILE B 33 6.78 -7.94 -12.92
CA ILE B 33 7.28 -7.98 -11.55
C ILE B 33 6.62 -6.89 -10.71
N TYR B 34 6.59 -5.67 -11.23
CA TYR B 34 5.95 -4.57 -10.52
C TYR B 34 4.44 -4.80 -10.44
N LYS B 35 3.88 -5.39 -11.49
CA LYS B 35 2.47 -5.72 -11.53
C LYS B 35 2.14 -6.79 -10.49
N ALA B 36 3.08 -7.71 -10.28
CA ALA B 36 2.92 -8.72 -9.25
C ALA B 36 2.86 -8.07 -7.87
N PHE B 37 3.79 -7.15 -7.62
CA PHE B 37 3.80 -6.38 -6.38
C PHE B 37 2.50 -5.59 -6.24
N LEU B 38 2.05 -5.03 -7.36
CA LEU B 38 0.80 -4.29 -7.41
C LEU B 38 -0.35 -5.18 -6.96
N GLU B 39 -0.32 -6.44 -7.40
CA GLU B 39 -1.34 -7.41 -7.01
C GLU B 39 -1.15 -7.88 -5.58
N ILE B 40 0.10 -8.01 -5.13
CA ILE B 40 0.39 -8.38 -3.74
C ILE B 40 -0.30 -7.39 -2.80
N LEU B 41 -0.05 -6.11 -3.03
CA LEU B 41 -0.62 -5.04 -2.23
C LEU B 41 -2.14 -5.01 -2.39
N HIS B 42 -2.59 -5.25 -3.61
CA HIS B 42 -4.01 -5.27 -3.91
C HIS B 42 -4.71 -6.43 -3.19
N THR B 43 -4.04 -7.57 -3.10
CA THR B 43 -4.59 -8.74 -2.41
C THR B 43 -4.76 -8.43 -0.92
N TYR B 44 -3.74 -7.82 -0.33
CA TYR B 44 -3.83 -7.38 1.06
C TYR B 44 -5.01 -6.42 1.24
N GLN B 45 -5.09 -5.43 0.36
CA GLN B 45 -6.15 -4.45 0.42
C GLN B 45 -7.53 -5.11 0.27
N LYS B 46 -7.57 -6.20 -0.49
CA LYS B 46 -8.82 -6.88 -0.77
C LYS B 46 -9.26 -7.63 0.48
N GLU B 47 -8.29 -8.20 1.17
CA GLU B 47 -8.59 -8.93 2.40
C GLU B 47 -8.84 -7.98 3.56
N GLN B 48 -8.18 -6.82 3.55
CA GLN B 48 -8.45 -5.82 4.56
C GLN B 48 -9.85 -5.25 4.37
N ARG B 49 -10.28 -5.18 3.11
CA ARG B 49 -11.66 -4.83 2.79
C ARG B 49 -12.60 -5.89 3.36
N ASN B 50 -12.27 -7.16 3.08
CA ASN B 50 -13.04 -8.29 3.60
C ASN B 50 -13.17 -8.20 5.12
N ALA B 51 -12.07 -7.87 5.78
CA ALA B 51 -12.06 -7.75 7.24
C ALA B 51 -13.01 -6.66 7.70
N LYS B 52 -12.87 -5.48 7.12
CA LYS B 52 -13.70 -4.33 7.49
C LYS B 52 -15.17 -4.57 7.14
N GLU B 53 -15.39 -5.17 5.97
CA GLU B 53 -16.74 -5.46 5.49
C GLU B 53 -17.43 -6.46 6.40
N ALA B 54 -16.65 -7.37 6.97
CA ALA B 54 -17.19 -8.37 7.89
C ALA B 54 -17.36 -7.79 9.29
N GLY B 55 -16.88 -6.57 9.48
CA GLY B 55 -16.98 -5.92 10.77
C GLY B 55 -15.84 -6.30 11.69
N GLY B 56 -14.82 -6.94 11.12
CA GLY B 56 -13.70 -7.40 11.91
C GLY B 56 -13.75 -8.89 12.18
N ASN B 57 -12.66 -9.43 12.72
CA ASN B 57 -12.58 -10.83 13.12
C ASN B 57 -12.55 -11.75 11.90
N TYR B 58 -12.14 -11.20 10.78
CA TYR B 58 -12.07 -11.95 9.53
C TYR B 58 -10.80 -12.79 9.47
N THR B 59 -9.68 -12.18 9.82
CA THR B 59 -8.37 -12.84 9.78
C THR B 59 -7.96 -13.12 8.33
N PRO B 60 -7.28 -12.15 7.70
CA PRO B 60 -6.81 -12.27 6.32
C PRO B 60 -5.68 -13.27 6.17
N ALA B 61 -5.53 -13.82 4.98
CA ALA B 61 -4.43 -14.70 4.67
C ALA B 61 -3.14 -13.89 4.60
N LEU B 62 -3.22 -12.72 4.00
CA LEU B 62 -2.09 -11.81 3.93
C LEU B 62 -2.06 -10.87 5.13
N THR B 63 -1.28 -11.24 6.12
CA THR B 63 -0.95 -10.34 7.21
C THR B 63 0.23 -9.47 6.77
N GLU B 64 0.49 -8.37 7.48
CA GLU B 64 1.61 -7.49 7.13
C GLU B 64 2.91 -8.29 6.96
N GLN B 65 3.19 -9.19 7.89
CA GLN B 65 4.36 -10.06 7.80
C GLN B 65 4.29 -10.95 6.56
N GLU B 66 3.09 -11.47 6.29
CA GLU B 66 2.87 -12.36 5.15
C GLU B 66 3.19 -11.62 3.85
N VAL B 67 2.64 -10.42 3.73
CA VAL B 67 2.86 -9.59 2.55
C VAL B 67 4.35 -9.31 2.36
N TYR B 68 5.00 -8.90 3.44
CA TYR B 68 6.42 -8.59 3.40
C TYR B 68 7.22 -9.77 2.88
N ALA B 69 6.87 -10.97 3.34
CA ALA B 69 7.51 -12.19 2.90
C ALA B 69 7.38 -12.36 1.39
N GLN B 70 6.15 -12.22 0.89
CA GLN B 70 5.88 -12.36 -0.54
C GLN B 70 6.63 -11.31 -1.34
N VAL B 71 6.65 -10.08 -0.83
CA VAL B 71 7.39 -8.99 -1.47
C VAL B 71 8.87 -9.36 -1.59
N ALA B 72 9.43 -9.87 -0.51
CA ALA B 72 10.84 -10.27 -0.49
C ALA B 72 11.10 -11.40 -1.48
N ARG B 73 10.15 -12.32 -1.57
CA ARG B 73 10.26 -13.44 -2.51
C ARG B 73 10.25 -12.95 -3.95
N LEU B 74 9.47 -11.92 -4.21
CA LEU B 74 9.33 -11.37 -5.55
C LEU B 74 10.58 -10.58 -5.95
N PHE B 75 11.03 -9.70 -5.07
CA PHE B 75 12.18 -8.85 -5.37
C PHE B 75 13.50 -9.57 -5.11
N LYS B 76 13.38 -10.86 -4.78
CA LYS B 76 14.53 -11.75 -4.61
C LYS B 76 15.41 -11.34 -3.42
N ASN B 77 16.28 -10.37 -3.63
CA ASN B 77 17.23 -9.97 -2.60
C ASN B 77 17.52 -8.47 -2.64
N GLN B 78 16.58 -7.70 -3.17
CA GLN B 78 16.70 -6.24 -3.17
C GLN B 78 16.61 -5.73 -1.73
N GLU B 79 17.75 -5.75 -1.03
CA GLU B 79 17.76 -5.54 0.40
C GLU B 79 17.46 -4.09 0.77
N ASP B 80 18.02 -3.14 0.03
CA ASP B 80 17.76 -1.72 0.30
C ASP B 80 16.27 -1.45 0.13
N LEU B 81 15.70 -2.03 -0.91
CA LEU B 81 14.28 -1.90 -1.21
C LEU B 81 13.45 -2.50 -0.07
N LEU B 82 13.81 -3.71 0.35
CA LEU B 82 13.10 -4.41 1.42
C LEU B 82 13.30 -3.71 2.78
N SER B 83 14.45 -3.06 2.96
CA SER B 83 14.74 -2.37 4.21
C SER B 83 13.84 -1.15 4.38
N GLU B 84 13.74 -0.34 3.34
CA GLU B 84 12.86 0.83 3.39
C GLU B 84 11.41 0.39 3.46
N PHE B 85 11.10 -0.75 2.83
CA PHE B 85 9.76 -1.31 2.88
C PHE B 85 9.43 -1.78 4.29
N GLY B 86 10.46 -2.24 5.00
CA GLY B 86 10.29 -2.70 6.36
C GLY B 86 9.88 -1.56 7.29
N GLN B 87 10.21 -0.34 6.91
CA GLN B 87 9.85 0.82 7.71
C GLN B 87 8.40 1.24 7.45
N PHE B 88 7.77 0.58 6.48
CA PHE B 88 6.36 0.82 6.21
C PHE B 88 5.49 -0.15 7.00
N LEU B 89 6.09 -1.23 7.48
CA LEU B 89 5.37 -2.18 8.31
C LEU B 89 6.14 -2.53 9.59
N PRO B 90 6.45 -1.52 10.43
CA PRO B 90 7.11 -1.75 11.71
C PRO B 90 6.10 -2.18 12.77
N ASP B 91 6.59 -2.72 13.87
CA ASP B 91 5.71 -3.17 14.93
C ASP B 91 5.34 -2.00 15.83
N ALA B 92 6.27 -1.04 15.93
CA ALA B 92 6.06 0.20 16.69
C ALA B 92 6.02 -0.05 18.21
N ASN B 93 6.21 -1.31 18.59
CA ASN B 93 6.26 -1.68 20.00
C ASN B 93 7.57 -2.38 20.31
N SER B 94 8.36 -1.77 21.17
CA SER B 94 9.65 -2.32 21.51
C SER B 94 9.60 -3.00 22.88
N SER A 1 20.53 15.76 17.74
CA SER A 1 20.05 16.02 19.12
C SER A 1 18.93 17.04 19.08
N ASN A 2 17.71 16.57 19.26
CA ASN A 2 16.55 17.44 19.21
C ASN A 2 15.59 17.16 20.36
N ALA A 3 15.56 15.88 20.78
CA ALA A 3 14.72 15.46 21.90
C ALA A 3 13.26 15.79 21.66
N ASP A 4 12.75 15.37 20.50
CA ASP A 4 11.34 15.57 20.19
C ASP A 4 10.50 14.52 20.88
N TYR A 5 9.40 14.93 21.48
CA TYR A 5 8.48 14.01 22.12
C TYR A 5 7.72 13.22 21.05
N VAL A 6 8.22 12.04 20.74
CA VAL A 6 7.68 11.26 19.63
C VAL A 6 6.41 10.54 20.02
N GLN A 7 5.29 11.14 19.65
CA GLN A 7 3.99 10.51 19.79
C GLN A 7 3.20 10.75 18.52
N PRO A 8 3.01 9.71 17.70
CA PRO A 8 2.31 9.83 16.42
C PRO A 8 0.80 9.97 16.59
N GLN A 9 0.21 10.76 15.72
CA GLN A 9 -1.24 10.97 15.72
C GLN A 9 -1.80 10.42 14.41
N LEU A 10 -1.01 9.56 13.79
CA LEU A 10 -1.33 9.01 12.50
C LEU A 10 -0.60 7.68 12.34
N ARG A 11 -1.34 6.61 12.49
CA ARG A 11 -0.78 5.28 12.30
C ARG A 11 -1.41 4.61 11.08
N ARG A 12 -0.94 5.00 9.91
CA ARG A 12 -1.38 4.38 8.67
C ARG A 12 -0.19 3.92 7.86
N PRO A 13 0.50 2.86 8.32
CA PRO A 13 1.74 2.39 7.71
C PRO A 13 1.52 1.81 6.33
N PHE A 14 0.78 0.70 6.27
CA PHE A 14 0.50 0.06 5.01
C PHE A 14 -0.51 0.88 4.22
N GLU A 15 -1.33 1.64 4.94
CA GLU A 15 -2.30 2.53 4.30
C GLU A 15 -1.58 3.57 3.44
N LEU A 16 -0.47 4.09 3.95
CA LEU A 16 0.34 5.05 3.21
C LEU A 16 0.97 4.40 1.99
N LEU A 17 1.26 3.11 2.09
CA LEU A 17 1.82 2.38 0.97
C LEU A 17 0.77 2.22 -0.12
N ILE A 18 -0.44 1.87 0.28
CA ILE A 18 -1.55 1.74 -0.66
C ILE A 18 -1.85 3.07 -1.33
N ALA A 19 -1.88 4.13 -0.53
CA ALA A 19 -2.13 5.49 -1.04
C ALA A 19 -1.02 5.90 -2.01
N ALA A 20 0.22 5.61 -1.65
CA ALA A 20 1.36 5.91 -2.50
C ALA A 20 1.27 5.19 -3.83
N ALA A 21 0.85 3.94 -3.78
CA ALA A 21 0.66 3.13 -4.97
C ALA A 21 -0.35 3.76 -5.92
N MET A 22 -1.51 4.10 -5.39
CA MET A 22 -2.57 4.69 -6.19
C MET A 22 -2.17 6.05 -6.75
N GLU A 23 -1.34 6.77 -6.01
CA GLU A 23 -0.85 8.06 -6.46
C GLU A 23 0.08 7.88 -7.68
N ARG A 24 1.07 7.02 -7.54
CA ARG A 24 2.04 6.80 -8.63
C ARG A 24 1.63 5.68 -9.57
N ASN A 25 0.33 5.43 -9.67
CA ASN A 25 -0.20 4.47 -10.62
C ASN A 25 -1.53 4.96 -11.18
N PRO A 26 -1.90 4.50 -12.39
CA PRO A 26 -3.22 4.76 -12.95
C PRO A 26 -4.35 4.05 -12.20
N THR A 27 -3.98 3.44 -11.05
CA THR A 27 -4.89 2.65 -10.20
C THR A 27 -5.78 1.70 -11.02
N GLN A 28 -5.35 0.44 -11.11
CA GLN A 28 -5.94 -0.53 -12.04
C GLN A 28 -7.30 -1.05 -11.56
N PHE A 29 -7.88 -0.38 -10.58
CA PHE A 29 -9.18 -0.78 -10.06
C PHE A 29 -10.27 -0.12 -10.88
N GLN A 30 -10.20 1.20 -10.93
CA GLN A 30 -11.13 2.00 -11.71
C GLN A 30 -10.37 3.11 -12.40
N LEU A 31 -10.30 3.05 -13.71
CA LEU A 31 -9.57 4.03 -14.49
C LEU A 31 -10.52 5.03 -15.12
N PRO A 32 -10.66 6.22 -14.53
CA PRO A 32 -11.49 7.29 -15.08
C PRO A 32 -10.90 7.84 -16.37
N ASN A 33 -11.28 7.22 -17.48
CA ASN A 33 -10.78 7.61 -18.80
C ASN A 33 -11.96 7.74 -19.76
N GLU A 34 -11.68 7.97 -21.04
CA GLU A 34 -12.75 8.16 -22.03
C GLU A 34 -13.57 6.90 -22.21
N LEU A 35 -12.95 5.75 -21.94
CA LEU A 35 -13.59 4.45 -22.14
C LEU A 35 -14.89 4.33 -21.35
N THR A 36 -14.99 5.04 -20.24
CA THR A 36 -16.17 4.97 -19.38
C THR A 36 -16.98 6.26 -19.46
N CYS A 37 -16.64 7.12 -20.40
CA CYS A 37 -17.32 8.40 -20.56
C CYS A 37 -18.00 8.48 -21.92
N THR A 38 -17.50 7.71 -22.87
CA THR A 38 -18.04 7.73 -24.22
C THR A 38 -19.38 7.01 -24.30
N THR A 39 -19.60 6.06 -23.40
CA THR A 39 -20.83 5.29 -23.38
C THR A 39 -21.99 6.12 -22.85
N ALA A 40 -22.66 6.83 -23.76
CA ALA A 40 -23.79 7.67 -23.40
C ALA A 40 -24.58 8.09 -24.64
N LEU A 41 -25.86 7.78 -24.65
CA LEU A 41 -26.74 8.22 -25.72
C LEU A 41 -27.61 9.37 -25.22
N PRO A 42 -27.76 10.41 -26.05
CA PRO A 42 -28.53 11.60 -25.70
C PRO A 42 -30.00 11.28 -25.40
N GLY A 43 -30.67 10.64 -26.34
CA GLY A 43 -32.06 10.31 -26.17
C GLY A 43 -32.88 10.60 -27.40
N SER A 44 -34.04 11.18 -27.23
CA SER A 44 -34.93 11.50 -28.34
C SER A 44 -35.83 12.68 -28.00
N SER A 45 -36.10 13.52 -28.99
CA SER A 45 -36.99 14.66 -28.78
C SER A 45 -38.06 14.68 -29.87
N SER B 1 -7.18 16.10 -3.03
CA SER B 1 -5.70 15.99 -2.92
C SER B 1 -5.32 15.26 -1.65
N ASN B 2 -4.02 15.17 -1.37
CA ASN B 2 -3.53 14.34 -0.27
C ASN B 2 -3.60 15.04 1.07
N ALA B 3 -2.80 16.11 1.21
CA ALA B 3 -2.60 16.79 2.49
C ALA B 3 -1.86 15.89 3.47
N SER B 4 -1.45 16.44 4.60
CA SER B 4 -0.73 15.69 5.62
C SER B 4 -0.74 16.47 6.94
N LEU B 5 0.12 16.07 7.87
CA LEU B 5 0.27 16.81 9.12
C LEU B 5 1.29 17.93 8.98
N GLN B 6 1.48 18.37 7.74
CA GLN B 6 2.31 19.53 7.41
C GLN B 6 3.78 19.30 7.75
N ASN B 7 4.17 19.58 9.00
CA ASN B 7 5.58 19.47 9.39
C ASN B 7 5.77 18.52 10.56
N ASN B 8 4.77 17.71 10.85
CA ASN B 8 4.92 16.69 11.88
C ASN B 8 5.65 15.48 11.32
N GLN B 9 4.94 14.65 10.55
CA GLN B 9 5.55 13.48 9.91
C GLN B 9 5.20 13.46 8.43
N PRO B 10 5.87 14.32 7.63
CA PRO B 10 5.60 14.44 6.20
C PRO B 10 6.57 13.64 5.31
N VAL B 11 7.70 13.24 5.87
CA VAL B 11 8.76 12.64 5.07
C VAL B 11 8.44 11.20 4.68
N GLU B 12 7.72 10.50 5.54
CA GLU B 12 7.36 9.12 5.27
C GLU B 12 6.52 9.01 4.00
N PHE B 13 5.52 9.86 3.86
CA PHE B 13 4.63 9.82 2.71
C PHE B 13 5.39 10.20 1.45
N ASN B 14 6.20 11.25 1.54
CA ASN B 14 7.01 11.68 0.41
C ASN B 14 7.97 10.58 -0.02
N HIS B 15 8.66 9.98 0.96
CA HIS B 15 9.63 8.94 0.67
C HIS B 15 8.94 7.69 0.14
N ALA B 16 7.68 7.51 0.52
CA ALA B 16 6.90 6.39 0.04
C ALA B 16 6.57 6.57 -1.45
N ILE B 17 6.20 7.79 -1.82
CA ILE B 17 5.91 8.10 -3.22
C ILE B 17 7.15 7.85 -4.07
N ASN B 18 8.27 8.40 -3.62
CA ASN B 18 9.55 8.23 -4.31
C ASN B 18 9.99 6.78 -4.29
N TYR B 19 9.59 6.06 -3.24
CA TYR B 19 9.89 4.64 -3.12
C TYR B 19 9.15 3.84 -4.18
N VAL B 20 7.89 4.17 -4.40
CA VAL B 20 7.10 3.53 -5.44
C VAL B 20 7.76 3.74 -6.80
N ASN B 21 8.18 4.99 -7.05
CA ASN B 21 8.92 5.33 -8.24
C ASN B 21 10.23 4.53 -8.32
N LYS B 22 10.88 4.37 -7.18
CA LYS B 22 12.12 3.62 -7.09
C LYS B 22 11.90 2.15 -7.47
N ILE B 23 10.78 1.58 -7.05
CA ILE B 23 10.45 0.20 -7.41
C ILE B 23 10.29 0.07 -8.92
N LYS B 24 9.59 1.04 -9.51
CA LYS B 24 9.39 1.04 -10.96
C LYS B 24 10.71 1.30 -11.68
N ASN B 25 11.57 2.09 -11.07
CA ASN B 25 12.91 2.34 -11.61
C ASN B 25 13.73 1.06 -11.56
N ARG B 26 13.62 0.34 -10.45
CA ARG B 26 14.33 -0.92 -10.25
C ARG B 26 13.88 -1.96 -11.29
N PHE B 27 12.58 -2.05 -11.51
CA PHE B 27 12.04 -3.01 -12.46
C PHE B 27 11.27 -2.31 -13.58
N GLN B 28 11.95 -1.46 -14.33
CA GLN B 28 11.34 -0.77 -15.45
C GLN B 28 11.33 -1.67 -16.68
N GLY B 29 12.44 -2.36 -16.90
CA GLY B 29 12.53 -3.29 -18.00
C GLY B 29 11.67 -4.52 -17.76
N GLN B 30 11.40 -4.82 -16.50
CA GLN B 30 10.56 -5.94 -16.14
C GLN B 30 9.33 -5.44 -15.37
N PRO B 31 8.32 -4.92 -16.08
CA PRO B 31 7.17 -4.26 -15.46
C PRO B 31 6.25 -5.22 -14.73
N ASP B 32 6.23 -6.48 -15.15
CA ASP B 32 5.32 -7.45 -14.56
C ASP B 32 5.75 -7.84 -13.16
N ILE B 33 6.99 -7.53 -12.80
CA ILE B 33 7.47 -7.74 -11.45
C ILE B 33 6.70 -6.82 -10.49
N TYR B 34 6.55 -5.57 -10.90
CA TYR B 34 5.80 -4.60 -10.12
C TYR B 34 4.31 -4.96 -10.16
N LYS B 35 3.88 -5.51 -11.28
CA LYS B 35 2.50 -5.96 -11.42
C LYS B 35 2.20 -7.12 -10.46
N ALA B 36 3.19 -7.98 -10.26
CA ALA B 36 3.07 -9.05 -9.28
C ALA B 36 2.93 -8.46 -7.88
N PHE B 37 3.75 -7.47 -7.57
CA PHE B 37 3.68 -6.75 -6.31
C PHE B 37 2.32 -6.06 -6.17
N LEU B 38 1.85 -5.48 -7.27
CA LEU B 38 0.56 -4.81 -7.29
C LEU B 38 -0.57 -5.80 -7.02
N GLU B 39 -0.41 -7.04 -7.47
CA GLU B 39 -1.38 -8.09 -7.21
C GLU B 39 -1.36 -8.49 -5.75
N ILE B 40 -0.18 -8.48 -5.14
CA ILE B 40 -0.05 -8.74 -3.71
C ILE B 40 -0.78 -7.64 -2.93
N LEU B 41 -0.53 -6.39 -3.31
CA LEU B 41 -1.22 -5.25 -2.73
C LEU B 41 -2.73 -5.36 -2.97
N HIS B 42 -3.08 -5.73 -4.20
CA HIS B 42 -4.47 -5.94 -4.59
C HIS B 42 -5.13 -6.97 -3.67
N THR B 43 -4.40 -8.05 -3.40
CA THR B 43 -4.90 -9.09 -2.51
C THR B 43 -5.02 -8.56 -1.08
N TYR B 44 -4.00 -7.86 -0.60
CA TYR B 44 -4.00 -7.30 0.74
C TYR B 44 -5.19 -6.37 0.95
N GLN B 45 -5.38 -5.45 0.00
CA GLN B 45 -6.48 -4.50 0.06
C GLN B 45 -7.82 -5.25 0.10
N LYS B 46 -7.94 -6.28 -0.72
CA LYS B 46 -9.15 -7.08 -0.76
C LYS B 46 -9.38 -7.77 0.58
N GLU B 47 -8.33 -8.40 1.10
CA GLU B 47 -8.42 -9.11 2.38
C GLU B 47 -8.78 -8.14 3.51
N GLN B 48 -8.10 -7.01 3.55
CA GLN B 48 -8.34 -6.00 4.56
C GLN B 48 -9.76 -5.49 4.50
N ARG B 49 -10.21 -5.11 3.31
CA ARG B 49 -11.55 -4.56 3.14
C ARG B 49 -12.60 -5.63 3.39
N ASN B 50 -12.36 -6.85 2.92
CA ASN B 50 -13.33 -7.93 3.08
C ASN B 50 -13.44 -8.31 4.56
N ALA B 51 -12.33 -8.23 5.28
CA ALA B 51 -12.33 -8.48 6.72
C ALA B 51 -13.17 -7.43 7.43
N LYS B 52 -13.09 -6.20 6.96
CA LYS B 52 -13.92 -5.13 7.50
C LYS B 52 -15.36 -5.26 7.03
N GLU B 53 -15.51 -5.66 5.77
CA GLU B 53 -16.81 -5.79 5.11
C GLU B 53 -17.70 -6.78 5.87
N ALA B 54 -17.12 -7.93 6.21
CA ALA B 54 -17.85 -8.97 6.90
C ALA B 54 -17.98 -8.66 8.39
N GLY B 55 -17.38 -7.54 8.80
CA GLY B 55 -17.46 -7.13 10.17
C GLY B 55 -16.15 -7.32 10.90
N GLY B 56 -15.62 -8.53 10.81
CA GLY B 56 -14.39 -8.85 11.50
C GLY B 56 -14.15 -10.34 11.62
N ASN B 57 -15.22 -11.13 11.48
CA ASN B 57 -15.12 -12.59 11.58
C ASN B 57 -14.16 -13.16 10.55
N TYR B 58 -14.12 -12.54 9.39
CA TYR B 58 -13.27 -13.01 8.29
C TYR B 58 -11.79 -12.89 8.64
N THR B 59 -11.40 -11.74 9.20
CA THR B 59 -10.00 -11.38 9.48
C THR B 59 -9.11 -11.44 8.22
N PRO B 60 -8.16 -10.51 8.10
CA PRO B 60 -7.26 -10.45 6.95
C PRO B 60 -6.32 -11.65 6.92
N ALA B 61 -6.54 -12.57 5.98
CA ALA B 61 -5.71 -13.75 5.82
C ALA B 61 -4.32 -13.34 5.35
N LEU B 62 -4.25 -12.25 4.62
CA LEU B 62 -2.99 -11.71 4.17
C LEU B 62 -2.63 -10.50 5.03
N THR B 63 -1.89 -10.75 6.11
CA THR B 63 -1.50 -9.70 7.03
C THR B 63 -0.21 -9.01 6.57
N GLU B 64 0.13 -7.90 7.22
CA GLU B 64 1.33 -7.14 6.85
C GLU B 64 2.58 -7.99 7.02
N GLN B 65 2.59 -8.82 8.07
CA GLN B 65 3.69 -9.74 8.30
C GLN B 65 3.80 -10.74 7.14
N GLU B 66 2.66 -11.28 6.74
CA GLU B 66 2.61 -12.23 5.63
C GLU B 66 3.09 -11.57 4.34
N VAL B 67 2.59 -10.37 4.07
CA VAL B 67 2.99 -9.63 2.88
C VAL B 67 4.49 -9.35 2.90
N TYR B 68 5.01 -8.95 4.05
CA TYR B 68 6.42 -8.61 4.18
C TYR B 68 7.30 -9.82 3.88
N ALA B 69 6.87 -10.99 4.34
CA ALA B 69 7.60 -12.22 4.06
C ALA B 69 7.62 -12.52 2.57
N GLN B 70 6.46 -12.42 1.94
CA GLN B 70 6.32 -12.72 0.52
C GLN B 70 7.07 -11.70 -0.34
N VAL B 71 6.98 -10.43 0.01
CA VAL B 71 7.67 -9.39 -0.74
C VAL B 71 9.18 -9.53 -0.58
N ALA B 72 9.61 -10.02 0.59
CA ALA B 72 11.02 -10.23 0.87
C ALA B 72 11.62 -11.31 -0.01
N ARG B 73 10.90 -12.44 -0.14
CA ARG B 73 11.36 -13.54 -0.99
C ARG B 73 11.17 -13.22 -2.47
N LEU B 74 10.24 -12.33 -2.77
CA LEU B 74 9.98 -11.94 -4.17
C LEU B 74 11.03 -10.94 -4.65
N PHE B 75 11.19 -9.85 -3.90
CA PHE B 75 12.10 -8.78 -4.29
C PHE B 75 13.51 -9.05 -3.76
N LYS B 76 13.97 -10.28 -3.96
CA LYS B 76 15.29 -10.70 -3.52
C LYS B 76 16.39 -10.14 -4.43
N ASN B 77 15.99 -9.26 -5.35
CA ASN B 77 16.91 -8.71 -6.34
C ASN B 77 17.58 -7.44 -5.86
N GLN B 78 17.03 -6.82 -4.82
CA GLN B 78 17.56 -5.56 -4.31
C GLN B 78 17.42 -5.49 -2.80
N GLU B 79 18.54 -5.60 -2.10
CA GLU B 79 18.55 -5.61 -0.65
C GLU B 79 18.06 -4.28 -0.07
N ASP B 80 18.64 -3.19 -0.54
CA ASP B 80 18.33 -1.86 0.01
C ASP B 80 16.88 -1.49 -0.26
N LEU B 81 16.33 -1.97 -1.37
CA LEU B 81 14.92 -1.76 -1.69
C LEU B 81 14.07 -2.33 -0.56
N LEU B 82 14.33 -3.59 -0.23
CA LEU B 82 13.59 -4.27 0.82
C LEU B 82 13.87 -3.66 2.19
N SER B 83 15.11 -3.21 2.41
CA SER B 83 15.48 -2.62 3.68
C SER B 83 14.74 -1.32 3.93
N GLU B 84 14.34 -0.63 2.87
CA GLU B 84 13.51 0.55 3.01
C GLU B 84 12.07 0.14 3.27
N PHE B 85 11.61 -0.87 2.53
CA PHE B 85 10.25 -1.39 2.67
C PHE B 85 9.99 -1.80 4.13
N GLY B 86 10.96 -2.49 4.71
CA GLY B 86 10.81 -2.96 6.09
C GLY B 86 10.68 -1.82 7.09
N GLN B 87 11.22 -0.65 6.75
CA GLN B 87 11.19 0.48 7.67
C GLN B 87 9.91 1.27 7.52
N PHE B 88 9.03 0.82 6.63
CA PHE B 88 7.69 1.39 6.56
C PHE B 88 6.80 0.70 7.58
N LEU B 89 7.34 -0.34 8.20
CA LEU B 89 6.69 -1.03 9.31
C LEU B 89 7.61 -1.05 10.53
N PRO B 90 7.93 0.12 11.11
CA PRO B 90 8.89 0.24 12.22
C PRO B 90 8.32 -0.34 13.51
N ASP B 91 9.12 -1.21 14.16
CA ASP B 91 8.76 -1.84 15.42
C ASP B 91 7.68 -2.91 15.24
N ALA B 92 7.13 -3.01 14.03
CA ALA B 92 6.27 -4.12 13.69
C ALA B 92 7.10 -5.38 13.62
N ASN B 93 8.31 -5.20 13.09
CA ASN B 93 9.33 -6.23 13.14
C ASN B 93 10.44 -5.75 14.06
N SER B 94 10.47 -6.31 15.26
CA SER B 94 11.39 -5.86 16.29
C SER B 94 12.36 -6.97 16.64
N SER A 1 -9.77 27.29 11.81
CA SER A 1 -10.15 26.71 10.49
C SER A 1 -9.12 27.07 9.43
N ASN A 2 -8.63 26.05 8.72
CA ASN A 2 -7.74 26.21 7.55
C ASN A 2 -6.34 26.66 7.96
N ALA A 3 -6.16 27.07 9.20
CA ALA A 3 -4.85 27.43 9.70
C ALA A 3 -4.05 26.17 9.98
N ASP A 4 -4.67 25.25 10.70
CA ASP A 4 -4.07 23.96 10.99
C ASP A 4 -5.12 22.86 10.91
N TYR A 5 -4.91 21.92 10.00
CA TYR A 5 -5.84 20.81 9.82
C TYR A 5 -5.05 19.52 9.74
N VAL A 6 -4.80 18.93 10.89
CA VAL A 6 -4.00 17.72 10.97
C VAL A 6 -4.86 16.47 10.86
N GLN A 7 -5.16 16.10 9.62
CA GLN A 7 -5.88 14.86 9.32
C GLN A 7 -5.47 14.35 7.94
N PRO A 8 -4.23 13.85 7.83
CA PRO A 8 -3.69 13.35 6.57
C PRO A 8 -3.87 11.84 6.43
N GLN A 9 -3.40 11.31 5.31
CA GLN A 9 -3.48 9.87 5.05
C GLN A 9 -2.26 9.18 5.63
N LEU A 10 -2.00 9.46 6.89
CA LEU A 10 -0.85 8.89 7.59
C LEU A 10 -1.27 7.62 8.33
N ARG A 11 -1.37 7.71 9.66
CA ARG A 11 -1.86 6.61 10.51
C ARG A 11 -0.96 5.39 10.44
N ARG A 12 -1.15 4.59 9.42
CA ARG A 12 -0.37 3.37 9.22
C ARG A 12 0.48 3.49 7.98
N PRO A 13 1.78 3.14 8.08
CA PRO A 13 2.69 3.15 6.94
C PRO A 13 2.20 2.28 5.79
N PHE A 14 1.51 1.20 6.12
CA PHE A 14 0.93 0.32 5.11
C PHE A 14 -0.25 1.01 4.42
N GLU A 15 -1.01 1.78 5.18
CA GLU A 15 -2.18 2.48 4.66
C GLU A 15 -1.75 3.55 3.66
N LEU A 16 -0.78 4.37 4.06
CA LEU A 16 -0.27 5.42 3.20
C LEU A 16 0.49 4.85 2.00
N LEU A 17 1.01 3.63 2.15
CA LEU A 17 1.69 2.95 1.06
C LEU A 17 0.67 2.62 -0.03
N ILE A 18 -0.44 2.02 0.37
CA ILE A 18 -1.50 1.66 -0.55
C ILE A 18 -2.05 2.91 -1.24
N ALA A 19 -2.30 3.95 -0.44
CA ALA A 19 -2.77 5.22 -0.97
C ALA A 19 -1.78 5.78 -1.99
N ALA A 20 -0.49 5.72 -1.64
CA ALA A 20 0.58 6.17 -2.53
C ALA A 20 0.58 5.38 -3.83
N ALA A 21 0.43 4.07 -3.73
CA ALA A 21 0.42 3.21 -4.91
C ALA A 21 -0.68 3.63 -5.90
N MET A 22 -1.91 3.77 -5.40
CA MET A 22 -3.04 4.15 -6.24
C MET A 22 -2.86 5.55 -6.83
N GLU A 23 -2.21 6.43 -6.09
CA GLU A 23 -1.97 7.80 -6.56
C GLU A 23 -0.84 7.85 -7.59
N ARG A 24 0.08 6.89 -7.52
CA ARG A 24 1.26 6.90 -8.39
C ARG A 24 1.16 5.80 -9.46
N ASN A 25 -0.04 5.27 -9.65
CA ASN A 25 -0.27 4.26 -10.67
C ASN A 25 -1.66 4.43 -11.25
N PRO A 26 -1.90 3.93 -12.47
CA PRO A 26 -3.24 3.88 -13.03
C PRO A 26 -4.11 2.92 -12.24
N THR A 27 -4.93 3.49 -11.38
CA THR A 27 -5.73 2.71 -10.47
C THR A 27 -6.95 2.13 -11.20
N GLN A 28 -6.81 0.87 -11.55
CA GLN A 28 -7.89 0.10 -12.16
C GLN A 28 -8.93 -0.31 -11.11
N PHE A 29 -8.69 0.12 -9.87
CA PHE A 29 -9.55 -0.25 -8.75
C PHE A 29 -10.47 0.90 -8.41
N GLN A 30 -11.04 1.51 -9.43
CA GLN A 30 -11.92 2.66 -9.26
C GLN A 30 -13.23 2.25 -8.62
N LEU A 31 -13.27 2.32 -7.31
CA LEU A 31 -14.48 2.06 -6.56
C LEU A 31 -15.25 3.36 -6.29
N PRO A 32 -14.58 4.44 -5.81
CA PRO A 32 -15.21 5.75 -5.66
C PRO A 32 -15.25 6.49 -7.00
N ASN A 33 -16.45 6.71 -7.50
CA ASN A 33 -16.65 7.40 -8.78
C ASN A 33 -16.27 8.88 -8.66
N GLU A 34 -17.06 9.62 -7.90
CA GLU A 34 -16.82 11.05 -7.72
C GLU A 34 -17.22 11.45 -6.30
N LEU A 35 -16.36 12.25 -5.66
CA LEU A 35 -16.60 12.75 -4.30
C LEU A 35 -16.66 11.62 -3.28
N THR A 36 -16.37 10.40 -3.73
CA THR A 36 -16.51 9.20 -2.93
C THR A 36 -17.99 8.93 -2.61
N CYS A 37 -18.55 9.74 -1.73
CA CYS A 37 -19.96 9.65 -1.38
C CYS A 37 -20.54 11.06 -1.25
N THR A 38 -20.02 11.83 -0.32
CA THR A 38 -20.47 13.21 -0.12
C THR A 38 -19.28 14.17 -0.01
N THR A 39 -18.41 14.11 -1.02
CA THR A 39 -17.26 15.02 -1.12
C THR A 39 -16.14 14.64 -0.15
N ALA A 40 -16.47 13.81 0.84
CA ALA A 40 -15.51 13.33 1.85
C ALA A 40 -15.07 14.47 2.76
N LEU A 41 -15.82 15.56 2.73
CA LEU A 41 -15.55 16.70 3.57
C LEU A 41 -16.83 17.07 4.32
N PRO A 42 -16.81 16.99 5.66
CA PRO A 42 -17.98 17.28 6.50
C PRO A 42 -18.36 18.75 6.51
N GLY A 43 -18.80 19.25 5.35
CA GLY A 43 -19.27 20.61 5.26
C GLY A 43 -20.73 20.71 5.63
N SER A 44 -21.57 20.03 4.88
CA SER A 44 -22.99 19.97 5.17
C SER A 44 -23.42 18.52 5.34
N SER A 45 -22.94 17.66 4.44
CA SER A 45 -23.24 16.24 4.49
C SER A 45 -22.09 15.46 3.85
N SER B 1 1.69 9.11 27.72
CA SER B 1 2.36 10.42 27.64
C SER B 1 3.84 10.27 27.95
N ASN B 2 4.67 10.62 26.99
CA ASN B 2 6.12 10.52 27.17
C ASN B 2 6.83 11.66 26.46
N ALA B 3 6.95 11.56 25.15
CA ALA B 3 7.58 12.60 24.35
C ALA B 3 6.55 13.66 23.98
N SER B 4 5.29 13.22 23.87
CA SER B 4 4.19 14.09 23.50
C SER B 4 4.50 14.82 22.18
N LEU B 5 4.51 14.06 21.09
CA LEU B 5 4.89 14.60 19.80
C LEU B 5 3.79 14.39 18.77
N GLN B 6 2.97 13.35 18.99
CA GLN B 6 1.90 12.99 18.06
C GLN B 6 2.53 12.50 16.74
N ASN B 7 1.74 12.41 15.68
CA ASN B 7 2.27 12.02 14.39
C ASN B 7 2.35 13.23 13.47
N ASN B 8 1.34 13.40 12.62
CA ASN B 8 1.21 14.55 11.74
C ASN B 8 2.42 14.71 10.84
N GLN B 9 3.04 13.59 10.48
CA GLN B 9 4.21 13.61 9.61
C GLN B 9 3.84 13.18 8.19
N PRO B 10 3.60 14.15 7.29
CA PRO B 10 3.27 13.85 5.89
C PRO B 10 4.49 13.42 5.10
N VAL B 11 5.64 13.54 5.72
CA VAL B 11 6.90 13.17 5.09
C VAL B 11 7.01 11.65 4.93
N GLU B 12 6.26 10.91 5.75
CA GLU B 12 6.24 9.46 5.64
C GLU B 12 5.44 9.06 4.41
N PHE B 13 4.40 9.84 4.11
CA PHE B 13 3.60 9.63 2.92
C PHE B 13 4.42 9.96 1.68
N ASN B 14 5.20 11.04 1.77
CA ASN B 14 6.12 11.40 0.69
C ASN B 14 7.17 10.29 0.52
N HIS B 15 7.60 9.73 1.65
CA HIS B 15 8.52 8.61 1.65
C HIS B 15 7.90 7.41 0.91
N ALA B 16 6.59 7.25 1.04
CA ALA B 16 5.87 6.20 0.32
C ALA B 16 5.85 6.49 -1.18
N ILE B 17 5.56 7.75 -1.53
CA ILE B 17 5.60 8.18 -2.92
C ILE B 17 6.98 7.91 -3.51
N ASN B 18 7.99 8.32 -2.76
CA ASN B 18 9.39 8.07 -3.14
C ASN B 18 9.67 6.59 -3.30
N TYR B 19 9.06 5.77 -2.45
CA TYR B 19 9.31 4.34 -2.48
C TYR B 19 8.67 3.68 -3.71
N VAL B 20 7.43 4.05 -4.01
CA VAL B 20 6.75 3.52 -5.19
C VAL B 20 7.55 3.86 -6.45
N ASN B 21 8.01 5.11 -6.52
CA ASN B 21 8.88 5.56 -7.59
C ASN B 21 10.15 4.73 -7.60
N LYS B 22 10.69 4.49 -6.41
CA LYS B 22 11.89 3.69 -6.22
C LYS B 22 11.71 2.28 -6.78
N ILE B 23 10.55 1.69 -6.51
CA ILE B 23 10.25 0.34 -6.99
C ILE B 23 10.28 0.28 -8.51
N LYS B 24 9.57 1.21 -9.15
CA LYS B 24 9.50 1.24 -10.62
C LYS B 24 10.88 1.41 -11.24
N ASN B 25 11.71 2.26 -10.65
CA ASN B 25 13.05 2.51 -11.18
C ASN B 25 14.02 1.40 -10.79
N ARG B 26 13.71 0.67 -9.74
CA ARG B 26 14.59 -0.40 -9.25
C ARG B 26 14.60 -1.57 -10.23
N PHE B 27 13.42 -1.95 -10.69
CA PHE B 27 13.28 -3.05 -11.65
C PHE B 27 12.61 -2.54 -12.91
N GLN B 28 13.15 -1.46 -13.45
CA GLN B 28 12.58 -0.80 -14.62
C GLN B 28 12.67 -1.69 -15.86
N GLY B 29 13.61 -2.61 -15.85
CA GLY B 29 13.80 -3.50 -16.98
C GLY B 29 12.68 -4.53 -17.10
N GLN B 30 12.09 -4.91 -15.98
CA GLN B 30 11.03 -5.91 -15.99
C GLN B 30 9.81 -5.41 -15.24
N PRO B 31 8.82 -4.85 -15.98
CA PRO B 31 7.58 -4.35 -15.38
C PRO B 31 6.78 -5.46 -14.70
N ASP B 32 7.06 -6.70 -15.11
CA ASP B 32 6.40 -7.87 -14.55
C ASP B 32 6.74 -8.05 -13.08
N ILE B 33 7.86 -7.45 -12.65
CA ILE B 33 8.25 -7.48 -11.26
C ILE B 33 7.26 -6.67 -10.42
N TYR B 34 6.95 -5.46 -10.89
CA TYR B 34 5.98 -4.61 -10.22
C TYR B 34 4.59 -5.21 -10.37
N LYS B 35 4.38 -5.93 -11.48
CA LYS B 35 3.12 -6.62 -11.73
C LYS B 35 2.87 -7.66 -10.64
N ALA B 36 3.90 -8.42 -10.30
CA ALA B 36 3.79 -9.43 -9.25
C ALA B 36 3.61 -8.75 -7.89
N PHE B 37 4.30 -7.62 -7.71
CA PHE B 37 4.16 -6.83 -6.50
C PHE B 37 2.73 -6.29 -6.37
N LEU B 38 2.15 -5.91 -7.50
CA LEU B 38 0.79 -5.43 -7.53
C LEU B 38 -0.19 -6.54 -7.17
N GLU B 39 0.13 -7.76 -7.58
CA GLU B 39 -0.65 -8.93 -7.20
C GLU B 39 -0.65 -9.10 -5.68
N ILE B 40 0.53 -8.93 -5.08
CA ILE B 40 0.67 -9.01 -3.63
C ILE B 40 -0.23 -7.96 -2.97
N LEU B 41 -0.10 -6.72 -3.43
CA LEU B 41 -0.85 -5.60 -2.89
C LEU B 41 -2.36 -5.82 -3.07
N HIS B 42 -2.75 -6.27 -4.25
CA HIS B 42 -4.16 -6.52 -4.56
C HIS B 42 -4.75 -7.58 -3.63
N THR B 43 -3.96 -8.58 -3.30
CA THR B 43 -4.41 -9.63 -2.40
C THR B 43 -4.67 -9.05 -1.01
N TYR B 44 -3.69 -8.33 -0.47
CA TYR B 44 -3.84 -7.68 0.83
C TYR B 44 -4.96 -6.64 0.78
N GLN B 45 -5.11 -5.99 -0.37
CA GLN B 45 -6.19 -5.04 -0.60
C GLN B 45 -7.54 -5.69 -0.29
N LYS B 46 -7.75 -6.88 -0.84
CA LYS B 46 -8.99 -7.61 -0.62
C LYS B 46 -9.12 -7.98 0.84
N GLU B 47 -8.00 -8.41 1.43
CA GLU B 47 -7.97 -8.81 2.83
C GLU B 47 -8.43 -7.67 3.74
N GLN B 48 -7.74 -6.54 3.65
CA GLN B 48 -8.00 -5.40 4.52
C GLN B 48 -9.39 -4.82 4.28
N ARG B 49 -9.75 -4.68 3.00
CA ARG B 49 -11.05 -4.11 2.65
C ARG B 49 -12.19 -4.96 3.20
N ASN B 50 -12.12 -6.26 2.99
CA ASN B 50 -13.19 -7.15 3.41
C ASN B 50 -13.16 -7.33 4.93
N ALA B 51 -11.99 -7.12 5.53
CA ALA B 51 -11.85 -7.18 6.98
C ALA B 51 -12.67 -6.10 7.65
N LYS B 52 -12.49 -4.85 7.20
CA LYS B 52 -13.25 -3.73 7.72
C LYS B 52 -14.71 -3.83 7.29
N GLU B 53 -14.92 -4.32 6.08
CA GLU B 53 -16.26 -4.46 5.53
C GLU B 53 -17.09 -5.45 6.34
N ALA B 54 -16.51 -6.58 6.69
CA ALA B 54 -17.21 -7.62 7.43
C ALA B 54 -17.12 -7.38 8.95
N GLY B 55 -16.74 -6.17 9.33
CA GLY B 55 -16.70 -5.81 10.74
C GLY B 55 -15.69 -6.63 11.53
N GLY B 56 -14.63 -7.05 10.86
CA GLY B 56 -13.57 -7.79 11.54
C GLY B 56 -13.79 -9.29 11.50
N ASN B 57 -15.03 -9.70 11.21
CA ASN B 57 -15.41 -11.11 11.26
C ASN B 57 -14.77 -11.89 10.11
N TYR B 58 -14.29 -11.17 9.10
CA TYR B 58 -13.61 -11.78 7.97
C TYR B 58 -12.26 -12.38 8.40
N THR B 59 -11.58 -11.66 9.29
CA THR B 59 -10.20 -11.98 9.69
C THR B 59 -9.31 -12.29 8.48
N PRO B 60 -8.54 -11.29 8.03
CA PRO B 60 -7.74 -11.40 6.81
C PRO B 60 -6.72 -12.53 6.87
N ALA B 61 -6.45 -13.13 5.71
CA ALA B 61 -5.49 -14.23 5.61
C ALA B 61 -4.08 -13.67 5.50
N LEU B 62 -3.97 -12.47 4.96
CA LEU B 62 -2.69 -11.81 4.83
C LEU B 62 -2.56 -10.67 5.80
N THR B 63 -1.62 -10.78 6.73
CA THR B 63 -1.28 -9.66 7.57
C THR B 63 -0.20 -8.83 6.87
N GLU B 64 0.25 -7.77 7.52
CA GLU B 64 1.34 -6.97 7.01
C GLU B 64 2.60 -7.83 6.92
N GLN B 65 2.67 -8.85 7.77
CA GLN B 65 3.78 -9.78 7.80
C GLN B 65 3.80 -10.64 6.53
N GLU B 66 2.65 -11.25 6.21
CA GLU B 66 2.55 -12.11 5.03
C GLU B 66 2.94 -11.35 3.76
N VAL B 67 2.47 -10.11 3.66
CA VAL B 67 2.79 -9.27 2.52
C VAL B 67 4.30 -9.04 2.44
N TYR B 68 4.89 -8.60 3.54
CA TYR B 68 6.32 -8.34 3.61
C TYR B 68 7.11 -9.60 3.24
N ALA B 69 6.59 -10.76 3.66
CA ALA B 69 7.22 -12.03 3.33
C ALA B 69 7.23 -12.26 1.83
N GLN B 70 6.08 -12.10 1.19
CA GLN B 70 5.97 -12.29 -0.25
C GLN B 70 6.80 -11.25 -1.02
N VAL B 71 6.82 -10.03 -0.49
CA VAL B 71 7.63 -8.97 -1.09
C VAL B 71 9.10 -9.36 -1.08
N ALA B 72 9.56 -9.91 0.03
CA ALA B 72 10.95 -10.34 0.16
C ALA B 72 11.22 -11.55 -0.73
N ARG B 73 10.21 -12.38 -0.91
CA ARG B 73 10.31 -13.53 -1.81
C ARG B 73 10.48 -13.06 -3.25
N LEU B 74 9.85 -11.94 -3.58
CA LEU B 74 9.92 -11.37 -4.92
C LEU B 74 11.25 -10.66 -5.14
N PHE B 75 11.56 -9.69 -4.28
CA PHE B 75 12.79 -8.91 -4.44
C PHE B 75 13.97 -9.64 -3.82
N LYS B 76 14.47 -10.64 -4.55
CA LYS B 76 15.56 -11.47 -4.07
C LYS B 76 16.91 -10.91 -4.45
N ASN B 77 16.94 -10.18 -5.58
CA ASN B 77 18.20 -9.64 -6.10
C ASN B 77 18.68 -8.45 -5.29
N GLN B 78 17.90 -7.37 -5.30
CA GLN B 78 18.30 -6.14 -4.63
C GLN B 78 17.70 -6.06 -3.24
N GLU B 79 18.56 -6.12 -2.22
CA GLU B 79 18.11 -5.97 -0.85
C GLU B 79 17.67 -4.54 -0.59
N ASP B 80 18.21 -3.61 -1.38
CA ASP B 80 17.90 -2.19 -1.25
C ASP B 80 16.39 -1.93 -1.20
N LEU B 81 15.65 -2.55 -2.10
CA LEU B 81 14.22 -2.32 -2.17
C LEU B 81 13.53 -2.84 -0.92
N LEU B 82 14.04 -3.95 -0.40
CA LEU B 82 13.52 -4.51 0.85
C LEU B 82 13.95 -3.68 2.05
N SER B 83 15.18 -3.17 2.00
CA SER B 83 15.73 -2.38 3.09
C SER B 83 14.91 -1.10 3.30
N GLU B 84 14.33 -0.61 2.21
CA GLU B 84 13.47 0.57 2.27
C GLU B 84 12.04 0.17 2.63
N PHE B 85 11.61 -1.00 2.15
CA PHE B 85 10.26 -1.50 2.45
C PHE B 85 10.13 -1.84 3.92
N GLY B 86 11.18 -2.44 4.46
CA GLY B 86 11.19 -2.84 5.85
C GLY B 86 11.16 -1.66 6.82
N GLN B 87 11.24 -0.45 6.27
CA GLN B 87 11.20 0.75 7.10
C GLN B 87 9.75 1.14 7.41
N PHE B 88 8.82 0.50 6.70
CA PHE B 88 7.39 0.77 6.91
C PHE B 88 6.85 -0.15 8.01
N LEU B 89 7.51 -1.27 8.21
CA LEU B 89 7.16 -2.19 9.30
C LEU B 89 8.41 -2.90 9.80
N PRO B 90 9.31 -2.15 10.46
CA PRO B 90 10.61 -2.65 10.89
C PRO B 90 10.53 -3.47 12.18
N ASP B 91 11.34 -4.52 12.24
CA ASP B 91 11.37 -5.40 13.40
C ASP B 91 11.99 -4.68 14.60
N ALA B 92 12.90 -3.76 14.32
CA ALA B 92 13.60 -3.02 15.36
C ALA B 92 12.71 -1.95 15.99
N ASN B 93 11.63 -1.59 15.31
CA ASN B 93 10.72 -0.56 15.83
C ASN B 93 9.68 -1.17 16.75
N SER B 94 9.58 -2.48 16.74
CA SER B 94 8.65 -3.19 17.61
C SER B 94 9.26 -3.43 18.98
N SER A 1 19.79 5.96 24.59
CA SER A 1 20.00 7.39 24.95
C SER A 1 20.20 8.22 23.68
N ASN A 2 21.10 7.79 22.80
CA ASN A 2 21.37 8.55 21.58
C ASN A 2 20.48 8.07 20.45
N ALA A 3 19.80 9.03 19.83
CA ALA A 3 18.89 8.75 18.73
C ALA A 3 18.47 10.05 18.07
N ASP A 4 18.53 10.08 16.75
CA ASP A 4 18.16 11.29 16.01
C ASP A 4 16.80 11.10 15.35
N TYR A 5 15.99 12.16 15.38
CA TYR A 5 14.64 12.13 14.82
C TYR A 5 13.75 11.18 15.61
N VAL A 6 13.23 11.67 16.73
CA VAL A 6 12.33 10.90 17.56
C VAL A 6 10.89 11.35 17.33
N GLN A 7 10.19 10.66 16.45
CA GLN A 7 8.81 10.99 16.16
C GLN A 7 7.92 9.79 16.51
N PRO A 8 7.36 9.79 17.73
CA PRO A 8 6.55 8.69 18.22
C PRO A 8 5.06 8.82 17.89
N GLN A 9 4.42 7.67 17.67
CA GLN A 9 2.98 7.58 17.41
C GLN A 9 2.51 8.65 16.42
N LEU A 10 3.11 8.64 15.25
CA LEU A 10 2.78 9.61 14.22
C LEU A 10 1.71 9.07 13.28
N ARG A 11 2.12 8.18 12.40
CA ARG A 11 1.23 7.66 11.37
C ARG A 11 1.68 6.25 10.97
N ARG A 12 0.72 5.43 10.56
CA ARG A 12 1.02 4.08 10.07
C ARG A 12 1.88 4.17 8.80
N PRO A 13 3.04 3.50 8.78
CA PRO A 13 4.06 3.68 7.74
C PRO A 13 3.58 3.27 6.35
N PHE A 14 3.27 2.00 6.14
CA PHE A 14 2.92 1.53 4.80
C PHE A 14 1.50 1.93 4.43
N GLU A 15 0.85 2.70 5.30
CA GLU A 15 -0.48 3.25 5.03
C GLU A 15 -0.39 4.27 3.89
N LEU A 16 0.53 5.22 4.02
CA LEU A 16 0.75 6.19 2.96
C LEU A 16 1.46 5.55 1.77
N LEU A 17 2.17 4.44 2.02
CA LEU A 17 2.74 3.66 0.93
C LEU A 17 1.63 3.17 0.00
N ILE A 18 0.59 2.60 0.59
CA ILE A 18 -0.57 2.15 -0.18
C ILE A 18 -1.20 3.32 -0.92
N ALA A 19 -1.36 4.44 -0.22
CA ALA A 19 -1.89 5.65 -0.81
C ALA A 19 -1.01 6.12 -1.96
N ALA A 20 0.30 5.98 -1.78
CA ALA A 20 1.28 6.39 -2.80
C ALA A 20 1.20 5.48 -4.02
N ALA A 21 1.00 4.19 -3.81
CA ALA A 21 0.89 3.24 -4.91
C ALA A 21 -0.33 3.58 -5.78
N MET A 22 -1.47 3.84 -5.15
CA MET A 22 -2.68 4.25 -5.88
C MET A 22 -2.48 5.61 -6.53
N GLU A 23 -1.71 6.47 -5.88
CA GLU A 23 -1.39 7.79 -6.41
C GLU A 23 -0.55 7.68 -7.69
N ARG A 24 0.56 6.96 -7.58
CA ARG A 24 1.53 6.87 -8.68
C ARG A 24 1.17 5.76 -9.66
N ASN A 25 -0.11 5.44 -9.74
CA ASN A 25 -0.61 4.52 -10.73
C ASN A 25 -1.96 5.00 -11.22
N PRO A 26 -2.48 4.45 -12.33
CA PRO A 26 -3.82 4.76 -12.82
C PRO A 26 -4.90 4.15 -11.92
N THR A 27 -4.46 3.64 -10.77
CA THR A 27 -5.30 2.95 -9.78
C THR A 27 -6.43 2.14 -10.43
N GLN A 28 -6.10 0.92 -10.82
CA GLN A 28 -7.05 0.01 -11.43
C GLN A 28 -7.31 -1.15 -10.48
N PHE A 29 -7.45 -0.83 -9.21
CA PHE A 29 -7.60 -1.84 -8.16
C PHE A 29 -9.06 -1.99 -7.76
N GLN A 30 -9.86 -0.99 -8.08
CA GLN A 30 -11.28 -1.03 -7.76
C GLN A 30 -12.07 -1.29 -9.02
N LEU A 31 -12.11 -2.55 -9.42
CA LEU A 31 -12.82 -2.95 -10.62
C LEU A 31 -13.96 -3.89 -10.23
N PRO A 32 -15.15 -3.32 -9.97
CA PRO A 32 -16.30 -4.08 -9.50
C PRO A 32 -16.98 -4.85 -10.63
N ASN A 33 -17.00 -6.17 -10.52
CA ASN A 33 -17.77 -6.99 -11.44
C ASN A 33 -19.09 -7.38 -10.80
N GLU A 34 -20.15 -6.65 -11.17
CA GLU A 34 -21.48 -6.83 -10.62
C GLU A 34 -21.56 -6.41 -9.16
N LEU A 35 -20.92 -7.17 -8.30
CA LEU A 35 -20.90 -6.86 -6.87
C LEU A 35 -19.52 -7.12 -6.25
N THR A 36 -18.61 -7.72 -7.04
CA THR A 36 -17.28 -8.12 -6.58
C THR A 36 -17.30 -8.78 -5.19
N CYS A 37 -17.73 -10.03 -5.18
CA CYS A 37 -17.73 -10.85 -3.97
C CYS A 37 -17.42 -12.28 -4.37
N THR A 38 -18.07 -12.70 -5.45
CA THR A 38 -17.78 -13.97 -6.09
C THR A 38 -16.95 -13.70 -7.34
N THR A 39 -15.97 -12.80 -7.18
CA THR A 39 -15.16 -12.29 -8.27
C THR A 39 -14.68 -13.37 -9.22
N ALA A 40 -14.08 -14.43 -8.68
CA ALA A 40 -13.63 -15.54 -9.50
C ALA A 40 -14.62 -16.69 -9.42
N LEU A 41 -15.68 -16.59 -10.22
CA LEU A 41 -16.72 -17.61 -10.26
C LEU A 41 -16.41 -18.64 -11.34
N PRO A 42 -16.17 -19.89 -10.93
CA PRO A 42 -15.91 -21.00 -11.85
C PRO A 42 -17.17 -21.39 -12.63
N GLY A 43 -16.98 -21.93 -13.83
CA GLY A 43 -18.10 -22.34 -14.64
C GLY A 43 -17.88 -22.02 -16.11
N SER A 44 -18.69 -22.62 -16.97
CA SER A 44 -18.58 -22.41 -18.39
C SER A 44 -19.59 -21.36 -18.86
N SER A 45 -20.84 -21.78 -19.04
CA SER A 45 -21.91 -20.90 -19.46
C SER A 45 -23.26 -21.51 -19.09
N SER B 1 -10.91 19.08 -4.64
CA SER B 1 -10.06 19.12 -3.43
C SER B 1 -9.72 17.69 -3.00
N ASN B 2 -9.13 17.56 -1.82
CA ASN B 2 -8.74 16.27 -1.27
C ASN B 2 -8.70 16.38 0.25
N ALA B 3 -8.73 15.26 0.95
CA ALA B 3 -8.65 15.26 2.41
C ALA B 3 -7.43 16.04 2.87
N SER B 4 -7.66 17.22 3.41
CA SER B 4 -6.59 18.11 3.83
C SER B 4 -6.54 18.24 5.34
N LEU B 5 -5.56 17.59 5.95
CA LEU B 5 -5.40 17.63 7.40
C LEU B 5 -4.23 18.51 7.78
N GLN B 6 -3.96 18.61 9.08
CA GLN B 6 -2.86 19.44 9.58
C GLN B 6 -1.53 18.97 9.02
N ASN B 7 -0.75 19.90 8.50
CA ASN B 7 0.59 19.60 8.03
C ASN B 7 1.46 19.12 9.18
N ASN B 8 1.64 17.81 9.24
CA ASN B 8 2.44 17.20 10.30
C ASN B 8 2.87 15.79 9.89
N GLN B 9 2.07 15.17 9.01
CA GLN B 9 2.36 13.82 8.55
C GLN B 9 2.46 13.71 7.00
N PRO B 10 3.06 14.70 6.28
CA PRO B 10 3.14 14.64 4.82
C PRO B 10 4.48 14.11 4.30
N VAL B 11 5.54 14.28 5.09
CA VAL B 11 6.90 13.98 4.64
C VAL B 11 7.09 12.49 4.30
N GLU B 12 6.53 11.62 5.11
CA GLU B 12 6.69 10.18 4.90
C GLU B 12 5.92 9.74 3.65
N PHE B 13 4.86 10.46 3.33
CA PHE B 13 4.09 10.19 2.13
C PHE B 13 4.94 10.52 0.90
N ASN B 14 5.67 11.62 0.97
CA ASN B 14 6.59 12.02 -0.08
C ASN B 14 7.70 10.99 -0.23
N HIS B 15 8.18 10.51 0.91
CA HIS B 15 9.20 9.45 0.93
C HIS B 15 8.67 8.18 0.25
N ALA B 16 7.40 7.87 0.50
CA ALA B 16 6.75 6.74 -0.13
C ALA B 16 6.64 6.94 -1.63
N ILE B 17 6.30 8.16 -2.04
CA ILE B 17 6.25 8.52 -3.45
C ILE B 17 7.59 8.23 -4.12
N ASN B 18 8.66 8.70 -3.50
CA ASN B 18 10.02 8.47 -4.01
C ASN B 18 10.33 6.99 -4.04
N TYR B 19 9.80 6.23 -3.09
CA TYR B 19 10.04 4.81 -3.02
C TYR B 19 9.30 4.07 -4.14
N VAL B 20 8.05 4.46 -4.39
CA VAL B 20 7.28 3.85 -5.47
C VAL B 20 7.96 4.09 -6.81
N ASN B 21 8.48 5.31 -6.99
CA ASN B 21 9.24 5.64 -8.20
C ASN B 21 10.55 4.87 -8.21
N LYS B 22 11.07 4.58 -7.03
CA LYS B 22 12.31 3.84 -6.87
C LYS B 22 12.12 2.37 -7.25
N ILE B 23 10.96 1.81 -6.91
CA ILE B 23 10.62 0.45 -7.31
C ILE B 23 10.51 0.36 -8.83
N LYS B 24 9.78 1.31 -9.40
CA LYS B 24 9.66 1.41 -10.86
C LYS B 24 11.03 1.62 -11.50
N ASN B 25 11.89 2.33 -10.79
CA ASN B 25 13.24 2.63 -11.26
C ASN B 25 14.12 1.37 -11.27
N ARG B 26 14.09 0.65 -10.15
CA ARG B 26 14.93 -0.54 -9.98
C ARG B 26 14.50 -1.65 -10.94
N PHE B 27 13.21 -1.76 -11.20
CA PHE B 27 12.71 -2.81 -12.06
C PHE B 27 12.11 -2.24 -13.34
N GLN B 28 12.68 -1.13 -13.81
CA GLN B 28 12.28 -0.56 -15.09
C GLN B 28 12.57 -1.55 -16.20
N GLY B 29 11.52 -2.02 -16.85
CA GLY B 29 11.69 -3.03 -17.87
C GLY B 29 11.07 -4.35 -17.45
N GLN B 30 10.80 -4.48 -16.15
CA GLN B 30 10.17 -5.67 -15.61
C GLN B 30 8.78 -5.32 -15.06
N PRO B 31 7.75 -5.36 -15.91
CA PRO B 31 6.38 -5.05 -15.48
C PRO B 31 5.82 -6.15 -14.59
N ASP B 32 6.33 -7.35 -14.79
CA ASP B 32 5.87 -8.53 -14.07
C ASP B 32 6.16 -8.42 -12.58
N ILE B 33 7.33 -7.93 -12.24
CA ILE B 33 7.76 -7.83 -10.86
C ILE B 33 6.96 -6.76 -10.11
N TYR B 34 6.81 -5.59 -10.73
CA TYR B 34 6.06 -4.51 -10.12
C TYR B 34 4.58 -4.87 -10.06
N LYS B 35 4.10 -5.58 -11.07
CA LYS B 35 2.70 -6.04 -11.10
C LYS B 35 2.45 -7.01 -9.95
N ALA B 36 3.37 -7.95 -9.77
CA ALA B 36 3.27 -8.94 -8.70
C ALA B 36 3.15 -8.25 -7.34
N PHE B 37 4.05 -7.30 -7.08
CA PHE B 37 4.02 -6.52 -5.86
C PHE B 37 2.72 -5.73 -5.76
N LEU B 38 2.32 -5.14 -6.89
CA LEU B 38 1.12 -4.33 -6.96
C LEU B 38 -0.11 -5.16 -6.60
N GLU B 39 -0.16 -6.39 -7.11
CA GLU B 39 -1.28 -7.27 -6.84
C GLU B 39 -1.20 -7.88 -5.46
N ILE B 40 -0.01 -7.96 -4.88
CA ILE B 40 0.11 -8.38 -3.48
C ILE B 40 -0.54 -7.32 -2.59
N LEU B 41 -0.24 -6.06 -2.88
CA LEU B 41 -0.84 -4.94 -2.17
C LEU B 41 -2.35 -4.95 -2.39
N HIS B 42 -2.76 -5.22 -3.63
CA HIS B 42 -4.17 -5.33 -3.99
C HIS B 42 -4.84 -6.48 -3.22
N THR B 43 -4.14 -7.61 -3.14
CA THR B 43 -4.65 -8.76 -2.41
C THR B 43 -4.78 -8.47 -0.93
N TYR B 44 -3.74 -7.85 -0.36
CA TYR B 44 -3.77 -7.49 1.06
C TYR B 44 -4.91 -6.53 1.34
N GLN B 45 -5.07 -5.52 0.49
CA GLN B 45 -6.15 -4.55 0.65
C GLN B 45 -7.50 -5.25 0.58
N LYS B 46 -7.58 -6.28 -0.25
CA LYS B 46 -8.81 -7.06 -0.39
C LYS B 46 -9.11 -7.85 0.88
N GLU B 47 -8.11 -8.58 1.36
CA GLU B 47 -8.25 -9.41 2.55
C GLU B 47 -8.44 -8.52 3.78
N GLN B 48 -7.73 -7.40 3.80
CA GLN B 48 -7.81 -6.45 4.88
C GLN B 48 -9.17 -5.74 4.85
N ARG B 49 -9.74 -5.60 3.66
CA ARG B 49 -11.06 -5.00 3.53
C ARG B 49 -12.11 -5.98 4.04
N ASN B 50 -11.83 -7.27 3.91
CA ASN B 50 -12.69 -8.30 4.50
C ASN B 50 -12.67 -8.15 6.00
N ALA B 51 -11.47 -7.93 6.54
CA ALA B 51 -11.30 -7.69 7.97
C ALA B 51 -11.97 -6.38 8.39
N LYS B 52 -11.83 -5.36 7.54
CA LYS B 52 -12.48 -4.07 7.78
C LYS B 52 -14.00 -4.20 7.64
N GLU B 53 -14.43 -5.19 6.87
CA GLU B 53 -15.85 -5.45 6.67
C GLU B 53 -16.42 -6.11 7.92
N ALA B 54 -16.01 -7.36 8.15
CA ALA B 54 -16.37 -8.12 9.35
C ALA B 54 -17.87 -8.27 9.51
N GLY B 55 -18.61 -8.05 8.43
CA GLY B 55 -20.06 -8.10 8.49
C GLY B 55 -20.62 -9.41 7.97
N GLY B 56 -19.85 -10.48 8.08
CA GLY B 56 -20.35 -11.76 7.62
C GLY B 56 -19.27 -12.83 7.59
N ASN B 57 -18.77 -13.20 8.77
CA ASN B 57 -17.81 -14.28 8.90
C ASN B 57 -16.53 -13.93 8.17
N TYR B 58 -15.92 -12.84 8.62
CA TYR B 58 -14.70 -12.36 8.02
C TYR B 58 -13.50 -13.18 8.51
N THR B 59 -12.45 -13.21 7.72
CA THR B 59 -11.22 -13.86 8.13
C THR B 59 -10.02 -13.17 7.47
N PRO B 60 -9.11 -12.59 8.29
CA PRO B 60 -7.91 -11.95 7.77
C PRO B 60 -6.96 -12.97 7.14
N ALA B 61 -7.19 -13.29 5.87
CA ALA B 61 -6.43 -14.33 5.20
C ALA B 61 -5.06 -13.84 4.75
N LEU B 62 -4.82 -12.55 4.89
CA LEU B 62 -3.52 -11.98 4.60
C LEU B 62 -3.26 -10.79 5.51
N THR B 63 -2.28 -10.91 6.38
CA THR B 63 -1.94 -9.84 7.30
C THR B 63 -0.59 -9.23 6.92
N GLU B 64 -0.14 -8.24 7.69
CA GLU B 64 1.07 -7.50 7.35
C GLU B 64 2.31 -8.39 7.43
N GLN B 65 2.26 -9.39 8.32
CA GLN B 65 3.35 -10.35 8.45
C GLN B 65 3.52 -11.15 7.17
N GLU B 66 2.40 -11.59 6.60
CA GLU B 66 2.41 -12.28 5.31
C GLU B 66 2.95 -11.36 4.23
N VAL B 67 2.47 -10.12 4.24
CA VAL B 67 2.88 -9.10 3.29
C VAL B 67 4.40 -8.93 3.27
N TYR B 68 4.98 -8.75 4.45
CA TYR B 68 6.41 -8.49 4.57
C TYR B 68 7.22 -9.72 4.16
N ALA B 69 6.72 -10.90 4.52
CA ALA B 69 7.39 -12.15 4.17
C ALA B 69 7.43 -12.33 2.66
N GLN B 70 6.28 -12.20 2.02
CA GLN B 70 6.19 -12.37 0.58
C GLN B 70 6.97 -11.30 -0.17
N VAL B 71 6.91 -10.08 0.33
CA VAL B 71 7.58 -8.96 -0.35
C VAL B 71 9.09 -9.13 -0.28
N ALA B 72 9.58 -9.69 0.82
CA ALA B 72 11.01 -9.94 0.99
C ALA B 72 11.49 -11.02 0.05
N ARG B 73 10.68 -12.06 -0.09
CA ARG B 73 11.02 -13.17 -0.98
C ARG B 73 10.81 -12.79 -2.45
N LEU B 74 9.92 -11.83 -2.70
CA LEU B 74 9.67 -11.36 -4.07
C LEU B 74 10.82 -10.47 -4.52
N PHE B 75 11.18 -9.50 -3.68
CA PHE B 75 12.25 -8.56 -4.00
C PHE B 75 13.61 -9.15 -3.62
N LYS B 76 13.69 -10.48 -3.63
CA LYS B 76 14.91 -11.19 -3.26
C LYS B 76 15.99 -10.98 -4.35
N ASN B 77 15.61 -10.30 -5.41
CA ASN B 77 16.53 -9.97 -6.49
C ASN B 77 17.42 -8.80 -6.07
N GLN B 78 16.88 -7.96 -5.20
CA GLN B 78 17.60 -6.78 -4.74
C GLN B 78 17.25 -6.50 -3.28
N GLU B 79 18.11 -6.91 -2.38
CA GLU B 79 17.86 -6.75 -0.95
C GLU B 79 17.84 -5.27 -0.58
N ASP B 80 18.47 -4.45 -1.42
CA ASP B 80 18.45 -3.00 -1.25
C ASP B 80 17.03 -2.49 -1.18
N LEU B 81 16.21 -2.90 -2.15
CA LEU B 81 14.84 -2.43 -2.24
C LEU B 81 14.02 -2.97 -1.07
N LEU B 82 14.40 -4.15 -0.58
CA LEU B 82 13.73 -4.75 0.56
C LEU B 82 14.09 -3.98 1.83
N SER B 83 15.36 -3.58 1.94
CA SER B 83 15.81 -2.79 3.08
C SER B 83 15.08 -1.45 3.08
N GLU B 84 14.86 -0.90 1.89
CA GLU B 84 14.09 0.33 1.71
C GLU B 84 12.63 0.11 2.12
N PHE B 85 12.11 -1.07 1.82
CA PHE B 85 10.73 -1.40 2.16
C PHE B 85 10.60 -1.66 3.65
N GLY B 86 11.65 -2.20 4.24
CA GLY B 86 11.63 -2.62 5.63
C GLY B 86 11.30 -1.51 6.60
N GLN B 87 11.54 -0.26 6.20
CA GLN B 87 11.27 0.88 7.06
C GLN B 87 9.79 1.26 7.01
N PHE B 88 9.07 0.72 6.04
CA PHE B 88 7.64 0.98 5.92
C PHE B 88 6.85 -0.09 6.66
N LEU B 89 7.55 -1.11 7.14
CA LEU B 89 6.94 -2.18 7.91
C LEU B 89 8.00 -2.96 8.68
N PRO B 90 8.64 -2.32 9.67
CA PRO B 90 9.69 -2.93 10.47
C PRO B 90 9.16 -3.62 11.72
N ASP B 91 9.49 -4.90 11.87
CA ASP B 91 9.14 -5.63 13.09
C ASP B 91 10.00 -5.16 14.24
N ALA B 92 11.28 -5.47 14.16
CA ALA B 92 12.22 -5.08 15.20
C ALA B 92 12.68 -3.65 14.99
N ASN B 93 11.95 -2.71 15.55
CA ASN B 93 12.30 -1.29 15.45
C ASN B 93 12.68 -0.75 16.81
N SER B 94 13.98 -0.69 17.06
CA SER B 94 14.50 -0.08 18.26
C SER B 94 15.16 1.26 17.93
N SER A 1 -22.97 16.11 5.97
CA SER A 1 -22.28 17.40 5.79
C SER A 1 -20.78 17.19 5.68
N ASN A 2 -20.25 17.17 4.47
CA ASN A 2 -18.82 17.01 4.28
C ASN A 2 -18.21 18.25 3.65
N ALA A 3 -17.54 19.03 4.48
CA ALA A 3 -16.87 20.25 4.03
C ALA A 3 -15.72 20.59 4.95
N ASP A 4 -15.96 20.43 6.25
CA ASP A 4 -14.96 20.76 7.26
C ASP A 4 -14.24 19.50 7.73
N TYR A 5 -14.44 18.41 7.00
CA TYR A 5 -13.88 17.12 7.38
C TYR A 5 -12.66 16.79 6.53
N VAL A 6 -11.55 16.54 7.18
CA VAL A 6 -10.33 16.11 6.50
C VAL A 6 -10.25 14.59 6.49
N GLN A 7 -9.87 14.02 5.34
CA GLN A 7 -9.78 12.57 5.20
C GLN A 7 -8.40 12.09 5.61
N PRO A 8 -8.30 11.41 6.76
CA PRO A 8 -7.02 10.93 7.29
C PRO A 8 -6.41 9.80 6.47
N GLN A 9 -5.10 9.81 6.43
CA GLN A 9 -4.31 8.80 5.72
C GLN A 9 -2.84 8.95 6.11
N LEU A 10 -2.42 8.17 7.10
CA LEU A 10 -1.09 8.33 7.70
C LEU A 10 -0.92 7.39 8.89
N ARG A 11 -2.03 7.11 9.56
CA ARG A 11 -2.01 6.32 10.78
C ARG A 11 -1.54 4.90 10.52
N ARG A 12 -1.84 4.42 9.33
CA ARG A 12 -1.42 3.10 8.93
C ARG A 12 -0.22 3.19 8.00
N PRO A 13 0.90 2.56 8.38
CA PRO A 13 2.11 2.53 7.55
C PRO A 13 1.83 1.89 6.19
N PHE A 14 1.06 0.81 6.19
CA PHE A 14 0.71 0.10 4.96
C PHE A 14 -0.23 0.97 4.12
N GLU A 15 -1.05 1.76 4.82
CA GLU A 15 -1.97 2.70 4.17
C GLU A 15 -1.20 3.70 3.32
N LEU A 16 -0.11 4.21 3.88
CA LEU A 16 0.74 5.18 3.19
C LEU A 16 1.35 4.56 1.93
N LEU A 17 1.60 3.26 1.97
CA LEU A 17 2.17 2.56 0.82
C LEU A 17 1.10 2.39 -0.26
N ILE A 18 -0.10 1.99 0.16
CA ILE A 18 -1.22 1.83 -0.77
C ILE A 18 -1.54 3.15 -1.46
N ALA A 19 -1.60 4.22 -0.67
CA ALA A 19 -1.87 5.56 -1.19
C ALA A 19 -0.79 5.96 -2.18
N ALA A 20 0.47 5.73 -1.81
CA ALA A 20 1.60 6.04 -2.68
C ALA A 20 1.46 5.35 -4.03
N ALA A 21 1.12 4.07 -3.99
CA ALA A 21 0.93 3.28 -5.20
C ALA A 21 -0.25 3.81 -6.01
N MET A 22 -1.37 4.03 -5.33
CA MET A 22 -2.62 4.40 -5.98
C MET A 22 -2.53 5.75 -6.68
N GLU A 23 -1.81 6.68 -6.09
CA GLU A 23 -1.74 8.04 -6.62
C GLU A 23 -0.62 8.20 -7.66
N ARG A 24 0.32 7.26 -7.68
CA ARG A 24 1.43 7.33 -8.62
C ARG A 24 1.18 6.45 -9.83
N ASN A 25 0.41 5.39 -9.64
CA ASN A 25 0.13 4.43 -10.70
C ASN A 25 -1.20 4.74 -11.36
N PRO A 26 -1.51 4.06 -12.49
CA PRO A 26 -2.83 4.15 -13.14
C PRO A 26 -3.98 3.65 -12.26
N THR A 27 -3.63 3.26 -11.03
CA THR A 27 -4.56 2.73 -10.02
C THR A 27 -5.60 1.77 -10.61
N GLN A 28 -5.16 0.55 -10.88
CA GLN A 28 -6.06 -0.49 -11.36
C GLN A 28 -6.53 -1.34 -10.18
N PHE A 29 -7.24 -0.70 -9.27
CA PHE A 29 -7.78 -1.40 -8.11
C PHE A 29 -9.27 -1.63 -8.27
N GLN A 30 -9.93 -0.74 -9.00
CA GLN A 30 -11.38 -0.80 -9.17
C GLN A 30 -11.74 -1.52 -10.47
N LEU A 31 -11.81 -2.84 -10.39
CA LEU A 31 -12.16 -3.67 -11.54
C LEU A 31 -13.53 -4.34 -11.37
N PRO A 32 -13.79 -5.04 -10.22
CA PRO A 32 -15.02 -5.81 -9.97
C PRO A 32 -16.29 -5.26 -10.63
N ASN A 33 -16.53 -5.72 -11.85
CA ASN A 33 -17.71 -5.38 -12.61
C ASN A 33 -18.64 -6.59 -12.65
N GLU A 34 -18.02 -7.75 -12.77
CA GLU A 34 -18.75 -9.01 -12.79
C GLU A 34 -19.01 -9.47 -11.37
N LEU A 35 -18.10 -9.07 -10.48
CA LEU A 35 -18.15 -9.47 -9.08
C LEU A 35 -19.24 -8.72 -8.32
N THR A 36 -19.63 -7.55 -8.81
CA THR A 36 -20.62 -6.74 -8.11
C THR A 36 -21.24 -5.67 -9.02
N CYS A 37 -20.40 -4.94 -9.76
CA CYS A 37 -20.87 -3.84 -10.60
C CYS A 37 -21.47 -2.76 -9.70
N THR A 38 -20.76 -2.51 -8.60
CA THR A 38 -21.20 -1.60 -7.55
C THR A 38 -22.61 -1.93 -7.06
N THR A 39 -22.84 -3.20 -6.80
CA THR A 39 -24.10 -3.66 -6.24
C THR A 39 -23.83 -4.71 -5.17
N ALA A 40 -23.71 -4.27 -3.93
CA ALA A 40 -23.50 -5.18 -2.81
C ALA A 40 -24.67 -5.10 -1.84
N LEU A 41 -25.61 -4.22 -2.13
CA LEU A 41 -26.78 -4.04 -1.29
C LEU A 41 -27.86 -5.04 -1.66
N PRO A 42 -28.28 -5.88 -0.70
CA PRO A 42 -29.32 -6.88 -0.91
C PRO A 42 -30.69 -6.26 -1.20
N GLY A 43 -30.82 -4.98 -0.88
CA GLY A 43 -32.05 -4.26 -1.16
C GLY A 43 -32.83 -3.97 0.10
N SER A 44 -33.86 -4.77 0.35
CA SER A 44 -34.73 -4.57 1.50
C SER A 44 -34.08 -5.12 2.77
N SER A 45 -33.04 -5.92 2.59
CA SER A 45 -32.28 -6.45 3.72
C SER A 45 -31.34 -5.38 4.25
N SER B 1 22.49 2.31 12.57
CA SER B 1 22.40 3.67 13.14
C SER B 1 20.94 4.05 13.32
N ASN B 2 20.67 4.97 14.24
CA ASN B 2 19.31 5.38 14.55
C ASN B 2 18.99 6.73 13.90
N ALA B 3 17.71 7.03 13.77
CA ALA B 3 17.27 8.30 13.24
C ALA B 3 16.40 9.01 14.28
N SER B 4 16.82 10.21 14.66
CA SER B 4 16.13 10.97 15.69
C SER B 4 15.17 11.99 15.08
N LEU B 5 13.89 11.74 15.22
CA LEU B 5 12.86 12.67 14.75
C LEU B 5 11.81 12.88 15.83
N GLN B 6 11.37 14.11 15.99
CA GLN B 6 10.30 14.41 16.94
C GLN B 6 9.17 15.14 16.22
N ASN B 7 9.13 14.98 14.91
CA ASN B 7 8.09 15.57 14.08
C ASN B 7 7.03 14.51 13.77
N ASN B 8 6.09 14.86 12.91
CA ASN B 8 5.09 13.92 12.45
C ASN B 8 5.65 13.13 11.26
N GLN B 9 4.79 12.61 10.39
CA GLN B 9 5.26 11.73 9.33
C GLN B 9 4.96 12.28 7.92
N PRO B 10 5.25 13.57 7.62
CA PRO B 10 4.92 14.14 6.31
C PRO B 10 5.92 13.71 5.24
N VAL B 11 7.21 13.81 5.56
CA VAL B 11 8.26 13.43 4.62
C VAL B 11 8.34 11.92 4.45
N GLU B 12 7.75 11.20 5.40
CA GLU B 12 7.72 9.74 5.33
C GLU B 12 6.83 9.31 4.16
N PHE B 13 5.70 9.99 4.01
CA PHE B 13 4.80 9.71 2.90
C PHE B 13 5.48 10.03 1.58
N ASN B 14 6.25 11.11 1.58
CA ASN B 14 7.03 11.51 0.41
C ASN B 14 8.08 10.45 0.09
N HIS B 15 8.70 9.92 1.14
CA HIS B 15 9.67 8.84 1.02
C HIS B 15 9.01 7.60 0.42
N ALA B 16 7.73 7.41 0.72
CA ALA B 16 6.96 6.30 0.17
C ALA B 16 6.68 6.51 -1.31
N ILE B 17 6.38 7.74 -1.70
CA ILE B 17 6.13 8.07 -3.10
C ILE B 17 7.37 7.77 -3.93
N ASN B 18 8.53 8.19 -3.42
CA ASN B 18 9.79 7.93 -4.10
C ASN B 18 10.18 6.47 -4.00
N TYR B 19 9.71 5.78 -2.98
CA TYR B 19 9.95 4.35 -2.89
C TYR B 19 9.28 3.64 -4.04
N VAL B 20 8.01 3.99 -4.29
CA VAL B 20 7.27 3.45 -5.42
C VAL B 20 8.01 3.73 -6.73
N ASN B 21 8.46 4.98 -6.87
CA ASN B 21 9.27 5.37 -8.01
C ASN B 21 10.53 4.53 -8.09
N LYS B 22 11.25 4.48 -6.98
CA LYS B 22 12.47 3.69 -6.86
C LYS B 22 12.24 2.22 -7.27
N ILE B 23 11.13 1.63 -6.85
CA ILE B 23 10.82 0.24 -7.22
C ILE B 23 10.75 0.11 -8.75
N LYS B 24 10.07 1.06 -9.37
CA LYS B 24 9.94 1.08 -10.83
C LYS B 24 11.30 1.14 -11.51
N ASN B 25 12.21 1.93 -10.94
CA ASN B 25 13.56 2.07 -11.47
C ASN B 25 14.40 0.83 -11.14
N ARG B 26 14.18 0.27 -9.96
CA ARG B 26 14.90 -0.91 -9.50
C ARG B 26 14.62 -2.11 -10.40
N PHE B 27 13.39 -2.21 -10.87
CA PHE B 27 13.01 -3.27 -11.80
C PHE B 27 12.70 -2.69 -13.17
N GLN B 28 13.48 -1.68 -13.55
CA GLN B 28 13.31 -0.99 -14.82
C GLN B 28 13.30 -1.97 -16.00
N GLY B 29 12.12 -2.18 -16.56
CA GLY B 29 12.00 -3.03 -17.72
C GLY B 29 11.19 -4.29 -17.43
N GLN B 30 10.95 -4.57 -16.16
CA GLN B 30 10.20 -5.77 -15.78
C GLN B 30 8.88 -5.39 -15.11
N PRO B 31 7.81 -5.26 -15.89
CA PRO B 31 6.49 -4.85 -15.39
C PRO B 31 5.80 -5.94 -14.59
N ASP B 32 6.10 -7.19 -14.91
CA ASP B 32 5.46 -8.33 -14.27
C ASP B 32 5.73 -8.34 -12.77
N ILE B 33 6.98 -8.05 -12.40
CA ILE B 33 7.37 -8.04 -11.00
C ILE B 33 6.65 -6.93 -10.23
N TYR B 34 6.61 -5.74 -10.82
CA TYR B 34 5.96 -4.61 -10.17
C TYR B 34 4.45 -4.83 -10.13
N LYS B 35 3.89 -5.38 -11.20
CA LYS B 35 2.46 -5.64 -11.26
C LYS B 35 2.06 -6.65 -10.19
N ALA B 36 2.89 -7.67 -10.02
CA ALA B 36 2.67 -8.67 -8.98
C ALA B 36 2.62 -7.99 -7.61
N PHE B 37 3.58 -7.10 -7.36
CA PHE B 37 3.61 -6.33 -6.12
C PHE B 37 2.34 -5.50 -5.96
N LEU B 38 1.93 -4.86 -7.05
CA LEU B 38 0.72 -4.04 -7.05
C LEU B 38 -0.50 -4.89 -6.73
N GLU B 39 -0.53 -6.09 -7.30
CA GLU B 39 -1.63 -7.02 -7.06
C GLU B 39 -1.60 -7.53 -5.62
N ILE B 40 -0.41 -7.64 -5.04
CA ILE B 40 -0.27 -8.00 -3.63
C ILE B 40 -0.98 -6.97 -2.76
N LEU B 41 -0.72 -5.70 -3.05
CA LEU B 41 -1.37 -4.60 -2.35
C LEU B 41 -2.89 -4.65 -2.56
N HIS B 42 -3.30 -4.94 -3.79
CA HIS B 42 -4.71 -5.06 -4.13
C HIS B 42 -5.35 -6.24 -3.39
N THR B 43 -4.60 -7.32 -3.25
CA THR B 43 -5.09 -8.50 -2.55
C THR B 43 -5.26 -8.20 -1.06
N TYR B 44 -4.25 -7.55 -0.47
CA TYR B 44 -4.34 -7.14 0.94
C TYR B 44 -5.56 -6.25 1.14
N GLN B 45 -5.75 -5.32 0.21
CA GLN B 45 -6.87 -4.40 0.25
C GLN B 45 -8.21 -5.14 0.22
N LYS B 46 -8.26 -6.20 -0.58
CA LYS B 46 -9.49 -6.97 -0.72
C LYS B 46 -9.72 -7.78 0.55
N GLU B 47 -8.62 -8.34 1.06
CA GLU B 47 -8.66 -9.12 2.29
C GLU B 47 -9.08 -8.24 3.47
N GLN B 48 -8.57 -7.02 3.48
CA GLN B 48 -8.90 -6.05 4.51
C GLN B 48 -10.39 -5.76 4.51
N ARG B 49 -10.95 -5.47 3.33
CA ARG B 49 -12.37 -5.21 3.22
C ARG B 49 -13.17 -6.48 3.49
N ASN B 50 -12.64 -7.63 3.08
CA ASN B 50 -13.30 -8.90 3.35
C ASN B 50 -13.51 -9.09 4.86
N ALA B 51 -12.57 -8.60 5.64
CA ALA B 51 -12.68 -8.64 7.10
C ALA B 51 -13.73 -7.67 7.59
N LYS B 52 -13.67 -6.43 7.11
CA LYS B 52 -14.57 -5.37 7.56
C LYS B 52 -16.00 -5.60 7.07
N GLU B 53 -16.12 -6.14 5.86
CA GLU B 53 -17.41 -6.40 5.24
C GLU B 53 -18.16 -7.49 6.00
N ALA B 54 -17.40 -8.42 6.58
CA ALA B 54 -17.98 -9.52 7.34
C ALA B 54 -18.36 -9.08 8.74
N GLY B 55 -18.15 -7.79 9.03
CA GLY B 55 -18.54 -7.25 10.32
C GLY B 55 -17.38 -7.16 11.29
N GLY B 56 -16.59 -8.22 11.34
CA GLY B 56 -15.46 -8.27 12.24
C GLY B 56 -15.11 -9.68 12.65
N ASN B 57 -14.06 -9.81 13.47
CA ASN B 57 -13.59 -11.10 13.96
C ASN B 57 -12.97 -11.93 12.81
N TYR B 58 -12.95 -11.33 11.63
CA TYR B 58 -12.45 -12.00 10.45
C TYR B 58 -10.97 -11.68 10.26
N THR B 59 -10.16 -12.71 10.11
CA THR B 59 -8.74 -12.54 9.89
C THR B 59 -8.42 -12.79 8.42
N PRO B 60 -7.92 -11.77 7.71
CA PRO B 60 -7.59 -11.88 6.29
C PRO B 60 -6.50 -12.92 6.02
N ALA B 61 -6.54 -13.52 4.84
CA ALA B 61 -5.56 -14.52 4.45
C ALA B 61 -4.25 -13.84 4.06
N LEU B 62 -4.29 -12.52 3.95
CA LEU B 62 -3.11 -11.74 3.64
C LEU B 62 -2.93 -10.62 4.65
N THR B 63 -1.93 -10.76 5.49
CA THR B 63 -1.60 -9.75 6.47
C THR B 63 -0.40 -8.95 6.00
N GLU B 64 0.00 -7.95 6.79
CA GLU B 64 1.22 -7.21 6.52
C GLU B 64 2.41 -8.16 6.57
N GLN B 65 2.28 -9.19 7.39
CA GLN B 65 3.30 -10.23 7.51
C GLN B 65 3.45 -10.98 6.20
N GLU B 66 2.31 -11.37 5.61
CA GLU B 66 2.31 -12.09 4.34
C GLU B 66 2.96 -11.24 3.25
N VAL B 67 2.52 -9.98 3.18
CA VAL B 67 3.03 -9.06 2.18
C VAL B 67 4.55 -8.90 2.29
N TYR B 68 5.04 -8.73 3.51
CA TYR B 68 6.46 -8.56 3.72
C TYR B 68 7.24 -9.83 3.34
N ALA B 69 6.67 -10.97 3.67
CA ALA B 69 7.29 -12.25 3.32
C ALA B 69 7.35 -12.43 1.80
N GLN B 70 6.24 -12.12 1.13
CA GLN B 70 6.14 -12.28 -0.31
C GLN B 70 6.95 -11.22 -1.03
N VAL B 71 7.04 -10.03 -0.47
CA VAL B 71 7.83 -8.97 -1.07
C VAL B 71 9.33 -9.29 -0.94
N ALA B 72 9.68 -10.00 0.14
CA ALA B 72 11.06 -10.41 0.36
C ALA B 72 11.47 -11.53 -0.59
N ARG B 73 10.56 -12.45 -0.88
CA ARG B 73 10.85 -13.49 -1.87
C ARG B 73 10.83 -12.91 -3.27
N LEU B 74 10.10 -11.81 -3.45
CA LEU B 74 10.07 -11.12 -4.72
C LEU B 74 11.37 -10.35 -4.95
N PHE B 75 11.78 -9.59 -3.94
CA PHE B 75 13.02 -8.82 -4.02
C PHE B 75 14.20 -9.71 -3.61
N LYS B 76 14.77 -10.39 -4.60
CA LYS B 76 15.81 -11.39 -4.36
C LYS B 76 17.12 -10.74 -3.91
N ASN B 77 17.74 -9.99 -4.81
CA ASN B 77 19.01 -9.34 -4.48
C ASN B 77 18.81 -7.84 -4.33
N GLN B 78 17.56 -7.42 -4.43
CA GLN B 78 17.20 -6.03 -4.26
C GLN B 78 17.07 -5.72 -2.77
N GLU B 79 18.15 -5.98 -2.04
CA GLU B 79 18.19 -5.81 -0.60
C GLU B 79 17.98 -4.36 -0.21
N ASP B 80 18.43 -3.45 -1.07
CA ASP B 80 18.24 -2.02 -0.85
C ASP B 80 16.75 -1.70 -0.75
N LEU B 81 16.00 -2.33 -1.64
CA LEU B 81 14.57 -2.07 -1.75
C LEU B 81 13.85 -2.66 -0.53
N LEU B 82 14.28 -3.83 -0.09
CA LEU B 82 13.74 -4.46 1.12
C LEU B 82 14.05 -3.62 2.35
N SER B 83 15.28 -3.09 2.41
CA SER B 83 15.71 -2.26 3.52
C SER B 83 14.82 -1.02 3.64
N GLU B 84 14.48 -0.42 2.50
CA GLU B 84 13.58 0.72 2.49
C GLU B 84 12.16 0.28 2.85
N PHE B 85 11.74 -0.87 2.33
CA PHE B 85 10.37 -1.37 2.54
C PHE B 85 10.07 -1.56 4.02
N GLY B 86 11.07 -2.02 4.77
CA GLY B 86 10.88 -2.26 6.20
C GLY B 86 10.61 -0.98 6.96
N GLN B 87 10.86 0.16 6.33
CA GLN B 87 10.65 1.46 6.96
C GLN B 87 9.25 1.98 6.67
N PHE B 88 8.47 1.21 5.92
CA PHE B 88 7.12 1.63 5.56
C PHE B 88 6.07 0.81 6.28
N LEU B 89 6.51 0.00 7.23
CA LEU B 89 5.61 -0.69 8.16
C LEU B 89 6.30 -0.97 9.49
N PRO B 90 6.91 0.05 10.12
CA PRO B 90 7.62 -0.10 11.38
C PRO B 90 6.73 0.21 12.57
N ASP B 91 6.43 -0.80 13.37
CA ASP B 91 5.61 -0.62 14.55
C ASP B 91 6.48 -0.70 15.81
N ALA B 92 7.78 -0.82 15.58
CA ALA B 92 8.75 -0.97 16.66
C ALA B 92 8.82 0.29 17.53
N ASN B 93 8.26 1.39 17.06
CA ASN B 93 8.27 2.63 17.81
C ASN B 93 7.02 2.74 18.68
N SER B 94 5.93 2.15 18.19
CA SER B 94 4.65 2.14 18.90
C SER B 94 4.12 3.56 19.10
N SER A 1 23.18 12.22 15.24
CA SER A 1 22.61 11.92 13.91
C SER A 1 23.05 10.53 13.46
N ASN A 2 22.55 10.10 12.29
CA ASN A 2 22.85 8.78 11.73
C ASN A 2 22.15 7.69 12.52
N ALA A 3 21.09 7.14 11.92
CA ALA A 3 20.24 6.14 12.56
C ALA A 3 19.48 6.73 13.74
N ASP A 4 18.71 5.88 14.43
CA ASP A 4 17.90 6.29 15.58
C ASP A 4 16.76 7.22 15.15
N TYR A 5 15.54 6.73 15.22
CA TYR A 5 14.37 7.51 14.85
C TYR A 5 13.18 7.08 15.67
N VAL A 6 12.23 7.98 15.83
CA VAL A 6 10.98 7.67 16.50
C VAL A 6 9.85 7.61 15.46
N GLN A 7 9.35 6.41 15.23
CA GLN A 7 8.33 6.21 14.21
C GLN A 7 6.94 6.54 14.74
N PRO A 8 6.32 7.58 14.18
CA PRO A 8 4.97 8.01 14.56
C PRO A 8 3.92 6.97 14.20
N GLN A 9 2.82 6.98 14.94
CA GLN A 9 1.77 5.99 14.74
C GLN A 9 0.41 6.66 14.64
N LEU A 10 0.29 7.50 13.62
CA LEU A 10 -0.96 8.17 13.33
C LEU A 10 -1.53 7.61 12.03
N ARG A 11 -0.64 7.09 11.22
CA ARG A 11 -0.99 6.58 9.92
C ARG A 11 -0.84 5.07 9.86
N ARG A 12 -1.26 4.46 8.78
CA ARG A 12 -1.10 3.03 8.60
C ARG A 12 -0.05 2.75 7.52
N PRO A 13 0.79 1.71 7.73
CA PRO A 13 1.83 1.32 6.78
C PRO A 13 1.31 1.16 5.35
N PHE A 14 0.26 0.36 5.19
CA PHE A 14 -0.29 0.10 3.87
C PHE A 14 -1.16 1.25 3.40
N GLU A 15 -1.64 2.04 4.35
CA GLU A 15 -2.47 3.21 4.02
C GLU A 15 -1.69 4.15 3.10
N LEU A 16 -0.53 4.59 3.56
CA LEU A 16 0.31 5.50 2.79
C LEU A 16 0.90 4.81 1.57
N LEU A 17 1.20 3.52 1.69
CA LEU A 17 1.81 2.76 0.61
C LEU A 17 0.84 2.63 -0.55
N ILE A 18 -0.36 2.13 -0.26
CA ILE A 18 -1.36 1.89 -1.29
C ILE A 18 -1.86 3.21 -1.88
N ALA A 19 -2.00 4.23 -1.03
CA ALA A 19 -2.43 5.55 -1.51
C ALA A 19 -1.37 6.15 -2.43
N ALA A 20 -0.11 5.97 -2.08
CA ALA A 20 0.99 6.43 -2.91
C ALA A 20 1.02 5.66 -4.23
N ALA A 21 0.91 4.34 -4.12
CA ALA A 21 0.90 3.48 -5.30
C ALA A 21 -0.23 3.86 -6.25
N MET A 22 -1.39 4.12 -5.68
CA MET A 22 -2.58 4.45 -6.45
C MET A 22 -2.47 5.82 -7.10
N GLU A 23 -1.79 6.74 -6.43
CA GLU A 23 -1.59 8.07 -6.98
C GLU A 23 -0.49 8.05 -8.04
N ARG A 24 0.53 7.24 -7.79
CA ARG A 24 1.68 7.15 -8.69
C ARG A 24 1.30 6.46 -9.99
N ASN A 25 0.55 5.37 -9.89
CA ASN A 25 0.18 4.58 -11.06
C ASN A 25 -1.23 4.91 -11.51
N PRO A 26 -1.56 4.65 -12.79
CA PRO A 26 -2.90 4.86 -13.34
C PRO A 26 -3.97 3.99 -12.67
N THR A 27 -3.52 3.08 -11.79
CA THR A 27 -4.37 2.15 -11.04
C THR A 27 -5.40 1.45 -11.94
N GLN A 28 -5.01 0.27 -12.43
CA GLN A 28 -5.86 -0.50 -13.34
C GLN A 28 -6.94 -1.27 -12.58
N PHE A 29 -7.13 -0.94 -11.32
CA PHE A 29 -8.06 -1.68 -10.48
C PHE A 29 -9.41 -0.99 -10.40
N GLN A 30 -9.51 0.15 -11.07
CA GLN A 30 -10.77 0.86 -11.13
C GLN A 30 -11.62 0.29 -12.26
N LEU A 31 -12.29 -0.81 -11.96
CA LEU A 31 -13.12 -1.49 -12.94
C LEU A 31 -14.61 -1.37 -12.57
N PRO A 32 -15.01 -1.74 -11.33
CA PRO A 32 -16.39 -1.54 -10.88
C PRO A 32 -16.75 -0.06 -10.81
N ASN A 33 -17.37 0.44 -11.86
CA ASN A 33 -17.70 1.85 -11.97
C ASN A 33 -18.75 2.05 -13.03
N GLU A 34 -18.53 1.49 -14.21
CA GLU A 34 -19.47 1.64 -15.31
C GLU A 34 -20.81 1.03 -14.93
N LEU A 35 -21.89 1.72 -15.28
CA LEU A 35 -23.27 1.31 -14.97
C LEU A 35 -23.60 1.49 -13.49
N THR A 36 -22.71 1.04 -12.63
CA THR A 36 -22.97 1.03 -11.20
C THR A 36 -22.65 2.37 -10.51
N CYS A 37 -22.03 3.28 -11.25
CA CYS A 37 -21.74 4.59 -10.70
C CYS A 37 -22.85 5.53 -11.12
N THR A 38 -23.40 5.25 -12.29
CA THR A 38 -24.58 5.95 -12.75
C THR A 38 -25.83 5.22 -12.24
N THR A 39 -25.56 4.20 -11.41
CA THR A 39 -26.59 3.37 -10.75
C THR A 39 -27.53 2.67 -11.73
N ALA A 40 -28.52 3.38 -12.26
CA ALA A 40 -29.49 2.76 -13.15
C ALA A 40 -29.54 3.46 -14.51
N LEU A 41 -29.85 4.74 -14.49
CA LEU A 41 -30.03 5.50 -15.72
C LEU A 41 -28.69 5.80 -16.36
N PRO A 42 -28.53 5.43 -17.65
CA PRO A 42 -27.25 5.54 -18.37
C PRO A 42 -26.80 6.99 -18.62
N GLY A 43 -27.73 7.93 -18.58
CA GLY A 43 -27.37 9.31 -18.77
C GLY A 43 -28.43 10.10 -19.52
N SER A 44 -29.35 10.68 -18.78
CA SER A 44 -30.40 11.50 -19.35
C SER A 44 -30.98 12.40 -18.26
N SER A 45 -32.02 13.16 -18.59
CA SER A 45 -32.67 14.00 -17.62
C SER A 45 -34.15 14.14 -17.96
N SER B 1 -15.13 24.78 11.10
CA SER B 1 -14.59 24.84 9.73
C SER B 1 -13.77 23.58 9.44
N ASN B 2 -12.59 23.50 10.03
CA ASN B 2 -11.71 22.35 9.85
C ASN B 2 -11.51 21.63 11.18
N ALA B 3 -11.61 20.32 11.16
CA ALA B 3 -11.41 19.53 12.36
C ALA B 3 -9.94 19.18 12.53
N SER B 4 -9.16 19.55 11.51
CA SER B 4 -7.72 19.28 11.47
C SER B 4 -7.47 17.79 11.30
N LEU B 5 -6.93 17.43 10.14
CA LEU B 5 -6.71 16.03 9.82
C LEU B 5 -5.59 15.44 10.67
N GLN B 6 -5.94 14.49 11.52
CA GLN B 6 -4.94 13.75 12.29
C GLN B 6 -4.28 12.72 11.38
N ASN B 7 -4.80 12.63 10.16
CA ASN B 7 -4.26 11.72 9.15
C ASN B 7 -3.09 12.36 8.41
N ASN B 8 -2.64 13.52 8.89
CA ASN B 8 -1.54 14.25 8.25
C ASN B 8 -0.24 13.47 8.34
N GLN B 9 0.02 12.68 7.32
CA GLN B 9 1.25 11.92 7.21
C GLN B 9 2.17 12.57 6.19
N PRO B 10 3.17 13.33 6.65
CA PRO B 10 4.04 14.12 5.81
C PRO B 10 5.17 13.29 5.19
N VAL B 11 6.11 12.88 6.02
CA VAL B 11 7.34 12.26 5.53
C VAL B 11 7.11 10.82 5.07
N GLU B 12 6.30 10.07 5.80
CA GLU B 12 6.08 8.66 5.47
C GLU B 12 5.34 8.53 4.14
N PHE B 13 4.40 9.43 3.89
CA PHE B 13 3.62 9.40 2.66
C PHE B 13 4.51 9.76 1.47
N ASN B 14 5.32 10.81 1.62
CA ASN B 14 6.24 11.22 0.57
C ASN B 14 7.29 10.15 0.35
N HIS B 15 7.70 9.51 1.44
CA HIS B 15 8.65 8.40 1.37
C HIS B 15 8.02 7.24 0.61
N ALA B 16 6.72 7.03 0.79
CA ALA B 16 6.00 6.01 0.04
C ALA B 16 5.95 6.38 -1.44
N ILE B 17 5.75 7.66 -1.72
CA ILE B 17 5.76 8.17 -3.09
C ILE B 17 7.07 7.81 -3.78
N ASN B 18 8.19 8.21 -3.18
CA ASN B 18 9.49 7.99 -3.80
C ASN B 18 9.89 6.52 -3.69
N TYR B 19 9.22 5.79 -2.81
CA TYR B 19 9.46 4.35 -2.68
C TYR B 19 8.81 3.59 -3.83
N VAL B 20 7.58 3.96 -4.15
CA VAL B 20 6.91 3.38 -5.32
C VAL B 20 7.73 3.66 -6.57
N ASN B 21 8.21 4.89 -6.67
CA ASN B 21 9.12 5.29 -7.73
C ASN B 21 10.39 4.44 -7.68
N LYS B 22 10.86 4.22 -6.46
CA LYS B 22 12.10 3.47 -6.22
C LYS B 22 11.95 2.01 -6.67
N ILE B 23 10.79 1.42 -6.42
CA ILE B 23 10.52 0.05 -6.86
C ILE B 23 10.54 -0.02 -8.38
N LYS B 24 9.83 0.91 -9.01
CA LYS B 24 9.76 0.98 -10.47
C LYS B 24 11.16 1.26 -11.05
N ASN B 25 11.94 2.06 -10.32
CA ASN B 25 13.30 2.38 -10.72
C ASN B 25 14.18 1.13 -10.64
N ARG B 26 14.04 0.36 -9.55
CA ARG B 26 14.83 -0.85 -9.35
C ARG B 26 14.55 -1.88 -10.44
N PHE B 27 13.29 -2.10 -10.74
CA PHE B 27 12.90 -3.12 -11.70
C PHE B 27 12.20 -2.49 -12.89
N GLN B 28 12.97 -1.75 -13.67
CA GLN B 28 12.47 -1.07 -14.85
C GLN B 28 12.36 -2.07 -16.00
N GLY B 29 13.29 -3.02 -16.04
CA GLY B 29 13.32 -3.99 -17.12
C GLY B 29 12.43 -5.18 -16.87
N GLN B 30 11.73 -5.19 -15.75
CA GLN B 30 10.79 -6.26 -15.43
C GLN B 30 9.59 -5.71 -14.68
N PRO B 31 8.62 -5.15 -15.41
CA PRO B 31 7.41 -4.57 -14.82
C PRO B 31 6.54 -5.63 -14.14
N ASP B 32 6.75 -6.89 -14.50
CA ASP B 32 5.98 -8.00 -13.94
C ASP B 32 6.31 -8.23 -12.47
N ILE B 33 7.46 -7.74 -12.03
CA ILE B 33 7.81 -7.80 -10.62
C ILE B 33 6.95 -6.82 -9.83
N TYR B 34 6.81 -5.60 -10.37
CA TYR B 34 5.92 -4.62 -9.77
C TYR B 34 4.48 -5.07 -9.96
N LYS B 35 4.24 -5.75 -11.08
CA LYS B 35 2.93 -6.34 -11.38
C LYS B 35 2.49 -7.28 -10.26
N ALA B 36 3.39 -8.15 -9.84
CA ALA B 36 3.13 -9.08 -8.74
C ALA B 36 2.89 -8.30 -7.45
N PHE B 37 3.74 -7.32 -7.18
CA PHE B 37 3.61 -6.47 -6.01
C PHE B 37 2.27 -5.74 -6.01
N LEU B 38 1.88 -5.23 -7.17
CA LEU B 38 0.65 -4.49 -7.32
C LEU B 38 -0.56 -5.38 -7.06
N GLU B 39 -0.47 -6.64 -7.49
CA GLU B 39 -1.55 -7.60 -7.30
C GLU B 39 -1.69 -8.00 -5.83
N ILE B 40 -0.57 -8.31 -5.17
CA ILE B 40 -0.63 -8.69 -3.77
C ILE B 40 -1.05 -7.49 -2.91
N LEU B 41 -0.68 -6.30 -3.37
CA LEU B 41 -1.08 -5.07 -2.69
C LEU B 41 -2.59 -4.91 -2.76
N HIS B 42 -3.15 -5.16 -3.95
CA HIS B 42 -4.60 -5.11 -4.16
C HIS B 42 -5.30 -6.19 -3.33
N THR B 43 -4.66 -7.34 -3.20
CA THR B 43 -5.22 -8.44 -2.44
C THR B 43 -5.29 -8.07 -0.96
N TYR B 44 -4.18 -7.58 -0.40
CA TYR B 44 -4.15 -7.14 0.99
C TYR B 44 -5.13 -6.00 1.19
N GLN B 45 -5.20 -5.10 0.22
CA GLN B 45 -6.16 -4.00 0.23
C GLN B 45 -7.57 -4.51 0.49
N LYS B 46 -7.98 -5.51 -0.28
CA LYS B 46 -9.31 -6.08 -0.14
C LYS B 46 -9.46 -6.76 1.22
N GLU B 47 -8.50 -7.62 1.56
CA GLU B 47 -8.52 -8.34 2.83
C GLU B 47 -8.64 -7.38 4.00
N GLN B 48 -7.84 -6.33 3.97
CA GLN B 48 -7.81 -5.33 5.02
C GLN B 48 -9.18 -4.66 5.17
N ARG B 49 -9.74 -4.22 4.05
CA ARG B 49 -11.03 -3.54 4.08
C ARG B 49 -12.11 -4.50 4.55
N ASN B 50 -12.10 -5.71 4.02
CA ASN B 50 -13.08 -6.72 4.39
C ASN B 50 -13.02 -7.04 5.87
N ALA B 51 -11.81 -7.07 6.41
CA ALA B 51 -11.62 -7.28 7.84
C ALA B 51 -12.30 -6.18 8.63
N LYS B 52 -12.09 -4.94 8.22
CA LYS B 52 -12.69 -3.80 8.89
C LYS B 52 -14.21 -3.78 8.67
N GLU B 53 -14.64 -4.17 7.47
CA GLU B 53 -16.06 -4.24 7.14
C GLU B 53 -16.78 -5.22 8.05
N ALA B 54 -16.14 -6.34 8.32
CA ALA B 54 -16.71 -7.37 9.18
C ALA B 54 -16.47 -7.08 10.66
N GLY B 55 -15.77 -5.98 10.93
CA GLY B 55 -15.54 -5.57 12.31
C GLY B 55 -14.48 -6.39 13.01
N GLY B 56 -13.64 -7.06 12.24
CA GLY B 56 -12.59 -7.89 12.82
C GLY B 56 -12.95 -9.36 12.83
N ASN B 57 -14.11 -9.69 12.27
CA ASN B 57 -14.55 -11.08 12.17
C ASN B 57 -13.85 -11.79 11.03
N TYR B 58 -13.59 -11.04 9.96
CA TYR B 58 -12.93 -11.58 8.78
C TYR B 58 -11.42 -11.52 8.95
N THR B 59 -10.79 -12.69 8.97
CA THR B 59 -9.35 -12.79 9.08
C THR B 59 -8.72 -12.83 7.69
N PRO B 60 -7.98 -11.77 7.31
CA PRO B 60 -7.35 -11.66 5.99
C PRO B 60 -6.54 -12.89 5.62
N ALA B 61 -6.85 -13.47 4.47
CA ALA B 61 -6.14 -14.64 3.98
C ALA B 61 -4.71 -14.27 3.66
N LEU B 62 -4.53 -13.13 3.03
CA LEU B 62 -3.21 -12.60 2.77
C LEU B 62 -2.79 -11.74 3.96
N THR B 63 -2.29 -12.38 4.99
CA THR B 63 -1.91 -11.71 6.22
C THR B 63 -0.72 -10.78 5.97
N GLU B 64 -0.50 -9.84 6.89
CA GLU B 64 0.53 -8.83 6.72
C GLU B 64 1.93 -9.47 6.61
N GLN B 65 2.20 -10.45 7.46
CA GLN B 65 3.47 -11.18 7.40
C GLN B 65 3.59 -11.92 6.08
N GLU B 66 2.46 -12.42 5.60
CA GLU B 66 2.41 -13.15 4.33
C GLU B 66 2.87 -12.24 3.19
N VAL B 67 2.31 -11.02 3.17
CA VAL B 67 2.69 -10.03 2.16
C VAL B 67 4.18 -9.75 2.23
N TYR B 68 4.68 -9.52 3.44
CA TYR B 68 6.08 -9.20 3.66
C TYR B 68 6.98 -10.35 3.20
N ALA B 69 6.54 -11.58 3.44
CA ALA B 69 7.29 -12.75 3.00
C ALA B 69 7.37 -12.80 1.47
N GLN B 70 6.26 -12.45 0.83
CA GLN B 70 6.17 -12.48 -0.63
C GLN B 70 7.09 -11.43 -1.26
N VAL B 71 7.08 -10.22 -0.73
CA VAL B 71 7.93 -9.16 -1.26
C VAL B 71 9.40 -9.43 -0.95
N ALA B 72 9.67 -10.05 0.20
CA ALA B 72 11.03 -10.37 0.60
C ALA B 72 11.66 -11.36 -0.37
N ARG B 73 10.89 -12.38 -0.76
CA ARG B 73 11.37 -13.36 -1.75
C ARG B 73 11.33 -12.77 -3.17
N LEU B 74 10.43 -11.83 -3.40
CA LEU B 74 10.25 -11.24 -4.72
C LEU B 74 11.39 -10.29 -5.06
N PHE B 75 11.62 -9.30 -4.20
CA PHE B 75 12.70 -8.33 -4.42
C PHE B 75 14.05 -9.01 -4.28
N LYS B 76 14.86 -8.90 -5.32
CA LYS B 76 16.12 -9.63 -5.38
C LYS B 76 17.26 -8.72 -5.81
N ASN B 77 18.43 -8.94 -5.23
CA ASN B 77 19.67 -8.23 -5.62
C ASN B 77 19.65 -6.77 -5.19
N GLN B 78 18.65 -6.40 -4.39
CA GLN B 78 18.55 -5.06 -3.84
C GLN B 78 17.94 -5.09 -2.45
N GLU B 79 18.81 -5.15 -1.44
CA GLU B 79 18.37 -5.17 -0.06
C GLU B 79 17.84 -3.80 0.33
N ASP B 80 18.36 -2.78 -0.34
CA ASP B 80 17.93 -1.40 -0.14
C ASP B 80 16.42 -1.25 -0.28
N LEU B 81 15.86 -1.85 -1.31
CA LEU B 81 14.43 -1.75 -1.57
C LEU B 81 13.63 -2.41 -0.45
N LEU B 82 14.09 -3.59 -0.03
CA LEU B 82 13.43 -4.32 1.04
C LEU B 82 13.58 -3.58 2.36
N SER B 83 14.75 -2.99 2.58
CA SER B 83 15.01 -2.22 3.79
C SER B 83 14.05 -1.04 3.91
N GLU B 84 13.78 -0.39 2.79
CA GLU B 84 12.82 0.71 2.75
C GLU B 84 11.42 0.21 3.11
N PHE B 85 11.05 -0.93 2.53
CA PHE B 85 9.74 -1.53 2.79
C PHE B 85 9.60 -1.93 4.25
N GLY B 86 10.70 -2.42 4.82
CA GLY B 86 10.69 -2.89 6.19
C GLY B 86 10.61 -1.76 7.21
N GLN B 87 10.65 -0.52 6.74
CA GLN B 87 10.52 0.64 7.63
C GLN B 87 9.08 1.11 7.69
N PHE B 88 8.27 0.67 6.73
CA PHE B 88 6.85 1.00 6.73
C PHE B 88 6.13 0.10 7.73
N LEU B 89 6.50 -1.18 7.73
CA LEU B 89 5.98 -2.12 8.71
C LEU B 89 7.12 -2.90 9.35
N PRO B 90 7.84 -2.27 10.30
CA PRO B 90 9.00 -2.86 10.97
C PRO B 90 8.62 -3.78 12.13
N ASP B 91 8.95 -5.06 11.99
CA ASP B 91 8.78 -6.03 13.08
C ASP B 91 9.60 -5.63 14.30
N ALA B 92 10.74 -5.00 14.04
CA ALA B 92 11.67 -4.64 15.08
C ALA B 92 11.28 -3.33 15.78
N ASN B 93 9.99 -3.19 16.08
CA ASN B 93 9.52 -2.06 16.87
C ASN B 93 9.79 -2.34 18.34
N SER B 94 10.95 -1.92 18.81
CA SER B 94 11.37 -2.19 20.17
C SER B 94 10.96 -1.04 21.08
N SER A 1 -3.94 -5.43 32.90
CA SER A 1 -2.93 -5.91 31.94
C SER A 1 -3.26 -7.35 31.52
N ASN A 2 -4.54 -7.64 31.41
CA ASN A 2 -4.99 -8.94 30.91
C ASN A 2 -5.24 -8.84 29.42
N ALA A 3 -5.82 -7.72 29.02
CA ALA A 3 -6.05 -7.44 27.62
C ALA A 3 -5.40 -6.13 27.25
N ASP A 4 -4.09 -6.16 27.12
CA ASP A 4 -3.32 -4.97 26.81
C ASP A 4 -3.51 -4.60 25.34
N TYR A 5 -4.54 -3.83 25.08
CA TYR A 5 -4.87 -3.43 23.72
C TYR A 5 -4.44 -2.00 23.48
N VAL A 6 -3.52 -1.83 22.55
CA VAL A 6 -3.04 -0.53 22.16
C VAL A 6 -2.40 -0.61 20.77
N GLN A 7 -2.66 0.37 19.93
CA GLN A 7 -2.11 0.39 18.59
C GLN A 7 -1.52 1.77 18.28
N PRO A 8 -0.19 1.84 18.16
CA PRO A 8 0.51 3.09 17.82
C PRO A 8 0.31 3.47 16.36
N GLN A 9 0.98 4.55 15.94
CA GLN A 9 0.91 5.02 14.56
C GLN A 9 -0.46 5.60 14.24
N LEU A 10 -0.52 6.92 14.09
CA LEU A 10 -1.78 7.62 13.82
C LEU A 10 -2.52 7.02 12.63
N ARG A 11 -1.76 6.60 11.64
CA ARG A 11 -2.30 5.87 10.51
C ARG A 11 -1.38 4.72 10.18
N ARG A 12 -1.91 3.71 9.50
CA ARG A 12 -1.16 2.51 9.18
C ARG A 12 -0.19 2.81 8.04
N PRO A 13 1.12 2.68 8.30
CA PRO A 13 2.16 2.98 7.31
C PRO A 13 2.08 2.09 6.08
N PHE A 14 1.62 0.86 6.28
CA PHE A 14 1.43 -0.06 5.17
C PHE A 14 0.18 0.31 4.38
N GLU A 15 -0.78 0.93 5.06
CA GLU A 15 -2.02 1.35 4.43
C GLU A 15 -1.76 2.56 3.54
N LEU A 16 -0.94 3.50 4.02
CA LEU A 16 -0.56 4.65 3.22
C LEU A 16 0.33 4.21 2.07
N LEU A 17 1.02 3.09 2.25
CA LEU A 17 1.82 2.51 1.18
C LEU A 17 0.90 2.06 0.06
N ILE A 18 -0.17 1.36 0.43
CA ILE A 18 -1.19 0.95 -0.54
C ILE A 18 -1.75 2.18 -1.25
N ALA A 19 -2.12 3.18 -0.46
CA ALA A 19 -2.64 4.43 -0.99
C ALA A 19 -1.64 5.07 -1.94
N ALA A 20 -0.39 5.17 -1.49
CA ALA A 20 0.68 5.78 -2.30
C ALA A 20 0.88 5.02 -3.61
N ALA A 21 0.91 3.70 -3.53
CA ALA A 21 1.08 2.87 -4.72
C ALA A 21 -0.02 3.14 -5.73
N MET A 22 -1.27 3.09 -5.28
CA MET A 22 -2.43 3.32 -6.15
C MET A 22 -2.48 4.76 -6.65
N GLU A 23 -2.00 5.68 -5.83
CA GLU A 23 -1.93 7.09 -6.22
C GLU A 23 -0.76 7.37 -7.16
N ARG A 24 0.16 6.42 -7.26
CA ARG A 24 1.33 6.60 -8.09
C ARG A 24 1.31 5.63 -9.27
N ASN A 25 0.16 5.04 -9.54
CA ASN A 25 0.00 4.16 -10.69
C ASN A 25 -1.41 4.33 -11.25
N PRO A 26 -1.67 3.83 -12.49
CA PRO A 26 -2.98 3.98 -13.14
C PRO A 26 -4.15 3.43 -12.33
N THR A 27 -3.82 2.64 -11.30
CA THR A 27 -4.80 2.01 -10.41
C THR A 27 -5.98 1.41 -11.18
N GLN A 28 -5.72 0.26 -11.78
CA GLN A 28 -6.68 -0.42 -12.64
C GLN A 28 -7.77 -1.11 -11.81
N PHE A 29 -7.92 -0.67 -10.58
CA PHE A 29 -8.85 -1.28 -9.65
C PHE A 29 -10.09 -0.42 -9.51
N GLN A 30 -9.85 0.89 -9.45
CA GLN A 30 -10.93 1.87 -9.49
C GLN A 30 -10.74 2.74 -10.72
N LEU A 31 -10.85 2.12 -11.86
CA LEU A 31 -10.56 2.75 -13.15
C LEU A 31 -11.49 2.25 -14.24
N PRO A 32 -11.71 0.92 -14.37
CA PRO A 32 -12.67 0.38 -15.35
C PRO A 32 -14.10 0.77 -14.99
N ASN A 33 -14.69 1.67 -15.77
CA ASN A 33 -16.05 2.11 -15.54
C ASN A 33 -16.99 1.23 -16.33
N GLU A 34 -18.14 0.92 -15.75
CA GLU A 34 -19.12 0.07 -16.40
C GLU A 34 -19.51 0.65 -17.76
N LEU A 35 -19.55 -0.22 -18.77
CA LEU A 35 -19.87 0.15 -20.14
C LEU A 35 -18.70 0.87 -20.80
N THR A 36 -18.11 1.84 -20.10
CA THR A 36 -17.02 2.65 -20.67
C THR A 36 -15.90 1.77 -21.22
N CYS A 37 -15.61 0.66 -20.54
CA CYS A 37 -14.54 -0.22 -20.99
C CYS A 37 -15.07 -1.63 -21.25
N THR A 38 -16.35 -1.86 -21.00
CA THR A 38 -16.90 -3.20 -21.11
C THR A 38 -17.90 -3.34 -22.25
N THR A 39 -18.27 -2.24 -22.90
CA THR A 39 -19.19 -2.34 -24.04
C THR A 39 -18.40 -2.33 -25.35
N ALA A 40 -17.23 -1.69 -25.34
CA ALA A 40 -16.34 -1.64 -26.52
C ALA A 40 -17.04 -1.01 -27.73
N LEU A 41 -18.08 -0.22 -27.47
CA LEU A 41 -18.86 0.38 -28.54
C LEU A 41 -18.60 1.88 -28.60
N PRO A 42 -17.99 2.36 -29.70
CA PRO A 42 -17.76 3.78 -29.92
C PRO A 42 -19.05 4.52 -30.29
N GLY A 43 -20.07 3.73 -30.63
CA GLY A 43 -21.34 4.29 -31.04
C GLY A 43 -21.93 3.51 -32.18
N SER A 44 -21.29 3.59 -33.35
CA SER A 44 -21.71 2.85 -34.53
C SER A 44 -23.11 3.27 -34.98
N SER A 45 -23.49 4.48 -34.64
CA SER A 45 -24.77 5.03 -35.04
C SER A 45 -24.56 6.40 -35.68
N SER B 1 -9.36 26.87 5.15
CA SER B 1 -8.73 27.19 3.86
C SER B 1 -7.43 26.42 3.69
N ASN B 2 -6.48 26.68 4.58
CA ASN B 2 -5.15 26.07 4.47
C ASN B 2 -4.81 25.25 5.70
N ALA B 3 -4.43 24.00 5.49
CA ALA B 3 -3.98 23.14 6.57
C ALA B 3 -2.48 22.89 6.46
N SER B 4 -1.72 23.50 7.35
CA SER B 4 -0.27 23.37 7.33
C SER B 4 0.17 22.18 8.19
N LEU B 5 -0.78 21.31 8.53
CA LEU B 5 -0.52 20.12 9.33
C LEU B 5 -0.10 20.50 10.76
N GLN B 6 0.06 19.47 11.58
CA GLN B 6 0.52 19.67 12.95
C GLN B 6 1.17 18.38 13.44
N ASN B 7 0.41 17.29 13.36
CA ASN B 7 0.93 15.97 13.70
C ASN B 7 0.18 14.92 12.87
N ASN B 8 0.75 14.60 11.72
CA ASN B 8 0.13 13.66 10.81
C ASN B 8 1.23 12.98 10.00
N GLN B 9 0.90 12.50 8.80
CA GLN B 9 1.87 11.81 7.97
C GLN B 9 2.08 12.53 6.64
N PRO B 10 2.90 13.60 6.62
CA PRO B 10 3.27 14.26 5.39
C PRO B 10 4.49 13.60 4.73
N VAL B 11 5.58 13.49 5.48
CA VAL B 11 6.83 12.97 4.97
C VAL B 11 6.76 11.46 4.73
N GLU B 12 6.02 10.76 5.58
CA GLU B 12 5.85 9.31 5.40
C GLU B 12 5.12 9.00 4.10
N PHE B 13 4.14 9.84 3.77
CA PHE B 13 3.36 9.64 2.55
C PHE B 13 4.20 9.95 1.32
N ASN B 14 4.89 11.09 1.33
CA ASN B 14 5.75 11.47 0.20
C ASN B 14 6.90 10.48 0.04
N HIS B 15 7.43 10.00 1.16
CA HIS B 15 8.49 8.99 1.12
C HIS B 15 7.94 7.74 0.46
N ALA B 16 6.71 7.38 0.76
CA ALA B 16 6.06 6.23 0.16
C ALA B 16 5.89 6.43 -1.35
N ILE B 17 5.51 7.65 -1.74
CA ILE B 17 5.41 8.01 -3.15
C ILE B 17 6.73 7.76 -3.87
N ASN B 18 7.81 8.27 -3.29
CA ASN B 18 9.14 8.10 -3.87
C ASN B 18 9.61 6.67 -3.75
N TYR B 19 9.09 5.96 -2.75
CA TYR B 19 9.42 4.56 -2.57
C TYR B 19 8.81 3.73 -3.69
N VAL B 20 7.57 4.02 -4.05
CA VAL B 20 6.92 3.37 -5.17
C VAL B 20 7.68 3.67 -6.46
N ASN B 21 8.11 4.93 -6.58
CA ASN B 21 8.97 5.33 -7.69
C ASN B 21 10.26 4.53 -7.69
N LYS B 22 10.80 4.32 -6.49
CA LYS B 22 12.03 3.56 -6.34
C LYS B 22 11.83 2.10 -6.74
N ILE B 23 10.66 1.54 -6.40
CA ILE B 23 10.35 0.19 -6.82
C ILE B 23 10.38 0.09 -8.34
N LYS B 24 9.76 1.05 -9.00
CA LYS B 24 9.73 1.09 -10.46
C LYS B 24 11.12 1.31 -11.03
N ASN B 25 11.85 2.25 -10.44
CA ASN B 25 13.17 2.63 -10.92
C ASN B 25 14.19 1.52 -10.71
N ARG B 26 14.11 0.86 -9.55
CA ARG B 26 15.06 -0.19 -9.21
C ARG B 26 14.92 -1.36 -10.17
N PHE B 27 13.68 -1.71 -10.52
CA PHE B 27 13.42 -2.81 -11.42
C PHE B 27 12.92 -2.30 -12.77
N GLN B 28 13.41 -1.13 -13.16
CA GLN B 28 13.03 -0.52 -14.42
C GLN B 28 13.56 -1.34 -15.59
N GLY B 29 12.65 -2.03 -16.26
CA GLY B 29 13.03 -2.92 -17.34
C GLY B 29 12.31 -4.23 -17.24
N GLN B 30 11.90 -4.59 -16.03
CA GLN B 30 11.13 -5.80 -15.80
C GLN B 30 9.82 -5.45 -15.11
N PRO B 31 8.77 -5.18 -15.91
CA PRO B 31 7.46 -4.75 -15.40
C PRO B 31 6.79 -5.80 -14.51
N ASP B 32 7.14 -7.06 -14.74
CA ASP B 32 6.54 -8.18 -13.99
C ASP B 32 6.79 -8.04 -12.49
N ILE B 33 7.92 -7.48 -12.13
CA ILE B 33 8.27 -7.31 -10.72
C ILE B 33 7.26 -6.41 -10.01
N TYR B 34 7.09 -5.21 -10.56
CA TYR B 34 6.15 -4.25 -10.00
C TYR B 34 4.72 -4.77 -10.12
N LYS B 35 4.43 -5.42 -11.23
CA LYS B 35 3.10 -5.97 -11.47
C LYS B 35 2.74 -7.03 -10.43
N ALA B 36 3.70 -7.92 -10.14
CA ALA B 36 3.50 -8.93 -9.13
C ALA B 36 3.22 -8.31 -7.77
N PHE B 37 4.05 -7.33 -7.40
CA PHE B 37 3.87 -6.61 -6.15
C PHE B 37 2.51 -5.94 -6.10
N LEU B 38 2.14 -5.30 -7.22
CA LEU B 38 0.86 -4.61 -7.33
C LEU B 38 -0.29 -5.58 -7.17
N GLU B 39 -0.16 -6.74 -7.78
CA GLU B 39 -1.22 -7.74 -7.75
C GLU B 39 -1.40 -8.31 -6.35
N ILE B 40 -0.27 -8.57 -5.67
CA ILE B 40 -0.30 -9.02 -4.28
C ILE B 40 -0.96 -7.96 -3.40
N LEU B 41 -0.56 -6.70 -3.61
CA LEU B 41 -1.12 -5.58 -2.87
C LEU B 41 -2.61 -5.45 -3.15
N HIS B 42 -2.99 -5.69 -4.39
CA HIS B 42 -4.39 -5.67 -4.80
C HIS B 42 -5.20 -6.68 -4.01
N THR B 43 -4.71 -7.91 -3.93
CA THR B 43 -5.37 -8.96 -3.18
C THR B 43 -5.51 -8.57 -1.71
N TYR B 44 -4.43 -8.04 -1.14
CA TYR B 44 -4.45 -7.61 0.25
C TYR B 44 -5.44 -6.47 0.45
N GLN B 45 -5.44 -5.49 -0.45
CA GLN B 45 -6.35 -4.36 -0.37
C GLN B 45 -7.81 -4.85 -0.32
N LYS B 46 -8.11 -5.80 -1.18
CA LYS B 46 -9.44 -6.38 -1.26
C LYS B 46 -9.85 -6.98 0.08
N GLU B 47 -8.98 -7.81 0.64
CA GLU B 47 -9.29 -8.47 1.91
C GLU B 47 -9.20 -7.50 3.08
N GLN B 48 -8.38 -6.47 2.94
CA GLN B 48 -8.29 -5.42 3.94
C GLN B 48 -9.63 -4.70 4.07
N ARG B 49 -10.28 -4.48 2.92
CA ARG B 49 -11.61 -3.88 2.91
C ARG B 49 -12.61 -4.83 3.54
N ASN B 50 -12.55 -6.10 3.15
CA ASN B 50 -13.45 -7.13 3.69
C ASN B 50 -13.30 -7.23 5.21
N ALA B 51 -12.07 -7.15 5.67
CA ALA B 51 -11.79 -7.16 7.10
C ALA B 51 -12.38 -5.93 7.77
N LYS B 52 -12.28 -4.79 7.10
CA LYS B 52 -12.87 -3.54 7.58
C LYS B 52 -14.40 -3.67 7.66
N GLU B 53 -14.98 -4.35 6.67
CA GLU B 53 -16.42 -4.60 6.66
C GLU B 53 -16.82 -5.45 7.85
N ALA B 54 -15.89 -6.30 8.30
CA ALA B 54 -16.11 -7.14 9.47
C ALA B 54 -15.73 -6.40 10.75
N GLY B 55 -15.53 -5.09 10.63
CA GLY B 55 -15.27 -4.28 11.80
C GLY B 55 -13.78 -4.07 12.07
N GLY B 56 -12.95 -4.67 11.24
CA GLY B 56 -11.52 -4.56 11.44
C GLY B 56 -11.02 -5.52 12.49
N ASN B 57 -11.80 -6.56 12.75
CA ASN B 57 -11.45 -7.58 13.73
C ASN B 57 -10.95 -8.83 13.01
N TYR B 58 -11.33 -8.96 11.75
CA TYR B 58 -11.00 -10.14 10.96
C TYR B 58 -9.60 -10.00 10.35
N THR B 59 -8.79 -11.03 10.51
CA THR B 59 -7.48 -11.09 9.87
C THR B 59 -7.60 -11.67 8.48
N PRO B 60 -7.06 -10.99 7.46
CA PRO B 60 -7.15 -11.43 6.06
C PRO B 60 -6.49 -12.79 5.81
N ALA B 61 -6.74 -13.36 4.64
CA ALA B 61 -6.15 -14.63 4.27
C ALA B 61 -4.73 -14.41 3.79
N LEU B 62 -4.57 -13.35 3.01
CA LEU B 62 -3.24 -12.90 2.62
C LEU B 62 -2.71 -11.97 3.71
N THR B 63 -1.98 -12.53 4.66
CA THR B 63 -1.57 -11.77 5.83
C THR B 63 -0.36 -10.89 5.53
N GLU B 64 0.02 -10.08 6.52
CA GLU B 64 1.23 -9.28 6.44
C GLU B 64 2.45 -10.19 6.34
N GLN B 65 2.31 -11.40 6.91
CA GLN B 65 3.35 -12.41 6.82
C GLN B 65 3.54 -12.84 5.38
N GLU B 66 2.41 -13.11 4.70
CA GLU B 66 2.43 -13.45 3.28
C GLU B 66 3.04 -12.32 2.47
N VAL B 67 2.55 -11.10 2.67
CA VAL B 67 3.04 -9.94 1.95
C VAL B 67 4.54 -9.77 2.15
N TYR B 68 4.96 -9.63 3.40
CA TYR B 68 6.36 -9.36 3.70
C TYR B 68 7.26 -10.47 3.16
N ALA B 69 6.80 -11.71 3.25
CA ALA B 69 7.54 -12.84 2.73
C ALA B 69 7.68 -12.74 1.21
N GLN B 70 6.55 -12.61 0.52
CA GLN B 70 6.54 -12.50 -0.94
C GLN B 70 7.36 -11.30 -1.41
N VAL B 71 7.24 -10.19 -0.70
CA VAL B 71 7.97 -8.98 -1.03
C VAL B 71 9.47 -9.21 -0.89
N ALA B 72 9.88 -9.90 0.17
CA ALA B 72 11.28 -10.21 0.40
C ALA B 72 11.80 -11.21 -0.64
N ARG B 73 10.91 -12.07 -1.12
CA ARG B 73 11.26 -13.02 -2.17
C ARG B 73 11.38 -12.32 -3.52
N LEU B 74 10.47 -11.40 -3.77
CA LEU B 74 10.42 -10.68 -5.04
C LEU B 74 11.57 -9.67 -5.16
N PHE B 75 11.75 -8.86 -4.12
CA PHE B 75 12.78 -7.83 -4.13
C PHE B 75 14.07 -8.36 -3.52
N LYS B 76 14.24 -9.68 -3.62
CA LYS B 76 15.38 -10.38 -3.03
C LYS B 76 16.71 -9.85 -3.55
N ASN B 77 16.76 -9.53 -4.84
CA ASN B 77 18.00 -9.08 -5.47
C ASN B 77 18.35 -7.65 -5.09
N GLN B 78 17.35 -6.90 -4.63
CA GLN B 78 17.57 -5.52 -4.25
C GLN B 78 17.17 -5.31 -2.79
N GLU B 79 18.10 -5.64 -1.90
CA GLU B 79 17.83 -5.65 -0.46
C GLU B 79 17.46 -4.27 0.06
N ASP B 80 18.00 -3.23 -0.57
CA ASP B 80 17.74 -1.84 -0.16
C ASP B 80 16.25 -1.53 -0.18
N LEU B 81 15.57 -2.00 -1.22
CA LEU B 81 14.16 -1.75 -1.40
C LEU B 81 13.36 -2.38 -0.25
N LEU B 82 13.65 -3.64 0.03
CA LEU B 82 12.98 -4.36 1.12
C LEU B 82 13.39 -3.75 2.47
N SER B 83 14.58 -3.17 2.54
CA SER B 83 15.05 -2.54 3.77
C SER B 83 14.16 -1.35 4.14
N GLU B 84 13.80 -0.55 3.16
CA GLU B 84 12.87 0.55 3.38
C GLU B 84 11.45 0.03 3.58
N PHE B 85 11.13 -1.05 2.87
CA PHE B 85 9.82 -1.69 2.98
C PHE B 85 9.54 -2.12 4.42
N GLY B 86 10.59 -2.60 5.09
CA GLY B 86 10.47 -3.05 6.45
C GLY B 86 10.17 -1.92 7.42
N GLN B 87 10.24 -0.68 6.95
CA GLN B 87 9.93 0.47 7.78
C GLN B 87 8.49 0.92 7.56
N PHE B 88 7.83 0.35 6.56
CA PHE B 88 6.42 0.63 6.33
C PHE B 88 5.56 -0.37 7.10
N LEU B 89 6.16 -1.50 7.47
CA LEU B 89 5.52 -2.47 8.34
C LEU B 89 6.53 -3.10 9.30
N PRO B 90 7.07 -2.31 10.23
CA PRO B 90 8.09 -2.77 11.17
C PRO B 90 7.50 -3.66 12.26
N ASP B 91 8.23 -4.73 12.59
CA ASP B 91 7.79 -5.63 13.65
C ASP B 91 8.05 -4.98 15.02
N ALA B 92 9.26 -4.43 15.17
CA ALA B 92 9.66 -3.72 16.38
C ALA B 92 9.54 -4.61 17.61
N ASN B 93 9.49 -5.92 17.40
CA ASN B 93 9.29 -6.85 18.49
C ASN B 93 10.62 -7.50 18.87
N SER B 94 11.35 -7.96 17.87
CA SER B 94 12.62 -8.60 18.10
C SER B 94 13.78 -7.66 17.76
N SER A 1 9.98 18.63 33.54
CA SER A 1 8.80 19.06 32.75
C SER A 1 7.89 17.88 32.44
N ASN A 2 6.68 18.18 31.97
CA ASN A 2 5.69 17.14 31.66
C ASN A 2 5.75 16.76 30.19
N ALA A 3 6.14 17.71 29.35
CA ALA A 3 6.18 17.49 27.92
C ALA A 3 7.59 17.11 27.45
N ASP A 4 7.79 15.83 27.20
CA ASP A 4 9.05 15.35 26.62
C ASP A 4 8.79 14.79 25.23
N TYR A 5 8.04 13.69 25.18
CA TYR A 5 7.62 13.10 23.91
C TYR A 5 6.31 13.75 23.47
N VAL A 6 6.41 14.71 22.58
CA VAL A 6 5.23 15.43 22.11
C VAL A 6 4.72 14.82 20.81
N GLN A 7 3.52 14.24 20.89
CA GLN A 7 2.84 13.64 19.74
C GLN A 7 3.52 12.35 19.28
N PRO A 8 2.71 11.31 19.00
CA PRO A 8 3.20 10.06 18.39
C PRO A 8 3.71 10.31 16.98
N GLN A 9 4.36 9.30 16.39
CA GLN A 9 4.98 9.42 15.08
C GLN A 9 4.00 9.97 14.03
N LEU A 10 3.10 9.14 13.53
CA LEU A 10 2.06 9.59 12.63
C LEU A 10 0.95 8.54 12.52
N ARG A 11 0.84 7.92 11.36
CA ARG A 11 -0.15 6.90 11.14
C ARG A 11 0.49 5.69 10.47
N ARG A 12 -0.32 4.77 9.98
CA ARG A 12 0.16 3.54 9.37
C ARG A 12 0.92 3.83 8.08
N PRO A 13 2.23 3.56 8.07
CA PRO A 13 3.07 3.78 6.89
C PRO A 13 2.65 2.90 5.71
N PHE A 14 1.99 1.78 6.02
CA PHE A 14 1.50 0.88 4.99
C PHE A 14 0.22 1.42 4.36
N GLU A 15 -0.54 2.18 5.13
CA GLU A 15 -1.79 2.75 4.65
C GLU A 15 -1.50 3.88 3.66
N LEU A 16 -0.53 4.72 4.00
CA LEU A 16 -0.12 5.78 3.10
C LEU A 16 0.59 5.19 1.89
N LEU A 17 1.15 4.00 2.06
CA LEU A 17 1.73 3.24 0.94
C LEU A 17 0.63 2.90 -0.06
N ILE A 18 -0.50 2.44 0.46
CA ILE A 18 -1.67 2.15 -0.37
C ILE A 18 -2.06 3.39 -1.17
N ALA A 19 -2.24 4.50 -0.46
CA ALA A 19 -2.59 5.77 -1.10
C ALA A 19 -1.52 6.19 -2.10
N ALA A 20 -0.26 5.89 -1.77
CA ALA A 20 0.86 6.21 -2.64
C ALA A 20 0.79 5.43 -3.94
N ALA A 21 0.50 4.13 -3.84
CA ALA A 21 0.37 3.29 -5.01
C ALA A 21 -0.74 3.78 -5.93
N MET A 22 -1.87 4.16 -5.33
CA MET A 22 -3.00 4.70 -6.08
C MET A 22 -2.64 6.04 -6.71
N GLU A 23 -1.79 6.79 -6.04
CA GLU A 23 -1.42 8.13 -6.49
C GLU A 23 -0.38 8.09 -7.61
N ARG A 24 0.66 7.28 -7.41
CA ARG A 24 1.79 7.25 -8.34
C ARG A 24 1.50 6.36 -9.55
N ASN A 25 0.30 5.80 -9.58
CA ASN A 25 -0.14 5.02 -10.73
C ASN A 25 -1.45 5.59 -11.24
N PRO A 26 -1.86 5.23 -12.47
CA PRO A 26 -3.13 5.68 -13.05
C PRO A 26 -4.35 5.02 -12.39
N THR A 27 -4.09 4.31 -11.28
CA THR A 27 -5.12 3.58 -10.49
C THR A 27 -6.18 2.92 -11.39
N GLN A 28 -5.90 1.69 -11.81
CA GLN A 28 -6.76 0.97 -12.73
C GLN A 28 -7.92 0.30 -11.98
N PHE A 29 -8.65 1.09 -11.21
CA PHE A 29 -9.81 0.58 -10.48
C PHE A 29 -11.08 1.26 -10.97
N GLN A 30 -11.06 2.58 -11.05
CA GLN A 30 -12.23 3.34 -11.46
C GLN A 30 -12.26 3.52 -12.97
N LEU A 31 -12.49 2.42 -13.68
CA LEU A 31 -12.63 2.46 -15.14
C LEU A 31 -14.03 2.98 -15.54
N PRO A 32 -15.12 2.41 -14.97
CA PRO A 32 -16.49 2.84 -15.29
C PRO A 32 -16.84 4.20 -14.69
N ASN A 33 -15.97 5.18 -14.89
CA ASN A 33 -16.18 6.55 -14.39
C ASN A 33 -17.58 7.07 -14.76
N GLU A 34 -17.89 7.03 -16.04
CA GLU A 34 -19.21 7.42 -16.52
C GLU A 34 -19.97 6.21 -17.03
N LEU A 35 -19.33 5.05 -16.95
CA LEU A 35 -19.91 3.82 -17.49
C LEU A 35 -20.75 3.10 -16.43
N THR A 36 -20.55 3.46 -15.16
CA THR A 36 -21.41 2.96 -14.10
C THR A 36 -22.84 3.47 -14.34
N CYS A 37 -22.91 4.66 -14.92
CA CYS A 37 -24.16 5.20 -15.41
C CYS A 37 -24.10 5.29 -16.93
N THR A 38 -23.56 4.23 -17.54
CA THR A 38 -23.29 4.19 -18.98
C THR A 38 -24.51 4.65 -19.77
N THR A 39 -24.29 5.65 -20.60
CA THR A 39 -25.37 6.27 -21.34
C THR A 39 -25.07 6.31 -22.84
N ALA A 40 -23.81 6.57 -23.19
CA ALA A 40 -23.38 6.72 -24.59
C ALA A 40 -24.01 7.97 -25.22
N LEU A 41 -23.18 8.96 -25.46
CA LEU A 41 -23.63 10.23 -26.02
C LEU A 41 -23.86 10.08 -27.52
N PRO A 42 -25.11 10.26 -27.99
CA PRO A 42 -25.45 10.15 -29.39
C PRO A 42 -24.98 11.34 -30.20
N GLY A 43 -23.83 11.18 -30.87
CA GLY A 43 -23.32 12.22 -31.72
C GLY A 43 -23.96 12.20 -33.09
N SER A 44 -25.14 12.80 -33.18
CA SER A 44 -25.88 12.83 -34.44
C SER A 44 -25.13 13.63 -35.50
N SER A 45 -24.99 14.93 -35.28
CA SER A 45 -24.33 15.80 -36.23
C SER A 45 -23.94 17.10 -35.54
N SER B 1 17.24 19.61 3.05
CA SER B 1 17.58 19.56 4.49
C SER B 1 16.33 19.82 5.33
N ASN B 2 16.18 19.05 6.40
CA ASN B 2 15.03 19.20 7.29
C ASN B 2 15.51 19.37 8.72
N ALA B 3 14.58 19.54 9.65
CA ALA B 3 14.92 19.65 11.05
C ALA B 3 15.24 18.28 11.64
N SER B 4 14.22 17.58 12.13
CA SER B 4 14.39 16.23 12.63
C SER B 4 13.02 15.57 12.76
N LEU B 5 12.68 14.78 11.76
CA LEU B 5 11.37 14.17 11.70
C LEU B 5 11.35 12.85 12.47
N GLN B 6 11.29 12.97 13.79
CA GLN B 6 11.28 11.79 14.65
C GLN B 6 9.88 11.50 15.18
N ASN B 7 9.17 12.55 15.54
CA ASN B 7 7.82 12.42 16.11
C ASN B 7 6.77 12.70 15.06
N ASN B 8 7.18 12.65 13.79
CA ASN B 8 6.28 12.83 12.66
C ASN B 8 7.08 12.80 11.37
N GLN B 9 6.50 12.25 10.32
CA GLN B 9 7.15 12.22 9.02
C GLN B 9 6.17 12.62 7.92
N PRO B 10 6.13 13.91 7.57
CA PRO B 10 5.34 14.38 6.42
C PRO B 10 5.95 13.88 5.11
N VAL B 11 7.22 13.49 5.20
CA VAL B 11 7.94 12.97 4.04
C VAL B 11 7.67 11.49 3.84
N GLU B 12 7.01 10.85 4.80
CA GLU B 12 6.75 9.42 4.74
C GLU B 12 5.89 9.08 3.52
N PHE B 13 4.86 9.90 3.28
CA PHE B 13 3.99 9.71 2.13
C PHE B 13 4.77 9.89 0.84
N ASN B 14 5.60 10.93 0.80
CA ASN B 14 6.41 11.21 -0.38
C ASN B 14 7.44 10.10 -0.59
N HIS B 15 7.96 9.59 0.52
CA HIS B 15 8.92 8.50 0.49
C HIS B 15 8.26 7.27 -0.12
N ALA B 16 7.00 7.04 0.23
CA ALA B 16 6.23 5.95 -0.34
C ALA B 16 6.04 6.14 -1.84
N ILE B 17 5.73 7.37 -2.24
CA ILE B 17 5.60 7.72 -3.65
C ILE B 17 6.90 7.44 -4.40
N ASN B 18 7.99 7.95 -3.86
CA ASN B 18 9.30 7.77 -4.44
C ASN B 18 9.72 6.31 -4.34
N TYR B 19 9.15 5.59 -3.39
CA TYR B 19 9.47 4.17 -3.21
C TYR B 19 8.77 3.30 -4.25
N VAL B 20 7.47 3.52 -4.46
CA VAL B 20 6.76 2.76 -5.46
C VAL B 20 7.37 2.98 -6.84
N ASN B 21 7.63 4.24 -7.13
CA ASN B 21 8.35 4.62 -8.34
C ASN B 21 9.74 3.99 -8.36
N LYS B 22 10.35 3.90 -7.17
CA LYS B 22 11.67 3.28 -7.02
C LYS B 22 11.59 1.79 -7.32
N ILE B 23 10.49 1.15 -6.93
CA ILE B 23 10.28 -0.26 -7.24
C ILE B 23 10.26 -0.46 -8.75
N LYS B 24 9.57 0.44 -9.44
CA LYS B 24 9.58 0.43 -10.91
C LYS B 24 10.99 0.60 -11.43
N ASN B 25 11.67 1.62 -10.94
CA ASN B 25 13.02 1.97 -11.39
C ASN B 25 14.04 0.89 -11.07
N ARG B 26 13.86 0.24 -9.93
CA ARG B 26 14.80 -0.76 -9.43
C ARG B 26 15.01 -1.88 -10.46
N PHE B 27 13.95 -2.29 -11.11
CA PHE B 27 14.04 -3.34 -12.12
C PHE B 27 13.99 -2.74 -13.52
N GLN B 28 13.17 -1.70 -13.67
CA GLN B 28 13.03 -0.94 -14.91
C GLN B 28 12.39 -1.75 -16.02
N GLY B 29 13.07 -2.81 -16.45
CA GLY B 29 12.57 -3.62 -17.55
C GLY B 29 11.77 -4.81 -17.08
N GLN B 30 11.49 -4.87 -15.79
CA GLN B 30 10.69 -5.95 -15.23
C GLN B 30 9.48 -5.40 -14.47
N PRO B 31 8.40 -5.07 -15.19
CA PRO B 31 7.17 -4.54 -14.58
C PRO B 31 6.38 -5.62 -13.86
N ASP B 32 6.68 -6.88 -14.18
CA ASP B 32 6.00 -8.03 -13.59
C ASP B 32 6.13 -8.04 -12.07
N ILE B 33 7.31 -7.71 -11.57
CA ILE B 33 7.56 -7.74 -10.14
C ILE B 33 6.77 -6.64 -9.44
N TYR B 34 6.69 -5.47 -10.05
CA TYR B 34 5.88 -4.39 -9.51
C TYR B 34 4.41 -4.75 -9.58
N LYS B 35 4.03 -5.43 -10.66
CA LYS B 35 2.67 -5.91 -10.83
C LYS B 35 2.34 -6.92 -9.74
N ALA B 36 3.29 -7.79 -9.43
CA ALA B 36 3.12 -8.77 -8.37
C ALA B 36 2.97 -8.08 -7.02
N PHE B 37 3.80 -7.08 -6.79
CA PHE B 37 3.71 -6.27 -5.58
C PHE B 37 2.35 -5.59 -5.51
N LEU B 38 1.90 -5.07 -6.64
CA LEU B 38 0.61 -4.41 -6.73
C LEU B 38 -0.52 -5.39 -6.43
N GLU B 39 -0.39 -6.62 -6.91
CA GLU B 39 -1.40 -7.64 -6.63
C GLU B 39 -1.41 -8.01 -5.16
N ILE B 40 -0.25 -7.94 -4.52
CA ILE B 40 -0.16 -8.15 -3.08
C ILE B 40 -0.99 -7.10 -2.36
N LEU B 41 -0.79 -5.85 -2.73
CA LEU B 41 -1.55 -4.75 -2.14
C LEU B 41 -3.03 -4.87 -2.52
N HIS B 42 -3.28 -5.23 -3.77
CA HIS B 42 -4.63 -5.45 -4.27
C HIS B 42 -5.35 -6.52 -3.45
N THR B 43 -4.67 -7.64 -3.21
CA THR B 43 -5.24 -8.73 -2.43
C THR B 43 -5.47 -8.28 -0.98
N TYR B 44 -4.48 -7.61 -0.40
CA TYR B 44 -4.58 -7.12 0.97
C TYR B 44 -5.74 -6.14 1.11
N GLN B 45 -5.89 -5.25 0.13
CA GLN B 45 -6.98 -4.29 0.10
C GLN B 45 -8.32 -5.01 0.13
N LYS B 46 -8.44 -6.07 -0.66
CA LYS B 46 -9.66 -6.85 -0.73
C LYS B 46 -9.89 -7.59 0.59
N GLU B 47 -8.80 -8.13 1.14
CA GLU B 47 -8.87 -8.87 2.41
C GLU B 47 -9.38 -7.96 3.53
N GLN B 48 -8.72 -6.83 3.72
CA GLN B 48 -9.08 -5.90 4.77
C GLN B 48 -10.49 -5.34 4.57
N ARG B 49 -10.81 -4.97 3.33
CA ARG B 49 -12.12 -4.41 3.04
C ARG B 49 -13.22 -5.44 3.27
N ASN B 50 -12.98 -6.68 2.85
CA ASN B 50 -13.95 -7.73 3.00
C ASN B 50 -14.03 -8.20 4.46
N ALA B 51 -12.98 -7.92 5.21
CA ALA B 51 -12.97 -8.22 6.64
C ALA B 51 -13.87 -7.24 7.38
N LYS B 52 -13.84 -5.98 6.95
CA LYS B 52 -14.69 -4.95 7.52
C LYS B 52 -16.12 -5.12 7.01
N GLU B 53 -16.23 -5.78 5.86
CA GLU B 53 -17.53 -6.13 5.28
C GLU B 53 -18.23 -7.14 6.20
N ALA B 54 -17.43 -8.00 6.83
CA ALA B 54 -17.94 -8.98 7.77
C ALA B 54 -17.83 -8.42 9.19
N GLY B 55 -17.68 -9.30 10.16
CA GLY B 55 -17.57 -8.88 11.54
C GLY B 55 -16.16 -9.05 12.09
N GLY B 56 -15.18 -8.98 11.20
CA GLY B 56 -13.80 -9.19 11.60
C GLY B 56 -13.46 -10.68 11.62
N ASN B 57 -14.50 -11.49 11.65
CA ASN B 57 -14.36 -12.94 11.68
C ASN B 57 -13.88 -13.47 10.34
N TYR B 58 -13.89 -12.60 9.34
CA TYR B 58 -13.37 -12.93 8.02
C TYR B 58 -11.88 -13.24 8.12
N THR B 59 -11.18 -12.47 8.96
CA THR B 59 -9.73 -12.57 9.14
C THR B 59 -8.97 -12.59 7.83
N PRO B 60 -8.36 -11.46 7.47
CA PRO B 60 -7.59 -11.33 6.24
C PRO B 60 -6.45 -12.35 6.18
N ALA B 61 -6.51 -13.22 5.18
CA ALA B 61 -5.54 -14.31 5.05
C ALA B 61 -4.18 -13.76 4.64
N LEU B 62 -4.17 -12.69 3.88
CA LEU B 62 -2.94 -12.03 3.51
C LEU B 62 -2.51 -11.07 4.62
N THR B 63 -1.90 -11.63 5.65
CA THR B 63 -1.42 -10.86 6.78
C THR B 63 -0.31 -9.91 6.35
N GLU B 64 -0.15 -8.80 7.07
CA GLU B 64 0.96 -7.87 6.84
C GLU B 64 2.30 -8.61 6.91
N GLN B 65 2.37 -9.59 7.81
CA GLN B 65 3.54 -10.45 7.92
C GLN B 65 3.77 -11.20 6.61
N GLU B 66 2.69 -11.65 5.98
CA GLU B 66 2.77 -12.36 4.73
C GLU B 66 3.24 -11.42 3.63
N VAL B 67 2.75 -10.18 3.66
CA VAL B 67 3.20 -9.15 2.72
C VAL B 67 4.70 -8.98 2.84
N TYR B 68 5.17 -8.78 4.06
CA TYR B 68 6.59 -8.59 4.31
C TYR B 68 7.37 -9.84 3.92
N ALA B 69 6.77 -11.01 4.13
CA ALA B 69 7.38 -12.27 3.75
C ALA B 69 7.52 -12.38 2.24
N GLN B 70 6.43 -12.10 1.52
CA GLN B 70 6.44 -12.12 0.07
C GLN B 70 7.39 -11.07 -0.46
N VAL B 71 7.32 -9.89 0.14
CA VAL B 71 8.18 -8.77 -0.21
C VAL B 71 9.65 -9.12 0.02
N ALA B 72 9.94 -9.81 1.12
CA ALA B 72 11.29 -10.25 1.42
C ALA B 72 11.79 -11.23 0.37
N ARG B 73 10.89 -12.07 -0.12
CA ARG B 73 11.23 -13.03 -1.15
C ARG B 73 11.39 -12.34 -2.51
N LEU B 74 10.53 -11.37 -2.79
CA LEU B 74 10.58 -10.63 -4.04
C LEU B 74 11.82 -9.76 -4.12
N PHE B 75 12.04 -8.95 -3.10
CA PHE B 75 13.14 -8.00 -3.09
C PHE B 75 14.37 -8.61 -2.42
N LYS B 76 14.44 -9.93 -2.44
CA LYS B 76 15.55 -10.66 -1.85
C LYS B 76 16.86 -10.35 -2.59
N ASN B 77 16.77 -10.29 -3.91
CA ASN B 77 17.96 -10.02 -4.73
C ASN B 77 18.26 -8.53 -4.76
N GLN B 78 17.26 -7.71 -4.49
CA GLN B 78 17.45 -6.27 -4.44
C GLN B 78 17.30 -5.80 -3.00
N GLU B 79 18.38 -5.96 -2.24
CA GLU B 79 18.39 -5.67 -0.82
C GLU B 79 18.12 -4.19 -0.56
N ASP B 80 18.53 -3.36 -1.50
CA ASP B 80 18.34 -1.91 -1.40
C ASP B 80 16.85 -1.57 -1.36
N LEU B 81 16.08 -2.21 -2.22
CA LEU B 81 14.65 -1.97 -2.32
C LEU B 81 13.94 -2.51 -1.07
N LEU B 82 14.40 -3.65 -0.60
CA LEU B 82 13.85 -4.26 0.60
C LEU B 82 14.19 -3.40 1.83
N SER B 83 15.40 -2.86 1.84
CA SER B 83 15.82 -1.99 2.94
C SER B 83 14.95 -0.74 3.01
N GLU B 84 14.50 -0.26 1.86
CA GLU B 84 13.53 0.83 1.82
C GLU B 84 12.21 0.40 2.43
N PHE B 85 11.77 -0.80 2.06
CA PHE B 85 10.49 -1.34 2.52
C PHE B 85 10.51 -1.61 4.03
N GLY B 86 11.71 -1.91 4.54
CA GLY B 86 11.85 -2.28 5.93
C GLY B 86 11.34 -1.25 6.91
N GLN B 87 11.46 0.03 6.55
CA GLN B 87 11.01 1.09 7.45
C GLN B 87 9.54 1.40 7.25
N PHE B 88 8.93 0.79 6.24
CA PHE B 88 7.50 0.95 6.00
C PHE B 88 6.73 -0.13 6.74
N LEU B 89 7.32 -1.32 6.85
CA LEU B 89 6.72 -2.40 7.62
C LEU B 89 7.67 -2.91 8.70
N PRO B 90 7.96 -2.09 9.72
CA PRO B 90 8.77 -2.50 10.86
C PRO B 90 7.88 -3.00 12.01
N ASP B 91 8.52 -3.29 13.16
CA ASP B 91 7.81 -3.67 14.39
C ASP B 91 7.16 -5.05 14.26
N ALA B 92 7.18 -5.62 13.07
CA ALA B 92 6.54 -6.91 12.81
C ALA B 92 7.44 -8.07 13.19
N ASN B 93 8.62 -7.77 13.70
CA ASN B 93 9.58 -8.79 14.09
C ASN B 93 9.90 -8.67 15.57
N SER B 94 9.83 -9.77 16.27
CA SER B 94 10.10 -9.78 17.70
C SER B 94 11.34 -10.62 17.99
N SER A 1 -2.99 0.68 29.45
CA SER A 1 -1.61 1.15 29.17
C SER A 1 -0.62 0.43 30.07
N ASN A 2 0.53 0.08 29.51
CA ASN A 2 1.59 -0.58 30.27
C ASN A 2 2.68 0.42 30.64
N ALA A 3 3.62 0.64 29.73
CA ALA A 3 4.70 1.60 29.95
C ALA A 3 4.38 2.92 29.28
N ASP A 4 3.69 2.85 28.16
CA ASP A 4 3.23 4.03 27.45
C ASP A 4 2.17 3.65 26.43
N TYR A 5 1.18 4.51 26.26
CA TYR A 5 0.18 4.32 25.23
C TYR A 5 -0.43 5.65 24.84
N VAL A 6 0.11 6.26 23.81
CA VAL A 6 -0.43 7.47 23.24
C VAL A 6 -1.01 7.16 21.88
N GLN A 7 -2.08 7.85 21.51
CA GLN A 7 -2.70 7.62 20.22
C GLN A 7 -2.37 8.74 19.24
N PRO A 8 -1.40 8.52 18.35
CA PRO A 8 -1.13 9.47 17.28
C PRO A 8 -2.18 9.36 16.19
N GLN A 9 -2.58 10.48 15.66
CA GLN A 9 -3.64 10.52 14.67
C GLN A 9 -3.11 10.22 13.28
N LEU A 10 -2.56 9.03 13.15
CA LEU A 10 -2.00 8.57 11.88
C LEU A 10 -2.07 7.05 11.80
N ARG A 11 -1.02 6.41 12.33
CA ARG A 11 -0.81 4.96 12.26
C ARG A 11 -1.32 4.37 10.95
N ARG A 12 -0.58 4.62 9.89
CA ARG A 12 -0.89 4.05 8.59
C ARG A 12 0.40 3.82 7.81
N PRO A 13 1.33 3.01 8.35
CA PRO A 13 2.64 2.80 7.72
C PRO A 13 2.53 2.03 6.42
N PHE A 14 1.85 0.90 6.49
CA PHE A 14 1.65 0.06 5.32
C PHE A 14 0.49 0.61 4.51
N GLU A 15 -0.49 1.14 5.22
CA GLU A 15 -1.64 1.78 4.62
C GLU A 15 -1.20 2.96 3.75
N LEU A 16 -0.16 3.65 4.20
CA LEU A 16 0.43 4.76 3.45
C LEU A 16 0.89 4.26 2.09
N LEU A 17 1.69 3.20 2.10
CA LEU A 17 2.27 2.66 0.88
C LEU A 17 1.18 2.11 -0.03
N ILE A 18 0.15 1.50 0.55
CA ILE A 18 -0.98 1.02 -0.23
C ILE A 18 -1.64 2.17 -0.98
N ALA A 19 -1.92 3.26 -0.25
CA ALA A 19 -2.49 4.45 -0.87
C ALA A 19 -1.54 5.02 -1.91
N ALA A 20 -0.25 5.01 -1.59
CA ALA A 20 0.79 5.46 -2.51
C ALA A 20 0.75 4.66 -3.81
N ALA A 21 0.61 3.35 -3.69
CA ALA A 21 0.52 2.48 -4.86
C ALA A 21 -0.68 2.81 -5.72
N MET A 22 -1.83 3.03 -5.09
CA MET A 22 -3.06 3.38 -5.82
C MET A 22 -2.92 4.74 -6.49
N GLU A 23 -2.42 5.72 -5.74
CA GLU A 23 -2.36 7.10 -6.20
C GLU A 23 -1.29 7.33 -7.25
N ARG A 24 -0.13 6.71 -7.09
CA ARG A 24 0.99 6.95 -7.99
C ARG A 24 0.94 5.99 -9.19
N ASN A 25 -0.18 5.31 -9.33
CA ASN A 25 -0.43 4.48 -10.50
C ASN A 25 -1.79 4.86 -11.07
N PRO A 26 -2.12 4.40 -12.28
CA PRO A 26 -3.46 4.60 -12.84
C PRO A 26 -4.51 3.73 -12.16
N THR A 27 -4.13 3.15 -11.01
CA THR A 27 -4.95 2.21 -10.24
C THR A 27 -5.84 1.33 -11.14
N GLN A 28 -5.23 0.26 -11.66
CA GLN A 28 -5.90 -0.60 -12.64
C GLN A 28 -6.88 -1.56 -11.97
N PHE A 29 -7.21 -1.28 -10.72
CA PHE A 29 -8.08 -2.17 -9.95
C PHE A 29 -9.54 -1.89 -10.24
N GLN A 30 -9.98 -2.26 -11.45
CA GLN A 30 -11.35 -2.07 -11.89
C GLN A 30 -11.83 -0.64 -11.65
N LEU A 31 -11.20 0.31 -12.32
CA LEU A 31 -11.58 1.71 -12.18
C LEU A 31 -12.40 2.18 -13.40
N PRO A 32 -11.93 1.94 -14.64
CA PRO A 32 -12.71 2.28 -15.83
C PRO A 32 -13.77 1.22 -16.14
N ASN A 33 -14.98 1.43 -15.61
CA ASN A 33 -16.07 0.47 -15.78
C ASN A 33 -16.64 0.56 -17.19
N GLU A 34 -16.61 1.76 -17.74
CA GLU A 34 -17.16 2.00 -19.06
C GLU A 34 -16.09 1.85 -20.14
N LEU A 35 -14.91 2.37 -19.85
CA LEU A 35 -13.82 2.38 -20.83
C LEU A 35 -13.32 0.98 -21.15
N THR A 36 -13.62 0.02 -20.28
CA THR A 36 -13.21 -1.35 -20.52
C THR A 36 -14.36 -2.16 -21.13
N CYS A 37 -15.52 -1.52 -21.27
CA CYS A 37 -16.70 -2.20 -21.79
C CYS A 37 -17.08 -1.62 -23.15
N THR A 38 -16.67 -0.38 -23.40
CA THR A 38 -16.98 0.28 -24.66
C THR A 38 -16.18 -0.32 -25.82
N THR A 39 -15.08 -0.99 -25.48
CA THR A 39 -14.16 -1.55 -26.48
C THR A 39 -13.39 -0.42 -27.15
N ALA A 40 -12.10 -0.35 -26.86
CA ALA A 40 -11.27 0.74 -27.34
C ALA A 40 -10.48 0.35 -28.59
N LEU A 41 -10.57 1.17 -29.61
CA LEU A 41 -9.82 0.97 -30.84
C LEU A 41 -9.23 2.28 -31.32
N PRO A 42 -7.92 2.49 -31.11
CA PRO A 42 -7.24 3.73 -31.49
C PRO A 42 -7.28 3.99 -33.00
N GLY A 43 -7.42 2.92 -33.78
CA GLY A 43 -7.52 3.05 -35.21
C GLY A 43 -6.17 3.13 -35.90
N SER A 44 -6.17 2.98 -37.22
CA SER A 44 -4.94 3.03 -37.99
C SER A 44 -4.74 4.42 -38.60
N SER A 45 -5.45 4.70 -39.68
CA SER A 45 -5.35 5.98 -40.36
C SER A 45 -6.68 6.73 -40.32
N SER B 1 -5.35 14.65 19.55
CA SER B 1 -4.48 13.45 19.47
C SER B 1 -3.03 13.83 19.19
N ASN B 2 -2.81 15.00 18.59
CA ASN B 2 -1.46 15.48 18.35
C ASN B 2 -0.95 16.26 19.57
N ALA B 3 0.27 15.96 20.00
CA ALA B 3 0.84 16.59 21.17
C ALA B 3 1.33 18.00 20.84
N SER B 4 2.41 18.09 20.08
CA SER B 4 2.92 19.38 19.65
C SER B 4 3.31 19.32 18.17
N LEU B 5 2.94 18.23 17.53
CA LEU B 5 3.19 18.04 16.11
C LEU B 5 1.85 17.90 15.39
N GLN B 6 1.41 18.99 14.76
CA GLN B 6 0.12 19.02 14.08
C GLN B 6 0.11 18.02 12.93
N ASN B 7 1.12 18.11 12.09
CA ASN B 7 1.28 17.16 10.99
C ASN B 7 2.13 15.99 11.44
N ASN B 8 1.47 14.96 11.92
CA ASN B 8 2.16 13.79 12.43
C ASN B 8 2.70 12.94 11.28
N GLN B 9 3.96 13.16 10.94
CA GLN B 9 4.65 12.46 9.88
C GLN B 9 3.88 12.49 8.55
N PRO B 10 3.76 13.67 7.93
CA PRO B 10 3.18 13.79 6.59
C PRO B 10 4.22 13.45 5.53
N VAL B 11 5.47 13.43 5.96
CA VAL B 11 6.61 13.18 5.09
C VAL B 11 6.60 11.75 4.56
N GLU B 12 5.98 10.84 5.30
CA GLU B 12 5.95 9.44 4.92
C GLU B 12 5.16 9.25 3.64
N PHE B 13 4.21 10.13 3.39
CA PHE B 13 3.48 10.11 2.13
C PHE B 13 4.48 10.29 1.00
N ASN B 14 5.24 11.38 1.07
CA ASN B 14 6.27 11.68 0.08
C ASN B 14 7.32 10.57 0.05
N HIS B 15 7.70 10.11 1.24
CA HIS B 15 8.67 9.03 1.40
C HIS B 15 8.26 7.81 0.58
N ALA B 16 6.99 7.43 0.67
CA ALA B 16 6.50 6.27 -0.05
C ALA B 16 6.25 6.58 -1.52
N ILE B 17 5.85 7.81 -1.82
CA ILE B 17 5.63 8.21 -3.21
C ILE B 17 6.95 8.10 -3.99
N ASN B 18 8.01 8.60 -3.38
CA ASN B 18 9.35 8.48 -3.96
C ASN B 18 9.76 7.02 -4.01
N TYR B 19 9.40 6.28 -2.97
CA TYR B 19 9.70 4.85 -2.92
C TYR B 19 9.02 4.10 -4.06
N VAL B 20 7.75 4.40 -4.31
CA VAL B 20 7.01 3.80 -5.42
C VAL B 20 7.71 4.09 -6.74
N ASN B 21 8.13 5.35 -6.90
CA ASN B 21 8.91 5.74 -8.07
C ASN B 21 10.22 4.95 -8.13
N LYS B 22 10.84 4.78 -6.97
CA LYS B 22 12.09 4.04 -6.86
C LYS B 22 11.92 2.59 -7.26
N ILE B 23 10.81 1.96 -6.87
CA ILE B 23 10.54 0.59 -7.26
C ILE B 23 10.40 0.49 -8.78
N LYS B 24 9.66 1.43 -9.35
CA LYS B 24 9.47 1.48 -10.80
C LYS B 24 10.80 1.71 -11.52
N ASN B 25 11.68 2.47 -10.90
CA ASN B 25 13.00 2.75 -11.45
C ASN B 25 13.91 1.52 -11.29
N ARG B 26 13.78 0.85 -10.16
CA ARG B 26 14.58 -0.33 -9.86
C ARG B 26 14.23 -1.46 -10.83
N PHE B 27 12.97 -1.56 -11.19
CA PHE B 27 12.53 -2.55 -12.16
C PHE B 27 12.25 -1.88 -13.50
N GLN B 28 13.22 -1.08 -13.94
CA GLN B 28 13.12 -0.38 -15.21
C GLN B 28 13.19 -1.37 -16.37
N GLY B 29 12.04 -1.67 -16.94
CA GLY B 29 11.99 -2.63 -18.02
C GLY B 29 11.52 -3.99 -17.54
N GLN B 30 11.13 -4.06 -16.28
CA GLN B 30 10.61 -5.31 -15.71
C GLN B 30 9.26 -5.06 -15.03
N PRO B 31 8.18 -4.99 -15.82
CA PRO B 31 6.85 -4.67 -15.31
C PRO B 31 6.20 -5.82 -14.53
N ASP B 32 6.63 -7.05 -14.83
CA ASP B 32 6.03 -8.22 -14.20
C ASP B 32 6.31 -8.24 -12.71
N ILE B 33 7.53 -7.88 -12.33
CA ILE B 33 7.93 -7.87 -10.93
C ILE B 33 7.08 -6.88 -10.14
N TYR B 34 6.96 -5.68 -10.68
CA TYR B 34 6.21 -4.62 -10.02
C TYR B 34 4.72 -4.95 -9.97
N LYS B 35 4.21 -5.57 -11.03
CA LYS B 35 2.80 -5.93 -11.07
C LYS B 35 2.53 -7.11 -10.13
N ALA B 36 3.53 -7.94 -9.89
CA ALA B 36 3.41 -9.01 -8.91
C ALA B 36 3.27 -8.41 -7.52
N PHE B 37 4.12 -7.43 -7.24
CA PHE B 37 4.06 -6.68 -5.99
C PHE B 37 2.73 -5.93 -5.88
N LEU B 38 2.32 -5.32 -6.98
CA LEU B 38 1.05 -4.61 -7.05
C LEU B 38 -0.12 -5.54 -6.77
N GLU B 39 -0.08 -6.72 -7.37
CA GLU B 39 -1.16 -7.68 -7.27
C GLU B 39 -1.29 -8.24 -5.86
N ILE B 40 -0.17 -8.49 -5.20
CA ILE B 40 -0.22 -8.99 -3.82
C ILE B 40 -0.71 -7.90 -2.88
N LEU B 41 -0.41 -6.65 -3.20
CA LEU B 41 -0.97 -5.52 -2.47
C LEU B 41 -2.48 -5.46 -2.70
N HIS B 42 -2.89 -5.81 -3.91
CA HIS B 42 -4.29 -5.86 -4.27
C HIS B 42 -5.00 -7.00 -3.53
N THR B 43 -4.31 -8.12 -3.38
CA THR B 43 -4.83 -9.23 -2.60
C THR B 43 -5.06 -8.79 -1.15
N TYR B 44 -4.07 -8.11 -0.58
CA TYR B 44 -4.19 -7.56 0.76
C TYR B 44 -5.28 -6.48 0.79
N GLN B 45 -5.36 -5.72 -0.28
CA GLN B 45 -6.38 -4.67 -0.41
C GLN B 45 -7.77 -5.26 -0.22
N LYS B 46 -7.99 -6.44 -0.80
CA LYS B 46 -9.26 -7.13 -0.67
C LYS B 46 -9.45 -7.60 0.76
N GLU B 47 -8.41 -8.21 1.32
CA GLU B 47 -8.45 -8.72 2.69
C GLU B 47 -8.76 -7.60 3.67
N GLN B 48 -7.96 -6.54 3.62
CA GLN B 48 -8.11 -5.39 4.51
C GLN B 48 -9.50 -4.77 4.37
N ARG B 49 -9.92 -4.54 3.13
CA ARG B 49 -11.20 -3.92 2.86
C ARG B 49 -12.35 -4.76 3.40
N ASN B 50 -12.32 -6.06 3.11
CA ASN B 50 -13.38 -6.95 3.53
C ASN B 50 -13.36 -7.13 5.05
N ALA B 51 -12.16 -7.17 5.63
CA ALA B 51 -12.02 -7.28 7.07
C ALA B 51 -12.74 -6.14 7.77
N LYS B 52 -12.46 -4.92 7.33
CA LYS B 52 -13.09 -3.73 7.88
C LYS B 52 -14.59 -3.74 7.57
N GLU B 53 -14.93 -3.95 6.30
CA GLU B 53 -16.31 -3.89 5.84
C GLU B 53 -17.20 -4.90 6.55
N ALA B 54 -16.66 -6.08 6.80
CA ALA B 54 -17.39 -7.13 7.50
C ALA B 54 -17.49 -6.85 9.00
N GLY B 55 -17.06 -5.67 9.42
CA GLY B 55 -17.16 -5.28 10.81
C GLY B 55 -16.15 -5.98 11.69
N GLY B 56 -15.00 -6.31 11.12
CA GLY B 56 -13.97 -6.98 11.89
C GLY B 56 -14.29 -8.44 12.14
N ASN B 57 -15.09 -9.02 11.26
CA ASN B 57 -15.44 -10.43 11.38
C ASN B 57 -14.63 -11.28 10.40
N TYR B 58 -14.26 -10.69 9.27
CA TYR B 58 -13.48 -11.39 8.27
C TYR B 58 -12.00 -11.39 8.66
N THR B 59 -11.40 -12.58 8.65
CA THR B 59 -10.00 -12.72 9.00
C THR B 59 -9.14 -12.71 7.74
N PRO B 60 -8.27 -11.70 7.60
CA PRO B 60 -7.40 -11.57 6.43
C PRO B 60 -6.48 -12.77 6.25
N ALA B 61 -6.65 -13.46 5.13
CA ALA B 61 -5.83 -14.61 4.80
C ALA B 61 -4.41 -14.15 4.50
N LEU B 62 -4.32 -13.01 3.84
CA LEU B 62 -3.04 -12.38 3.56
C LEU B 62 -2.76 -11.30 4.61
N THR B 63 -2.04 -11.68 5.64
CA THR B 63 -1.71 -10.77 6.74
C THR B 63 -0.56 -9.84 6.35
N GLU B 64 -0.42 -8.72 7.06
CA GLU B 64 0.68 -7.78 6.82
C GLU B 64 2.03 -8.51 6.81
N GLN B 65 2.23 -9.35 7.82
CA GLN B 65 3.44 -10.14 7.95
C GLN B 65 3.60 -11.10 6.77
N GLU B 66 2.48 -11.68 6.36
CA GLU B 66 2.45 -12.59 5.21
C GLU B 66 2.96 -11.87 3.97
N VAL B 67 2.47 -10.65 3.75
CA VAL B 67 2.89 -9.84 2.62
C VAL B 67 4.37 -9.52 2.69
N TYR B 68 4.83 -9.17 3.88
CA TYR B 68 6.23 -8.81 4.09
C TYR B 68 7.13 -10.02 3.85
N ALA B 69 6.65 -11.20 4.22
CA ALA B 69 7.39 -12.43 3.99
C ALA B 69 7.51 -12.70 2.49
N GLN B 70 6.40 -12.55 1.78
CA GLN B 70 6.38 -12.82 0.35
C GLN B 70 7.11 -11.72 -0.43
N VAL B 71 7.11 -10.50 0.09
CA VAL B 71 7.82 -9.41 -0.58
C VAL B 71 9.33 -9.59 -0.42
N ALA B 72 9.74 -10.16 0.72
CA ALA B 72 11.14 -10.51 0.93
C ALA B 72 11.51 -11.70 0.07
N ARG B 73 10.51 -12.54 -0.20
CA ARG B 73 10.68 -13.68 -1.09
C ARG B 73 10.78 -13.21 -2.54
N LEU B 74 10.16 -12.08 -2.84
CA LEU B 74 10.22 -11.48 -4.17
C LEU B 74 11.55 -10.75 -4.38
N PHE B 75 11.88 -9.87 -3.45
CA PHE B 75 13.09 -9.06 -3.57
C PHE B 75 14.31 -9.83 -3.10
N LYS B 76 14.96 -10.53 -4.01
CA LYS B 76 16.19 -11.24 -3.71
C LYS B 76 17.38 -10.53 -4.32
N ASN B 77 17.11 -9.63 -5.25
CA ASN B 77 18.15 -8.87 -5.93
C ASN B 77 18.20 -7.45 -5.39
N GLN B 78 17.11 -7.01 -4.80
CA GLN B 78 16.96 -5.63 -4.38
C GLN B 78 17.22 -5.49 -2.89
N GLU B 79 18.49 -5.49 -2.51
CA GLU B 79 18.88 -5.40 -1.11
C GLU B 79 18.44 -4.05 -0.52
N ASP B 80 18.83 -2.98 -1.19
CA ASP B 80 18.49 -1.64 -0.73
C ASP B 80 16.98 -1.42 -0.75
N LEU B 81 16.34 -1.85 -1.82
CA LEU B 81 14.90 -1.70 -1.97
C LEU B 81 14.15 -2.44 -0.85
N LEU B 82 14.61 -3.64 -0.54
CA LEU B 82 14.03 -4.43 0.54
C LEU B 82 14.25 -3.73 1.88
N SER B 83 15.40 -3.07 2.01
CA SER B 83 15.72 -2.32 3.22
C SER B 83 14.78 -1.13 3.36
N GLU B 84 14.47 -0.49 2.24
CA GLU B 84 13.50 0.61 2.22
C GLU B 84 12.15 0.13 2.74
N PHE B 85 11.65 -0.95 2.14
CA PHE B 85 10.34 -1.49 2.49
C PHE B 85 10.28 -1.91 3.95
N GLY B 86 11.42 -2.37 4.45
CA GLY B 86 11.50 -2.81 5.84
C GLY B 86 11.23 -1.67 6.81
N GLN B 87 11.46 -0.44 6.38
CA GLN B 87 11.23 0.72 7.22
C GLN B 87 9.77 1.16 7.15
N PHE B 88 9.08 0.73 6.10
CA PHE B 88 7.68 1.06 5.93
C PHE B 88 6.81 0.16 6.79
N LEU B 89 7.18 -1.11 6.88
CA LEU B 89 6.47 -2.05 7.73
C LEU B 89 7.43 -2.77 8.67
N PRO B 90 8.00 -2.06 9.65
CA PRO B 90 8.92 -2.62 10.62
C PRO B 90 8.24 -3.01 11.92
N ASP B 91 8.06 -4.30 12.13
CA ASP B 91 7.51 -4.78 13.39
C ASP B 91 8.55 -4.68 14.48
N ALA B 92 9.62 -5.47 14.34
CA ALA B 92 10.69 -5.56 15.33
C ALA B 92 10.17 -6.10 16.66
N ASN B 93 9.45 -5.25 17.39
CA ASN B 93 8.84 -5.62 18.66
C ASN B 93 7.65 -4.71 18.94
N SER B 94 6.46 -5.25 18.75
CA SER B 94 5.24 -4.49 18.95
C SER B 94 4.72 -4.67 20.37
N SER A 1 -8.10 3.28 22.27
CA SER A 1 -8.24 3.70 23.69
C SER A 1 -8.22 2.50 24.64
N ASN A 2 -8.57 1.31 24.12
CA ASN A 2 -8.63 0.11 24.95
C ASN A 2 -7.24 -0.50 25.11
N ALA A 3 -6.31 0.30 25.63
CA ALA A 3 -4.94 -0.14 25.83
C ALA A 3 -4.19 0.85 26.71
N ASP A 4 -3.17 0.36 27.40
CA ASP A 4 -2.33 1.22 28.23
C ASP A 4 -1.01 1.49 27.54
N TYR A 5 -0.76 2.78 27.28
CA TYR A 5 0.45 3.22 26.59
C TYR A 5 0.45 2.74 25.14
N VAL A 6 0.11 3.63 24.23
CA VAL A 6 0.04 3.28 22.81
C VAL A 6 0.91 4.22 21.98
N GLN A 7 1.97 3.67 21.42
CA GLN A 7 2.86 4.44 20.57
C GLN A 7 2.86 3.87 19.15
N PRO A 8 2.15 4.54 18.23
CA PRO A 8 2.06 4.08 16.85
C PRO A 8 3.29 4.47 16.03
N GLN A 9 3.55 3.70 14.98
CA GLN A 9 4.64 4.00 14.05
C GLN A 9 4.38 5.34 13.38
N LEU A 10 3.13 5.58 13.02
CA LEU A 10 2.71 6.84 12.44
C LEU A 10 1.19 6.92 12.45
N ARG A 11 0.58 6.29 11.46
CA ARG A 11 -0.87 6.23 11.38
C ARG A 11 -1.28 4.85 10.91
N ARG A 12 -1.02 4.59 9.65
CA ARG A 12 -1.26 3.29 9.04
C ARG A 12 -0.18 2.98 8.02
N PRO A 13 0.63 1.93 8.26
CA PRO A 13 1.76 1.57 7.39
C PRO A 13 1.33 1.20 5.97
N PHE A 14 0.49 0.18 5.86
CA PHE A 14 0.02 -0.30 4.57
C PHE A 14 -0.72 0.78 3.78
N GLU A 15 -1.63 1.47 4.46
CA GLU A 15 -2.47 2.49 3.82
C GLU A 15 -1.64 3.53 3.07
N LEU A 16 -0.57 4.01 3.70
CA LEU A 16 0.27 5.04 3.08
C LEU A 16 1.01 4.48 1.87
N LEU A 17 1.33 3.20 1.92
CA LEU A 17 2.03 2.54 0.82
C LEU A 17 1.05 2.28 -0.33
N ILE A 18 -0.13 1.80 0.02
CA ILE A 18 -1.16 1.50 -0.97
C ILE A 18 -1.65 2.79 -1.63
N ALA A 19 -1.78 3.85 -0.84
CA ALA A 19 -2.16 5.15 -1.37
C ALA A 19 -1.06 5.69 -2.28
N ALA A 20 0.19 5.44 -1.89
CA ALA A 20 1.34 5.82 -2.71
C ALA A 20 1.31 5.07 -4.04
N ALA A 21 0.89 3.81 -4.00
CA ALA A 21 0.73 3.02 -5.21
C ALA A 21 -0.38 3.58 -6.09
N MET A 22 -1.49 3.97 -5.46
CA MET A 22 -2.61 4.58 -6.17
C MET A 22 -2.16 5.87 -6.86
N GLU A 23 -1.20 6.55 -6.25
CA GLU A 23 -0.63 7.77 -6.81
C GLU A 23 0.29 7.47 -8.00
N ARG A 24 1.29 6.61 -7.79
CA ARG A 24 2.33 6.40 -8.78
C ARG A 24 1.96 5.32 -9.81
N ASN A 25 0.73 4.85 -9.77
CA ASN A 25 0.29 3.83 -10.72
C ASN A 25 -1.10 4.14 -11.23
N PRO A 26 -1.52 3.46 -12.31
CA PRO A 26 -2.89 3.52 -12.77
C PRO A 26 -3.84 2.89 -11.75
N THR A 27 -4.60 3.73 -11.10
CA THR A 27 -5.54 3.29 -10.10
C THR A 27 -6.74 2.64 -10.76
N GLN A 28 -6.64 1.32 -10.90
CA GLN A 28 -7.69 0.52 -11.52
C GLN A 28 -8.83 0.26 -10.53
N PHE A 29 -9.02 1.19 -9.62
CA PHE A 29 -10.09 1.11 -8.63
C PHE A 29 -11.10 2.22 -8.87
N GLN A 30 -11.29 2.55 -10.15
CA GLN A 30 -12.23 3.58 -10.57
C GLN A 30 -13.66 3.05 -10.49
N LEU A 31 -14.03 2.60 -9.30
CA LEU A 31 -15.36 2.07 -9.04
C LEU A 31 -16.44 3.16 -9.16
N PRO A 32 -16.23 4.35 -8.55
CA PRO A 32 -17.15 5.48 -8.73
C PRO A 32 -17.30 5.88 -10.20
N ASN A 33 -18.38 5.40 -10.81
CA ASN A 33 -18.69 5.71 -12.19
C ASN A 33 -20.16 6.13 -12.29
N GLU A 34 -21.03 5.31 -11.73
CA GLU A 34 -22.43 5.67 -11.56
C GLU A 34 -22.78 5.67 -10.08
N LEU A 35 -22.15 4.76 -9.35
CA LEU A 35 -22.35 4.64 -7.91
C LEU A 35 -21.52 5.66 -7.14
N THR A 36 -21.22 6.78 -7.79
CA THR A 36 -20.44 7.83 -7.19
C THR A 36 -21.27 8.63 -6.19
N CYS A 37 -22.56 8.72 -6.46
CA CYS A 37 -23.46 9.49 -5.62
C CYS A 37 -24.49 8.58 -4.96
N THR A 38 -24.64 7.38 -5.50
CA THR A 38 -25.61 6.44 -4.99
C THR A 38 -25.04 5.59 -3.85
N THR A 39 -23.85 5.94 -3.40
CA THR A 39 -23.22 5.32 -2.24
C THR A 39 -23.75 5.92 -0.94
N ALA A 40 -25.06 6.13 -0.90
CA ALA A 40 -25.71 6.74 0.26
C ALA A 40 -25.81 5.76 1.42
N LEU A 41 -26.06 6.29 2.62
CA LEU A 41 -26.14 5.49 3.83
C LEU A 41 -27.40 4.64 3.86
N PRO A 42 -27.23 3.30 3.86
CA PRO A 42 -28.35 2.37 3.97
C PRO A 42 -28.85 2.26 5.40
N GLY A 43 -30.06 1.74 5.56
CA GLY A 43 -30.65 1.61 6.88
C GLY A 43 -30.30 0.30 7.55
N SER A 44 -31.30 -0.48 7.89
CA SER A 44 -31.09 -1.77 8.53
C SER A 44 -31.07 -2.88 7.48
N SER A 45 -30.71 -4.09 7.91
CA SER A 45 -30.65 -5.25 7.04
C SER A 45 -30.80 -6.54 7.84
N SER B 1 10.30 26.84 6.28
CA SER B 1 11.70 26.84 6.75
C SER B 1 11.86 25.93 7.98
N ASN B 2 10.92 26.06 8.91
CA ASN B 2 10.96 25.28 10.14
C ASN B 2 10.51 23.85 9.89
N ALA B 3 11.13 22.90 10.57
CA ALA B 3 10.70 21.52 10.50
C ALA B 3 9.62 21.27 11.54
N SER B 4 8.38 21.36 11.13
CA SER B 4 7.25 21.26 12.04
C SER B 4 6.94 19.80 12.37
N LEU B 5 7.15 19.43 13.62
CA LEU B 5 6.77 18.11 14.09
C LEU B 5 5.34 18.14 14.60
N GLN B 6 4.41 17.79 13.74
CA GLN B 6 2.99 17.80 14.07
C GLN B 6 2.61 16.51 14.77
N ASN B 7 2.59 15.43 14.00
CA ASN B 7 2.26 14.10 14.48
C ASN B 7 2.22 13.13 13.30
N ASN B 8 1.23 13.31 12.44
CA ASN B 8 1.14 12.54 11.22
C ASN B 8 2.03 13.16 10.14
N GLN B 9 3.33 12.95 10.30
CA GLN B 9 4.32 13.57 9.43
C GLN B 9 4.17 13.11 7.99
N PRO B 10 3.76 14.03 7.10
CA PRO B 10 3.51 13.73 5.69
C PRO B 10 4.80 13.39 4.94
N VAL B 11 5.93 13.62 5.58
CA VAL B 11 7.23 13.32 5.01
C VAL B 11 7.38 11.82 4.72
N GLU B 12 6.86 10.98 5.61
CA GLU B 12 6.95 9.54 5.43
C GLU B 12 6.08 9.12 4.25
N PHE B 13 4.99 9.84 4.04
CA PHE B 13 4.12 9.58 2.90
C PHE B 13 4.82 10.02 1.62
N ASN B 14 5.49 11.16 1.68
CA ASN B 14 6.31 11.65 0.57
C ASN B 14 7.39 10.62 0.25
N HIS B 15 8.01 10.09 1.30
CA HIS B 15 9.01 9.04 1.18
C HIS B 15 8.39 7.78 0.58
N ALA B 16 7.15 7.48 0.95
CA ALA B 16 6.43 6.34 0.40
C ALA B 16 6.22 6.51 -1.10
N ILE B 17 5.81 7.71 -1.50
CA ILE B 17 5.63 8.04 -2.91
C ILE B 17 6.92 7.76 -3.67
N ASN B 18 8.03 8.22 -3.11
CA ASN B 18 9.34 8.04 -3.72
C ASN B 18 9.73 6.56 -3.76
N TYR B 19 9.37 5.82 -2.73
CA TYR B 19 9.70 4.40 -2.67
C TYR B 19 8.91 3.59 -3.71
N VAL B 20 7.62 3.89 -3.84
CA VAL B 20 6.79 3.23 -4.84
C VAL B 20 7.33 3.51 -6.24
N ASN B 21 7.70 4.75 -6.48
CA ASN B 21 8.28 5.14 -7.76
C ASN B 21 9.67 4.54 -7.90
N LYS B 22 10.34 4.35 -6.77
CA LYS B 22 11.67 3.74 -6.73
C LYS B 22 11.62 2.32 -7.27
N ILE B 23 10.66 1.53 -6.78
CA ILE B 23 10.46 0.17 -7.27
C ILE B 23 10.12 0.19 -8.75
N LYS B 24 9.28 1.14 -9.13
CA LYS B 24 8.88 1.31 -10.52
C LYS B 24 10.09 1.59 -11.40
N ASN B 25 10.90 2.56 -11.00
CA ASN B 25 12.07 2.96 -11.77
C ASN B 25 13.13 1.85 -11.77
N ARG B 26 13.22 1.13 -10.66
CA ARG B 26 14.17 0.04 -10.52
C ARG B 26 13.85 -1.08 -11.51
N PHE B 27 12.57 -1.39 -11.66
CA PHE B 27 12.14 -2.47 -12.52
C PHE B 27 11.32 -1.94 -13.69
N GLN B 28 11.71 -0.79 -14.21
CA GLN B 28 11.01 -0.20 -15.34
C GLN B 28 11.22 -1.02 -16.61
N GLY B 29 12.29 -1.81 -16.62
CA GLY B 29 12.54 -2.70 -17.74
C GLY B 29 11.88 -4.05 -17.55
N GLN B 30 11.45 -4.32 -16.33
CA GLN B 30 10.78 -5.59 -16.02
C GLN B 30 9.52 -5.32 -15.19
N PRO B 31 8.45 -4.86 -15.85
CA PRO B 31 7.21 -4.46 -15.16
C PRO B 31 6.51 -5.63 -14.48
N ASP B 32 6.86 -6.84 -14.88
CA ASP B 32 6.27 -8.05 -14.32
C ASP B 32 6.56 -8.16 -12.82
N ILE B 33 7.77 -7.81 -12.42
CA ILE B 33 8.17 -7.88 -11.02
C ILE B 33 7.32 -6.93 -10.18
N TYR B 34 7.13 -5.72 -10.68
CA TYR B 34 6.32 -4.73 -9.97
C TYR B 34 4.86 -5.19 -9.94
N LYS B 35 4.40 -5.77 -11.04
CA LYS B 35 3.04 -6.28 -11.11
C LYS B 35 2.82 -7.44 -10.15
N ALA B 36 3.87 -8.21 -9.89
CA ALA B 36 3.81 -9.27 -8.89
C ALA B 36 3.59 -8.65 -7.51
N PHE B 37 4.40 -7.66 -7.19
CA PHE B 37 4.24 -6.91 -5.94
C PHE B 37 2.87 -6.24 -5.89
N LEU B 38 2.48 -5.66 -7.02
CA LEU B 38 1.19 -4.97 -7.14
C LEU B 38 0.04 -5.91 -6.80
N GLU B 39 0.10 -7.13 -7.33
CA GLU B 39 -0.95 -8.11 -7.09
C GLU B 39 -0.96 -8.59 -5.65
N ILE B 40 0.20 -8.71 -5.03
CA ILE B 40 0.27 -9.09 -3.63
C ILE B 40 -0.40 -8.01 -2.78
N LEU B 41 -0.06 -6.76 -3.05
CA LEU B 41 -0.66 -5.62 -2.35
C LEU B 41 -2.15 -5.54 -2.68
N HIS B 42 -2.49 -5.76 -3.94
CA HIS B 42 -3.87 -5.76 -4.40
C HIS B 42 -4.69 -6.83 -3.68
N THR B 43 -4.08 -8.00 -3.50
CA THR B 43 -4.72 -9.09 -2.77
C THR B 43 -4.97 -8.68 -1.32
N TYR B 44 -3.96 -8.09 -0.69
CA TYR B 44 -4.10 -7.60 0.68
C TYR B 44 -5.20 -6.56 0.77
N GLN B 45 -5.24 -5.65 -0.20
CA GLN B 45 -6.24 -4.59 -0.24
C GLN B 45 -7.65 -5.17 -0.29
N LYS B 46 -7.82 -6.25 -1.06
CA LYS B 46 -9.12 -6.89 -1.19
C LYS B 46 -9.44 -7.61 0.10
N GLU B 47 -8.40 -8.14 0.73
CA GLU B 47 -8.55 -8.84 1.99
C GLU B 47 -8.94 -7.87 3.11
N GLN B 48 -8.26 -6.74 3.18
CA GLN B 48 -8.54 -5.73 4.18
C GLN B 48 -9.96 -5.17 4.01
N ARG B 49 -10.31 -4.84 2.77
CA ARG B 49 -11.65 -4.33 2.48
C ARG B 49 -12.70 -5.33 2.93
N ASN B 50 -12.51 -6.59 2.53
CA ASN B 50 -13.48 -7.64 2.84
C ASN B 50 -13.56 -7.88 4.33
N ALA B 51 -12.42 -7.71 5.00
CA ALA B 51 -12.35 -7.88 6.45
C ALA B 51 -13.29 -6.91 7.16
N LYS B 52 -13.20 -5.65 6.79
CA LYS B 52 -14.06 -4.62 7.38
C LYS B 52 -15.48 -4.75 6.82
N GLU B 53 -15.57 -5.05 5.54
CA GLU B 53 -16.85 -5.15 4.83
C GLU B 53 -17.72 -6.26 5.43
N ALA B 54 -17.09 -7.29 5.97
CA ALA B 54 -17.80 -8.40 6.59
C ALA B 54 -18.36 -8.02 7.96
N GLY B 55 -18.10 -6.79 8.38
CA GLY B 55 -18.59 -6.32 9.66
C GLY B 55 -17.49 -6.17 10.69
N GLY B 56 -16.27 -6.51 10.28
CA GLY B 56 -15.14 -6.41 11.18
C GLY B 56 -14.85 -7.74 11.86
N ASN B 57 -13.74 -7.78 12.61
CA ASN B 57 -13.31 -8.95 13.38
C ASN B 57 -12.66 -9.98 12.45
N TYR B 58 -12.94 -9.83 11.17
CA TYR B 58 -12.47 -10.76 10.16
C TYR B 58 -10.99 -10.51 9.89
N THR B 59 -10.17 -11.45 10.33
CA THR B 59 -8.75 -11.39 10.05
C THR B 59 -8.44 -12.11 8.75
N PRO B 60 -7.97 -11.37 7.74
CA PRO B 60 -7.73 -11.91 6.40
C PRO B 60 -6.56 -12.89 6.36
N ALA B 61 -6.38 -13.52 5.20
CA ALA B 61 -5.29 -14.46 5.00
C ALA B 61 -3.97 -13.70 4.86
N LEU B 62 -4.06 -12.49 4.34
CA LEU B 62 -2.90 -11.64 4.17
C LEU B 62 -2.60 -10.86 5.44
N THR B 63 -1.89 -11.49 6.35
CA THR B 63 -1.45 -10.82 7.56
C THR B 63 -0.16 -10.05 7.27
N GLU B 64 0.18 -9.10 8.13
CA GLU B 64 1.36 -8.26 7.92
C GLU B 64 2.62 -9.12 7.81
N GLN B 65 2.70 -10.15 8.66
CA GLN B 65 3.82 -11.09 8.62
C GLN B 65 3.86 -11.83 7.29
N GLU B 66 2.69 -12.32 6.87
CA GLU B 66 2.56 -13.08 5.63
C GLU B 66 3.01 -12.25 4.43
N VAL B 67 2.45 -11.05 4.30
CA VAL B 67 2.77 -10.17 3.20
C VAL B 67 4.25 -9.82 3.19
N TYR B 68 4.78 -9.47 4.36
CA TYR B 68 6.17 -9.05 4.49
C TYR B 68 7.12 -10.17 4.08
N ALA B 69 6.79 -11.39 4.47
CA ALA B 69 7.62 -12.55 4.12
C ALA B 69 7.64 -12.77 2.60
N GLN B 70 6.46 -12.72 2.00
CA GLN B 70 6.33 -12.97 0.57
C GLN B 70 7.05 -11.91 -0.25
N VAL B 71 6.90 -10.65 0.14
CA VAL B 71 7.50 -9.54 -0.59
C VAL B 71 9.02 -9.52 -0.39
N ALA B 72 9.47 -9.95 0.78
CA ALA B 72 10.89 -10.04 1.07
C ALA B 72 11.55 -11.09 0.17
N ARG B 73 10.84 -12.18 -0.06
CA ARG B 73 11.30 -13.22 -0.98
C ARG B 73 11.30 -12.70 -2.41
N LEU B 74 10.23 -11.95 -2.75
CA LEU B 74 10.03 -11.45 -4.10
C LEU B 74 11.24 -10.62 -4.55
N PHE B 75 11.55 -9.58 -3.80
CA PHE B 75 12.64 -8.70 -4.17
C PHE B 75 13.99 -9.32 -3.86
N LYS B 76 14.61 -9.89 -4.88
CA LYS B 76 15.94 -10.45 -4.76
C LYS B 76 16.93 -9.59 -5.54
N ASN B 77 18.19 -9.59 -5.09
CA ASN B 77 19.26 -8.80 -5.70
C ASN B 77 19.04 -7.30 -5.46
N GLN B 78 17.99 -6.97 -4.74
CA GLN B 78 17.68 -5.59 -4.41
C GLN B 78 17.57 -5.44 -2.90
N GLU B 79 18.72 -5.39 -2.24
CA GLU B 79 18.77 -5.37 -0.79
C GLU B 79 18.26 -4.02 -0.25
N ASP B 80 18.69 -2.94 -0.89
CA ASP B 80 18.35 -1.59 -0.43
C ASP B 80 16.87 -1.34 -0.57
N LEU B 81 16.30 -1.85 -1.65
CA LEU B 81 14.88 -1.68 -1.93
C LEU B 81 14.06 -2.30 -0.79
N LEU B 82 14.33 -3.56 -0.49
CA LEU B 82 13.62 -4.27 0.56
C LEU B 82 13.91 -3.64 1.92
N SER B 83 15.11 -3.10 2.08
CA SER B 83 15.50 -2.44 3.32
C SER B 83 14.59 -1.24 3.60
N GLU B 84 14.29 -0.46 2.56
CA GLU B 84 13.38 0.66 2.72
C GLU B 84 11.96 0.19 3.00
N PHE B 85 11.56 -0.88 2.33
CA PHE B 85 10.26 -1.50 2.59
C PHE B 85 10.17 -1.92 4.05
N GLY B 86 11.29 -2.44 4.55
CA GLY B 86 11.37 -2.88 5.93
C GLY B 86 11.41 -1.74 6.92
N GLN B 87 11.32 -0.51 6.42
CA GLN B 87 11.20 0.65 7.30
C GLN B 87 9.74 1.09 7.36
N PHE B 88 9.00 0.81 6.28
CA PHE B 88 7.57 1.08 6.25
C PHE B 88 6.84 0.04 7.06
N LEU B 89 7.30 -1.20 6.96
CA LEU B 89 6.75 -2.28 7.75
C LEU B 89 7.87 -3.09 8.40
N PRO B 90 8.48 -2.54 9.45
CA PRO B 90 9.54 -3.21 10.20
C PRO B 90 8.97 -4.18 11.23
N ASP B 91 9.33 -5.45 11.11
CA ASP B 91 8.80 -6.47 12.01
C ASP B 91 9.27 -6.24 13.44
N ALA B 92 10.58 -6.21 13.63
CA ALA B 92 11.14 -5.94 14.93
C ALA B 92 11.71 -4.52 14.98
N ASN B 93 10.84 -3.56 15.21
CA ASN B 93 11.23 -2.15 15.28
C ASN B 93 11.05 -1.62 16.69
N SER B 94 9.86 -1.82 17.22
CA SER B 94 9.53 -1.39 18.57
C SER B 94 8.99 -2.57 19.36
N SER A 1 -3.25 -4.97 29.78
CA SER A 1 -4.07 -5.57 28.71
C SER A 1 -4.41 -4.52 27.65
N ASN A 2 -3.58 -4.45 26.62
CA ASN A 2 -3.75 -3.46 25.55
C ASN A 2 -4.39 -4.11 24.33
N ALA A 3 -4.49 -5.44 24.37
CA ALA A 3 -5.14 -6.22 23.30
C ALA A 3 -4.34 -6.12 22.00
N ASP A 4 -4.94 -6.62 20.92
CA ASP A 4 -4.27 -6.64 19.62
C ASP A 4 -4.65 -5.43 18.79
N TYR A 5 -5.68 -4.72 19.21
CA TYR A 5 -6.14 -3.54 18.51
C TYR A 5 -5.08 -2.44 18.57
N VAL A 6 -4.78 -1.86 17.42
CA VAL A 6 -3.82 -0.78 17.33
C VAL A 6 -4.43 0.40 16.58
N GLN A 7 -4.36 1.58 17.17
CA GLN A 7 -4.89 2.78 16.55
C GLN A 7 -3.76 3.64 16.01
N PRO A 8 -3.67 3.77 14.68
CA PRO A 8 -2.65 4.58 14.02
C PRO A 8 -3.00 6.06 14.02
N GLN A 9 -1.98 6.91 13.93
CA GLN A 9 -2.18 8.35 13.97
C GLN A 9 -1.83 9.01 12.63
N LEU A 10 -0.81 8.48 11.97
CA LEU A 10 -0.28 9.11 10.76
C LEU A 10 0.44 8.08 9.89
N ARG A 11 1.64 7.74 10.31
CA ARG A 11 2.48 6.77 9.63
C ARG A 11 1.79 5.41 9.62
N ARG A 12 1.32 5.01 8.46
CA ARG A 12 0.57 3.77 8.29
C ARG A 12 1.10 3.00 7.09
N PRO A 13 1.92 1.97 7.34
CA PRO A 13 2.62 1.18 6.32
C PRO A 13 1.84 1.00 5.02
N PHE A 14 0.79 0.19 5.07
CA PHE A 14 0.02 -0.12 3.88
C PHE A 14 -0.87 1.04 3.46
N GLU A 15 -1.52 1.65 4.44
CA GLU A 15 -2.47 2.73 4.17
C GLU A 15 -1.88 3.78 3.24
N LEU A 16 -0.73 4.33 3.61
CA LEU A 16 -0.17 5.43 2.85
C LEU A 16 0.57 4.93 1.61
N LEU A 17 1.09 3.70 1.66
CA LEU A 17 1.84 3.19 0.51
C LEU A 17 0.88 2.77 -0.60
N ILE A 18 -0.24 2.17 -0.23
CA ILE A 18 -1.25 1.79 -1.20
C ILE A 18 -1.90 3.03 -1.78
N ALA A 19 -2.13 4.03 -0.93
CA ALA A 19 -2.60 5.33 -1.41
C ALA A 19 -1.56 5.95 -2.34
N ALA A 20 -0.30 5.87 -1.93
CA ALA A 20 0.81 6.42 -2.72
C ALA A 20 0.90 5.76 -4.10
N ALA A 21 0.86 4.43 -4.11
CA ALA A 21 1.00 3.67 -5.35
C ALA A 21 -0.13 3.99 -6.33
N MET A 22 -1.36 3.88 -5.84
CA MET A 22 -2.54 4.13 -6.67
C MET A 22 -2.62 5.59 -7.12
N GLU A 23 -2.11 6.50 -6.30
CA GLU A 23 -2.17 7.92 -6.63
C GLU A 23 -1.06 8.30 -7.62
N ARG A 24 0.12 7.69 -7.48
CA ARG A 24 1.24 7.97 -8.37
C ARG A 24 1.02 7.30 -9.73
N ASN A 25 0.35 6.16 -9.71
CA ASN A 25 0.04 5.43 -10.94
C ASN A 25 -1.32 5.86 -11.47
N PRO A 26 -1.65 5.51 -12.73
CA PRO A 26 -2.98 5.79 -13.29
C PRO A 26 -4.05 4.86 -12.72
N THR A 27 -3.64 4.00 -11.79
CA THR A 27 -4.49 3.01 -11.13
C THR A 27 -5.51 2.36 -12.07
N GLN A 28 -5.11 1.22 -12.64
CA GLN A 28 -5.97 0.49 -13.57
C GLN A 28 -7.00 -0.35 -12.84
N PHE A 29 -7.28 -0.01 -11.59
CA PHE A 29 -8.26 -0.73 -10.79
C PHE A 29 -9.60 -0.04 -10.89
N GLN A 30 -10.29 -0.28 -11.99
CA GLN A 30 -11.57 0.34 -12.25
C GLN A 30 -12.67 -0.72 -12.26
N LEU A 31 -13.50 -0.68 -11.24
CA LEU A 31 -14.64 -1.58 -11.14
C LEU A 31 -15.90 -0.88 -11.67
N PRO A 32 -16.27 -1.18 -12.92
CA PRO A 32 -17.47 -0.65 -13.54
C PRO A 32 -18.74 -1.18 -12.89
N ASN A 33 -19.43 -0.32 -12.16
CA ASN A 33 -20.60 -0.73 -11.40
C ASN A 33 -21.85 0.02 -11.86
N GLU A 34 -21.83 1.34 -11.70
CA GLU A 34 -23.03 2.15 -11.93
C GLU A 34 -23.43 2.21 -13.40
N LEU A 35 -22.50 1.87 -14.29
CA LEU A 35 -22.76 1.98 -15.71
C LEU A 35 -22.53 0.65 -16.44
N THR A 36 -22.35 -0.42 -15.69
CA THR A 36 -22.02 -1.71 -16.30
C THR A 36 -22.58 -2.88 -15.49
N CYS A 37 -23.67 -2.65 -14.77
CA CYS A 37 -24.30 -3.71 -14.01
C CYS A 37 -25.78 -3.82 -14.36
N THR A 38 -26.43 -2.69 -14.54
CA THR A 38 -27.85 -2.70 -14.88
C THR A 38 -28.03 -2.60 -16.40
N THR A 39 -26.96 -2.27 -17.10
CA THR A 39 -26.99 -2.17 -18.54
C THR A 39 -25.61 -2.47 -19.12
N ALA A 40 -25.59 -3.36 -20.10
CA ALA A 40 -24.36 -3.69 -20.82
C ALA A 40 -24.68 -3.89 -22.29
N LEU A 41 -24.11 -3.05 -23.14
CA LEU A 41 -24.35 -3.15 -24.58
C LEU A 41 -23.53 -4.28 -25.18
N PRO A 42 -24.19 -5.18 -25.91
CA PRO A 42 -23.51 -6.31 -26.57
C PRO A 42 -22.39 -5.83 -27.48
N GLY A 43 -22.69 -4.81 -28.29
CA GLY A 43 -21.70 -4.28 -29.20
C GLY A 43 -21.00 -3.06 -28.63
N SER A 44 -20.76 -3.07 -27.33
CA SER A 44 -20.06 -1.98 -26.66
C SER A 44 -18.57 -2.08 -26.95
N SER A 45 -18.19 -1.74 -28.17
CA SER A 45 -16.82 -1.77 -28.61
C SER A 45 -16.62 -0.76 -29.73
N SER B 1 -7.36 25.32 18.63
CA SER B 1 -6.13 24.51 18.77
C SER B 1 -6.13 23.40 17.72
N ASN B 2 -4.95 22.84 17.46
CA ASN B 2 -4.83 21.76 16.50
C ASN B 2 -4.49 20.45 17.20
N ALA B 3 -5.40 19.49 17.13
CA ALA B 3 -5.23 18.22 17.81
C ALA B 3 -4.20 17.34 17.10
N SER B 4 -3.82 17.74 15.90
CA SER B 4 -2.82 17.01 15.14
C SER B 4 -1.72 17.96 14.67
N LEU B 5 -1.62 19.11 15.36
CA LEU B 5 -0.67 20.18 15.03
C LEU B 5 -1.05 20.84 13.70
N GLN B 6 -0.48 22.00 13.43
CA GLN B 6 -0.76 22.71 12.19
C GLN B 6 -0.06 22.00 11.04
N ASN B 7 1.22 21.71 11.22
CA ASN B 7 1.97 20.95 10.24
C ASN B 7 2.09 19.50 10.68
N ASN B 8 1.15 18.68 10.24
CA ASN B 8 1.23 17.26 10.49
C ASN B 8 2.13 16.63 9.44
N GLN B 9 3.31 16.22 9.88
CA GLN B 9 4.41 15.85 8.98
C GLN B 9 4.02 14.75 7.98
N PRO B 10 3.95 15.10 6.69
CA PRO B 10 3.66 14.17 5.62
C PRO B 10 4.94 13.51 5.09
N VAL B 11 5.98 13.54 5.92
CA VAL B 11 7.30 13.04 5.56
C VAL B 11 7.27 11.58 5.12
N GLU B 12 6.48 10.77 5.81
CA GLU B 12 6.39 9.35 5.51
C GLU B 12 5.76 9.14 4.14
N PHE B 13 4.73 9.94 3.84
CA PHE B 13 4.03 9.83 2.56
C PHE B 13 4.94 10.26 1.43
N ASN B 14 5.69 11.32 1.66
CA ASN B 14 6.67 11.80 0.69
C ASN B 14 7.70 10.71 0.37
N HIS B 15 8.22 10.08 1.41
CA HIS B 15 9.21 9.02 1.24
C HIS B 15 8.56 7.79 0.60
N ALA B 16 7.28 7.60 0.84
CA ALA B 16 6.53 6.51 0.22
C ALA B 16 6.48 6.72 -1.30
N ILE B 17 6.25 7.96 -1.70
CA ILE B 17 6.27 8.32 -3.11
C ILE B 17 7.62 7.97 -3.72
N ASN B 18 8.68 8.39 -3.05
CA ASN B 18 10.04 8.07 -3.46
C ASN B 18 10.27 6.58 -3.54
N TYR B 19 9.73 5.84 -2.57
CA TYR B 19 9.95 4.40 -2.51
C TYR B 19 9.22 3.68 -3.64
N VAL B 20 7.99 4.08 -3.94
CA VAL B 20 7.25 3.47 -5.04
C VAL B 20 7.93 3.79 -6.37
N ASN B 21 8.48 5.00 -6.46
CA ASN B 21 9.29 5.37 -7.61
C ASN B 21 10.50 4.47 -7.69
N LYS B 22 11.16 4.28 -6.56
CA LYS B 22 12.32 3.41 -6.45
C LYS B 22 12.00 2.01 -6.96
N ILE B 23 10.95 1.39 -6.42
CA ILE B 23 10.55 0.04 -6.83
C ILE B 23 10.30 -0.02 -8.33
N LYS B 24 9.42 0.86 -8.78
CA LYS B 24 8.95 0.85 -10.16
C LYS B 24 10.10 1.11 -11.13
N ASN B 25 10.90 2.12 -10.82
CA ASN B 25 11.98 2.53 -11.70
C ASN B 25 13.19 1.60 -11.55
N ARG B 26 13.23 0.84 -10.46
CA ARG B 26 14.27 -0.16 -10.25
C ARG B 26 14.21 -1.22 -11.34
N PHE B 27 13.03 -1.77 -11.55
CA PHE B 27 12.84 -2.79 -12.56
C PHE B 27 12.60 -2.15 -13.92
N GLN B 28 11.95 -0.99 -13.89
CA GLN B 28 11.74 -0.12 -15.06
C GLN B 28 11.05 -0.85 -16.22
N GLY B 29 11.82 -1.59 -17.01
CA GLY B 29 11.28 -2.26 -18.17
C GLY B 29 10.63 -3.59 -17.84
N GLN B 30 10.86 -4.08 -16.62
CA GLN B 30 10.27 -5.33 -16.20
C GLN B 30 9.07 -5.06 -15.29
N PRO B 31 7.85 -5.21 -15.81
CA PRO B 31 6.63 -4.87 -15.08
C PRO B 31 6.13 -6.01 -14.18
N ASP B 32 6.52 -7.23 -14.48
CA ASP B 32 5.98 -8.40 -13.78
C ASP B 32 6.30 -8.40 -12.29
N ILE B 33 7.52 -8.03 -11.93
CA ILE B 33 7.91 -8.00 -10.52
C ILE B 33 7.13 -6.93 -9.77
N TYR B 34 6.99 -5.77 -10.39
CA TYR B 34 6.25 -4.67 -9.78
C TYR B 34 4.76 -5.01 -9.72
N LYS B 35 4.27 -5.71 -10.73
CA LYS B 35 2.87 -6.11 -10.76
C LYS B 35 2.61 -7.22 -9.76
N ALA B 36 3.60 -8.09 -9.55
CA ALA B 36 3.51 -9.13 -8.54
C ALA B 36 3.33 -8.50 -7.17
N PHE B 37 4.09 -7.45 -6.91
CA PHE B 37 3.94 -6.67 -5.69
C PHE B 37 2.54 -6.03 -5.65
N LEU B 38 2.08 -5.58 -6.81
CA LEU B 38 0.76 -4.97 -6.94
C LEU B 38 -0.33 -6.00 -6.62
N GLU B 39 -0.12 -7.24 -7.06
CA GLU B 39 -1.02 -8.33 -6.71
C GLU B 39 -1.08 -8.51 -5.20
N ILE B 40 0.09 -8.57 -4.57
CA ILE B 40 0.18 -8.71 -3.12
C ILE B 40 -0.57 -7.56 -2.45
N LEU B 41 -0.30 -6.35 -2.92
CA LEU B 41 -0.87 -5.14 -2.36
C LEU B 41 -2.39 -5.16 -2.48
N HIS B 42 -2.90 -5.55 -3.65
CA HIS B 42 -4.34 -5.61 -3.87
C HIS B 42 -4.97 -6.75 -3.08
N THR B 43 -4.21 -7.82 -2.87
CA THR B 43 -4.69 -8.94 -2.07
C THR B 43 -4.85 -8.51 -0.61
N TYR B 44 -3.94 -7.66 -0.14
CA TYR B 44 -4.04 -7.11 1.21
C TYR B 44 -5.30 -6.26 1.32
N GLN B 45 -5.54 -5.40 0.34
CA GLN B 45 -6.75 -4.59 0.31
C GLN B 45 -7.99 -5.47 0.21
N LYS B 46 -7.88 -6.59 -0.49
CA LYS B 46 -8.98 -7.54 -0.60
C LYS B 46 -9.32 -8.10 0.78
N GLU B 47 -8.29 -8.56 1.48
CA GLU B 47 -8.47 -9.13 2.81
C GLU B 47 -8.91 -8.07 3.81
N GLN B 48 -8.38 -6.86 3.65
CA GLN B 48 -8.80 -5.73 4.46
C GLN B 48 -10.27 -5.44 4.22
N ARG B 49 -10.67 -5.46 2.95
CA ARG B 49 -12.06 -5.33 2.56
C ARG B 49 -12.89 -6.42 3.19
N ASN B 50 -12.43 -7.66 3.07
CA ASN B 50 -13.14 -8.82 3.59
C ASN B 50 -13.31 -8.72 5.11
N ALA B 51 -12.27 -8.24 5.77
CA ALA B 51 -12.29 -8.10 7.22
C ALA B 51 -13.31 -7.05 7.66
N LYS B 52 -13.24 -5.87 7.07
CA LYS B 52 -14.10 -4.76 7.47
C LYS B 52 -15.53 -5.00 7.01
N GLU B 53 -15.69 -5.56 5.82
CA GLU B 53 -17.01 -5.82 5.25
C GLU B 53 -17.76 -6.88 6.07
N ALA B 54 -17.01 -7.81 6.66
CA ALA B 54 -17.59 -8.86 7.47
C ALA B 54 -17.73 -8.43 8.93
N GLY B 55 -17.50 -7.15 9.20
CA GLY B 55 -17.67 -6.61 10.54
C GLY B 55 -16.56 -7.02 11.48
N GLY B 56 -15.43 -7.46 10.93
CA GLY B 56 -14.31 -7.87 11.74
C GLY B 56 -14.40 -9.31 12.17
N ASN B 57 -15.40 -10.01 11.64
CA ASN B 57 -15.60 -11.41 11.96
C ASN B 57 -14.54 -12.27 11.27
N TYR B 58 -14.14 -11.84 10.08
CA TYR B 58 -13.11 -12.53 9.33
C TYR B 58 -11.82 -11.72 9.36
N THR B 59 -10.76 -12.32 9.84
CA THR B 59 -9.46 -11.67 9.86
C THR B 59 -8.69 -11.99 8.59
N PRO B 60 -7.96 -11.01 8.04
CA PRO B 60 -7.18 -11.17 6.80
C PRO B 60 -6.24 -12.37 6.87
N ALA B 61 -6.40 -13.30 5.93
CA ALA B 61 -5.54 -14.47 5.85
C ALA B 61 -4.16 -14.04 5.36
N LEU B 62 -4.15 -12.96 4.61
CA LEU B 62 -2.90 -12.36 4.14
C LEU B 62 -2.54 -11.19 5.03
N THR B 63 -1.70 -11.43 6.02
CA THR B 63 -1.31 -10.41 6.98
C THR B 63 -0.16 -9.57 6.46
N GLU B 64 0.27 -8.60 7.27
CA GLU B 64 1.43 -7.80 6.96
C GLU B 64 2.66 -8.70 6.93
N GLN B 65 2.68 -9.66 7.86
CA GLN B 65 3.76 -10.65 7.91
C GLN B 65 3.79 -11.47 6.63
N GLU B 66 2.61 -11.88 6.17
CA GLU B 66 2.49 -12.61 4.90
C GLU B 66 3.05 -11.77 3.76
N VAL B 67 2.57 -10.53 3.66
CA VAL B 67 3.03 -9.61 2.63
C VAL B 67 4.55 -9.48 2.67
N TYR B 68 5.06 -9.14 3.85
CA TYR B 68 6.49 -8.90 4.01
C TYR B 68 7.30 -10.13 3.59
N ALA B 69 6.80 -11.31 3.90
CA ALA B 69 7.47 -12.55 3.53
C ALA B 69 7.47 -12.74 2.01
N GLN B 70 6.30 -12.50 1.40
CA GLN B 70 6.17 -12.63 -0.04
C GLN B 70 7.05 -11.61 -0.76
N VAL B 71 7.00 -10.37 -0.29
CA VAL B 71 7.82 -9.32 -0.86
C VAL B 71 9.30 -9.59 -0.62
N ALA B 72 9.60 -10.22 0.52
CA ALA B 72 10.97 -10.57 0.85
C ALA B 72 11.57 -11.47 -0.19
N ARG B 73 10.84 -12.52 -0.56
CA ARG B 73 11.33 -13.46 -1.58
C ARG B 73 11.21 -12.87 -2.99
N LEU B 74 10.30 -11.93 -3.16
CA LEU B 74 10.08 -11.30 -4.45
C LEU B 74 11.17 -10.25 -4.73
N PHE B 75 11.36 -9.34 -3.79
CA PHE B 75 12.31 -8.24 -3.96
C PHE B 75 13.68 -8.60 -3.40
N LYS B 76 13.95 -9.90 -3.27
CA LYS B 76 15.20 -10.37 -2.71
C LYS B 76 16.34 -10.14 -3.71
N ASN B 77 15.97 -9.73 -4.91
CA ASN B 77 16.93 -9.42 -5.97
C ASN B 77 17.62 -8.07 -5.70
N GLN B 78 17.00 -7.27 -4.85
CA GLN B 78 17.57 -5.99 -4.44
C GLN B 78 17.45 -5.85 -2.93
N GLU B 79 18.54 -6.11 -2.23
CA GLU B 79 18.54 -6.11 -0.76
C GLU B 79 18.11 -4.75 -0.22
N ASP B 80 18.65 -3.68 -0.80
CA ASP B 80 18.31 -2.31 -0.41
C ASP B 80 16.81 -2.06 -0.44
N LEU B 81 16.15 -2.63 -1.44
CA LEU B 81 14.72 -2.40 -1.64
C LEU B 81 13.93 -2.97 -0.47
N LEU B 82 14.07 -4.27 -0.25
CA LEU B 82 13.40 -4.95 0.87
C LEU B 82 13.81 -4.34 2.20
N SER B 83 15.09 -3.98 2.29
CA SER B 83 15.64 -3.39 3.51
C SER B 83 14.90 -2.12 3.90
N GLU B 84 14.55 -1.29 2.93
CA GLU B 84 13.85 -0.05 3.23
C GLU B 84 12.35 -0.30 3.37
N PHE B 85 11.86 -1.36 2.73
CA PHE B 85 10.46 -1.76 2.87
C PHE B 85 10.15 -2.07 4.32
N GLY B 86 11.12 -2.68 5.00
CA GLY B 86 10.98 -2.99 6.41
C GLY B 86 10.95 -1.75 7.30
N GLN B 87 11.17 -0.58 6.70
CA GLN B 87 11.10 0.68 7.44
C GLN B 87 9.76 1.36 7.22
N PHE B 88 8.92 0.77 6.37
CA PHE B 88 7.56 1.23 6.20
C PHE B 88 6.65 0.47 7.15
N LEU B 89 6.97 -0.79 7.37
CA LEU B 89 6.33 -1.58 8.41
C LEU B 89 7.39 -2.05 9.41
N PRO B 90 7.94 -1.09 10.19
CA PRO B 90 9.09 -1.34 11.06
C PRO B 90 8.73 -2.21 12.26
N ASP B 91 9.46 -3.29 12.43
CA ASP B 91 9.29 -4.19 13.57
C ASP B 91 9.64 -3.46 14.86
N ALA B 92 10.50 -2.46 14.74
CA ALA B 92 10.92 -1.66 15.88
C ALA B 92 9.78 -0.74 16.37
N ASN B 93 8.79 -0.53 15.49
CA ASN B 93 7.62 0.29 15.82
C ASN B 93 8.02 1.73 16.14
N SER B 94 9.18 2.15 15.65
CA SER B 94 9.70 3.47 15.92
C SER B 94 9.43 4.42 14.75
N SER A 1 -20.11 20.73 17.19
CA SER A 1 -19.68 20.11 15.91
C SER A 1 -20.27 18.71 15.81
N ASN A 2 -20.55 18.27 14.59
CA ASN A 2 -21.09 16.94 14.36
C ASN A 2 -20.34 16.24 13.23
N ALA A 3 -19.54 15.27 13.59
CA ALA A 3 -18.79 14.50 12.60
C ALA A 3 -19.43 13.14 12.37
N ASP A 4 -20.01 12.95 11.20
CA ASP A 4 -20.67 11.69 10.86
C ASP A 4 -19.70 10.78 10.11
N TYR A 5 -19.18 9.79 10.84
CA TYR A 5 -18.24 8.81 10.29
C TYR A 5 -16.89 9.45 9.96
N VAL A 6 -15.93 9.23 10.85
CA VAL A 6 -14.57 9.70 10.63
C VAL A 6 -13.58 8.60 11.03
N GLN A 7 -12.55 8.41 10.23
CA GLN A 7 -11.58 7.36 10.46
C GLN A 7 -10.22 7.78 9.91
N PRO A 8 -9.21 7.90 10.78
CA PRO A 8 -7.84 8.20 10.35
C PRO A 8 -7.26 7.07 9.51
N GLN A 9 -6.44 7.44 8.54
CA GLN A 9 -5.85 6.46 7.63
C GLN A 9 -4.33 6.55 7.71
N LEU A 10 -3.83 6.63 8.93
CA LEU A 10 -2.42 6.81 9.16
C LEU A 10 -1.93 5.89 10.29
N ARG A 11 -2.64 4.81 10.50
CA ARG A 11 -2.25 3.87 11.54
C ARG A 11 -1.87 2.53 10.94
N ARG A 12 -1.58 2.54 9.64
CA ARG A 12 -1.20 1.32 8.93
C ARG A 12 -0.14 1.65 7.88
N PRO A 13 1.08 1.14 8.07
CA PRO A 13 2.21 1.43 7.18
C PRO A 13 1.97 0.97 5.74
N PHE A 14 1.53 -0.26 5.55
CA PHE A 14 1.35 -0.81 4.22
C PHE A 14 0.11 -0.21 3.55
N GLU A 15 -0.85 0.24 4.36
CA GLU A 15 -2.07 0.85 3.84
C GLU A 15 -1.75 2.21 3.22
N LEU A 16 -0.80 2.91 3.85
CA LEU A 16 -0.27 4.16 3.30
C LEU A 16 0.26 3.91 1.90
N LEU A 17 0.98 2.81 1.75
CA LEU A 17 1.59 2.44 0.48
C LEU A 17 0.54 1.99 -0.51
N ILE A 18 -0.59 1.50 -0.02
CA ILE A 18 -1.73 1.21 -0.88
C ILE A 18 -2.16 2.48 -1.60
N ALA A 19 -2.43 3.52 -0.81
CA ALA A 19 -2.81 4.81 -1.35
C ALA A 19 -1.67 5.41 -2.18
N ALA A 20 -0.45 5.19 -1.70
CA ALA A 20 0.75 5.67 -2.39
C ALA A 20 0.84 5.09 -3.79
N ALA A 21 0.77 3.76 -3.88
CA ALA A 21 0.82 3.08 -5.16
C ALA A 21 -0.25 3.56 -6.11
N MET A 22 -1.46 3.74 -5.59
CA MET A 22 -2.59 4.17 -6.40
C MET A 22 -2.43 5.61 -6.88
N GLU A 23 -1.78 6.44 -6.08
CA GLU A 23 -1.52 7.83 -6.47
C GLU A 23 -0.42 7.90 -7.52
N ARG A 24 0.60 7.06 -7.37
CA ARG A 24 1.74 7.10 -8.26
C ARG A 24 1.43 6.42 -9.60
N ASN A 25 0.65 5.35 -9.54
CA ASN A 25 0.28 4.62 -10.74
C ASN A 25 -1.01 5.18 -11.34
N PRO A 26 -1.32 4.82 -12.60
CA PRO A 26 -2.58 5.19 -13.26
C PRO A 26 -3.81 4.59 -12.56
N THR A 27 -3.56 3.81 -11.51
CA THR A 27 -4.57 3.12 -10.71
C THR A 27 -5.66 2.46 -11.56
N GLN A 28 -5.39 1.21 -11.95
CA GLN A 28 -6.35 0.39 -12.67
C GLN A 28 -7.44 -0.15 -11.73
N PHE A 29 -7.63 0.55 -10.62
CA PHE A 29 -8.63 0.16 -9.63
C PHE A 29 -9.85 1.06 -9.75
N GLN A 30 -9.59 2.35 -9.98
CA GLN A 30 -10.65 3.33 -10.10
C GLN A 30 -10.68 3.90 -11.50
N LEU A 31 -11.64 3.45 -12.29
CA LEU A 31 -11.84 3.98 -13.63
C LEU A 31 -13.24 4.59 -13.73
N PRO A 32 -13.40 5.84 -13.29
CA PRO A 32 -14.69 6.52 -13.26
C PRO A 32 -14.92 7.43 -14.46
N ASN A 33 -16.06 8.13 -14.45
CA ASN A 33 -16.36 9.13 -15.47
C ASN A 33 -16.97 10.36 -14.83
N GLU A 34 -18.05 10.14 -14.10
CA GLU A 34 -18.83 11.22 -13.50
C GLU A 34 -18.14 11.77 -12.25
N LEU A 35 -17.24 10.97 -11.69
CA LEU A 35 -16.46 11.41 -10.54
C LEU A 35 -15.46 12.47 -10.96
N THR A 36 -15.10 12.46 -12.24
CA THR A 36 -14.23 13.46 -12.82
C THR A 36 -14.83 13.99 -14.13
N CYS A 37 -15.97 14.65 -14.00
CA CYS A 37 -16.70 15.13 -15.17
C CYS A 37 -16.51 16.63 -15.31
N THR A 38 -16.48 17.30 -14.18
CA THR A 38 -16.21 18.71 -14.13
C THR A 38 -15.14 18.98 -13.08
N THR A 39 -14.51 17.91 -12.63
CA THR A 39 -13.57 17.96 -11.53
C THR A 39 -12.21 17.38 -11.94
N ALA A 40 -11.43 18.16 -12.68
CA ALA A 40 -10.08 17.79 -13.03
C ALA A 40 -9.09 18.63 -12.24
N LEU A 41 -9.37 19.93 -12.19
CA LEU A 41 -8.57 20.85 -11.40
C LEU A 41 -9.21 21.09 -10.02
N PRO A 42 -10.54 21.38 -9.95
CA PRO A 42 -11.25 21.44 -8.68
C PRO A 42 -11.34 20.05 -8.05
N GLY A 43 -10.73 19.90 -6.90
CA GLY A 43 -10.69 18.59 -6.25
C GLY A 43 -11.86 18.38 -5.33
N SER A 44 -12.30 17.13 -5.24
CA SER A 44 -13.36 16.77 -4.30
C SER A 44 -12.74 16.05 -3.11
N SER A 45 -11.53 15.53 -3.32
CA SER A 45 -10.82 14.80 -2.30
C SER A 45 -10.01 15.75 -1.40
N SER B 1 -7.45 11.91 23.18
CA SER B 1 -7.00 12.71 24.35
C SER B 1 -7.54 14.13 24.26
N ASN B 2 -6.82 15.00 23.57
CA ASN B 2 -7.22 16.39 23.40
C ASN B 2 -7.04 16.81 21.96
N ALA B 3 -7.29 18.07 21.68
CA ALA B 3 -7.08 18.62 20.34
C ALA B 3 -5.61 18.98 20.14
N SER B 4 -4.80 17.96 19.89
CA SER B 4 -3.37 18.16 19.69
C SER B 4 -2.90 17.40 18.46
N LEU B 5 -3.68 16.41 18.04
CA LEU B 5 -3.33 15.58 16.90
C LEU B 5 -3.89 16.18 15.62
N GLN B 6 -4.07 17.51 15.64
CA GLN B 6 -4.61 18.25 14.50
C GLN B 6 -3.69 18.10 13.29
N ASN B 7 -2.40 18.01 13.55
CA ASN B 7 -1.43 17.81 12.48
C ASN B 7 -1.08 16.34 12.35
N ASN B 8 -1.71 15.68 11.39
CA ASN B 8 -1.41 14.29 11.10
C ASN B 8 -0.24 14.21 10.14
N GLN B 9 0.69 13.29 10.41
CA GLN B 9 1.94 13.18 9.66
C GLN B 9 1.71 12.95 8.16
N PRO B 10 1.91 13.99 7.33
CA PRO B 10 1.74 13.88 5.88
C PRO B 10 3.03 13.49 5.18
N VAL B 11 4.13 13.67 5.90
CA VAL B 11 5.47 13.40 5.36
C VAL B 11 5.66 11.92 5.06
N GLU B 12 5.05 11.07 5.86
CA GLU B 12 5.20 9.63 5.69
C GLU B 12 4.55 9.19 4.39
N PHE B 13 3.44 9.83 4.06
CA PHE B 13 2.75 9.56 2.81
C PHE B 13 3.68 9.88 1.64
N ASN B 14 4.30 11.05 1.69
CA ASN B 14 5.25 11.47 0.66
C ASN B 14 6.41 10.48 0.56
N HIS B 15 6.88 10.01 1.70
CA HIS B 15 7.93 8.98 1.74
C HIS B 15 7.49 7.75 0.97
N ALA B 16 6.27 7.30 1.23
CA ALA B 16 5.71 6.14 0.55
C ALA B 16 5.62 6.37 -0.95
N ILE B 17 5.26 7.59 -1.34
CA ILE B 17 5.17 7.95 -2.75
C ILE B 17 6.54 7.82 -3.41
N ASN B 18 7.56 8.32 -2.72
CA ASN B 18 8.94 8.25 -3.21
C ASN B 18 9.40 6.81 -3.31
N TYR B 19 9.05 6.01 -2.31
CA TYR B 19 9.44 4.60 -2.30
C TYR B 19 8.78 3.84 -3.44
N VAL B 20 7.51 4.12 -3.70
CA VAL B 20 6.82 3.49 -4.83
C VAL B 20 7.50 3.84 -6.13
N ASN B 21 7.91 5.10 -6.27
CA ASN B 21 8.66 5.53 -7.44
C ASN B 21 10.01 4.81 -7.51
N LYS B 22 10.62 4.63 -6.34
CA LYS B 22 11.87 3.89 -6.21
C LYS B 22 11.73 2.47 -6.75
N ILE B 23 10.66 1.79 -6.35
CA ILE B 23 10.39 0.45 -6.82
C ILE B 23 10.24 0.43 -8.34
N LYS B 24 9.51 1.41 -8.87
CA LYS B 24 9.30 1.51 -10.31
C LYS B 24 10.61 1.82 -11.02
N ASN B 25 11.42 2.68 -10.42
CA ASN B 25 12.72 3.02 -10.97
C ASN B 25 13.64 1.82 -10.96
N ARG B 26 13.45 0.94 -9.98
CA ARG B 26 14.27 -0.23 -9.81
C ARG B 26 13.90 -1.31 -10.85
N PHE B 27 12.61 -1.53 -11.03
CA PHE B 27 12.13 -2.63 -11.89
C PHE B 27 11.25 -2.14 -13.04
N GLN B 28 11.54 -0.98 -13.60
CA GLN B 28 10.73 -0.47 -14.71
C GLN B 28 10.98 -1.30 -15.96
N GLY B 29 12.11 -1.99 -15.99
CA GLY B 29 12.42 -2.90 -17.08
C GLY B 29 11.88 -4.28 -16.82
N GLN B 30 11.20 -4.43 -15.69
CA GLN B 30 10.59 -5.70 -15.31
C GLN B 30 9.12 -5.48 -14.95
N PRO B 31 8.27 -5.26 -15.96
CA PRO B 31 6.85 -4.90 -15.75
C PRO B 31 6.10 -5.92 -14.92
N ASP B 32 6.35 -7.20 -15.19
CA ASP B 32 5.62 -8.27 -14.52
C ASP B 32 6.06 -8.40 -13.07
N ILE B 33 7.28 -7.98 -12.76
CA ILE B 33 7.81 -8.06 -11.41
C ILE B 33 7.15 -7.02 -10.50
N TYR B 34 7.08 -5.78 -10.97
CA TYR B 34 6.40 -4.73 -10.23
C TYR B 34 4.90 -5.03 -10.19
N LYS B 35 4.40 -5.64 -11.26
CA LYS B 35 3.01 -6.07 -11.32
C LYS B 35 2.77 -7.14 -10.25
N ALA B 36 3.72 -8.05 -10.10
CA ALA B 36 3.62 -9.11 -9.09
C ALA B 36 3.54 -8.51 -7.69
N PHE B 37 4.35 -7.47 -7.46
CA PHE B 37 4.31 -6.74 -6.20
C PHE B 37 2.94 -6.07 -6.05
N LEU B 38 2.44 -5.54 -7.16
CA LEU B 38 1.12 -4.92 -7.18
C LEU B 38 0.03 -5.94 -6.91
N GLU B 39 0.27 -7.20 -7.31
CA GLU B 39 -0.66 -8.28 -7.01
C GLU B 39 -0.70 -8.54 -5.52
N ILE B 40 0.47 -8.51 -4.88
CA ILE B 40 0.56 -8.64 -3.43
C ILE B 40 -0.29 -7.57 -2.77
N LEU B 41 -0.07 -6.33 -3.22
CA LEU B 41 -0.81 -5.17 -2.72
C LEU B 41 -2.31 -5.32 -2.99
N HIS B 42 -2.64 -5.70 -4.23
CA HIS B 42 -4.02 -5.89 -4.63
C HIS B 42 -4.72 -6.94 -3.78
N THR B 43 -4.03 -8.04 -3.52
CA THR B 43 -4.60 -9.09 -2.69
C THR B 43 -4.76 -8.59 -1.26
N TYR B 44 -3.72 -7.93 -0.74
CA TYR B 44 -3.75 -7.41 0.63
C TYR B 44 -4.90 -6.44 0.81
N GLN B 45 -5.05 -5.48 -0.11
CA GLN B 45 -6.10 -4.47 0.02
C GLN B 45 -7.47 -5.11 -0.13
N LYS B 46 -7.54 -6.21 -0.87
CA LYS B 46 -8.77 -6.97 -0.99
C LYS B 46 -9.14 -7.60 0.35
N GLU B 47 -8.17 -8.24 0.99
CA GLU B 47 -8.38 -8.87 2.29
C GLU B 47 -8.74 -7.80 3.32
N GLN B 48 -7.98 -6.72 3.31
CA GLN B 48 -8.12 -5.64 4.27
C GLN B 48 -9.46 -4.93 4.11
N ARG B 49 -9.86 -4.68 2.86
CA ARG B 49 -11.13 -4.00 2.59
C ARG B 49 -12.28 -4.86 3.08
N ASN B 50 -12.23 -6.16 2.77
CA ASN B 50 -13.27 -7.09 3.19
C ASN B 50 -13.33 -7.18 4.70
N ALA B 51 -12.16 -7.11 5.34
CA ALA B 51 -12.07 -7.14 6.79
C ALA B 51 -12.80 -5.93 7.38
N LYS B 52 -12.47 -4.74 6.90
CA LYS B 52 -13.10 -3.50 7.37
C LYS B 52 -14.60 -3.50 7.04
N GLU B 53 -14.94 -4.10 5.90
CA GLU B 53 -16.32 -4.16 5.44
C GLU B 53 -17.13 -5.12 6.30
N ALA B 54 -16.46 -6.10 6.88
CA ALA B 54 -17.11 -7.04 7.78
C ALA B 54 -17.19 -6.47 9.19
N GLY B 55 -16.17 -5.73 9.59
CA GLY B 55 -16.15 -5.12 10.91
C GLY B 55 -14.81 -5.25 11.60
N GLY B 56 -13.88 -5.94 10.95
CA GLY B 56 -12.57 -6.15 11.54
C GLY B 56 -12.42 -7.54 12.12
N ASN B 57 -13.53 -8.26 12.17
CA ASN B 57 -13.53 -9.62 12.69
C ASN B 57 -12.87 -10.57 11.72
N TYR B 58 -13.11 -10.36 10.44
CA TYR B 58 -12.47 -11.15 9.39
C TYR B 58 -10.96 -10.93 9.41
N THR B 59 -10.23 -12.01 9.63
CA THR B 59 -8.78 -11.95 9.61
C THR B 59 -8.27 -12.08 8.18
N PRO B 60 -7.64 -11.03 7.67
CA PRO B 60 -7.09 -11.02 6.31
C PRO B 60 -6.03 -12.11 6.14
N ALA B 61 -6.11 -12.84 5.03
CA ALA B 61 -5.15 -13.90 4.77
C ALA B 61 -3.74 -13.35 4.60
N LEU B 62 -3.66 -12.11 4.18
CA LEU B 62 -2.37 -11.43 4.04
C LEU B 62 -2.17 -10.43 5.17
N THR B 63 -1.33 -10.78 6.11
CA THR B 63 -0.92 -9.84 7.15
C THR B 63 0.25 -9.02 6.61
N GLU B 64 0.56 -7.90 7.26
CA GLU B 64 1.72 -7.11 6.85
C GLU B 64 2.99 -7.93 7.06
N GLN B 65 2.93 -8.84 8.03
CA GLN B 65 3.98 -9.82 8.26
C GLN B 65 4.12 -10.74 7.03
N GLU B 66 2.98 -11.28 6.60
CA GLU B 66 2.94 -12.18 5.45
C GLU B 66 3.43 -11.46 4.20
N VAL B 67 2.95 -10.24 4.01
CA VAL B 67 3.35 -9.43 2.87
C VAL B 67 4.87 -9.28 2.81
N TYR B 68 5.48 -8.90 3.94
CA TYR B 68 6.92 -8.72 3.98
C TYR B 68 7.63 -10.02 3.61
N ALA B 69 7.08 -11.15 4.07
CA ALA B 69 7.63 -12.45 3.74
C ALA B 69 7.56 -12.71 2.23
N GLN B 70 6.39 -12.44 1.65
CA GLN B 70 6.18 -12.62 0.21
C GLN B 70 7.12 -11.71 -0.59
N VAL B 71 7.21 -10.46 -0.17
CA VAL B 71 8.05 -9.48 -0.85
C VAL B 71 9.53 -9.89 -0.75
N ALA B 72 9.91 -10.46 0.39
CA ALA B 72 11.27 -10.96 0.59
C ALA B 72 11.57 -12.12 -0.36
N ARG B 73 10.56 -12.94 -0.61
CA ARG B 73 10.68 -14.05 -1.55
C ARG B 73 10.73 -13.54 -2.99
N LEU B 74 10.10 -12.40 -3.22
CA LEU B 74 10.06 -11.81 -4.56
C LEU B 74 11.40 -11.14 -4.88
N PHE B 75 11.78 -10.17 -4.06
CA PHE B 75 13.00 -9.40 -4.31
C PHE B 75 14.22 -10.12 -3.74
N LYS B 76 14.69 -11.13 -4.47
CA LYS B 76 15.87 -11.87 -4.05
C LYS B 76 17.14 -11.14 -4.46
N ASN B 77 17.15 -10.61 -5.67
CA ASN B 77 18.33 -9.94 -6.22
C ASN B 77 18.32 -8.45 -5.91
N GLN B 78 17.44 -8.05 -5.01
CA GLN B 78 17.35 -6.66 -4.59
C GLN B 78 17.18 -6.59 -3.07
N GLU B 79 18.30 -6.74 -2.37
CA GLU B 79 18.29 -6.69 -0.91
C GLU B 79 18.09 -5.25 -0.45
N ASP B 80 18.63 -4.32 -1.25
CA ASP B 80 18.48 -2.90 -0.98
C ASP B 80 17.00 -2.51 -0.91
N LEU B 81 16.28 -2.81 -1.97
CA LEU B 81 14.87 -2.47 -2.07
C LEU B 81 14.07 -3.13 -0.94
N LEU B 82 14.41 -4.36 -0.63
CA LEU B 82 13.75 -5.11 0.43
C LEU B 82 14.04 -4.49 1.80
N SER B 83 15.29 -4.10 2.01
CA SER B 83 15.69 -3.48 3.27
C SER B 83 14.96 -2.15 3.47
N GLU B 84 14.82 -1.40 2.38
CA GLU B 84 14.06 -0.16 2.41
C GLU B 84 12.57 -0.44 2.71
N PHE B 85 12.08 -1.55 2.18
CA PHE B 85 10.69 -1.95 2.41
C PHE B 85 10.46 -2.24 3.89
N GLY B 86 11.44 -2.89 4.51
CA GLY B 86 11.33 -3.26 5.90
C GLY B 86 11.21 -2.06 6.84
N GLN B 87 11.85 -0.96 6.48
CA GLN B 87 11.85 0.22 7.34
C GLN B 87 10.63 1.11 7.07
N PHE B 88 9.74 0.64 6.21
CA PHE B 88 8.48 1.34 5.97
C PHE B 88 7.35 0.69 6.76
N LEU B 89 7.70 -0.30 7.57
CA LEU B 89 6.74 -0.97 8.41
C LEU B 89 6.57 -0.30 9.79
N PRO B 90 7.66 0.15 10.43
CA PRO B 90 7.57 0.90 11.70
C PRO B 90 6.95 2.28 11.51
N ASP B 91 5.67 2.39 11.80
CA ASP B 91 4.94 3.64 11.66
C ASP B 91 4.66 4.27 13.02
N ALA B 92 4.60 3.40 14.05
CA ALA B 92 4.40 3.82 15.44
C ALA B 92 2.96 4.27 15.72
N ASN B 93 2.15 4.35 14.66
CA ASN B 93 0.74 4.75 14.78
C ASN B 93 0.60 6.20 15.26
N SER B 94 -0.64 6.62 15.47
CA SER B 94 -0.93 7.95 16.01
C SER B 94 -2.25 7.90 16.77
N SER A 1 -32.06 12.12 11.40
CA SER A 1 -30.67 11.64 11.33
C SER A 1 -30.65 10.20 10.82
N ASN A 2 -29.77 9.93 9.86
CA ASN A 2 -29.64 8.60 9.28
C ASN A 2 -28.26 8.41 8.65
N ALA A 3 -27.82 9.41 7.90
CA ALA A 3 -26.53 9.35 7.23
C ALA A 3 -25.38 9.46 8.21
N ASP A 4 -24.46 8.50 8.15
CA ASP A 4 -23.29 8.52 8.99
C ASP A 4 -22.05 8.72 8.13
N TYR A 5 -21.32 9.80 8.40
CA TYR A 5 -20.17 10.16 7.57
C TYR A 5 -18.88 9.74 8.26
N VAL A 6 -18.11 8.89 7.59
CA VAL A 6 -16.84 8.44 8.12
C VAL A 6 -15.71 9.21 7.46
N GLN A 7 -15.08 10.09 8.22
CA GLN A 7 -13.97 10.88 7.72
C GLN A 7 -12.65 10.20 8.07
N PRO A 8 -11.98 9.63 7.07
CA PRO A 8 -10.73 8.89 7.27
C PRO A 8 -9.50 9.78 7.11
N GLN A 9 -8.35 9.17 7.32
CA GLN A 9 -7.08 9.85 7.14
C GLN A 9 -6.03 8.85 6.64
N LEU A 10 -5.32 8.19 7.55
CA LEU A 10 -4.39 7.12 7.20
C LEU A 10 -3.83 6.49 8.46
N ARG A 11 -3.14 7.30 9.25
CA ARG A 11 -2.57 6.90 10.55
C ARG A 11 -1.36 5.99 10.40
N ARG A 12 -1.51 4.96 9.59
CA ARG A 12 -0.48 3.96 9.39
C ARG A 12 0.60 4.47 8.45
N PRO A 13 1.86 4.12 8.70
CA PRO A 13 2.97 4.43 7.79
C PRO A 13 2.88 3.62 6.51
N PHE A 14 2.26 2.45 6.61
CA PHE A 14 2.06 1.60 5.44
C PHE A 14 0.93 2.13 4.59
N GLU A 15 0.03 2.90 5.20
CA GLU A 15 -1.10 3.48 4.48
C GLU A 15 -0.62 4.45 3.42
N LEU A 16 0.41 5.24 3.75
CA LEU A 16 0.95 6.20 2.78
C LEU A 16 1.74 5.49 1.70
N LEU A 17 2.25 4.29 2.02
CA LEU A 17 2.91 3.47 1.01
C LEU A 17 1.87 3.00 0.00
N ILE A 18 0.75 2.50 0.51
CA ILE A 18 -0.37 2.08 -0.34
C ILE A 18 -0.88 3.26 -1.15
N ALA A 19 -0.99 4.40 -0.49
CA ALA A 19 -1.40 5.63 -1.16
C ALA A 19 -0.40 5.99 -2.26
N ALA A 20 0.88 5.89 -1.93
CA ALA A 20 1.94 6.14 -2.89
C ALA A 20 1.81 5.22 -4.10
N ALA A 21 1.63 3.92 -3.83
CA ALA A 21 1.43 2.94 -4.88
C ALA A 21 0.22 3.30 -5.74
N MET A 22 -0.84 3.72 -5.09
CA MET A 22 -2.09 4.08 -5.73
C MET A 22 -1.93 5.35 -6.57
N GLU A 23 -1.16 6.30 -6.06
CA GLU A 23 -0.94 7.57 -6.74
C GLU A 23 0.19 7.47 -7.77
N ARG A 24 0.88 6.33 -7.80
CA ARG A 24 1.91 6.08 -8.80
C ARG A 24 1.44 5.06 -9.82
N ASN A 25 0.15 4.77 -9.76
CA ASN A 25 -0.50 3.90 -10.73
C ASN A 25 -1.74 4.58 -11.26
N PRO A 26 -2.30 4.08 -12.38
CA PRO A 26 -3.60 4.54 -12.86
C PRO A 26 -4.72 4.26 -11.85
N THR A 27 -4.41 3.38 -10.88
CA THR A 27 -5.31 2.93 -9.82
C THR A 27 -6.71 2.56 -10.33
N GLN A 28 -6.97 1.26 -10.41
CA GLN A 28 -8.23 0.74 -10.94
C GLN A 28 -9.32 0.78 -9.87
N PHE A 29 -8.99 1.30 -8.71
CA PHE A 29 -9.93 1.35 -7.60
C PHE A 29 -10.85 2.56 -7.75
N GLN A 30 -11.91 2.40 -8.51
CA GLN A 30 -12.85 3.47 -8.74
C GLN A 30 -14.25 3.10 -8.23
N LEU A 31 -14.69 3.80 -7.20
CA LEU A 31 -16.03 3.62 -6.66
C LEU A 31 -16.98 4.70 -7.20
N PRO A 32 -16.59 6.00 -7.17
CA PRO A 32 -17.39 7.08 -7.76
C PRO A 32 -17.63 6.87 -9.25
N ASN A 33 -18.88 6.96 -9.66
CA ASN A 33 -19.28 6.63 -11.03
C ASN A 33 -19.07 7.82 -11.97
N GLU A 34 -19.40 9.02 -11.51
CA GLU A 34 -19.30 10.20 -12.35
C GLU A 34 -18.08 11.03 -11.96
N LEU A 35 -17.60 10.81 -10.74
CA LEU A 35 -16.45 11.57 -10.25
C LEU A 35 -15.16 11.08 -10.90
N THR A 36 -15.29 10.07 -11.75
CA THR A 36 -14.16 9.61 -12.55
C THR A 36 -13.76 10.68 -13.58
N CYS A 37 -14.75 11.47 -14.02
CA CYS A 37 -14.50 12.53 -14.96
C CYS A 37 -14.82 13.87 -14.30
N THR A 38 -16.05 13.99 -13.80
CA THR A 38 -16.44 15.14 -13.01
C THR A 38 -16.06 14.92 -11.55
N THR A 39 -14.79 15.13 -11.27
CA THR A 39 -14.24 14.86 -9.94
C THR A 39 -14.23 16.13 -9.08
N ALA A 40 -14.33 15.93 -7.77
CA ALA A 40 -14.26 17.04 -6.83
C ALA A 40 -12.89 17.05 -6.16
N LEU A 41 -12.48 18.22 -5.68
CA LEU A 41 -11.17 18.35 -5.05
C LEU A 41 -11.30 18.41 -3.54
N PRO A 42 -10.63 17.50 -2.83
CA PRO A 42 -10.62 17.49 -1.34
C PRO A 42 -10.10 18.80 -0.78
N GLY A 43 -10.67 19.21 0.34
CA GLY A 43 -10.35 20.50 0.91
C GLY A 43 -11.32 21.55 0.44
N SER A 44 -12.59 21.35 0.83
CA SER A 44 -13.70 22.16 0.36
C SER A 44 -14.03 21.81 -1.09
N SER A 45 -15.02 20.93 -1.26
CA SER A 45 -15.40 20.48 -2.58
C SER A 45 -16.80 21.00 -2.92
N SER B 1 1.45 27.12 0.91
CA SER B 1 0.41 26.34 0.21
C SER B 1 1.05 25.34 -0.75
N ASN B 2 1.02 24.08 -0.35
CA ASN B 2 1.53 23.00 -1.18
C ASN B 2 0.73 21.74 -0.88
N ALA B 3 0.49 20.90 -1.89
CA ALA B 3 -0.31 19.70 -1.71
C ALA B 3 0.45 18.63 -0.94
N SER B 4 0.54 18.80 0.36
CA SER B 4 1.23 17.86 1.21
C SER B 4 0.33 17.38 2.34
N LEU B 5 -0.47 18.30 2.91
CA LEU B 5 -1.35 18.01 4.04
C LEU B 5 -0.53 17.48 5.21
N GLN B 6 0.42 18.30 5.67
CA GLN B 6 1.38 17.91 6.70
C GLN B 6 0.69 17.40 7.96
N ASN B 7 -0.46 17.98 8.29
CA ASN B 7 -1.17 17.62 9.53
C ASN B 7 -1.89 16.29 9.37
N ASN B 8 -1.92 15.77 8.15
CA ASN B 8 -2.55 14.48 7.89
C ASN B 8 -1.49 13.44 7.54
N GLN B 9 -0.65 13.79 6.58
CA GLN B 9 0.43 12.93 6.16
C GLN B 9 1.74 13.72 6.10
N PRO B 10 2.84 13.12 6.56
CA PRO B 10 4.13 13.78 6.63
C PRO B 10 4.98 13.53 5.39
N VAL B 11 6.27 13.85 5.49
CA VAL B 11 7.19 13.73 4.37
C VAL B 11 7.42 12.26 4.01
N GLU B 12 7.10 11.38 4.96
CA GLU B 12 7.18 9.95 4.74
C GLU B 12 6.36 9.53 3.51
N PHE B 13 5.34 10.31 3.19
CA PHE B 13 4.53 10.08 1.99
C PHE B 13 5.36 10.31 0.74
N ASN B 14 6.05 11.44 0.69
CA ASN B 14 6.93 11.75 -0.44
C ASN B 14 8.07 10.74 -0.52
N HIS B 15 8.52 10.27 0.64
CA HIS B 15 9.54 9.24 0.72
C HIS B 15 9.01 7.95 0.11
N ALA B 16 7.74 7.64 0.37
CA ALA B 16 7.11 6.47 -0.19
C ALA B 16 6.95 6.61 -1.70
N ILE B 17 6.62 7.82 -2.15
CA ILE B 17 6.57 8.13 -3.58
C ILE B 17 7.90 7.79 -4.23
N ASN B 18 8.98 8.24 -3.61
CA ASN B 18 10.33 7.96 -4.10
C ASN B 18 10.64 6.47 -4.02
N TYR B 19 10.08 5.80 -3.01
CA TYR B 19 10.27 4.36 -2.86
C TYR B 19 9.62 3.60 -4.00
N VAL B 20 8.38 3.97 -4.32
CA VAL B 20 7.67 3.34 -5.43
C VAL B 20 8.40 3.63 -6.74
N ASN B 21 8.94 4.85 -6.85
CA ASN B 21 9.76 5.24 -7.99
C ASN B 21 11.01 4.35 -8.04
N LYS B 22 11.56 4.06 -6.87
CA LYS B 22 12.71 3.17 -6.76
C LYS B 22 12.38 1.76 -7.24
N ILE B 23 11.18 1.28 -6.90
CA ILE B 23 10.75 -0.04 -7.33
C ILE B 23 10.71 -0.12 -8.85
N LYS B 24 10.12 0.89 -9.48
CA LYS B 24 10.04 0.95 -10.94
C LYS B 24 11.43 1.07 -11.55
N ASN B 25 12.32 1.78 -10.88
CA ASN B 25 13.67 2.02 -11.38
C ASN B 25 14.51 0.75 -11.25
N ARG B 26 14.41 0.10 -10.10
CA ARG B 26 15.22 -1.08 -9.80
C ARG B 26 14.94 -2.21 -10.78
N PHE B 27 13.67 -2.39 -11.12
CA PHE B 27 13.27 -3.49 -11.99
C PHE B 27 12.79 -2.95 -13.34
N GLN B 28 13.33 -1.81 -13.73
CA GLN B 28 13.02 -1.22 -15.02
C GLN B 28 13.43 -2.18 -16.13
N GLY B 29 12.43 -2.65 -16.86
CA GLY B 29 12.66 -3.67 -17.86
C GLY B 29 11.79 -4.88 -17.60
N GLN B 30 11.40 -5.06 -16.34
CA GLN B 30 10.52 -6.15 -15.95
C GLN B 30 9.37 -5.62 -15.11
N PRO B 31 8.38 -4.98 -15.75
CA PRO B 31 7.24 -4.35 -15.07
C PRO B 31 6.33 -5.39 -14.40
N ASP B 32 6.51 -6.64 -14.77
CA ASP B 32 5.70 -7.73 -14.25
C ASP B 32 5.99 -7.98 -12.77
N ILE B 33 7.17 -7.55 -12.34
CA ILE B 33 7.53 -7.63 -10.92
C ILE B 33 6.78 -6.56 -10.15
N TYR B 34 6.64 -5.39 -10.76
CA TYR B 34 5.85 -4.30 -10.19
C TYR B 34 4.38 -4.72 -10.15
N LYS B 35 3.97 -5.46 -11.18
CA LYS B 35 2.63 -6.04 -11.22
C LYS B 35 2.38 -6.94 -10.02
N ALA B 36 3.34 -7.82 -9.75
CA ALA B 36 3.24 -8.74 -8.62
C ALA B 36 3.09 -7.97 -7.30
N PHE B 37 3.92 -6.94 -7.13
CA PHE B 37 3.85 -6.09 -5.95
C PHE B 37 2.48 -5.44 -5.83
N LEU B 38 1.99 -4.91 -6.95
CA LEU B 38 0.69 -4.27 -7.00
C LEU B 38 -0.41 -5.28 -6.65
N GLU B 39 -0.24 -6.50 -7.13
CA GLU B 39 -1.22 -7.55 -6.90
C GLU B 39 -1.21 -8.00 -5.44
N ILE B 40 -0.03 -8.01 -4.82
CA ILE B 40 0.09 -8.30 -3.40
C ILE B 40 -0.73 -7.29 -2.61
N LEU B 41 -0.53 -6.01 -2.90
CA LEU B 41 -1.28 -4.94 -2.26
C LEU B 41 -2.78 -5.08 -2.55
N HIS B 42 -3.11 -5.39 -3.80
CA HIS B 42 -4.50 -5.57 -4.22
C HIS B 42 -5.18 -6.66 -3.39
N THR B 43 -4.48 -7.76 -3.19
CA THR B 43 -5.01 -8.88 -2.42
C THR B 43 -5.12 -8.51 -0.94
N TYR B 44 -4.09 -7.85 -0.42
CA TYR B 44 -4.05 -7.44 0.98
C TYR B 44 -5.18 -6.46 1.29
N GLN B 45 -5.40 -5.51 0.39
CA GLN B 45 -6.46 -4.52 0.55
C GLN B 45 -7.83 -5.18 0.42
N LYS B 46 -7.92 -6.19 -0.43
CA LYS B 46 -9.16 -6.94 -0.60
C LYS B 46 -9.51 -7.63 0.72
N GLU B 47 -8.53 -8.33 1.29
CA GLU B 47 -8.71 -8.99 2.59
C GLU B 47 -9.02 -7.97 3.67
N GLN B 48 -8.28 -6.87 3.68
CA GLN B 48 -8.45 -5.82 4.68
C GLN B 48 -9.87 -5.28 4.69
N ARG B 49 -10.37 -4.92 3.50
CA ARG B 49 -11.71 -4.37 3.36
C ARG B 49 -12.75 -5.37 3.84
N ASN B 50 -12.64 -6.60 3.37
CA ASN B 50 -13.59 -7.64 3.70
C ASN B 50 -13.50 -8.04 5.17
N ALA B 51 -12.29 -7.96 5.72
CA ALA B 51 -12.09 -8.27 7.13
C ALA B 51 -12.87 -7.33 8.03
N LYS B 52 -12.70 -6.03 7.81
CA LYS B 52 -13.39 -5.05 8.64
C LYS B 52 -14.88 -4.99 8.30
N GLU B 53 -15.21 -5.38 7.08
CA GLU B 53 -16.61 -5.44 6.65
C GLU B 53 -17.34 -6.57 7.37
N ALA B 54 -16.63 -7.68 7.57
CA ALA B 54 -17.22 -8.85 8.23
C ALA B 54 -17.07 -8.77 9.75
N GLY B 55 -16.43 -7.71 10.22
CA GLY B 55 -16.25 -7.52 11.65
C GLY B 55 -14.97 -8.16 12.16
N GLY B 56 -14.33 -8.93 11.30
CA GLY B 56 -13.12 -9.62 11.69
C GLY B 56 -13.21 -11.11 11.48
N ASN B 57 -14.44 -11.63 11.47
CA ASN B 57 -14.69 -13.07 11.34
C ASN B 57 -14.12 -13.61 10.03
N TYR B 58 -14.04 -12.72 9.05
CA TYR B 58 -13.52 -13.07 7.72
C TYR B 58 -12.10 -13.62 7.80
N THR B 59 -11.28 -13.03 8.67
CA THR B 59 -9.90 -13.46 8.87
C THR B 59 -9.07 -13.25 7.60
N PRO B 60 -8.18 -12.25 7.59
CA PRO B 60 -7.33 -11.95 6.44
C PRO B 60 -6.39 -13.11 6.11
N ALA B 61 -6.66 -13.79 5.00
CA ALA B 61 -5.86 -14.91 4.56
C ALA B 61 -4.47 -14.43 4.17
N LEU B 62 -4.41 -13.24 3.59
CA LEU B 62 -3.15 -12.61 3.29
C LEU B 62 -2.85 -11.59 4.38
N THR B 63 -2.26 -12.08 5.46
CA THR B 63 -1.96 -11.25 6.61
C THR B 63 -0.79 -10.30 6.29
N GLU B 64 -0.61 -9.27 7.11
CA GLU B 64 0.44 -8.27 6.90
C GLU B 64 1.82 -8.92 6.73
N GLN B 65 2.08 -9.96 7.52
CA GLN B 65 3.36 -10.66 7.43
C GLN B 65 3.50 -11.36 6.08
N GLU B 66 2.39 -11.88 5.56
CA GLU B 66 2.39 -12.49 4.24
C GLU B 66 2.87 -11.51 3.18
N VAL B 67 2.42 -10.27 3.28
CA VAL B 67 2.87 -9.23 2.38
C VAL B 67 4.37 -9.06 2.49
N TYR B 68 4.85 -8.81 3.70
CA TYR B 68 6.26 -8.57 3.93
C TYR B 68 7.10 -9.78 3.49
N ALA B 69 6.60 -10.98 3.76
CA ALA B 69 7.30 -12.22 3.42
C ALA B 69 7.40 -12.40 1.91
N GLN B 70 6.27 -12.30 1.22
CA GLN B 70 6.25 -12.50 -0.22
C GLN B 70 6.89 -11.32 -0.94
N VAL B 71 6.86 -10.16 -0.29
CA VAL B 71 7.59 -8.98 -0.77
C VAL B 71 9.09 -9.24 -0.70
N ALA B 72 9.52 -9.90 0.37
CA ALA B 72 10.92 -10.28 0.53
C ALA B 72 11.32 -11.32 -0.51
N ARG B 73 10.37 -12.16 -0.91
CA ARG B 73 10.58 -13.13 -1.97
C ARG B 73 10.63 -12.44 -3.33
N LEU B 74 9.78 -11.44 -3.51
CA LEU B 74 9.70 -10.71 -4.77
C LEU B 74 10.92 -9.84 -4.98
N PHE B 75 11.25 -9.04 -3.96
CA PHE B 75 12.38 -8.12 -4.05
C PHE B 75 13.67 -8.82 -3.58
N LYS B 76 13.74 -10.11 -3.84
CA LYS B 76 14.86 -10.94 -3.43
C LYS B 76 16.20 -10.45 -4.02
N ASN B 77 16.12 -9.81 -5.17
CA ASN B 77 17.32 -9.40 -5.90
C ASN B 77 17.98 -8.18 -5.24
N GLN B 78 17.18 -7.33 -4.61
CA GLN B 78 17.69 -6.10 -4.03
C GLN B 78 17.32 -5.99 -2.56
N GLU B 79 18.32 -6.10 -1.69
CA GLU B 79 18.11 -6.00 -0.26
C GLU B 79 17.65 -4.60 0.13
N ASP B 80 18.28 -3.58 -0.47
CA ASP B 80 17.97 -2.18 -0.20
C ASP B 80 16.47 -1.90 -0.28
N LEU B 81 15.86 -2.45 -1.32
CA LEU B 81 14.43 -2.23 -1.56
C LEU B 81 13.62 -2.76 -0.39
N LEU B 82 13.89 -4.00 0.01
CA LEU B 82 13.18 -4.63 1.11
C LEU B 82 13.55 -3.98 2.45
N SER B 83 14.78 -3.52 2.57
CA SER B 83 15.24 -2.88 3.79
C SER B 83 14.49 -1.57 4.02
N GLU B 84 14.22 -0.86 2.94
CA GLU B 84 13.46 0.39 3.01
C GLU B 84 11.97 0.08 3.18
N PHE B 85 11.53 -1.00 2.54
CA PHE B 85 10.16 -1.47 2.70
C PHE B 85 9.89 -1.85 4.14
N GLY B 86 10.88 -2.48 4.76
CA GLY B 86 10.76 -2.89 6.14
C GLY B 86 10.89 -1.75 7.12
N GLN B 87 10.55 -0.55 6.68
CA GLN B 87 10.48 0.62 7.55
C GLN B 87 9.14 1.32 7.37
N PHE B 88 8.32 0.82 6.45
CA PHE B 88 6.99 1.37 6.21
C PHE B 88 5.94 0.63 7.05
N LEU B 89 6.23 -0.62 7.35
CA LEU B 89 5.35 -1.44 8.17
C LEU B 89 5.60 -1.21 9.67
N PRO B 90 6.85 -1.34 10.13
CA PRO B 90 7.20 -1.19 11.55
C PRO B 90 6.93 0.21 12.09
N ASP B 91 5.94 0.31 12.97
CA ASP B 91 5.68 1.56 13.66
C ASP B 91 6.48 1.61 14.94
N ALA B 92 6.49 0.49 15.66
CA ALA B 92 7.21 0.40 16.93
C ALA B 92 8.60 -0.19 16.73
N ASN B 93 8.79 -0.87 15.61
CA ASN B 93 10.08 -1.49 15.32
C ASN B 93 10.95 -0.53 14.53
N SER B 94 12.26 -0.78 14.54
CA SER B 94 13.20 0.06 13.82
C SER B 94 14.24 -0.82 13.13
N SER A 1 -28.55 0.13 4.74
CA SER A 1 -27.48 1.07 4.38
C SER A 1 -27.40 2.24 5.38
N ASN A 2 -28.06 2.10 6.53
CA ASN A 2 -28.04 3.14 7.54
C ASN A 2 -26.79 3.02 8.40
N ALA A 3 -25.65 3.45 7.85
CA ALA A 3 -24.39 3.41 8.55
C ALA A 3 -23.33 4.18 7.77
N ASP A 4 -22.73 5.17 8.42
CA ASP A 4 -21.66 5.95 7.80
C ASP A 4 -20.34 5.68 8.51
N TYR A 5 -19.37 5.18 7.76
CA TYR A 5 -18.09 4.83 8.35
C TYR A 5 -17.05 5.91 8.09
N VAL A 6 -16.10 6.02 9.02
CA VAL A 6 -15.07 7.05 8.91
C VAL A 6 -13.68 6.40 8.85
N GLN A 7 -12.98 6.64 7.76
CA GLN A 7 -11.64 6.12 7.59
C GLN A 7 -10.66 7.29 7.47
N PRO A 8 -9.70 7.38 8.40
CA PRO A 8 -8.66 8.39 8.36
C PRO A 8 -7.90 8.35 7.03
N GLN A 9 -7.46 9.53 6.59
CA GLN A 9 -6.82 9.66 5.28
C GLN A 9 -5.39 9.13 5.32
N LEU A 10 -4.95 8.74 6.50
CA LEU A 10 -3.60 8.28 6.72
C LEU A 10 -3.42 7.92 8.18
N ARG A 11 -3.11 6.68 8.42
CA ARG A 11 -2.77 6.22 9.76
C ARG A 11 -1.79 5.06 9.71
N ARG A 12 -2.11 4.06 8.93
CA ARG A 12 -1.28 2.87 8.82
C ARG A 12 -0.07 3.16 7.93
N PRO A 13 1.14 2.81 8.40
CA PRO A 13 2.38 3.04 7.62
C PRO A 13 2.35 2.34 6.27
N PHE A 14 1.84 1.11 6.24
CA PHE A 14 1.75 0.36 4.99
C PHE A 14 0.60 0.89 4.15
N GLU A 15 -0.39 1.46 4.82
CA GLU A 15 -1.56 2.02 4.16
C GLU A 15 -1.17 3.23 3.31
N LEU A 16 -0.32 4.10 3.86
CA LEU A 16 0.12 5.27 3.12
C LEU A 16 0.97 4.87 1.93
N LEU A 17 1.60 3.70 2.00
CA LEU A 17 2.35 3.17 0.87
C LEU A 17 1.39 2.72 -0.23
N ILE A 18 0.31 2.07 0.17
CA ILE A 18 -0.73 1.63 -0.77
C ILE A 18 -1.34 2.85 -1.45
N ALA A 19 -1.62 3.88 -0.66
CA ALA A 19 -2.12 5.14 -1.19
C ALA A 19 -1.10 5.75 -2.15
N ALA A 20 0.18 5.68 -1.76
CA ALA A 20 1.27 6.17 -2.61
C ALA A 20 1.27 5.42 -3.94
N ALA A 21 1.16 4.09 -3.87
CA ALA A 21 1.10 3.25 -5.05
C ALA A 21 -0.08 3.63 -5.94
N MET A 22 -1.22 3.84 -5.30
CA MET A 22 -2.46 4.18 -6.00
C MET A 22 -2.36 5.56 -6.64
N GLU A 23 -1.62 6.45 -5.99
CA GLU A 23 -1.44 7.82 -6.47
C GLU A 23 -0.35 7.89 -7.56
N ARG A 24 0.59 6.96 -7.52
CA ARG A 24 1.70 6.96 -8.47
C ARG A 24 1.45 5.99 -9.62
N ASN A 25 0.23 5.48 -9.72
CA ASN A 25 -0.16 4.64 -10.83
C ASN A 25 -1.52 5.07 -11.34
N PRO A 26 -1.91 4.62 -12.54
CA PRO A 26 -3.23 4.92 -13.10
C PRO A 26 -4.37 4.27 -12.29
N THR A 27 -3.98 3.51 -11.25
CA THR A 27 -4.90 2.78 -10.38
C THR A 27 -6.06 2.17 -11.20
N GLN A 28 -5.66 1.39 -12.20
CA GLN A 28 -6.59 0.84 -13.16
C GLN A 28 -7.20 -0.48 -12.69
N PHE A 29 -7.84 -0.45 -11.54
CA PHE A 29 -8.55 -1.60 -11.02
C PHE A 29 -9.89 -1.73 -11.74
N GLN A 30 -10.55 -0.57 -11.92
CA GLN A 30 -11.80 -0.48 -12.65
C GLN A 30 -12.82 -1.51 -12.16
N LEU A 31 -12.90 -1.66 -10.84
CA LEU A 31 -13.82 -2.60 -10.23
C LEU A 31 -15.28 -2.27 -10.58
N PRO A 32 -15.71 -1.02 -10.34
CA PRO A 32 -17.03 -0.56 -10.74
C PRO A 32 -17.02 -0.12 -12.20
N ASN A 33 -17.37 -1.05 -13.08
CA ASN A 33 -17.29 -0.83 -14.53
C ASN A 33 -18.09 0.39 -14.97
N GLU A 34 -19.27 0.57 -14.41
CA GLU A 34 -20.10 1.73 -14.70
C GLU A 34 -20.34 2.52 -13.43
N LEU A 35 -19.47 2.27 -12.44
CA LEU A 35 -19.55 2.90 -11.11
C LEU A 35 -20.81 2.45 -10.35
N THR A 36 -21.60 1.59 -10.96
CA THR A 36 -22.82 1.11 -10.36
C THR A 36 -22.56 -0.06 -9.43
N CYS A 37 -22.15 0.26 -8.21
CA CYS A 37 -21.88 -0.75 -7.20
C CYS A 37 -22.46 -0.33 -5.87
N THR A 38 -22.08 0.86 -5.42
CA THR A 38 -22.54 1.36 -4.14
C THR A 38 -23.55 2.48 -4.32
N THR A 39 -23.93 2.71 -5.57
CA THR A 39 -24.86 3.78 -5.92
C THR A 39 -26.28 3.22 -6.09
N ALA A 40 -26.53 2.07 -5.47
CA ALA A 40 -27.81 1.38 -5.64
C ALA A 40 -28.85 1.89 -4.64
N LEU A 41 -28.84 3.19 -4.38
CA LEU A 41 -29.81 3.80 -3.49
C LEU A 41 -31.02 4.29 -4.30
N PRO A 42 -30.80 5.18 -5.28
CA PRO A 42 -31.87 5.67 -6.15
C PRO A 42 -32.22 4.65 -7.24
N GLY A 43 -33.32 3.94 -7.05
CA GLY A 43 -33.76 2.97 -8.03
C GLY A 43 -33.79 1.57 -7.48
N SER A 44 -33.07 1.35 -6.38
CA SER A 44 -32.97 0.03 -5.74
C SER A 44 -32.27 -0.97 -6.67
N SER A 45 -33.04 -1.63 -7.52
CA SER A 45 -32.51 -2.57 -8.50
C SER A 45 -33.51 -2.72 -9.64
N SER B 1 -22.35 11.56 9.12
CA SER B 1 -21.52 12.54 8.39
C SER B 1 -20.27 12.89 9.20
N ASN B 2 -19.10 12.75 8.59
CA ASN B 2 -17.85 13.06 9.25
C ASN B 2 -16.75 13.31 8.23
N ALA B 3 -16.16 14.50 8.28
CA ALA B 3 -15.02 14.81 7.45
C ALA B 3 -13.76 14.21 8.07
N SER B 4 -13.26 13.15 7.44
CA SER B 4 -12.14 12.39 7.97
C SER B 4 -10.88 13.24 8.10
N LEU B 5 -10.63 13.71 9.34
CA LEU B 5 -9.43 14.48 9.67
C LEU B 5 -9.40 15.82 8.95
N GLN B 6 -8.32 16.57 9.14
CA GLN B 6 -8.12 17.83 8.45
C GLN B 6 -6.63 18.04 8.20
N ASN B 7 -5.84 17.84 9.24
CA ASN B 7 -4.39 17.90 9.12
C ASN B 7 -3.80 16.50 9.17
N ASN B 8 -2.93 16.20 8.21
CA ASN B 8 -2.25 14.91 8.17
C ASN B 8 -0.75 15.12 8.08
N GLN B 9 0.00 14.04 8.25
CA GLN B 9 1.45 14.08 8.14
C GLN B 9 1.89 13.53 6.79
N PRO B 10 2.12 14.42 5.81
CA PRO B 10 2.47 14.01 4.45
C PRO B 10 3.93 13.59 4.33
N VAL B 11 4.69 13.81 5.38
CA VAL B 11 6.12 13.51 5.39
C VAL B 11 6.40 12.04 5.03
N GLU B 12 5.80 11.12 5.77
CA GLU B 12 6.05 9.71 5.54
C GLU B 12 5.34 9.25 4.26
N PHE B 13 4.25 9.93 3.93
CA PHE B 13 3.52 9.65 2.71
C PHE B 13 4.38 9.99 1.49
N ASN B 14 5.00 11.17 1.53
CA ASN B 14 5.89 11.60 0.48
C ASN B 14 7.07 10.64 0.35
N HIS B 15 7.57 10.16 1.49
CA HIS B 15 8.64 9.17 1.50
C HIS B 15 8.21 7.91 0.76
N ALA B 16 6.97 7.50 1.00
CA ALA B 16 6.40 6.35 0.29
C ALA B 16 6.31 6.64 -1.20
N ILE B 17 5.92 7.86 -1.54
CA ILE B 17 5.86 8.30 -2.93
C ILE B 17 7.22 8.07 -3.61
N ASN B 18 8.28 8.59 -2.99
CA ASN B 18 9.63 8.42 -3.52
C ASN B 18 10.01 6.95 -3.59
N TYR B 19 9.65 6.19 -2.55
CA TYR B 19 9.99 4.78 -2.51
C TYR B 19 9.30 3.99 -3.61
N VAL B 20 7.99 4.18 -3.77
CA VAL B 20 7.24 3.46 -4.80
C VAL B 20 7.78 3.82 -6.19
N ASN B 21 8.13 5.08 -6.36
CA ASN B 21 8.73 5.55 -7.60
C ASN B 21 10.11 4.90 -7.77
N LYS B 22 10.77 4.65 -6.64
CA LYS B 22 12.07 4.00 -6.65
C LYS B 22 11.93 2.53 -7.03
N ILE B 23 10.80 1.92 -6.64
CA ILE B 23 10.52 0.55 -7.05
C ILE B 23 10.38 0.49 -8.57
N LYS B 24 9.68 1.47 -9.13
CA LYS B 24 9.59 1.58 -10.59
C LYS B 24 10.97 1.79 -11.19
N ASN B 25 11.79 2.60 -10.52
CA ASN B 25 13.16 2.85 -10.96
C ASN B 25 13.97 1.55 -10.98
N ARG B 26 13.82 0.77 -9.92
CA ARG B 26 14.54 -0.49 -9.80
C ARG B 26 14.06 -1.49 -10.84
N PHE B 27 12.76 -1.72 -10.90
CA PHE B 27 12.20 -2.71 -11.82
C PHE B 27 11.65 -2.02 -13.07
N GLN B 28 12.43 -1.10 -13.62
CA GLN B 28 12.04 -0.39 -14.83
C GLN B 28 12.32 -1.23 -16.07
N GLY B 29 13.22 -2.20 -15.90
CA GLY B 29 13.51 -3.12 -16.98
C GLY B 29 12.62 -4.34 -16.89
N GLN B 30 12.32 -4.76 -15.67
CA GLN B 30 11.40 -5.88 -15.44
C GLN B 30 10.13 -5.39 -14.73
N PRO B 31 9.19 -4.80 -15.48
CA PRO B 31 7.97 -4.20 -14.91
C PRO B 31 7.00 -5.26 -14.40
N ASP B 32 7.22 -6.50 -14.81
CA ASP B 32 6.35 -7.60 -14.42
C ASP B 32 6.48 -7.88 -12.92
N ILE B 33 7.65 -7.58 -12.37
CA ILE B 33 7.88 -7.74 -10.94
C ILE B 33 7.06 -6.71 -10.16
N TYR B 34 7.07 -5.47 -10.65
CA TYR B 34 6.29 -4.40 -10.05
C TYR B 34 4.80 -4.68 -10.25
N LYS B 35 4.48 -5.32 -11.36
CA LYS B 35 3.12 -5.71 -11.67
C LYS B 35 2.60 -6.72 -10.63
N ALA B 36 3.42 -7.73 -10.36
CA ALA B 36 3.08 -8.73 -9.35
C ALA B 36 2.95 -8.08 -7.98
N PHE B 37 3.84 -7.12 -7.71
CA PHE B 37 3.81 -6.37 -6.46
C PHE B 37 2.47 -5.64 -6.30
N LEU B 38 1.99 -5.06 -7.39
CA LEU B 38 0.71 -4.36 -7.39
C LEU B 38 -0.42 -5.33 -7.11
N GLU B 39 -0.34 -6.53 -7.68
CA GLU B 39 -1.34 -7.56 -7.45
C GLU B 39 -1.33 -8.01 -5.99
N ILE B 40 -0.15 -8.04 -5.38
CA ILE B 40 -0.03 -8.35 -3.96
C ILE B 40 -0.76 -7.31 -3.14
N LEU B 41 -0.52 -6.04 -3.45
CA LEU B 41 -1.19 -4.92 -2.79
C LEU B 41 -2.70 -5.05 -2.96
N HIS B 42 -3.13 -5.30 -4.19
CA HIS B 42 -4.55 -5.45 -4.52
C HIS B 42 -5.19 -6.58 -3.70
N THR B 43 -4.51 -7.72 -3.63
CA THR B 43 -5.04 -8.87 -2.91
C THR B 43 -5.10 -8.60 -1.40
N TYR B 44 -4.04 -7.99 -0.86
CA TYR B 44 -4.01 -7.64 0.55
C TYR B 44 -5.08 -6.61 0.88
N GLN B 45 -5.18 -5.58 0.04
CA GLN B 45 -6.18 -4.54 0.18
C GLN B 45 -7.57 -5.14 0.28
N LYS B 46 -7.84 -6.12 -0.59
CA LYS B 46 -9.13 -6.80 -0.62
C LYS B 46 -9.39 -7.52 0.69
N GLU B 47 -8.42 -8.30 1.15
CA GLU B 47 -8.59 -9.10 2.36
C GLU B 47 -8.68 -8.21 3.60
N GLN B 48 -7.82 -7.20 3.68
CA GLN B 48 -7.80 -6.30 4.81
C GLN B 48 -9.11 -5.51 4.88
N ARG B 49 -9.57 -4.99 3.74
CA ARG B 49 -10.83 -4.26 3.72
C ARG B 49 -11.96 -5.18 4.11
N ASN B 50 -12.02 -6.37 3.49
CA ASN B 50 -13.08 -7.32 3.78
C ASN B 50 -13.09 -7.69 5.26
N ALA B 51 -11.91 -7.71 5.87
CA ALA B 51 -11.78 -7.99 7.29
C ALA B 51 -12.50 -6.93 8.12
N LYS B 52 -12.20 -5.66 7.84
CA LYS B 52 -12.81 -4.57 8.59
C LYS B 52 -14.26 -4.34 8.14
N GLU B 53 -14.53 -4.68 6.89
CA GLU B 53 -15.86 -4.55 6.31
C GLU B 53 -16.80 -5.57 6.93
N ALA B 54 -16.21 -6.64 7.46
CA ALA B 54 -16.96 -7.63 8.22
C ALA B 54 -16.89 -7.29 9.71
N GLY B 55 -16.63 -6.02 10.00
CA GLY B 55 -16.57 -5.55 11.37
C GLY B 55 -15.17 -5.57 11.92
N GLY B 56 -14.47 -6.66 11.68
CA GLY B 56 -13.16 -6.88 12.27
C GLY B 56 -13.05 -8.28 12.85
N ASN B 57 -14.11 -9.06 12.70
CA ASN B 57 -14.15 -10.42 13.20
C ASN B 57 -13.14 -11.29 12.45
N TYR B 58 -13.19 -11.21 11.13
CA TYR B 58 -12.30 -11.98 10.28
C TYR B 58 -10.95 -11.31 10.16
N THR B 59 -9.89 -12.08 10.38
CA THR B 59 -8.53 -11.59 10.16
C THR B 59 -8.07 -11.95 8.75
N PRO B 60 -7.44 -11.00 8.04
CA PRO B 60 -7.06 -11.17 6.63
C PRO B 60 -6.14 -12.35 6.39
N ALA B 61 -6.51 -13.19 5.42
CA ALA B 61 -5.70 -14.32 5.00
C ALA B 61 -4.29 -13.87 4.65
N LEU B 62 -4.19 -12.73 3.99
CA LEU B 62 -2.90 -12.10 3.75
C LEU B 62 -2.57 -11.16 4.89
N THR B 63 -1.97 -11.70 5.93
CA THR B 63 -1.53 -10.90 7.05
C THR B 63 -0.16 -10.31 6.72
N GLU B 64 0.31 -9.37 7.53
CA GLU B 64 1.60 -8.72 7.31
C GLU B 64 2.70 -9.75 7.05
N GLN B 65 2.70 -10.81 7.85
CA GLN B 65 3.68 -11.89 7.71
C GLN B 65 3.64 -12.50 6.31
N GLU B 66 2.44 -12.79 5.83
CA GLU B 66 2.24 -13.36 4.51
C GLU B 66 2.78 -12.43 3.42
N VAL B 67 2.31 -11.20 3.45
CA VAL B 67 2.69 -10.20 2.45
C VAL B 67 4.20 -9.95 2.45
N TYR B 68 4.77 -9.86 3.64
CA TYR B 68 6.19 -9.54 3.78
C TYR B 68 7.06 -10.70 3.31
N ALA B 69 6.59 -11.93 3.52
CA ALA B 69 7.32 -13.11 3.06
C ALA B 69 7.35 -13.16 1.54
N GLN B 70 6.21 -12.93 0.93
CA GLN B 70 6.10 -12.95 -0.53
C GLN B 70 6.97 -11.86 -1.14
N VAL B 71 6.91 -10.67 -0.58
CA VAL B 71 7.66 -9.53 -1.11
C VAL B 71 9.17 -9.73 -0.89
N ALA B 72 9.52 -10.48 0.16
CA ALA B 72 10.92 -10.77 0.44
C ALA B 72 11.50 -11.69 -0.63
N ARG B 73 10.71 -12.69 -1.03
CA ARG B 73 11.14 -13.60 -2.09
C ARG B 73 11.08 -12.91 -3.45
N LEU B 74 10.22 -11.90 -3.55
CA LEU B 74 10.06 -11.12 -4.77
C LEU B 74 11.24 -10.17 -4.95
N PHE B 75 11.62 -9.48 -3.88
CA PHE B 75 12.71 -8.51 -3.92
C PHE B 75 14.05 -9.19 -3.67
N LYS B 76 14.16 -10.45 -4.05
CA LYS B 76 15.43 -11.17 -3.95
C LYS B 76 16.47 -10.52 -4.86
N ASN B 77 17.74 -10.56 -4.43
CA ASN B 77 18.85 -9.90 -5.15
C ASN B 77 18.80 -8.39 -4.93
N GLN B 78 17.63 -7.80 -5.08
CA GLN B 78 17.44 -6.38 -4.84
C GLN B 78 17.05 -6.14 -3.39
N GLU B 79 17.82 -6.77 -2.49
CA GLU B 79 17.52 -6.78 -1.06
C GLU B 79 17.56 -5.39 -0.44
N ASP B 80 18.23 -4.45 -1.11
CA ASP B 80 18.25 -3.06 -0.65
C ASP B 80 16.83 -2.52 -0.62
N LEU B 81 16.08 -2.80 -1.68
CA LEU B 81 14.70 -2.35 -1.81
C LEU B 81 13.85 -2.99 -0.71
N LEU B 82 14.10 -4.26 -0.45
CA LEU B 82 13.38 -5.01 0.57
C LEU B 82 13.69 -4.44 1.95
N SER B 83 14.96 -4.13 2.18
CA SER B 83 15.40 -3.59 3.45
C SER B 83 14.67 -2.27 3.76
N GLU B 84 14.54 -1.43 2.75
CA GLU B 84 13.84 -0.16 2.90
C GLU B 84 12.33 -0.39 3.03
N PHE B 85 11.84 -1.42 2.35
CA PHE B 85 10.42 -1.78 2.40
C PHE B 85 10.00 -2.17 3.81
N GLY B 86 10.87 -2.91 4.49
CA GLY B 86 10.55 -3.40 5.83
C GLY B 86 10.35 -2.29 6.85
N GLN B 87 10.75 -1.07 6.49
CA GLN B 87 10.63 0.06 7.40
C GLN B 87 9.29 0.77 7.25
N PHE B 88 8.49 0.33 6.28
CA PHE B 88 7.15 0.89 6.08
C PHE B 88 6.12 0.05 6.82
N LEU B 89 6.59 -0.84 7.66
CA LEU B 89 5.72 -1.67 8.49
C LEU B 89 5.59 -1.12 9.92
N PRO B 90 6.73 -0.79 10.58
CA PRO B 90 6.73 -0.17 11.91
C PRO B 90 6.23 1.28 11.87
N ASP B 91 5.92 1.83 13.04
CA ASP B 91 5.51 3.23 13.14
C ASP B 91 6.73 4.10 13.40
N ALA B 92 7.91 3.50 13.26
CA ALA B 92 9.19 4.17 13.48
C ALA B 92 9.37 4.55 14.95
N ASN B 93 8.76 5.65 15.35
CA ASN B 93 8.94 6.16 16.71
C ASN B 93 7.70 6.90 17.18
N SER B 94 7.28 6.61 18.40
CA SER B 94 6.15 7.27 19.02
C SER B 94 6.14 6.96 20.50
N SER A 1 1.83 29.30 13.30
CA SER A 1 0.91 29.20 12.16
C SER A 1 1.64 28.59 10.96
N ASN A 2 0.95 28.53 9.81
CA ASN A 2 1.50 27.94 8.58
C ASN A 2 1.80 26.45 8.76
N ALA A 3 0.81 25.63 8.49
CA ALA A 3 0.96 24.18 8.61
C ALA A 3 -0.03 23.48 7.69
N ASP A 4 0.48 22.91 6.61
CA ASP A 4 -0.36 22.19 5.67
C ASP A 4 -0.43 20.70 6.03
N TYR A 5 -1.65 20.21 6.17
CA TYR A 5 -1.90 18.82 6.50
C TYR A 5 -3.41 18.57 6.41
N VAL A 6 -3.79 17.35 6.07
CA VAL A 6 -5.20 17.03 5.93
C VAL A 6 -5.66 16.06 7.02
N GLN A 7 -6.11 16.63 8.14
CA GLN A 7 -6.71 15.88 9.24
C GLN A 7 -5.71 14.98 9.98
N PRO A 8 -5.72 15.03 11.32
CA PRO A 8 -4.95 14.11 12.15
C PRO A 8 -5.43 12.67 11.97
N GLN A 9 -4.53 11.72 12.20
CA GLN A 9 -4.78 10.30 11.93
C GLN A 9 -5.07 10.11 10.44
N LEU A 10 -4.05 10.38 9.64
CA LEU A 10 -4.12 10.24 8.19
C LEU A 10 -4.54 8.82 7.79
N ARG A 11 -3.65 7.87 7.98
CA ARG A 11 -3.87 6.47 7.63
C ARG A 11 -2.86 5.60 8.37
N ARG A 12 -2.85 4.32 8.07
CA ARG A 12 -1.81 3.41 8.58
C ARG A 12 -0.54 3.56 7.73
N PRO A 13 0.61 3.13 8.26
CA PRO A 13 1.89 3.20 7.54
C PRO A 13 1.84 2.49 6.19
N PHE A 14 1.35 1.26 6.17
CA PHE A 14 1.29 0.51 4.93
C PHE A 14 0.10 0.97 4.10
N GLU A 15 -0.86 1.59 4.77
CA GLU A 15 -2.05 2.12 4.12
C GLU A 15 -1.67 3.31 3.22
N LEU A 16 -0.76 4.16 3.70
CA LEU A 16 -0.29 5.27 2.89
C LEU A 16 0.59 4.76 1.75
N LEU A 17 1.20 3.59 1.95
CA LEU A 17 1.96 2.93 0.89
C LEU A 17 1.00 2.53 -0.23
N ILE A 18 -0.16 2.00 0.15
CA ILE A 18 -1.19 1.64 -0.83
C ILE A 18 -1.57 2.86 -1.65
N ALA A 19 -1.91 3.94 -0.96
CA ALA A 19 -2.28 5.19 -1.61
C ALA A 19 -1.15 5.70 -2.51
N ALA A 20 0.08 5.68 -1.98
CA ALA A 20 1.24 6.14 -2.71
C ALA A 20 1.48 5.31 -3.98
N ALA A 21 1.32 4.00 -3.86
CA ALA A 21 1.48 3.10 -4.99
C ALA A 21 0.51 3.47 -6.11
N MET A 22 -0.74 3.74 -5.75
CA MET A 22 -1.76 4.11 -6.74
C MET A 22 -1.52 5.53 -7.26
N GLU A 23 -0.98 6.38 -6.41
CA GLU A 23 -0.63 7.74 -6.79
C GLU A 23 0.49 7.75 -7.84
N ARG A 24 1.41 6.82 -7.72
CA ARG A 24 2.59 6.78 -8.58
C ARG A 24 2.44 5.75 -9.71
N ASN A 25 1.23 5.30 -9.95
CA ASN A 25 0.97 4.38 -11.06
C ASN A 25 -0.37 4.71 -11.71
N PRO A 26 -0.62 4.28 -12.96
CA PRO A 26 -1.84 4.59 -13.71
C PRO A 26 -3.13 4.15 -13.00
N THR A 27 -2.98 3.31 -11.97
CA THR A 27 -4.09 2.80 -11.15
C THR A 27 -5.30 2.37 -11.98
N GLN A 28 -5.28 1.10 -12.38
CA GLN A 28 -6.33 0.53 -13.24
C GLN A 28 -7.49 -0.01 -12.41
N PHE A 29 -7.54 0.35 -11.14
CA PHE A 29 -8.51 -0.23 -10.21
C PHE A 29 -9.85 0.47 -10.32
N GLN A 30 -10.56 0.19 -11.42
CA GLN A 30 -11.90 0.72 -11.67
C GLN A 30 -11.90 2.25 -11.57
N LEU A 31 -10.82 2.86 -12.04
CA LEU A 31 -10.65 4.31 -11.97
C LEU A 31 -11.74 5.04 -12.78
N PRO A 32 -11.96 4.69 -14.07
CA PRO A 32 -13.04 5.27 -14.85
C PRO A 32 -14.34 4.48 -14.69
N ASN A 33 -15.12 4.83 -13.68
CA ASN A 33 -16.38 4.14 -13.38
C ASN A 33 -17.36 4.27 -14.55
N GLU A 34 -17.81 5.50 -14.77
CA GLU A 34 -18.72 5.78 -15.87
C GLU A 34 -18.62 7.25 -16.25
N LEU A 35 -18.31 7.52 -17.52
CA LEU A 35 -18.22 8.88 -18.06
C LEU A 35 -17.05 9.66 -17.46
N THR A 36 -16.31 9.02 -16.56
CA THR A 36 -15.17 9.65 -15.91
C THR A 36 -15.60 10.91 -15.13
N CYS A 37 -16.84 10.91 -14.68
CA CYS A 37 -17.38 12.06 -13.98
C CYS A 37 -17.12 11.90 -12.50
N THR A 38 -17.03 10.64 -12.09
CA THR A 38 -16.72 10.30 -10.73
C THR A 38 -15.22 10.41 -10.48
N THR A 39 -14.46 10.27 -11.56
CA THR A 39 -13.00 10.30 -11.51
C THR A 39 -12.48 11.74 -11.47
N ALA A 40 -13.40 12.70 -11.45
CA ALA A 40 -13.04 14.10 -11.33
C ALA A 40 -12.75 14.41 -9.86
N LEU A 41 -11.50 14.22 -9.46
CA LEU A 41 -11.11 14.40 -8.07
C LEU A 41 -10.21 15.62 -7.92
N PRO A 42 -10.62 16.59 -7.10
CA PRO A 42 -9.82 17.78 -6.81
C PRO A 42 -8.67 17.48 -5.85
N GLY A 43 -7.58 18.22 -5.98
CA GLY A 43 -6.45 18.06 -5.10
C GLY A 43 -6.31 19.22 -4.14
N SER A 44 -5.19 19.94 -4.26
CA SER A 44 -4.98 21.13 -3.46
C SER A 44 -5.97 22.22 -3.85
N SER A 45 -6.12 22.43 -5.16
CA SER A 45 -7.06 23.40 -5.70
C SER A 45 -6.80 24.80 -5.15
N SER B 1 -8.69 15.46 28.77
CA SER B 1 -8.72 15.43 27.29
C SER B 1 -7.41 15.98 26.72
N ASN B 2 -6.96 15.40 25.62
CA ASN B 2 -5.71 15.78 24.99
C ASN B 2 -5.64 15.23 23.57
N ALA B 3 -4.65 15.66 22.81
CA ALA B 3 -4.47 15.16 21.45
C ALA B 3 -3.07 14.57 21.29
N SER B 4 -2.95 13.28 21.61
CA SER B 4 -1.68 12.59 21.48
C SER B 4 -1.45 12.22 20.01
N LEU B 5 -0.22 12.34 19.56
CA LEU B 5 0.10 12.08 18.17
C LEU B 5 0.52 10.63 17.97
N GLN B 6 -0.24 9.92 17.14
CA GLN B 6 0.10 8.56 16.77
C GLN B 6 1.28 8.57 15.81
N ASN B 7 2.04 7.49 15.79
CA ASN B 7 3.29 7.46 15.04
C ASN B 7 3.05 7.18 13.56
N ASN B 8 2.69 8.23 12.84
CA ASN B 8 2.60 8.20 11.39
C ASN B 8 2.32 9.61 10.87
N GLN B 9 2.97 9.98 9.79
CA GLN B 9 2.89 11.35 9.27
C GLN B 9 2.69 11.37 7.77
N PRO B 10 2.18 12.48 7.21
CA PRO B 10 2.08 12.67 5.76
C PRO B 10 3.47 12.72 5.11
N VAL B 11 4.48 12.97 5.91
CA VAL B 11 5.87 12.94 5.45
C VAL B 11 6.24 11.54 4.97
N GLU B 12 5.71 10.53 5.66
CA GLU B 12 5.99 9.15 5.32
C GLU B 12 5.34 8.81 3.98
N PHE B 13 4.21 9.47 3.71
CA PHE B 13 3.52 9.31 2.44
C PHE B 13 4.41 9.79 1.30
N ASN B 14 5.05 10.94 1.49
CA ASN B 14 5.98 11.48 0.51
C ASN B 14 7.13 10.50 0.29
N HIS B 15 7.61 9.91 1.39
CA HIS B 15 8.66 8.89 1.33
C HIS B 15 8.20 7.69 0.50
N ALA B 16 6.95 7.30 0.71
CA ALA B 16 6.36 6.20 -0.02
C ALA B 16 6.29 6.51 -1.51
N ILE B 17 5.96 7.76 -1.82
CA ILE B 17 5.90 8.20 -3.21
C ILE B 17 7.23 7.97 -3.92
N ASN B 18 8.32 8.50 -3.33
CA ASN B 18 9.63 8.33 -3.96
C ASN B 18 10.13 6.90 -3.83
N TYR B 19 9.59 6.16 -2.87
CA TYR B 19 9.94 4.76 -2.72
C TYR B 19 9.36 3.94 -3.87
N VAL B 20 8.08 4.15 -4.16
CA VAL B 20 7.43 3.47 -5.28
C VAL B 20 8.13 3.84 -6.58
N ASN B 21 8.55 5.10 -6.66
CA ASN B 21 9.34 5.57 -7.79
C ASN B 21 10.64 4.78 -7.91
N LYS B 22 11.27 4.51 -6.76
CA LYS B 22 12.50 3.74 -6.73
C LYS B 22 12.25 2.29 -7.16
N ILE B 23 11.10 1.74 -6.77
CA ILE B 23 10.73 0.38 -7.17
C ILE B 23 10.69 0.27 -8.70
N LYS B 24 10.00 1.22 -9.32
CA LYS B 24 9.87 1.27 -10.77
C LYS B 24 11.22 1.44 -11.45
N ASN B 25 12.08 2.27 -10.85
CA ASN B 25 13.39 2.54 -11.42
C ASN B 25 14.32 1.35 -11.23
N ARG B 26 14.26 0.72 -10.06
CA ARG B 26 15.12 -0.41 -9.72
C ARG B 26 14.85 -1.57 -10.66
N PHE B 27 13.59 -1.87 -10.88
CA PHE B 27 13.21 -3.00 -11.70
C PHE B 27 12.76 -2.55 -13.09
N GLN B 28 13.30 -1.41 -13.54
CA GLN B 28 13.04 -0.91 -14.87
C GLN B 28 13.45 -1.95 -15.91
N GLY B 29 12.49 -2.43 -16.68
CA GLY B 29 12.77 -3.47 -17.65
C GLY B 29 12.05 -4.76 -17.31
N GLN B 30 11.60 -4.84 -16.07
CA GLN B 30 10.83 -5.99 -15.61
C GLN B 30 9.51 -5.54 -15.01
N PRO B 31 8.51 -5.28 -15.87
CA PRO B 31 7.21 -4.76 -15.45
C PRO B 31 6.40 -5.78 -14.66
N ASP B 32 6.70 -7.06 -14.85
CA ASP B 32 5.96 -8.13 -14.19
C ASP B 32 6.28 -8.17 -12.70
N ILE B 33 7.46 -7.70 -12.33
CA ILE B 33 7.81 -7.61 -10.93
C ILE B 33 6.90 -6.61 -10.22
N TYR B 34 6.72 -5.45 -10.85
CA TYR B 34 5.85 -4.43 -10.31
C TYR B 34 4.39 -4.86 -10.45
N LYS B 35 4.09 -5.61 -11.52
CA LYS B 35 2.76 -6.17 -11.71
C LYS B 35 2.37 -7.02 -10.49
N ALA B 36 3.25 -7.94 -10.13
CA ALA B 36 3.02 -8.80 -8.98
C ALA B 36 2.84 -7.98 -7.71
N PHE B 37 3.73 -7.02 -7.50
CA PHE B 37 3.66 -6.13 -6.33
C PHE B 37 2.31 -5.43 -6.29
N LEU B 38 1.88 -4.92 -7.43
CA LEU B 38 0.61 -4.21 -7.55
C LEU B 38 -0.55 -5.14 -7.21
N GLU B 39 -0.49 -6.35 -7.73
CA GLU B 39 -1.55 -7.34 -7.53
C GLU B 39 -1.60 -7.78 -6.06
N ILE B 40 -0.44 -7.99 -5.47
CA ILE B 40 -0.35 -8.34 -4.06
C ILE B 40 -0.99 -7.25 -3.21
N LEU B 41 -0.69 -5.99 -3.57
CA LEU B 41 -1.23 -4.85 -2.87
C LEU B 41 -2.76 -4.82 -2.98
N HIS B 42 -3.26 -5.07 -4.19
CA HIS B 42 -4.70 -5.12 -4.43
C HIS B 42 -5.34 -6.22 -3.59
N THR B 43 -4.66 -7.37 -3.55
CA THR B 43 -5.14 -8.50 -2.78
C THR B 43 -5.20 -8.13 -1.30
N TYR B 44 -4.11 -7.53 -0.80
CA TYR B 44 -4.03 -7.11 0.59
C TYR B 44 -5.14 -6.11 0.92
N GLN B 45 -5.33 -5.12 0.05
CA GLN B 45 -6.34 -4.09 0.26
C GLN B 45 -7.73 -4.73 0.39
N LYS B 46 -7.98 -5.73 -0.44
CA LYS B 46 -9.24 -6.44 -0.42
C LYS B 46 -9.38 -7.21 0.90
N GLU B 47 -8.34 -7.96 1.25
CA GLU B 47 -8.31 -8.72 2.50
C GLU B 47 -8.53 -7.81 3.70
N GLN B 48 -7.87 -6.65 3.65
CA GLN B 48 -7.93 -5.68 4.73
C GLN B 48 -9.35 -5.14 4.90
N ARG B 49 -10.02 -4.86 3.79
CA ARG B 49 -11.40 -4.37 3.85
C ARG B 49 -12.33 -5.45 4.37
N ASN B 50 -12.15 -6.68 3.88
CA ASN B 50 -12.95 -7.81 4.32
C ASN B 50 -12.80 -8.03 5.82
N ALA B 51 -11.58 -7.88 6.31
CA ALA B 51 -11.29 -8.02 7.73
C ALA B 51 -11.88 -6.86 8.53
N LYS B 52 -11.69 -5.65 8.01
CA LYS B 52 -12.19 -4.43 8.65
C LYS B 52 -13.71 -4.49 8.79
N GLU B 53 -14.37 -4.90 7.72
CA GLU B 53 -15.82 -5.00 7.67
C GLU B 53 -16.35 -5.94 8.76
N ALA B 54 -15.68 -7.07 8.92
CA ALA B 54 -16.11 -8.08 9.89
C ALA B 54 -15.73 -7.67 11.32
N GLY B 55 -14.84 -6.70 11.45
CA GLY B 55 -14.46 -6.21 12.76
C GLY B 55 -13.50 -7.13 13.47
N GLY B 56 -12.57 -7.71 12.73
CA GLY B 56 -11.58 -8.59 13.33
C GLY B 56 -12.05 -10.04 13.33
N ASN B 57 -13.31 -10.24 12.94
CA ASN B 57 -13.88 -11.58 12.85
C ASN B 57 -13.22 -12.35 11.72
N TYR B 58 -13.05 -11.70 10.59
CA TYR B 58 -12.46 -12.31 9.42
C TYR B 58 -10.93 -12.24 9.50
N THR B 59 -10.29 -13.37 9.29
CA THR B 59 -8.84 -13.42 9.27
C THR B 59 -8.33 -13.30 7.84
N PRO B 60 -7.71 -12.16 7.50
CA PRO B 60 -7.23 -11.89 6.16
C PRO B 60 -6.09 -12.81 5.75
N ALA B 61 -6.15 -13.33 4.54
CA ALA B 61 -5.11 -14.19 4.02
C ALA B 61 -3.86 -13.38 3.76
N LEU B 62 -4.06 -12.11 3.41
CA LEU B 62 -2.94 -11.21 3.21
C LEU B 62 -2.78 -10.30 4.42
N THR B 63 -2.01 -10.77 5.38
CA THR B 63 -1.61 -9.95 6.52
C THR B 63 -0.33 -9.19 6.14
N GLU B 64 -0.04 -8.07 6.79
CA GLU B 64 1.16 -7.29 6.45
C GLU B 64 2.42 -8.14 6.60
N GLN B 65 2.37 -9.12 7.49
CA GLN B 65 3.47 -10.09 7.63
C GLN B 65 3.57 -10.95 6.38
N GLU B 66 2.44 -11.52 5.97
CA GLU B 66 2.34 -12.29 4.73
C GLU B 66 2.88 -11.49 3.55
N VAL B 67 2.42 -10.25 3.44
CA VAL B 67 2.83 -9.37 2.36
C VAL B 67 4.33 -9.14 2.37
N TYR B 68 4.89 -8.93 3.55
CA TYR B 68 6.33 -8.68 3.69
C TYR B 68 7.13 -9.91 3.25
N ALA B 69 6.63 -11.09 3.59
CA ALA B 69 7.28 -12.33 3.19
C ALA B 69 7.18 -12.52 1.68
N GLN B 70 6.00 -12.26 1.13
CA GLN B 70 5.78 -12.42 -0.31
C GLN B 70 6.51 -11.34 -1.10
N VAL B 71 6.66 -10.16 -0.51
CA VAL B 71 7.35 -9.06 -1.19
C VAL B 71 8.85 -9.31 -1.22
N ALA B 72 9.38 -9.94 -0.16
CA ALA B 72 10.79 -10.32 -0.11
C ALA B 72 11.03 -11.50 -1.04
N ARG B 73 9.99 -12.30 -1.21
CA ARG B 73 10.00 -13.40 -2.15
C ARG B 73 10.02 -12.86 -3.58
N LEU B 74 9.34 -11.74 -3.78
CA LEU B 74 9.27 -11.09 -5.08
C LEU B 74 10.57 -10.36 -5.38
N PHE B 75 11.00 -9.52 -4.47
CA PHE B 75 12.23 -8.76 -4.63
C PHE B 75 13.43 -9.62 -4.25
N LYS B 76 13.67 -10.64 -5.05
CA LYS B 76 14.72 -11.62 -4.80
C LYS B 76 16.09 -10.98 -4.67
N ASN B 77 16.64 -11.04 -3.45
CA ASN B 77 17.99 -10.57 -3.15
C ASN B 77 18.05 -9.04 -3.15
N GLN B 78 16.92 -8.40 -3.36
CA GLN B 78 16.87 -6.94 -3.37
C GLN B 78 16.61 -6.43 -1.96
N GLU B 79 17.60 -6.64 -1.09
CA GLU B 79 17.48 -6.34 0.33
C GLU B 79 17.45 -4.84 0.59
N ASP B 80 18.06 -4.07 -0.31
CA ASP B 80 18.07 -2.61 -0.20
C ASP B 80 16.65 -2.08 -0.20
N LEU B 81 15.91 -2.47 -1.23
CA LEU B 81 14.52 -2.08 -1.39
C LEU B 81 13.67 -2.63 -0.25
N LEU B 82 13.99 -3.87 0.19
CA LEU B 82 13.29 -4.50 1.29
C LEU B 82 13.53 -3.76 2.61
N SER B 83 14.76 -3.30 2.80
CA SER B 83 15.12 -2.54 4.00
C SER B 83 14.26 -1.29 4.09
N GLU B 84 14.15 -0.56 2.99
CA GLU B 84 13.30 0.63 2.95
C GLU B 84 11.83 0.27 3.15
N PHE B 85 11.45 -0.89 2.61
CA PHE B 85 10.07 -1.38 2.74
C PHE B 85 9.75 -1.68 4.20
N GLY B 86 10.78 -2.04 4.96
CA GLY B 86 10.61 -2.40 6.35
C GLY B 86 10.04 -1.29 7.21
N GLN B 87 10.27 -0.04 6.84
CA GLN B 87 9.80 1.09 7.65
C GLN B 87 8.38 1.48 7.26
N PHE B 88 7.86 0.89 6.19
CA PHE B 88 6.50 1.17 5.76
C PHE B 88 5.53 0.21 6.43
N LEU B 89 6.10 -0.80 7.09
CA LEU B 89 5.33 -1.69 7.94
C LEU B 89 6.16 -2.11 9.15
N PRO B 90 6.55 -1.14 9.99
CA PRO B 90 7.46 -1.37 11.10
C PRO B 90 6.74 -1.88 12.35
N ASP B 91 7.44 -2.69 13.13
CA ASP B 91 6.88 -3.24 14.36
C ASP B 91 7.21 -2.32 15.53
N ALA B 92 7.41 -1.04 15.23
CA ALA B 92 7.75 -0.04 16.23
C ALA B 92 6.54 0.31 17.09
N ASN B 93 6.03 -0.70 17.79
CA ASN B 93 4.88 -0.56 18.67
C ASN B 93 4.65 -1.88 19.39
N SER B 94 4.72 -1.84 20.71
CA SER B 94 4.55 -3.02 21.53
C SER B 94 4.42 -2.62 22.99
N SER A 1 -4.63 21.35 -0.92
CA SER A 1 -5.00 19.94 -0.71
C SER A 1 -6.51 19.77 -0.82
N ASN A 2 -6.99 19.49 -2.03
CA ASN A 2 -8.41 19.32 -2.26
C ASN A 2 -8.83 17.87 -2.10
N ALA A 3 -9.63 17.64 -1.07
CA ALA A 3 -10.22 16.32 -0.81
C ALA A 3 -11.35 16.46 0.19
N ASP A 4 -12.46 15.78 -0.09
CA ASP A 4 -13.63 15.84 0.78
C ASP A 4 -13.31 15.17 2.11
N TYR A 5 -12.63 14.04 2.01
CA TYR A 5 -12.27 13.26 3.19
C TYR A 5 -10.76 13.27 3.38
N VAL A 6 -10.29 14.20 4.20
CA VAL A 6 -8.87 14.26 4.52
C VAL A 6 -8.63 13.80 5.94
N GLN A 7 -8.67 12.49 6.14
CA GLN A 7 -8.49 11.91 7.46
C GLN A 7 -7.70 10.61 7.37
N PRO A 8 -6.37 10.70 7.54
CA PRO A 8 -5.50 9.54 7.55
C PRO A 8 -5.35 8.94 8.94
N GLN A 9 -4.83 7.72 9.00
CA GLN A 9 -4.54 7.09 10.28
C GLN A 9 -3.08 7.30 10.64
N LEU A 10 -2.25 7.47 9.60
CA LEU A 10 -0.83 7.82 9.74
C LEU A 10 0.02 6.66 10.25
N ARG A 11 -0.50 5.95 11.23
CA ARG A 11 0.23 4.87 11.89
C ARG A 11 0.23 3.60 11.04
N ARG A 12 -0.50 3.62 9.94
CA ARG A 12 -0.59 2.46 9.06
C ARG A 12 0.39 2.58 7.90
N PRO A 13 1.44 1.75 7.89
CA PRO A 13 2.47 1.77 6.83
C PRO A 13 1.88 1.55 5.44
N PHE A 14 0.87 0.69 5.37
CA PHE A 14 0.21 0.40 4.11
C PHE A 14 -0.59 1.59 3.61
N GLU A 15 -0.95 2.48 4.51
CA GLU A 15 -1.82 3.61 4.16
C GLU A 15 -1.14 4.51 3.15
N LEU A 16 -0.01 5.10 3.52
CA LEU A 16 0.71 5.99 2.61
C LEU A 16 1.38 5.22 1.48
N LEU A 17 1.66 3.94 1.71
CA LEU A 17 2.31 3.11 0.70
C LEU A 17 1.34 2.81 -0.44
N ILE A 18 0.19 2.25 -0.10
CA ILE A 18 -0.81 1.88 -1.10
C ILE A 18 -1.40 3.13 -1.73
N ALA A 19 -1.51 4.22 -0.96
CA ALA A 19 -1.96 5.50 -1.51
C ALA A 19 -0.97 5.99 -2.56
N ALA A 20 0.31 5.91 -2.23
CA ALA A 20 1.36 6.27 -3.17
C ALA A 20 1.29 5.41 -4.41
N ALA A 21 1.11 4.10 -4.19
CA ALA A 21 0.97 3.15 -5.29
C ALA A 21 -0.20 3.52 -6.20
N MET A 22 -1.32 3.83 -5.59
CA MET A 22 -2.54 4.13 -6.32
C MET A 22 -2.44 5.44 -7.08
N GLU A 23 -1.77 6.43 -6.48
CA GLU A 23 -1.64 7.74 -7.09
C GLU A 23 -0.58 7.74 -8.19
N ARG A 24 0.55 7.07 -7.94
CA ARG A 24 1.69 7.10 -8.85
C ARG A 24 1.65 5.94 -9.85
N ASN A 25 0.46 5.44 -10.13
CA ASN A 25 0.30 4.38 -11.12
C ASN A 25 -1.02 4.57 -11.87
N PRO A 26 -1.24 3.79 -12.95
CA PRO A 26 -2.53 3.79 -13.66
C PRO A 26 -3.66 3.19 -12.81
N THR A 27 -3.33 2.89 -11.55
CA THR A 27 -4.27 2.39 -10.54
C THR A 27 -5.28 1.39 -11.11
N GLN A 28 -4.85 0.14 -11.21
CA GLN A 28 -5.71 -0.92 -11.73
C GLN A 28 -6.59 -1.48 -10.62
N PHE A 29 -7.53 -0.66 -10.15
CA PHE A 29 -8.43 -1.07 -9.10
C PHE A 29 -9.87 -1.11 -9.59
N GLN A 30 -10.03 -1.15 -10.90
CA GLN A 30 -11.33 -1.40 -11.50
C GLN A 30 -11.68 -2.87 -11.29
N LEU A 31 -12.44 -3.12 -10.25
CA LEU A 31 -12.81 -4.47 -9.87
C LEU A 31 -14.24 -4.78 -10.29
N PRO A 32 -14.40 -5.47 -11.41
CA PRO A 32 -15.72 -5.86 -11.91
C PRO A 32 -16.33 -6.99 -11.10
N ASN A 33 -17.29 -6.65 -10.25
CA ASN A 33 -18.00 -7.65 -9.47
C ASN A 33 -19.34 -7.95 -10.12
N GLU A 34 -20.08 -6.90 -10.46
CA GLU A 34 -21.36 -7.05 -11.13
C GLU A 34 -21.19 -6.89 -12.64
N LEU A 35 -19.95 -6.81 -13.08
CA LEU A 35 -19.66 -6.58 -14.49
C LEU A 35 -19.21 -7.87 -15.17
N THR A 36 -19.06 -8.94 -14.38
CA THR A 36 -18.56 -10.19 -14.91
C THR A 36 -19.63 -10.96 -15.69
N CYS A 37 -19.90 -10.48 -16.89
CA CYS A 37 -20.83 -11.14 -17.79
C CYS A 37 -20.33 -10.99 -19.22
N THR A 38 -19.91 -9.77 -19.55
CA THR A 38 -19.31 -9.50 -20.85
C THR A 38 -17.79 -9.68 -20.78
N THR A 39 -17.26 -9.60 -19.58
CA THR A 39 -15.84 -9.81 -19.35
C THR A 39 -15.54 -11.30 -19.18
N ALA A 40 -15.03 -11.93 -20.21
CA ALA A 40 -14.71 -13.35 -20.18
C ALA A 40 -13.44 -13.62 -20.97
N LEU A 41 -12.78 -14.71 -20.63
CA LEU A 41 -11.57 -15.14 -21.33
C LEU A 41 -11.93 -16.04 -22.49
N PRO A 42 -11.48 -15.69 -23.70
CA PRO A 42 -11.81 -16.43 -24.92
C PRO A 42 -11.18 -17.82 -24.96
N GLY A 43 -11.97 -18.82 -24.64
CA GLY A 43 -11.49 -20.19 -24.67
C GLY A 43 -11.95 -20.91 -25.92
N SER A 44 -11.02 -21.25 -26.79
CA SER A 44 -11.33 -21.91 -28.04
C SER A 44 -10.23 -22.88 -28.43
N SER A 45 -10.55 -24.17 -28.39
CA SER A 45 -9.60 -25.22 -28.71
C SER A 45 -8.39 -25.17 -27.77
N SER B 1 -5.74 12.48 22.85
CA SER B 1 -4.98 11.50 23.65
C SER B 1 -3.65 11.16 22.97
N ASN B 2 -3.72 10.76 21.71
CA ASN B 2 -2.52 10.38 20.97
C ASN B 2 -1.99 11.57 20.18
N ALA B 3 -0.96 12.21 20.72
CA ALA B 3 -0.32 13.33 20.07
C ALA B 3 0.89 12.86 19.27
N SER B 4 1.38 11.67 19.64
CA SER B 4 2.54 11.03 19.00
C SER B 4 3.76 11.95 19.00
N LEU B 5 3.92 12.71 17.93
CA LEU B 5 5.01 13.65 17.79
C LEU B 5 4.51 14.89 17.06
N GLN B 6 4.05 14.67 15.84
CA GLN B 6 3.47 15.72 15.03
C GLN B 6 2.16 15.23 14.45
N ASN B 7 1.09 15.97 14.66
CA ASN B 7 -0.22 15.59 14.14
C ASN B 7 -0.23 15.74 12.62
N ASN B 8 -0.49 14.63 11.94
CA ASN B 8 -0.47 14.57 10.48
C ASN B 8 0.94 14.83 9.94
N GLN B 9 1.71 13.77 9.75
CA GLN B 9 3.05 13.88 9.19
C GLN B 9 3.02 13.56 7.69
N PRO B 10 3.13 14.58 6.83
CA PRO B 10 3.10 14.40 5.38
C PRO B 10 4.44 13.88 4.84
N VAL B 11 5.43 13.78 5.72
CA VAL B 11 6.78 13.39 5.34
C VAL B 11 6.83 11.95 4.81
N GLU B 12 6.18 11.03 5.52
CA GLU B 12 6.24 9.62 5.15
C GLU B 12 5.46 9.36 3.88
N PHE B 13 4.46 10.18 3.59
CA PHE B 13 3.72 10.06 2.36
C PHE B 13 4.62 10.42 1.19
N ASN B 14 5.37 11.51 1.33
CA ASN B 14 6.32 11.93 0.30
C ASN B 14 7.43 10.88 0.16
N HIS B 15 7.88 10.35 1.29
CA HIS B 15 8.91 9.31 1.29
C HIS B 15 8.40 8.06 0.57
N ALA B 16 7.12 7.76 0.75
CA ALA B 16 6.49 6.63 0.07
C ALA B 16 6.47 6.86 -1.44
N ILE B 17 6.11 8.08 -1.84
CA ILE B 17 6.11 8.45 -3.25
C ILE B 17 7.47 8.19 -3.88
N ASN B 18 8.51 8.66 -3.22
CA ASN B 18 9.87 8.52 -3.72
C ASN B 18 10.31 7.06 -3.68
N TYR B 19 9.82 6.31 -2.70
CA TYR B 19 10.14 4.90 -2.58
C TYR B 19 9.49 4.09 -3.70
N VAL B 20 8.22 4.38 -4.00
CA VAL B 20 7.54 3.73 -5.10
C VAL B 20 8.27 3.99 -6.41
N ASN B 21 8.73 5.22 -6.57
CA ASN B 21 9.53 5.58 -7.73
C ASN B 21 10.80 4.74 -7.77
N LYS B 22 11.42 4.56 -6.59
CA LYS B 22 12.60 3.70 -6.48
C LYS B 22 12.27 2.28 -6.89
N ILE B 23 11.14 1.75 -6.41
CA ILE B 23 10.76 0.38 -6.73
C ILE B 23 10.76 0.17 -8.24
N LYS B 24 10.05 1.04 -8.95
CA LYS B 24 9.96 0.95 -10.40
C LYS B 24 11.34 1.02 -11.04
N ASN B 25 12.11 2.05 -10.68
CA ASN B 25 13.41 2.31 -11.27
C ASN B 25 14.45 1.27 -10.86
N ARG B 26 14.25 0.67 -9.69
CA ARG B 26 15.18 -0.32 -9.14
C ARG B 26 15.46 -1.42 -10.14
N PHE B 27 14.40 -2.04 -10.64
CA PHE B 27 14.52 -3.08 -11.65
C PHE B 27 14.34 -2.48 -13.03
N GLN B 28 13.63 -1.35 -13.06
CA GLN B 28 13.42 -0.55 -14.27
C GLN B 28 12.56 -1.29 -15.31
N GLY B 29 13.13 -2.29 -15.96
CA GLY B 29 12.40 -3.03 -16.97
C GLY B 29 11.62 -4.17 -16.36
N GLN B 30 10.63 -3.83 -15.55
CA GLN B 30 9.85 -4.84 -14.83
C GLN B 30 8.35 -4.65 -15.04
N PRO B 31 7.78 -5.26 -16.08
CA PRO B 31 6.35 -5.24 -16.31
C PRO B 31 5.59 -6.13 -15.31
N ASP B 32 6.10 -7.35 -15.15
CA ASP B 32 5.43 -8.37 -14.34
C ASP B 32 5.71 -8.22 -12.85
N ILE B 33 6.97 -8.00 -12.49
CA ILE B 33 7.39 -7.98 -11.08
C ILE B 33 6.60 -6.94 -10.28
N TYR B 34 6.63 -5.69 -10.73
CA TYR B 34 5.92 -4.62 -10.04
C TYR B 34 4.41 -4.89 -10.06
N LYS B 35 3.94 -5.48 -11.14
CA LYS B 35 2.51 -5.78 -11.29
C LYS B 35 2.09 -6.83 -10.27
N ALA B 36 2.98 -7.80 -10.04
CA ALA B 36 2.75 -8.84 -9.04
C ALA B 36 2.74 -8.22 -7.63
N PHE B 37 3.57 -7.21 -7.42
CA PHE B 37 3.58 -6.46 -6.17
C PHE B 37 2.25 -5.75 -5.98
N LEU B 38 1.73 -5.20 -7.07
CA LEU B 38 0.44 -4.55 -7.05
C LEU B 38 -0.65 -5.56 -6.70
N GLU B 39 -0.47 -6.80 -7.15
CA GLU B 39 -1.41 -7.87 -6.82
C GLU B 39 -1.31 -8.27 -5.35
N ILE B 40 -0.11 -8.10 -4.77
CA ILE B 40 0.06 -8.32 -3.33
C ILE B 40 -0.81 -7.34 -2.55
N LEU B 41 -0.65 -6.05 -2.86
CA LEU B 41 -1.45 -5.01 -2.24
C LEU B 41 -2.93 -5.22 -2.58
N HIS B 42 -3.17 -5.63 -3.82
CA HIS B 42 -4.51 -5.92 -4.32
C HIS B 42 -5.21 -6.95 -3.43
N THR B 43 -4.52 -8.06 -3.19
CA THR B 43 -5.06 -9.15 -2.39
C THR B 43 -5.29 -8.70 -0.95
N TYR B 44 -4.29 -8.04 -0.37
CA TYR B 44 -4.37 -7.56 1.00
C TYR B 44 -5.51 -6.55 1.15
N GLN B 45 -5.69 -5.72 0.13
CA GLN B 45 -6.77 -4.73 0.13
C GLN B 45 -8.14 -5.41 0.19
N LYS B 46 -8.31 -6.44 -0.63
CA LYS B 46 -9.57 -7.18 -0.66
C LYS B 46 -9.89 -7.75 0.71
N GLU B 47 -8.90 -8.41 1.29
CA GLU B 47 -9.09 -9.05 2.59
C GLU B 47 -9.25 -8.02 3.70
N GLN B 48 -8.59 -6.89 3.56
CA GLN B 48 -8.73 -5.81 4.53
C GLN B 48 -10.15 -5.24 4.48
N ARG B 49 -10.68 -5.11 3.27
CA ARG B 49 -12.07 -4.67 3.09
C ARG B 49 -13.03 -5.67 3.71
N ASN B 50 -12.84 -6.95 3.39
CA ASN B 50 -13.72 -8.00 3.89
C ASN B 50 -13.62 -8.12 5.39
N ALA B 51 -12.45 -7.81 5.94
CA ALA B 51 -12.26 -7.80 7.37
C ALA B 51 -13.13 -6.72 8.02
N LYS B 52 -13.04 -5.50 7.49
CA LYS B 52 -13.85 -4.39 7.99
C LYS B 52 -15.33 -4.64 7.74
N GLU B 53 -15.63 -5.14 6.54
CA GLU B 53 -17.00 -5.32 6.09
C GLU B 53 -17.71 -6.40 6.93
N ALA B 54 -16.95 -7.40 7.34
CA ALA B 54 -17.48 -8.47 8.19
C ALA B 54 -17.44 -8.07 9.66
N GLY B 55 -16.91 -6.88 9.94
CA GLY B 55 -16.88 -6.37 11.30
C GLY B 55 -15.80 -7.01 12.15
N GLY B 56 -14.74 -7.48 11.50
CA GLY B 56 -13.63 -8.05 12.23
C GLY B 56 -13.72 -9.55 12.37
N ASN B 57 -14.84 -10.12 11.93
CA ASN B 57 -15.04 -11.56 12.03
C ASN B 57 -14.23 -12.28 10.96
N TYR B 58 -13.90 -11.57 9.90
CA TYR B 58 -13.07 -12.10 8.84
C TYR B 58 -11.63 -11.71 9.08
N THR B 59 -10.78 -12.69 9.32
CA THR B 59 -9.36 -12.46 9.48
C THR B 59 -8.66 -12.72 8.15
N PRO B 60 -8.00 -11.70 7.58
CA PRO B 60 -7.28 -11.81 6.32
C PRO B 60 -6.29 -12.98 6.31
N ALA B 61 -6.31 -13.74 5.24
CA ALA B 61 -5.38 -14.84 5.04
C ALA B 61 -4.01 -14.27 4.68
N LEU B 62 -4.02 -13.24 3.86
CA LEU B 62 -2.80 -12.52 3.53
C LEU B 62 -2.64 -11.35 4.50
N THR B 63 -1.98 -11.60 5.61
CA THR B 63 -1.73 -10.56 6.60
C THR B 63 -0.51 -9.74 6.23
N GLU B 64 -0.19 -8.74 7.04
CA GLU B 64 1.02 -7.96 6.86
C GLU B 64 2.23 -8.88 6.92
N GLN B 65 2.11 -9.92 7.73
CA GLN B 65 3.12 -10.97 7.83
C GLN B 65 3.34 -11.61 6.45
N GLU B 66 2.24 -12.00 5.81
CA GLU B 66 2.30 -12.61 4.49
C GLU B 66 2.82 -11.61 3.47
N VAL B 67 2.31 -10.39 3.52
CA VAL B 67 2.71 -9.34 2.59
C VAL B 67 4.22 -9.12 2.63
N TYR B 68 4.76 -8.95 3.84
CA TYR B 68 6.19 -8.73 3.99
C TYR B 68 6.97 -9.94 3.47
N ALA B 69 6.46 -11.13 3.74
CA ALA B 69 7.08 -12.35 3.24
C ALA B 69 7.10 -12.36 1.71
N GLN B 70 5.94 -12.14 1.12
CA GLN B 70 5.79 -12.22 -0.34
C GLN B 70 6.59 -11.13 -1.05
N VAL B 71 6.61 -9.92 -0.50
CA VAL B 71 7.36 -8.82 -1.11
C VAL B 71 8.86 -9.11 -1.05
N ALA B 72 9.31 -9.70 0.06
CA ALA B 72 10.72 -10.01 0.22
C ALA B 72 11.13 -11.16 -0.69
N ARG B 73 10.20 -12.06 -1.01
CA ARG B 73 10.48 -13.15 -1.92
C ARG B 73 10.55 -12.63 -3.37
N LEU B 74 9.56 -11.84 -3.74
CA LEU B 74 9.46 -11.33 -5.09
C LEU B 74 10.60 -10.37 -5.42
N PHE B 75 10.91 -9.48 -4.49
CA PHE B 75 11.95 -8.48 -4.71
C PHE B 75 13.26 -8.89 -4.06
N LYS B 76 13.49 -10.19 -3.96
CA LYS B 76 14.70 -10.71 -3.33
C LYS B 76 15.91 -10.53 -4.25
N ASN B 77 15.68 -9.95 -5.42
CA ASN B 77 16.75 -9.69 -6.38
C ASN B 77 17.54 -8.44 -6.00
N GLN B 78 17.06 -7.71 -5.00
CA GLN B 78 17.76 -6.53 -4.51
C GLN B 78 17.54 -6.34 -3.02
N GLU B 79 18.63 -6.03 -2.32
CA GLU B 79 18.61 -5.87 -0.89
C GLU B 79 18.11 -4.49 -0.45
N ASP B 80 18.56 -3.44 -1.13
CA ASP B 80 18.29 -2.05 -0.69
C ASP B 80 16.79 -1.77 -0.69
N LEU B 81 16.07 -2.36 -1.64
CA LEU B 81 14.64 -2.17 -1.75
C LEU B 81 13.95 -2.70 -0.50
N LEU B 82 14.32 -3.92 -0.11
CA LEU B 82 13.75 -4.55 1.08
C LEU B 82 14.21 -3.83 2.34
N SER B 83 15.45 -3.36 2.34
CA SER B 83 16.00 -2.64 3.48
C SER B 83 15.13 -1.44 3.84
N GLU B 84 14.77 -0.65 2.82
CA GLU B 84 13.96 0.54 3.05
C GLU B 84 12.50 0.18 3.26
N PHE B 85 12.06 -0.92 2.64
CA PHE B 85 10.68 -1.40 2.82
C PHE B 85 10.42 -1.69 4.29
N GLY B 86 11.40 -2.33 4.94
CA GLY B 86 11.27 -2.64 6.35
C GLY B 86 11.38 -1.41 7.24
N GLN B 87 11.63 -0.26 6.63
CA GLN B 87 11.70 0.99 7.37
C GLN B 87 10.36 1.71 7.35
N PHE B 88 9.46 1.22 6.50
CA PHE B 88 8.10 1.74 6.47
C PHE B 88 7.23 0.98 7.46
N LEU B 89 7.52 -0.31 7.62
CA LEU B 89 6.85 -1.13 8.63
C LEU B 89 7.87 -1.79 9.56
N PRO B 90 8.57 -0.98 10.37
CA PRO B 90 9.60 -1.48 11.28
C PRO B 90 9.00 -2.06 12.55
N ASP B 91 9.82 -2.76 13.32
CA ASP B 91 9.38 -3.40 14.56
C ASP B 91 8.86 -2.38 15.55
N ALA B 92 9.43 -1.18 15.51
CA ALA B 92 9.06 -0.11 16.44
C ALA B 92 7.67 0.45 16.16
N ASN B 93 7.16 0.22 14.94
CA ASN B 93 5.86 0.77 14.56
C ASN B 93 4.75 -0.23 14.86
N SER B 94 4.47 -0.41 16.14
CA SER B 94 3.41 -1.30 16.60
C SER B 94 3.23 -1.12 18.10
N SER A 1 -16.74 1.34 9.77
CA SER A 1 -15.35 1.76 9.49
C SER A 1 -15.22 3.28 9.57
N ASN A 2 -14.70 3.75 10.70
CA ASN A 2 -14.49 5.17 10.93
C ASN A 2 -13.43 5.37 12.00
N ALA A 3 -13.28 4.37 12.87
CA ALA A 3 -12.31 4.38 13.97
C ALA A 3 -12.71 5.37 15.05
N ASP A 4 -13.96 5.86 14.96
CA ASP A 4 -14.51 6.82 15.92
C ASP A 4 -13.75 8.14 15.88
N TYR A 5 -14.23 9.11 16.66
CA TYR A 5 -13.58 10.40 16.73
C TYR A 5 -12.63 10.44 17.92
N VAL A 6 -11.47 9.82 17.74
CA VAL A 6 -10.43 9.84 18.76
C VAL A 6 -9.25 10.66 18.24
N GLN A 7 -9.57 11.44 17.22
CA GLN A 7 -8.59 12.26 16.50
C GLN A 7 -7.40 11.46 16.01
N PRO A 8 -7.54 10.85 14.82
CA PRO A 8 -6.45 10.12 14.19
C PRO A 8 -5.45 11.09 13.57
N GLN A 9 -4.24 10.61 13.36
CA GLN A 9 -3.19 11.44 12.78
C GLN A 9 -2.77 10.87 11.43
N LEU A 10 -2.10 9.72 11.48
CA LEU A 10 -1.69 9.01 10.27
C LEU A 10 -0.97 7.71 10.61
N ARG A 11 -1.23 7.16 11.78
CA ARG A 11 -0.53 5.95 12.15
C ARG A 11 -1.15 4.72 11.47
N ARG A 12 -0.94 4.65 10.17
CA ARG A 12 -1.39 3.53 9.36
C ARG A 12 -0.30 3.16 8.37
N PRO A 13 0.58 2.22 8.74
CA PRO A 13 1.78 1.87 7.96
C PRO A 13 1.45 1.43 6.54
N PHE A 14 0.66 0.37 6.41
CA PHE A 14 0.41 -0.22 5.11
C PHE A 14 -0.55 0.65 4.30
N GLU A 15 -1.37 1.43 5.00
CA GLU A 15 -2.30 2.35 4.35
C GLU A 15 -1.55 3.39 3.53
N LEU A 16 -0.45 3.92 4.08
CA LEU A 16 0.37 4.89 3.36
C LEU A 16 1.05 4.24 2.17
N LEU A 17 1.34 2.95 2.29
CA LEU A 17 1.94 2.20 1.19
C LEU A 17 0.93 2.03 0.06
N ILE A 18 -0.28 1.59 0.42
CA ILE A 18 -1.36 1.41 -0.56
C ILE A 18 -1.71 2.74 -1.22
N ALA A 19 -1.87 3.78 -0.39
CA ALA A 19 -2.20 5.11 -0.89
C ALA A 19 -1.13 5.60 -1.86
N ALA A 20 0.14 5.39 -1.49
CA ALA A 20 1.26 5.82 -2.32
C ALA A 20 1.23 5.12 -3.68
N ALA A 21 1.13 3.80 -3.66
CA ALA A 21 1.18 3.01 -4.89
C ALA A 21 0.00 3.35 -5.81
N MET A 22 -1.20 3.30 -5.29
CA MET A 22 -2.41 3.48 -6.09
C MET A 22 -2.57 4.93 -6.57
N GLU A 23 -2.12 5.89 -5.78
CA GLU A 23 -2.33 7.30 -6.12
C GLU A 23 -1.21 7.84 -7.00
N ARG A 24 0.00 7.30 -6.87
CA ARG A 24 1.11 7.75 -7.71
C ARG A 24 0.98 7.18 -9.11
N ASN A 25 0.25 6.09 -9.22
CA ASN A 25 -0.05 5.50 -10.51
C ASN A 25 -1.49 5.83 -10.87
N PRO A 26 -1.91 5.57 -12.12
CA PRO A 26 -3.32 5.75 -12.50
C PRO A 26 -4.22 4.64 -11.93
N THR A 27 -3.67 3.89 -10.96
CA THR A 27 -4.32 2.70 -10.39
C THR A 27 -5.11 1.94 -11.46
N GLN A 28 -4.37 1.31 -12.36
CA GLN A 28 -4.95 0.71 -13.55
C GLN A 28 -5.49 -0.69 -13.27
N PHE A 29 -6.50 -0.76 -12.42
CA PHE A 29 -7.21 -2.00 -12.15
C PHE A 29 -8.55 -2.00 -12.85
N GLN A 30 -9.26 -0.89 -12.73
CA GLN A 30 -10.59 -0.76 -13.29
C GLN A 30 -10.53 -0.09 -14.66
N LEU A 31 -9.87 -0.75 -15.61
CA LEU A 31 -9.76 -0.22 -16.97
C LEU A 31 -10.40 -1.16 -17.97
N PRO A 32 -11.72 -1.03 -18.21
CA PRO A 32 -12.44 -1.82 -19.19
C PRO A 32 -12.13 -1.34 -20.61
N ASN A 33 -11.16 -1.98 -21.24
CA ASN A 33 -10.76 -1.63 -22.59
C ASN A 33 -10.55 -2.87 -23.43
N GLU A 34 -9.83 -3.83 -22.87
CA GLU A 34 -9.48 -5.05 -23.58
C GLU A 34 -9.25 -6.18 -22.59
N LEU A 35 -8.89 -7.36 -23.11
CA LEU A 35 -8.63 -8.56 -22.32
C LEU A 35 -9.93 -9.16 -21.78
N THR A 36 -10.75 -8.33 -21.17
CA THR A 36 -12.02 -8.76 -20.62
C THR A 36 -13.12 -7.77 -20.98
N CYS A 37 -13.92 -8.17 -21.94
CA CYS A 37 -15.07 -7.39 -22.38
C CYS A 37 -16.26 -8.33 -22.47
N THR A 38 -16.71 -8.77 -21.29
CA THR A 38 -17.68 -9.86 -21.16
C THR A 38 -17.22 -11.09 -21.94
N THR A 39 -15.91 -11.23 -22.06
CA THR A 39 -15.29 -12.36 -22.72
C THR A 39 -14.79 -13.35 -21.69
N ALA A 40 -15.50 -14.47 -21.56
CA ALA A 40 -15.24 -15.45 -20.51
C ALA A 40 -15.43 -14.83 -19.13
N LEU A 41 -16.70 -14.73 -18.72
CA LEU A 41 -17.07 -14.13 -17.45
C LEU A 41 -16.42 -14.85 -16.26
N PRO A 42 -16.57 -16.20 -16.15
CA PRO A 42 -15.95 -16.97 -15.06
C PRO A 42 -14.44 -16.83 -15.03
N GLY A 43 -13.86 -16.45 -16.16
CA GLY A 43 -12.44 -16.24 -16.25
C GLY A 43 -12.08 -14.80 -15.90
N SER A 44 -11.48 -14.10 -16.85
CA SER A 44 -11.09 -12.70 -16.67
C SER A 44 -10.13 -12.53 -15.48
N SER A 45 -8.92 -13.02 -15.65
CA SER A 45 -7.90 -12.93 -14.61
C SER A 45 -6.79 -11.99 -15.03
N SER B 1 -13.93 23.75 4.32
CA SER B 1 -15.35 23.42 4.59
C SER B 1 -15.49 21.95 4.97
N ASN B 2 -15.02 21.07 4.09
CA ASN B 2 -15.08 19.64 4.34
C ASN B 2 -13.67 19.08 4.44
N ALA B 3 -13.46 18.20 5.41
CA ALA B 3 -12.16 17.57 5.59
C ALA B 3 -12.13 16.23 4.87
N SER B 4 -11.49 16.20 3.71
CA SER B 4 -11.36 14.97 2.95
C SER B 4 -10.39 14.01 3.64
N LEU B 5 -10.95 13.09 4.44
CA LEU B 5 -10.19 12.11 5.21
C LEU B 5 -9.45 12.76 6.39
N GLN B 6 -9.07 14.03 6.25
CA GLN B 6 -8.36 14.77 7.29
C GLN B 6 -7.01 14.11 7.60
N ASN B 7 -6.44 13.48 6.58
CA ASN B 7 -5.18 12.77 6.73
C ASN B 7 -4.02 13.75 6.82
N ASN B 8 -3.18 13.59 7.84
CA ASN B 8 -1.99 14.40 7.96
C ASN B 8 -0.79 13.64 7.43
N GLN B 9 -0.64 13.66 6.11
CA GLN B 9 0.43 12.95 5.45
C GLN B 9 1.62 13.89 5.19
N PRO B 10 2.68 13.76 5.99
CA PRO B 10 3.86 14.60 5.88
C PRO B 10 4.92 13.98 4.97
N VAL B 11 6.17 14.35 5.19
CA VAL B 11 7.29 13.85 4.40
C VAL B 11 7.37 12.32 4.41
N GLU B 12 6.84 11.69 5.45
CA GLU B 12 6.86 10.25 5.52
C GLU B 12 6.07 9.65 4.35
N PHE B 13 4.98 10.33 3.98
CA PHE B 13 4.19 9.92 2.84
C PHE B 13 4.97 10.15 1.56
N ASN B 14 5.70 11.27 1.52
CA ASN B 14 6.58 11.57 0.40
C ASN B 14 7.63 10.47 0.24
N HIS B 15 8.11 9.93 1.38
CA HIS B 15 9.06 8.82 1.36
C HIS B 15 8.42 7.61 0.71
N ALA B 16 7.18 7.33 1.07
CA ALA B 16 6.44 6.23 0.46
C ALA B 16 6.29 6.47 -1.04
N ILE B 17 6.00 7.71 -1.41
CA ILE B 17 5.91 8.09 -2.82
C ILE B 17 7.26 7.87 -3.51
N ASN B 18 8.31 8.33 -2.86
CA ASN B 18 9.67 8.12 -3.35
C ASN B 18 9.96 6.65 -3.55
N TYR B 19 9.58 5.84 -2.57
CA TYR B 19 9.79 4.41 -2.62
C TYR B 19 9.05 3.77 -3.80
N VAL B 20 7.80 4.17 -4.00
CA VAL B 20 7.01 3.64 -5.11
C VAL B 20 7.67 3.95 -6.45
N ASN B 21 8.14 5.18 -6.61
CA ASN B 21 8.85 5.58 -7.82
C ASN B 21 10.19 4.86 -7.89
N LYS B 22 10.75 4.55 -6.74
CA LYS B 22 12.03 3.87 -6.64
C LYS B 22 11.90 2.44 -7.18
N ILE B 23 10.82 1.75 -6.79
CA ILE B 23 10.55 0.42 -7.32
C ILE B 23 10.29 0.50 -8.83
N LYS B 24 9.49 1.49 -9.20
CA LYS B 24 9.14 1.75 -10.59
C LYS B 24 10.39 1.87 -11.46
N ASN B 25 11.36 2.65 -11.00
CA ASN B 25 12.60 2.85 -11.74
C ASN B 25 13.52 1.64 -11.63
N ARG B 26 13.62 1.08 -10.43
CA ARG B 26 14.55 0.00 -10.15
C ARG B 26 14.26 -1.23 -11.01
N PHE B 27 13.00 -1.66 -11.01
CA PHE B 27 12.61 -2.85 -11.74
C PHE B 27 11.76 -2.52 -12.95
N GLN B 28 12.16 -1.50 -13.70
CA GLN B 28 11.46 -1.14 -14.93
C GLN B 28 11.84 -2.12 -16.04
N GLY B 29 12.89 -2.90 -15.79
CA GLY B 29 13.33 -3.89 -16.76
C GLY B 29 12.43 -5.12 -16.78
N GLN B 30 11.61 -5.26 -15.75
CA GLN B 30 10.68 -6.37 -15.67
C GLN B 30 9.39 -5.96 -14.96
N PRO B 31 8.32 -5.73 -15.73
CA PRO B 31 7.02 -5.35 -15.18
C PRO B 31 6.45 -6.40 -14.23
N ASP B 32 6.91 -7.65 -14.37
CA ASP B 32 6.45 -8.74 -13.51
C ASP B 32 6.67 -8.42 -12.04
N ILE B 33 7.80 -7.77 -11.76
CA ILE B 33 8.18 -7.44 -10.40
C ILE B 33 7.16 -6.51 -9.77
N TYR B 34 6.90 -5.39 -10.44
CA TYR B 34 5.96 -4.41 -9.94
C TYR B 34 4.54 -4.96 -10.02
N LYS B 35 4.28 -5.82 -11.01
CA LYS B 35 2.97 -6.46 -11.15
C LYS B 35 2.66 -7.28 -9.92
N ALA B 36 3.56 -8.20 -9.57
CA ALA B 36 3.38 -9.06 -8.40
C ALA B 36 3.21 -8.23 -7.14
N PHE B 37 4.03 -7.20 -7.02
CA PHE B 37 3.94 -6.27 -5.89
C PHE B 37 2.56 -5.60 -5.85
N LEU B 38 2.10 -5.15 -7.01
CA LEU B 38 0.82 -4.47 -7.13
C LEU B 38 -0.33 -5.42 -6.79
N GLU B 39 -0.20 -6.65 -7.26
CA GLU B 39 -1.22 -7.67 -7.05
C GLU B 39 -1.37 -8.00 -5.56
N ILE B 40 -0.25 -8.24 -4.88
CA ILE B 40 -0.31 -8.60 -3.46
C ILE B 40 -0.81 -7.44 -2.61
N LEU B 41 -0.53 -6.21 -3.04
CA LEU B 41 -1.10 -5.03 -2.40
C LEU B 41 -2.63 -5.06 -2.50
N HIS B 42 -3.12 -5.35 -3.70
CA HIS B 42 -4.55 -5.43 -3.96
C HIS B 42 -5.18 -6.57 -3.17
N THR B 43 -4.43 -7.65 -2.98
CA THR B 43 -4.93 -8.79 -2.22
C THR B 43 -5.12 -8.42 -0.74
N TYR B 44 -4.13 -7.73 -0.17
CA TYR B 44 -4.25 -7.28 1.21
C TYR B 44 -5.40 -6.29 1.33
N GLN B 45 -5.55 -5.44 0.31
CA GLN B 45 -6.65 -4.50 0.23
C GLN B 45 -7.99 -5.23 0.36
N LYS B 46 -8.10 -6.37 -0.33
CA LYS B 46 -9.31 -7.17 -0.29
C LYS B 46 -9.54 -7.73 1.12
N GLU B 47 -8.50 -8.33 1.69
CA GLU B 47 -8.61 -8.92 3.02
C GLU B 47 -8.94 -7.87 4.07
N GLN B 48 -8.30 -6.72 3.99
CA GLN B 48 -8.55 -5.62 4.92
C GLN B 48 -10.00 -5.16 4.79
N ARG B 49 -10.43 -4.91 3.56
CA ARG B 49 -11.80 -4.50 3.31
C ARG B 49 -12.77 -5.57 3.80
N ASN B 50 -12.51 -6.82 3.42
CA ASN B 50 -13.36 -7.94 3.79
C ASN B 50 -13.50 -8.02 5.31
N ALA B 51 -12.36 -7.88 6.00
CA ALA B 51 -12.33 -7.92 7.46
C ALA B 51 -13.29 -6.90 8.06
N LYS B 52 -13.20 -5.66 7.61
CA LYS B 52 -14.02 -4.59 8.16
C LYS B 52 -15.44 -4.63 7.60
N GLU B 53 -15.57 -5.07 6.36
CA GLU B 53 -16.87 -5.14 5.69
C GLU B 53 -17.72 -6.27 6.28
N ALA B 54 -17.07 -7.20 6.96
CA ALA B 54 -17.75 -8.28 7.64
C ALA B 54 -17.98 -7.93 9.10
N GLY B 55 -17.85 -6.65 9.44
CA GLY B 55 -18.10 -6.21 10.79
C GLY B 55 -16.85 -6.07 11.62
N GLY B 56 -15.71 -6.45 11.05
CA GLY B 56 -14.46 -6.36 11.76
C GLY B 56 -14.14 -7.64 12.52
N ASN B 57 -14.96 -8.66 12.31
CA ASN B 57 -14.79 -9.93 13.00
C ASN B 57 -13.98 -10.90 12.15
N TYR B 58 -14.00 -10.69 10.84
CA TYR B 58 -13.28 -11.55 9.90
C TYR B 58 -11.78 -11.28 9.97
N THR B 59 -11.02 -12.33 10.23
CA THR B 59 -9.57 -12.23 10.25
C THR B 59 -9.00 -12.47 8.85
N PRO B 60 -8.27 -11.48 8.31
CA PRO B 60 -7.67 -11.56 6.98
C PRO B 60 -6.80 -12.81 6.82
N ALA B 61 -7.02 -13.54 5.73
CA ALA B 61 -6.26 -14.74 5.45
C ALA B 61 -4.84 -14.38 5.04
N LEU B 62 -4.72 -13.32 4.27
CA LEU B 62 -3.42 -12.82 3.84
C LEU B 62 -3.11 -11.52 4.57
N THR B 63 -2.03 -11.52 5.32
CA THR B 63 -1.64 -10.36 6.10
C THR B 63 -0.58 -9.54 5.38
N GLU B 64 -0.17 -8.45 5.99
CA GLU B 64 0.93 -7.64 5.48
C GLU B 64 2.24 -8.39 5.63
N GLN B 65 2.27 -9.29 6.62
CA GLN B 65 3.43 -10.15 6.84
C GLN B 65 3.58 -11.11 5.66
N GLU B 66 2.46 -11.65 5.18
CA GLU B 66 2.46 -12.51 4.00
C GLU B 66 2.97 -11.74 2.79
N VAL B 67 2.51 -10.49 2.68
CA VAL B 67 2.97 -9.61 1.62
C VAL B 67 4.47 -9.38 1.72
N TYR B 68 4.93 -9.10 2.93
CA TYR B 68 6.34 -8.86 3.18
C TYR B 68 7.17 -10.11 2.85
N ALA B 69 6.65 -11.28 3.17
CA ALA B 69 7.33 -12.53 2.85
C ALA B 69 7.51 -12.67 1.34
N GLN B 70 6.43 -12.40 0.60
CA GLN B 70 6.47 -12.47 -0.85
C GLN B 70 7.40 -11.40 -1.43
N VAL B 71 7.30 -10.19 -0.89
CA VAL B 71 8.08 -9.06 -1.40
C VAL B 71 9.57 -9.25 -1.08
N ALA B 72 9.87 -9.93 0.03
CA ALA B 72 11.24 -10.21 0.41
C ALA B 72 11.86 -11.23 -0.54
N ARG B 73 11.08 -12.28 -0.84
CA ARG B 73 11.52 -13.31 -1.76
C ARG B 73 11.59 -12.77 -3.19
N LEU B 74 10.82 -11.73 -3.45
CA LEU B 74 10.81 -11.08 -4.75
C LEU B 74 12.00 -10.13 -4.90
N PHE B 75 12.18 -9.24 -3.91
CA PHE B 75 13.24 -8.24 -3.96
C PHE B 75 14.57 -8.79 -3.47
N LYS B 76 14.73 -10.10 -3.50
CA LYS B 76 15.96 -10.74 -3.03
C LYS B 76 17.16 -10.30 -3.86
N ASN B 77 16.90 -9.82 -5.08
CA ASN B 77 17.96 -9.31 -5.95
C ASN B 77 18.41 -7.93 -5.51
N GLN B 78 17.46 -7.14 -5.03
CA GLN B 78 17.74 -5.76 -4.67
C GLN B 78 17.54 -5.55 -3.17
N GLU B 79 18.57 -5.87 -2.41
CA GLU B 79 18.52 -5.75 -0.95
C GLU B 79 18.23 -4.32 -0.52
N ASP B 80 18.72 -3.37 -1.32
CA ASP B 80 18.48 -1.95 -1.07
C ASP B 80 17.00 -1.66 -1.01
N LEU B 81 16.27 -2.12 -2.02
CA LEU B 81 14.84 -1.87 -2.13
C LEU B 81 14.11 -2.56 -0.98
N LEU B 82 14.55 -3.76 -0.65
CA LEU B 82 13.96 -4.52 0.45
C LEU B 82 14.22 -3.80 1.78
N SER B 83 15.42 -3.22 1.90
CA SER B 83 15.77 -2.46 3.09
C SER B 83 14.84 -1.26 3.25
N GLU B 84 14.49 -0.63 2.14
CA GLU B 84 13.54 0.48 2.15
C GLU B 84 12.20 0.02 2.70
N PHE B 85 11.70 -1.09 2.14
CA PHE B 85 10.41 -1.64 2.54
C PHE B 85 10.45 -2.11 3.99
N GLY B 86 11.58 -2.66 4.40
CA GLY B 86 11.72 -3.24 5.72
C GLY B 86 11.58 -2.23 6.85
N GLN B 87 11.77 -0.95 6.54
CA GLN B 87 11.67 0.07 7.57
C GLN B 87 10.28 0.73 7.56
N PHE B 88 9.45 0.33 6.60
CA PHE B 88 8.07 0.81 6.57
C PHE B 88 7.20 -0.07 7.45
N LEU B 89 7.64 -1.30 7.66
CA LEU B 89 6.96 -2.22 8.56
C LEU B 89 7.95 -3.16 9.25
N PRO B 90 8.70 -2.63 10.23
CA PRO B 90 9.68 -3.41 10.98
C PRO B 90 9.02 -4.47 11.86
N ASP B 91 9.07 -5.71 11.39
CA ASP B 91 8.44 -6.82 12.09
C ASP B 91 9.29 -8.09 12.01
N ALA B 92 9.60 -8.51 10.79
CA ALA B 92 10.30 -9.77 10.57
C ALA B 92 11.79 -9.68 10.87
N ASN B 93 12.35 -8.50 10.72
CA ASN B 93 13.78 -8.30 10.97
C ASN B 93 13.97 -7.43 12.21
N SER B 94 14.98 -7.75 13.01
CA SER B 94 15.26 -6.99 14.21
C SER B 94 15.88 -5.64 13.88
N SER A 1 16.61 -4.06 17.40
CA SER A 1 17.79 -3.18 17.21
C SER A 1 17.35 -1.73 17.08
N ASN A 2 16.80 -1.36 15.93
CA ASN A 2 16.38 0.02 15.69
C ASN A 2 14.90 0.09 15.34
N ALA A 3 14.37 -0.99 14.77
CA ALA A 3 12.98 -1.02 14.33
C ALA A 3 12.02 -1.17 15.50
N ASP A 4 12.57 -1.26 16.71
CA ASP A 4 11.75 -1.37 17.91
C ASP A 4 11.13 -0.02 18.24
N TYR A 5 10.03 0.31 17.57
CA TYR A 5 9.41 1.61 17.76
C TYR A 5 8.00 1.62 17.16
N VAL A 6 7.05 2.09 17.95
CA VAL A 6 5.69 2.31 17.46
C VAL A 6 5.57 3.75 17.00
N GLN A 7 5.21 3.94 15.73
CA GLN A 7 5.16 5.26 15.13
C GLN A 7 3.99 6.09 15.67
N PRO A 8 4.31 7.15 16.41
CA PRO A 8 3.33 8.11 16.93
C PRO A 8 3.23 9.34 16.03
N GLN A 9 2.13 10.07 16.17
CA GLN A 9 1.90 11.30 15.39
C GLN A 9 1.76 10.99 13.89
N LEU A 10 1.73 9.73 13.56
CA LEU A 10 1.58 9.28 12.19
C LEU A 10 1.25 7.80 12.15
N ARG A 11 0.03 7.53 11.81
CA ARG A 11 -0.43 6.15 11.62
C ARG A 11 -0.63 5.87 10.15
N ARG A 12 -1.22 4.71 9.84
CA ARG A 12 -1.45 4.28 8.47
C ARG A 12 -0.12 4.08 7.72
N PRO A 13 0.82 3.27 8.26
CA PRO A 13 2.13 3.11 7.65
C PRO A 13 2.07 2.38 6.31
N PHE A 14 1.66 1.12 6.33
CA PHE A 14 1.54 0.34 5.11
C PHE A 14 0.36 0.84 4.29
N GLU A 15 -0.62 1.38 5.01
CA GLU A 15 -1.79 1.99 4.38
C GLU A 15 -1.36 3.15 3.50
N LEU A 16 -0.37 3.90 3.97
CA LEU A 16 0.17 5.03 3.23
C LEU A 16 0.79 4.55 1.92
N LEU A 17 1.51 3.44 1.97
CA LEU A 17 2.14 2.91 0.78
C LEU A 17 1.09 2.40 -0.21
N ILE A 18 0.00 1.87 0.32
CA ILE A 18 -1.13 1.48 -0.52
C ILE A 18 -1.67 2.72 -1.25
N ALA A 19 -1.81 3.81 -0.49
CA ALA A 19 -2.25 5.08 -1.06
C ALA A 19 -1.18 5.65 -2.00
N ALA A 20 0.08 5.36 -1.69
CA ALA A 20 1.20 5.78 -2.53
C ALA A 20 1.10 5.13 -3.90
N ALA A 21 0.88 3.81 -3.90
CA ALA A 21 0.66 3.09 -5.15
C ALA A 21 -0.60 3.57 -5.84
N MET A 22 -1.62 3.87 -5.06
CA MET A 22 -2.91 4.30 -5.58
C MET A 22 -2.80 5.70 -6.18
N GLU A 23 -1.93 6.52 -5.61
CA GLU A 23 -1.68 7.87 -6.11
C GLU A 23 -0.83 7.84 -7.39
N ARG A 24 0.28 7.12 -7.34
CA ARG A 24 1.24 7.14 -8.44
C ARG A 24 0.88 6.14 -9.54
N ASN A 25 -0.33 5.60 -9.49
CA ASN A 25 -0.83 4.74 -10.54
C ASN A 25 -2.29 5.09 -10.81
N PRO A 26 -2.78 4.81 -12.03
CA PRO A 26 -4.15 5.14 -12.44
C PRO A 26 -5.24 4.49 -11.57
N THR A 27 -4.81 3.64 -10.62
CA THR A 27 -5.69 2.92 -9.69
C THR A 27 -6.95 2.36 -10.36
N GLN A 28 -6.83 1.14 -10.85
CA GLN A 28 -7.95 0.46 -11.52
C GLN A 28 -8.75 -0.34 -10.49
N PHE A 29 -8.51 -0.05 -9.23
CA PHE A 29 -9.10 -0.84 -8.15
C PHE A 29 -10.37 -0.18 -7.63
N GLN A 30 -11.47 -0.41 -8.33
CA GLN A 30 -12.76 0.11 -7.93
C GLN A 30 -13.60 -0.99 -7.29
N LEU A 31 -13.67 -0.98 -5.98
CA LEU A 31 -14.46 -1.95 -5.26
C LEU A 31 -15.73 -1.31 -4.70
N PRO A 32 -16.85 -1.47 -5.41
CA PRO A 32 -18.13 -0.90 -5.02
C PRO A 32 -18.80 -1.70 -3.90
N ASN A 33 -18.24 -1.61 -2.71
CA ASN A 33 -18.84 -2.23 -1.53
C ASN A 33 -19.03 -1.21 -0.41
N GLU A 34 -17.94 -0.64 0.07
CA GLU A 34 -18.00 0.39 1.10
C GLU A 34 -18.47 1.71 0.50
N LEU A 35 -18.11 1.94 -0.75
CA LEU A 35 -18.42 3.18 -1.43
C LEU A 35 -19.76 3.10 -2.17
N THR A 36 -20.67 2.30 -1.64
CA THR A 36 -21.99 2.14 -2.24
C THR A 36 -22.95 3.20 -1.70
N CYS A 37 -23.48 2.95 -0.51
CA CYS A 37 -24.39 3.88 0.14
C CYS A 37 -23.96 4.10 1.59
N THR A 38 -23.04 3.27 2.07
CA THR A 38 -22.54 3.39 3.43
C THR A 38 -21.51 4.52 3.52
N THR A 39 -20.46 4.41 2.71
CA THR A 39 -19.46 5.47 2.55
C THR A 39 -18.51 5.56 3.75
N ALA A 40 -18.95 5.02 4.89
CA ALA A 40 -18.20 5.11 6.15
C ALA A 40 -18.02 6.57 6.56
N LEU A 41 -19.07 7.13 7.14
CA LEU A 41 -19.05 8.54 7.52
C LEU A 41 -18.33 8.76 8.87
N PRO A 42 -18.76 8.09 9.96
CA PRO A 42 -18.18 8.33 11.28
C PRO A 42 -16.82 7.65 11.47
N GLY A 43 -16.40 6.88 10.48
CA GLY A 43 -15.15 6.18 10.58
C GLY A 43 -14.37 6.23 9.28
N SER A 44 -13.27 5.49 9.23
CA SER A 44 -12.46 5.41 8.03
C SER A 44 -13.04 4.39 7.06
N SER A 45 -12.66 4.49 5.79
CA SER A 45 -13.13 3.58 4.76
C SER A 45 -12.30 2.30 4.75
N SER B 1 14.19 19.34 3.51
CA SER B 1 14.63 19.52 4.91
C SER B 1 13.46 19.93 5.79
N ASN B 2 12.92 21.12 5.54
CA ASN B 2 11.89 21.68 6.41
C ASN B 2 10.52 21.60 5.75
N ALA B 3 9.79 20.54 6.06
CA ALA B 3 8.44 20.36 5.54
C ALA B 3 7.43 20.33 6.67
N SER B 4 7.87 20.76 7.86
CA SER B 4 7.06 20.77 9.07
C SER B 4 6.75 19.34 9.53
N LEU B 5 7.36 18.96 10.65
CA LEU B 5 7.20 17.62 11.19
C LEU B 5 6.77 17.68 12.65
N GLN B 6 5.55 17.27 12.93
CA GLN B 6 5.06 17.20 14.29
C GLN B 6 3.78 16.37 14.37
N ASN B 7 2.67 16.95 13.95
CA ASN B 7 1.41 16.22 13.90
C ASN B 7 1.23 15.57 12.54
N ASN B 8 1.99 16.06 11.58
CA ASN B 8 2.02 15.49 10.24
C ASN B 8 3.44 15.57 9.70
N GLN B 9 3.99 14.42 9.33
CA GLN B 9 5.31 14.38 8.73
C GLN B 9 5.23 13.81 7.31
N PRO B 10 5.09 14.70 6.32
CA PRO B 10 4.90 14.31 4.92
C PRO B 10 6.15 13.69 4.31
N VAL B 11 7.25 13.73 5.05
CA VAL B 11 8.50 13.15 4.59
C VAL B 11 8.38 11.63 4.42
N GLU B 12 7.53 11.02 5.24
CA GLU B 12 7.29 9.59 5.14
C GLU B 12 6.43 9.26 3.93
N PHE B 13 5.45 10.11 3.67
CA PHE B 13 4.64 9.96 2.46
C PHE B 13 5.54 10.12 1.25
N ASN B 14 6.35 11.16 1.28
CA ASN B 14 7.32 11.43 0.21
C ASN B 14 8.27 10.25 0.04
N HIS B 15 8.71 9.67 1.17
CA HIS B 15 9.57 8.50 1.15
C HIS B 15 8.92 7.33 0.40
N ALA B 16 7.65 7.11 0.66
CA ALA B 16 6.93 6.01 0.01
C ALA B 16 6.69 6.31 -1.46
N ILE B 17 6.41 7.57 -1.78
CA ILE B 17 6.21 7.99 -3.17
C ILE B 17 7.49 7.75 -3.96
N ASN B 18 8.62 8.13 -3.35
CA ASN B 18 9.93 7.90 -3.95
C ASN B 18 10.26 6.42 -3.98
N TYR B 19 9.69 5.66 -3.06
CA TYR B 19 9.88 4.23 -3.02
C TYR B 19 9.16 3.54 -4.17
N VAL B 20 7.92 3.95 -4.44
CA VAL B 20 7.18 3.42 -5.58
C VAL B 20 7.92 3.76 -6.87
N ASN B 21 8.44 4.97 -6.92
CA ASN B 21 9.31 5.41 -8.01
C ASN B 21 10.56 4.51 -8.07
N LYS B 22 11.12 4.24 -6.90
CA LYS B 22 12.29 3.39 -6.78
C LYS B 22 12.03 2.00 -7.34
N ILE B 23 10.89 1.40 -6.99
CA ILE B 23 10.56 0.06 -7.47
C ILE B 23 10.44 0.07 -8.99
N LYS B 24 9.76 1.08 -9.52
CA LYS B 24 9.61 1.21 -10.97
C LYS B 24 10.96 1.40 -11.66
N ASN B 25 11.87 2.07 -10.97
CA ASN B 25 13.23 2.26 -11.49
C ASN B 25 14.05 0.99 -11.35
N ARG B 26 13.99 0.39 -10.17
CA ARG B 26 14.72 -0.85 -9.89
C ARG B 26 14.35 -1.96 -10.87
N PHE B 27 13.06 -2.10 -11.17
CA PHE B 27 12.59 -3.17 -12.02
C PHE B 27 11.94 -2.64 -13.30
N GLN B 28 12.52 -1.57 -13.85
CA GLN B 28 12.01 -0.94 -15.06
C GLN B 28 12.06 -1.87 -16.27
N GLY B 29 12.89 -2.91 -16.16
CA GLY B 29 13.03 -3.85 -17.26
C GLY B 29 12.21 -5.11 -17.04
N GLN B 30 11.44 -5.13 -15.95
CA GLN B 30 10.60 -6.28 -15.62
C GLN B 30 9.26 -5.84 -15.06
N PRO B 31 8.28 -5.58 -15.94
CA PRO B 31 6.95 -5.12 -15.52
C PRO B 31 6.21 -6.15 -14.66
N ASP B 32 6.44 -7.44 -14.95
CA ASP B 32 5.78 -8.52 -14.24
C ASP B 32 6.04 -8.46 -12.74
N ILE B 33 7.25 -8.08 -12.37
CA ILE B 33 7.62 -7.99 -10.97
C ILE B 33 6.81 -6.91 -10.26
N TYR B 34 6.68 -5.75 -10.90
CA TYR B 34 5.92 -4.66 -10.32
C TYR B 34 4.44 -5.00 -10.29
N LYS B 35 3.95 -5.66 -11.33
CA LYS B 35 2.55 -6.07 -11.40
C LYS B 35 2.22 -7.05 -10.29
N ALA B 36 3.11 -8.02 -10.08
CA ALA B 36 2.94 -8.99 -9.01
C ALA B 36 2.91 -8.29 -7.66
N PHE B 37 3.76 -7.29 -7.51
CA PHE B 37 3.78 -6.47 -6.30
C PHE B 37 2.45 -5.74 -6.12
N LEU B 38 1.96 -5.14 -7.19
CA LEU B 38 0.71 -4.40 -7.16
C LEU B 38 -0.45 -5.34 -6.84
N GLU B 39 -0.35 -6.58 -7.29
CA GLU B 39 -1.41 -7.55 -7.08
C GLU B 39 -1.40 -8.14 -5.67
N ILE B 40 -0.23 -8.26 -5.05
CA ILE B 40 -0.19 -8.71 -3.65
C ILE B 40 -0.73 -7.62 -2.75
N LEU B 41 -0.51 -6.37 -3.13
CA LEU B 41 -1.13 -5.25 -2.43
C LEU B 41 -2.64 -5.30 -2.63
N HIS B 42 -3.06 -5.61 -3.84
CA HIS B 42 -4.47 -5.75 -4.18
C HIS B 42 -5.13 -6.85 -3.34
N THR B 43 -4.49 -8.01 -3.28
CA THR B 43 -5.00 -9.13 -2.50
C THR B 43 -5.13 -8.75 -1.02
N TYR B 44 -4.12 -8.06 -0.49
CA TYR B 44 -4.15 -7.61 0.89
C TYR B 44 -5.30 -6.62 1.10
N GLN B 45 -5.41 -5.66 0.19
CA GLN B 45 -6.48 -4.66 0.25
C GLN B 45 -7.85 -5.33 0.18
N LYS B 46 -7.93 -6.38 -0.64
CA LYS B 46 -9.18 -7.12 -0.81
C LYS B 46 -9.61 -7.76 0.50
N GLU B 47 -8.69 -8.48 1.13
CA GLU B 47 -8.99 -9.15 2.38
C GLU B 47 -9.22 -8.14 3.49
N GLN B 48 -8.44 -7.06 3.47
CA GLN B 48 -8.59 -5.98 4.45
C GLN B 48 -9.99 -5.37 4.37
N ARG B 49 -10.45 -5.10 3.15
CA ARG B 49 -11.76 -4.49 2.96
C ARG B 49 -12.87 -5.50 3.26
N ASN B 50 -12.58 -6.78 3.02
CA ASN B 50 -13.52 -7.84 3.40
C ASN B 50 -13.62 -7.95 4.92
N ALA B 51 -12.51 -7.70 5.60
CA ALA B 51 -12.49 -7.66 7.06
C ALA B 51 -13.40 -6.54 7.55
N LYS B 52 -13.27 -5.39 6.92
CA LYS B 52 -14.14 -4.25 7.19
C LYS B 52 -15.60 -4.60 6.89
N GLU B 53 -15.81 -5.25 5.75
CA GLU B 53 -17.13 -5.64 5.28
C GLU B 53 -17.81 -6.58 6.28
N ALA B 54 -17.04 -7.47 6.87
CA ALA B 54 -17.58 -8.44 7.82
C ALA B 54 -17.53 -7.91 9.25
N GLY B 55 -17.25 -6.62 9.40
CA GLY B 55 -17.25 -5.98 10.71
C GLY B 55 -16.22 -6.57 11.66
N GLY B 56 -15.12 -7.05 11.12
CA GLY B 56 -14.07 -7.61 11.95
C GLY B 56 -14.24 -9.10 12.19
N ASN B 57 -15.28 -9.66 11.60
CA ASN B 57 -15.56 -11.10 11.75
C ASN B 57 -14.83 -11.91 10.69
N TYR B 58 -14.03 -11.21 9.90
CA TYR B 58 -13.20 -11.83 8.89
C TYR B 58 -11.75 -11.47 9.15
N THR B 59 -10.89 -12.46 9.22
CA THR B 59 -9.48 -12.23 9.45
C THR B 59 -8.69 -12.40 8.16
N PRO B 60 -7.83 -11.42 7.83
CA PRO B 60 -6.99 -11.48 6.63
C PRO B 60 -6.05 -12.68 6.67
N ALA B 61 -5.82 -13.27 5.51
CA ALA B 61 -4.96 -14.43 5.40
C ALA B 61 -3.59 -14.02 4.89
N LEU B 62 -3.56 -12.94 4.12
CA LEU B 62 -2.32 -12.38 3.63
C LEU B 62 -1.77 -11.38 4.64
N THR B 63 -1.23 -11.90 5.73
CA THR B 63 -0.71 -11.08 6.82
C THR B 63 0.47 -10.23 6.35
N GLU B 64 0.74 -9.13 7.07
CA GLU B 64 1.82 -8.22 6.71
C GLU B 64 3.14 -8.96 6.53
N GLN B 65 3.38 -9.94 7.40
CA GLN B 65 4.59 -10.75 7.33
C GLN B 65 4.64 -11.54 6.02
N GLU B 66 3.51 -12.14 5.66
CA GLU B 66 3.40 -12.92 4.42
C GLU B 66 3.69 -12.03 3.22
N VAL B 67 3.16 -10.81 3.26
CA VAL B 67 3.41 -9.83 2.21
C VAL B 67 4.90 -9.55 2.09
N TYR B 68 5.53 -9.22 3.21
CA TYR B 68 6.96 -8.90 3.21
C TYR B 68 7.79 -10.09 2.76
N ALA B 69 7.35 -11.29 3.13
CA ALA B 69 8.02 -12.51 2.73
C ALA B 69 7.91 -12.73 1.22
N GLN B 70 6.69 -12.66 0.70
CA GLN B 70 6.44 -12.86 -0.72
C GLN B 70 7.12 -11.80 -1.57
N VAL B 71 7.09 -10.55 -1.09
CA VAL B 71 7.65 -9.46 -1.85
C VAL B 71 9.18 -9.50 -1.84
N ALA B 72 9.76 -10.02 -0.75
CA ALA B 72 11.21 -10.16 -0.66
C ALA B 72 11.69 -11.29 -1.56
N ARG B 73 10.86 -12.31 -1.71
CA ARG B 73 11.14 -13.40 -2.62
C ARG B 73 10.93 -12.94 -4.06
N LEU B 74 9.91 -12.12 -4.26
CA LEU B 74 9.60 -11.55 -5.56
C LEU B 74 10.74 -10.66 -6.04
N PHE B 75 11.19 -9.78 -5.17
CA PHE B 75 12.28 -8.87 -5.48
C PHE B 75 13.63 -9.57 -5.31
N LYS B 76 14.70 -8.84 -5.53
CA LYS B 76 16.03 -9.36 -5.34
C LYS B 76 16.49 -9.03 -3.93
N ASN B 77 17.44 -9.81 -3.39
CA ASN B 77 17.96 -9.56 -2.05
C ASN B 77 18.84 -8.33 -2.05
N GLN B 78 18.16 -7.20 -2.02
CA GLN B 78 18.80 -5.90 -1.90
C GLN B 78 18.28 -5.21 -0.65
N GLU B 79 19.12 -5.19 0.38
CA GLU B 79 18.71 -4.75 1.70
C GLU B 79 18.19 -3.32 1.70
N ASP B 80 18.75 -2.47 0.84
CA ASP B 80 18.32 -1.08 0.74
C ASP B 80 16.85 -1.00 0.33
N LEU B 81 16.49 -1.74 -0.72
CA LEU B 81 15.12 -1.79 -1.21
C LEU B 81 14.19 -2.32 -0.13
N LEU B 82 14.60 -3.40 0.52
CA LEU B 82 13.79 -4.06 1.54
C LEU B 82 13.72 -3.25 2.83
N SER B 83 14.73 -2.41 3.07
CA SER B 83 14.71 -1.53 4.25
C SER B 83 13.70 -0.41 4.05
N GLU B 84 13.65 0.13 2.84
CA GLU B 84 12.67 1.15 2.49
C GLU B 84 11.26 0.59 2.66
N PHE B 85 11.06 -0.64 2.19
CA PHE B 85 9.76 -1.30 2.32
C PHE B 85 9.47 -1.65 3.78
N GLY B 86 10.51 -2.09 4.48
CA GLY B 86 10.35 -2.57 5.84
C GLY B 86 9.92 -1.49 6.82
N GLN B 87 10.30 -0.25 6.56
CA GLN B 87 9.99 0.84 7.47
C GLN B 87 8.54 1.29 7.31
N PHE B 88 7.86 0.77 6.31
CA PHE B 88 6.45 1.10 6.10
C PHE B 88 5.55 0.02 6.66
N LEU B 89 6.15 -1.02 7.23
CA LEU B 89 5.39 -2.04 7.94
C LEU B 89 6.11 -2.52 9.19
N PRO B 90 6.46 -1.60 10.13
CA PRO B 90 7.14 -1.94 11.38
C PRO B 90 6.15 -2.49 12.41
N ASP B 91 5.16 -3.19 11.90
CA ASP B 91 4.09 -3.77 12.72
C ASP B 91 4.66 -4.86 13.63
N ALA B 92 5.46 -5.74 13.05
CA ALA B 92 6.12 -6.79 13.81
C ALA B 92 7.46 -6.29 14.34
N ASN B 93 7.42 -5.23 15.13
CA ASN B 93 8.64 -4.61 15.65
C ASN B 93 9.08 -5.27 16.95
N SER B 94 8.27 -6.20 17.45
CA SER B 94 8.57 -6.88 18.70
C SER B 94 9.00 -8.31 18.42
#